data_4UET
#
_entry.id   4UET
#
_cell.length_a   1.000
_cell.length_b   1.000
_cell.length_c   1.000
_cell.angle_alpha   90.00
_cell.angle_beta   90.00
_cell.angle_gamma   90.00
#
_symmetry.space_group_name_H-M   'P 1'
#
_entity_poly.entity_id   1
_entity_poly.type   'polypeptide(L)'
_entity_poly.pdbx_seq_one_letter_code
;MGSSHHHHHHSSGHMFKYEDIPADYRDLMPPEARDFLQNLSDGDKTVLKEVFKAGPYKNTEESIAALKKKSPELGAKVEK
LHAMVKSKIAALGPEAKGFAEKSIEIARGIKARYYTGNEPTKDDLKASVKEVLKLYKAMSDAGKADFGKQFPFLAKVFES
GKAAKFAGEN
;
_entity_poly.pdbx_strand_id   A
#
# COMPACT_ATOMS: atom_id res chain seq x y z
N MET A 1 -35.56 24.60 14.75
CA MET A 1 -34.22 24.81 15.36
C MET A 1 -33.46 23.50 15.45
N GLY A 2 -32.14 23.60 15.55
CA GLY A 2 -31.32 22.42 15.71
C GLY A 2 -30.11 22.42 14.80
N SER A 3 -29.54 21.25 14.58
CA SER A 3 -28.34 21.10 13.77
C SER A 3 -28.63 21.39 12.29
N SER A 4 -29.91 21.47 11.93
CA SER A 4 -30.30 21.78 10.57
C SER A 4 -29.94 23.22 10.21
N HIS A 5 -29.75 24.05 11.23
CA HIS A 5 -29.35 25.44 11.04
C HIS A 5 -27.83 25.53 11.08
N HIS A 6 -27.18 24.37 11.13
CA HIS A 6 -25.73 24.29 11.12
C HIS A 6 -25.25 23.68 9.81
N HIS A 7 -23.96 23.42 9.71
CA HIS A 7 -23.38 22.78 8.53
C HIS A 7 -23.99 21.40 8.33
N HIS A 8 -24.02 20.93 7.10
CA HIS A 8 -24.51 19.60 6.79
C HIS A 8 -23.36 18.72 6.31
N HIS A 9 -23.49 17.41 6.51
CA HIS A 9 -22.44 16.44 6.19
C HIS A 9 -21.27 16.54 7.17
N HIS A 10 -20.91 15.41 7.76
CA HIS A 10 -19.79 15.36 8.70
C HIS A 10 -19.15 13.98 8.71
N SER A 11 -19.96 12.94 8.58
CA SER A 11 -19.45 11.58 8.61
C SER A 11 -19.82 10.81 7.34
N SER A 12 -20.28 11.53 6.32
CA SER A 12 -20.69 10.88 5.07
C SER A 12 -20.18 11.64 3.86
N GLY A 13 -19.29 12.60 4.09
CA GLY A 13 -18.78 13.40 3.00
C GLY A 13 -17.34 13.06 2.66
N HIS A 14 -16.53 12.83 3.69
CA HIS A 14 -15.12 12.52 3.48
C HIS A 14 -14.95 11.17 2.82
N MET A 15 -14.29 11.16 1.68
CA MET A 15 -14.07 9.95 0.90
C MET A 15 -12.70 9.96 0.27
N PHE A 16 -11.94 8.89 0.52
CA PHE A 16 -10.62 8.71 -0.05
C PHE A 16 -10.63 8.78 -1.57
N LYS A 17 -9.76 9.62 -2.11
CA LYS A 17 -9.55 9.70 -3.55
C LYS A 17 -8.09 9.45 -3.87
N TYR A 18 -7.83 8.46 -4.71
CA TYR A 18 -6.46 8.05 -5.04
C TYR A 18 -5.74 9.15 -5.82
N GLU A 19 -6.53 10.05 -6.37
CA GLU A 19 -6.02 11.16 -7.16
C GLU A 19 -5.56 12.30 -6.25
N ASP A 20 -5.88 12.18 -4.98
CA ASP A 20 -5.54 13.22 -4.00
C ASP A 20 -4.26 12.87 -3.25
N ILE A 21 -3.76 11.66 -3.48
CA ILE A 21 -2.51 11.24 -2.87
C ILE A 21 -1.34 11.89 -3.59
N PRO A 22 -0.35 12.42 -2.84
CA PRO A 22 0.88 12.95 -3.43
C PRO A 22 1.44 12.03 -4.51
N ALA A 23 1.39 12.50 -5.75
CA ALA A 23 1.73 11.68 -6.90
C ALA A 23 3.19 11.24 -6.88
N ASP A 24 4.03 11.97 -6.15
CA ASP A 24 5.44 11.61 -6.06
C ASP A 24 5.57 10.26 -5.38
N TYR A 25 4.62 10.00 -4.49
CA TYR A 25 4.61 8.80 -3.68
C TYR A 25 3.86 7.68 -4.40
N ARG A 26 2.93 8.04 -5.29
CA ARG A 26 2.19 7.04 -6.05
C ARG A 26 3.10 6.43 -7.11
N ASP A 27 4.16 7.16 -7.40
CA ASP A 27 5.23 6.68 -8.27
C ASP A 27 6.06 5.61 -7.56
N LEU A 28 6.02 5.64 -6.23
CA LEU A 28 6.84 4.73 -5.42
C LEU A 28 6.08 3.47 -5.01
N MET A 29 4.99 3.17 -5.70
CA MET A 29 4.23 1.96 -5.40
C MET A 29 4.00 1.17 -6.68
N PRO A 30 4.01 -0.18 -6.58
CA PRO A 30 3.89 -1.07 -7.74
C PRO A 30 2.58 -0.85 -8.51
N PRO A 31 2.67 -0.90 -9.85
CA PRO A 31 1.54 -0.62 -10.76
C PRO A 31 0.33 -1.49 -10.48
N GLU A 32 0.60 -2.73 -10.07
CA GLU A 32 -0.45 -3.68 -9.72
C GLU A 32 -1.23 -3.19 -8.51
N ALA A 33 -0.51 -2.61 -7.55
CA ALA A 33 -1.12 -2.11 -6.34
C ALA A 33 -1.77 -0.75 -6.58
N ARG A 34 -1.60 -0.23 -7.80
CA ARG A 34 -2.22 1.03 -8.19
C ARG A 34 -3.48 0.77 -8.99
N ASP A 35 -3.43 -0.26 -9.83
CA ASP A 35 -4.57 -0.68 -10.65
C ASP A 35 -5.84 -0.81 -9.81
N PHE A 36 -5.69 -1.39 -8.63
CA PHE A 36 -6.78 -1.51 -7.66
C PHE A 36 -7.37 -0.15 -7.30
N LEU A 37 -6.57 0.82 -6.84
CA LEU A 37 -7.13 2.11 -6.44
C LEU A 37 -7.42 3.00 -7.65
N GLN A 38 -6.94 2.60 -8.81
CA GLN A 38 -7.45 3.14 -10.07
C GLN A 38 -8.90 2.71 -10.30
N ASN A 39 -9.17 1.43 -10.07
CA ASN A 39 -10.48 0.84 -10.39
C ASN A 39 -11.47 0.96 -9.26
N LEU A 40 -10.98 1.03 -8.04
CA LEU A 40 -11.81 1.03 -6.88
C LEU A 40 -12.45 2.41 -6.68
N SER A 41 -13.75 2.40 -6.35
CA SER A 41 -14.55 3.61 -6.29
C SER A 41 -15.13 3.84 -4.89
N ASP A 42 -15.91 4.93 -4.76
CA ASP A 42 -16.41 5.41 -3.46
C ASP A 42 -17.12 4.31 -2.66
N GLY A 43 -18.07 3.64 -3.30
CA GLY A 43 -18.91 2.67 -2.61
C GLY A 43 -18.13 1.59 -1.89
N ASP A 44 -17.09 1.09 -2.54
CA ASP A 44 -16.27 0.05 -1.96
C ASP A 44 -15.26 0.62 -0.98
N LYS A 45 -14.72 1.80 -1.27
CA LYS A 45 -13.79 2.48 -0.36
C LYS A 45 -14.41 2.65 1.02
N THR A 46 -15.72 2.87 1.01
CA THR A 46 -16.49 3.06 2.23
C THR A 46 -16.32 1.90 3.21
N VAL A 47 -16.22 0.69 2.69
CA VAL A 47 -16.23 -0.49 3.53
C VAL A 47 -14.83 -0.87 4.01
N LEU A 48 -13.79 -0.41 3.31
CA LEU A 48 -12.42 -0.63 3.75
C LEU A 48 -12.22 -0.17 5.19
N LYS A 49 -12.68 1.03 5.49
CA LYS A 49 -12.46 1.63 6.81
C LYS A 49 -13.17 0.83 7.90
N GLU A 50 -14.24 0.15 7.53
CA GLU A 50 -14.99 -0.68 8.47
C GLU A 50 -14.15 -1.89 8.87
N VAL A 51 -13.41 -2.42 7.91
CA VAL A 51 -12.54 -3.56 8.15
C VAL A 51 -11.32 -3.12 8.97
N PHE A 52 -10.70 -2.04 8.53
CA PHE A 52 -9.56 -1.43 9.22
C PHE A 52 -9.83 -1.03 10.66
N LYS A 53 -10.89 -0.26 10.91
CA LYS A 53 -11.10 0.30 12.24
C LYS A 53 -11.58 -0.75 13.23
N ALA A 54 -12.13 -1.84 12.71
CA ALA A 54 -12.48 -2.99 13.53
C ALA A 54 -11.23 -3.78 13.90
N GLY A 55 -10.70 -4.54 12.95
CA GLY A 55 -9.55 -5.39 13.22
C GLY A 55 -9.73 -6.24 14.46
N PRO A 56 -8.63 -6.71 15.09
CA PRO A 56 -7.28 -6.58 14.57
C PRO A 56 -6.84 -7.84 13.82
N TYR A 57 -5.92 -7.65 12.89
CA TYR A 57 -5.53 -8.72 11.98
C TYR A 57 -4.04 -9.00 12.07
N LYS A 58 -3.73 -10.23 12.41
CA LYS A 58 -2.35 -10.70 12.46
C LYS A 58 -1.80 -10.89 11.05
N ASN A 59 -2.67 -10.77 10.06
CA ASN A 59 -2.32 -11.02 8.67
C ASN A 59 -3.35 -10.34 7.77
N THR A 60 -3.00 -10.16 6.50
CA THR A 60 -3.88 -9.47 5.57
C THR A 60 -5.04 -10.37 5.10
N GLU A 61 -4.84 -11.68 5.19
CA GLU A 61 -5.88 -12.63 4.81
C GLU A 61 -7.13 -12.43 5.68
N GLU A 62 -6.91 -12.10 6.95
CA GLU A 62 -8.01 -11.75 7.85
C GLU A 62 -8.80 -10.58 7.30
N SER A 63 -8.09 -9.60 6.75
CA SER A 63 -8.72 -8.43 6.17
C SER A 63 -9.43 -8.81 4.87
N ILE A 64 -8.85 -9.74 4.13
CA ILE A 64 -9.45 -10.25 2.90
C ILE A 64 -10.75 -10.96 3.23
N ALA A 65 -10.69 -11.78 4.27
CA ALA A 65 -11.85 -12.48 4.79
C ALA A 65 -12.95 -11.51 5.21
N ALA A 66 -12.57 -10.50 5.98
CA ALA A 66 -13.50 -9.47 6.44
C ALA A 66 -14.14 -8.77 5.24
N LEU A 67 -13.31 -8.50 4.24
CA LEU A 67 -13.76 -7.86 3.02
C LEU A 67 -14.68 -8.79 2.23
N LYS A 68 -14.40 -10.08 2.20
CA LYS A 68 -15.27 -11.02 1.52
C LYS A 68 -16.64 -11.08 2.19
N LYS A 69 -16.66 -10.85 3.49
CA LYS A 69 -17.91 -10.84 4.24
C LYS A 69 -18.71 -9.57 3.98
N LYS A 70 -18.03 -8.43 4.03
CA LYS A 70 -18.68 -7.13 3.90
C LYS A 70 -18.92 -6.75 2.44
N SER A 71 -17.97 -7.07 1.58
CA SER A 71 -18.12 -6.81 0.15
C SER A 71 -17.47 -7.94 -0.64
N PRO A 72 -18.23 -9.01 -0.92
CA PRO A 72 -17.73 -10.27 -1.48
C PRO A 72 -16.69 -10.09 -2.58
N GLU A 73 -17.12 -9.41 -3.65
CA GLU A 73 -16.27 -9.17 -4.80
C GLU A 73 -15.04 -8.36 -4.45
N LEU A 74 -15.16 -7.45 -3.49
CA LEU A 74 -14.05 -6.57 -3.18
C LEU A 74 -12.96 -7.38 -2.51
N GLY A 75 -13.38 -8.35 -1.71
CA GLY A 75 -12.47 -9.26 -1.07
C GLY A 75 -11.74 -10.11 -2.08
N ALA A 76 -12.43 -10.46 -3.16
CA ALA A 76 -11.81 -11.19 -4.26
C ALA A 76 -10.86 -10.28 -5.03
N LYS A 77 -11.24 -9.02 -5.15
CA LYS A 77 -10.44 -8.02 -5.84
C LYS A 77 -9.11 -7.79 -5.12
N VAL A 78 -9.16 -7.68 -3.80
CA VAL A 78 -7.94 -7.53 -3.01
C VAL A 78 -7.19 -8.85 -2.92
N GLU A 79 -7.94 -9.96 -2.94
CA GLU A 79 -7.35 -11.29 -2.84
C GLU A 79 -6.39 -11.53 -3.99
N LYS A 80 -6.90 -11.43 -5.21
CA LYS A 80 -6.10 -11.72 -6.39
C LYS A 80 -4.87 -10.83 -6.42
N LEU A 81 -5.06 -9.59 -6.00
CA LEU A 81 -4.00 -8.61 -5.99
C LEU A 81 -2.92 -9.01 -5.00
N HIS A 82 -3.33 -9.42 -3.82
CA HIS A 82 -2.38 -9.68 -2.75
C HIS A 82 -1.74 -11.03 -2.99
N ALA A 83 -2.50 -11.93 -3.61
CA ALA A 83 -2.03 -13.24 -3.97
C ALA A 83 -0.85 -13.18 -4.94
N MET A 84 -0.96 -12.32 -5.96
CA MET A 84 0.14 -12.12 -6.90
C MET A 84 1.37 -11.62 -6.18
N VAL A 85 1.16 -10.61 -5.35
CA VAL A 85 2.20 -10.03 -4.52
C VAL A 85 2.88 -11.12 -3.68
N LYS A 86 2.06 -11.96 -3.07
CA LYS A 86 2.56 -13.07 -2.26
C LYS A 86 3.35 -14.07 -3.10
N SER A 87 2.90 -14.31 -4.33
CA SER A 87 3.56 -15.24 -5.22
C SER A 87 4.99 -14.78 -5.51
N LYS A 88 5.16 -13.47 -5.64
CA LYS A 88 6.48 -12.89 -5.85
C LYS A 88 7.28 -12.94 -4.57
N ILE A 89 6.69 -12.52 -3.46
CA ILE A 89 7.36 -12.58 -2.17
C ILE A 89 7.69 -14.03 -1.79
N ALA A 90 6.99 -14.95 -2.42
CA ALA A 90 7.21 -16.38 -2.21
C ALA A 90 8.49 -16.80 -2.91
N ALA A 91 8.81 -16.07 -3.96
CA ALA A 91 9.98 -16.30 -4.78
C ALA A 91 11.16 -15.50 -4.26
N LEU A 92 10.93 -14.77 -3.18
CA LEU A 92 11.92 -13.85 -2.63
C LEU A 92 12.69 -14.51 -1.50
N GLY A 93 13.99 -14.25 -1.44
CA GLY A 93 14.83 -14.82 -0.40
C GLY A 93 14.53 -14.21 0.96
N PRO A 94 14.91 -14.89 2.06
CA PRO A 94 14.58 -14.47 3.43
C PRO A 94 14.86 -13.00 3.71
N GLU A 95 16.00 -12.51 3.24
CA GLU A 95 16.40 -11.14 3.49
C GLU A 95 15.49 -10.16 2.77
N ALA A 96 15.20 -10.44 1.51
CA ALA A 96 14.41 -9.51 0.73
C ALA A 96 12.93 -9.69 1.05
N LYS A 97 12.56 -10.91 1.40
CA LYS A 97 11.21 -11.24 1.84
C LYS A 97 10.85 -10.49 3.11
N GLY A 98 11.81 -10.42 4.03
CA GLY A 98 11.60 -9.68 5.26
C GLY A 98 11.41 -8.20 5.01
N PHE A 99 12.13 -7.69 4.03
CA PHE A 99 11.96 -6.30 3.61
C PHE A 99 10.61 -6.11 2.93
N ALA A 100 10.27 -7.02 2.02
CA ALA A 100 9.02 -6.95 1.27
C ALA A 100 7.82 -6.90 2.19
N GLU A 101 7.71 -7.89 3.08
CA GLU A 101 6.56 -7.98 3.97
C GLU A 101 6.76 -7.11 5.20
N LYS A 102 7.33 -5.94 4.99
CA LYS A 102 7.49 -4.95 6.03
C LYS A 102 7.45 -3.56 5.41
N SER A 103 8.14 -3.40 4.28
CA SER A 103 8.10 -2.15 3.54
C SER A 103 6.71 -1.92 2.96
N ILE A 104 6.14 -2.99 2.38
CA ILE A 104 4.79 -2.93 1.86
C ILE A 104 3.80 -2.69 2.99
N GLU A 105 4.11 -3.22 4.17
CA GLU A 105 3.28 -2.97 5.35
C GLU A 105 3.24 -1.48 5.66
N ILE A 106 4.36 -0.81 5.42
CA ILE A 106 4.44 0.64 5.60
C ILE A 106 3.66 1.35 4.49
N ALA A 107 3.94 0.96 3.24
CA ALA A 107 3.33 1.58 2.08
C ALA A 107 1.82 1.37 2.07
N ARG A 108 1.40 0.15 2.41
CA ARG A 108 -0.02 -0.17 2.49
C ARG A 108 -0.66 0.59 3.62
N GLY A 109 0.07 0.76 4.72
CA GLY A 109 -0.45 1.45 5.87
C GLY A 109 -0.79 2.90 5.57
N ILE A 110 -0.04 3.49 4.65
CA ILE A 110 -0.27 4.84 4.19
C ILE A 110 -1.63 4.94 3.51
N LYS A 111 -1.86 4.09 2.53
CA LYS A 111 -3.11 4.12 1.79
C LYS A 111 -4.19 3.31 2.51
N ALA A 112 -3.86 2.80 3.69
CA ALA A 112 -4.84 2.20 4.57
C ALA A 112 -5.39 3.25 5.52
N ARG A 113 -4.53 4.18 5.92
CA ARG A 113 -4.98 5.30 6.73
C ARG A 113 -5.56 6.38 5.83
N TYR A 114 -5.49 6.17 4.53
CA TYR A 114 -6.27 6.94 3.58
C TYR A 114 -7.71 6.40 3.56
N TYR A 115 -7.85 5.09 3.73
CA TYR A 115 -9.19 4.46 3.75
C TYR A 115 -9.96 4.89 4.99
N THR A 116 -9.28 4.87 6.11
CA THR A 116 -9.88 5.14 7.41
C THR A 116 -10.35 6.58 7.54
N GLY A 117 -9.80 7.47 6.74
CA GLY A 117 -10.09 8.88 6.85
C GLY A 117 -9.00 9.62 7.60
N ASN A 118 -7.97 8.90 8.01
CA ASN A 118 -6.85 9.50 8.75
C ASN A 118 -5.74 9.90 7.78
N GLU A 119 -6.11 10.73 6.82
CA GLU A 119 -5.21 11.10 5.71
C GLU A 119 -3.89 11.68 6.21
N PRO A 120 -2.77 11.00 5.87
CA PRO A 120 -1.42 11.41 6.29
C PRO A 120 -0.99 12.73 5.66
N THR A 121 -0.20 13.51 6.39
CA THR A 121 0.34 14.75 5.85
C THR A 121 1.51 14.43 4.91
N LYS A 122 1.98 15.41 4.15
CA LYS A 122 3.03 15.17 3.15
C LYS A 122 4.28 14.56 3.81
N ASP A 123 4.52 14.96 5.05
CA ASP A 123 5.72 14.57 5.77
C ASP A 123 5.56 13.20 6.40
N ASP A 124 4.33 12.73 6.48
CA ASP A 124 4.04 11.37 6.95
C ASP A 124 4.57 10.36 5.95
N LEU A 125 4.37 10.66 4.67
CA LEU A 125 4.82 9.79 3.59
C LEU A 125 6.34 9.68 3.57
N LYS A 126 7.02 10.74 3.99
CA LYS A 126 8.47 10.72 4.08
C LYS A 126 8.90 9.63 5.04
N ALA A 127 8.23 9.60 6.20
CA ALA A 127 8.47 8.59 7.21
C ALA A 127 8.27 7.19 6.66
N SER A 128 7.23 7.03 5.85
CA SER A 128 6.92 5.76 5.21
C SER A 128 8.14 5.23 4.45
N VAL A 129 8.62 5.98 3.46
CA VAL A 129 9.66 5.49 2.58
C VAL A 129 11.02 5.52 3.28
N LYS A 130 11.13 6.39 4.28
CA LYS A 130 12.34 6.53 5.06
C LYS A 130 12.75 5.19 5.65
N GLU A 131 11.78 4.48 6.21
CA GLU A 131 12.08 3.21 6.84
C GLU A 131 12.32 2.13 5.80
N VAL A 132 11.67 2.20 4.65
CA VAL A 132 11.93 1.21 3.61
C VAL A 132 13.37 1.36 3.10
N LEU A 133 13.88 2.58 3.10
CA LEU A 133 15.28 2.80 2.73
C LEU A 133 16.19 2.38 3.88
N LYS A 134 15.73 2.61 5.10
CA LYS A 134 16.48 2.25 6.29
C LYS A 134 16.71 0.75 6.30
N LEU A 135 15.71 0.02 5.86
CA LEU A 135 15.81 -1.41 5.70
C LEU A 135 16.54 -1.79 4.43
N TYR A 136 16.24 -1.13 3.31
CA TYR A 136 16.76 -1.62 2.03
C TYR A 136 18.25 -1.33 1.88
N LYS A 137 18.71 -0.23 2.46
CA LYS A 137 20.14 0.09 2.44
C LYS A 137 20.94 -0.92 3.24
N ALA A 138 20.32 -1.42 4.31
CA ALA A 138 21.00 -2.31 5.24
C ALA A 138 21.04 -3.76 4.78
N MET A 139 20.31 -4.08 3.72
CA MET A 139 20.27 -5.46 3.24
C MET A 139 21.56 -5.81 2.52
N SER A 140 21.90 -7.09 2.49
CA SER A 140 23.05 -7.56 1.74
C SER A 140 22.83 -7.32 0.25
N ASP A 141 23.89 -6.97 -0.49
CA ASP A 141 23.75 -6.59 -1.91
C ASP A 141 22.97 -7.62 -2.71
N ALA A 142 23.30 -8.89 -2.53
CA ALA A 142 22.64 -9.97 -3.25
C ALA A 142 21.14 -10.01 -2.93
N GLY A 143 20.80 -9.64 -1.70
CA GLY A 143 19.42 -9.61 -1.29
C GLY A 143 18.69 -8.40 -1.86
N LYS A 144 19.42 -7.30 -1.98
CA LYS A 144 18.87 -6.08 -2.58
C LYS A 144 18.57 -6.33 -4.05
N ALA A 145 19.49 -7.01 -4.72
CA ALA A 145 19.34 -7.32 -6.13
C ALA A 145 18.26 -8.38 -6.34
N ASP A 146 18.06 -9.25 -5.37
CA ASP A 146 17.08 -10.33 -5.50
C ASP A 146 15.68 -9.77 -5.33
N PHE A 147 15.56 -8.71 -4.53
CA PHE A 147 14.31 -7.97 -4.42
C PHE A 147 13.92 -7.37 -5.76
N GLY A 148 14.92 -7.12 -6.60
CA GLY A 148 14.66 -6.53 -7.91
C GLY A 148 14.10 -7.53 -8.89
N LYS A 149 13.99 -8.79 -8.48
CA LYS A 149 13.44 -9.82 -9.36
C LYS A 149 11.96 -10.01 -9.07
N GLN A 150 11.64 -9.97 -7.79
CA GLN A 150 10.26 -10.16 -7.34
C GLN A 150 9.50 -8.84 -7.36
N PHE A 151 10.20 -7.74 -7.10
CA PHE A 151 9.60 -6.41 -7.21
C PHE A 151 10.53 -5.44 -7.93
N PRO A 152 10.67 -5.60 -9.25
CA PRO A 152 11.57 -4.78 -10.07
C PRO A 152 11.21 -3.29 -10.05
N PHE A 153 9.92 -3.00 -10.00
CA PHE A 153 9.44 -1.62 -10.04
C PHE A 153 9.96 -0.84 -8.83
N LEU A 154 9.96 -1.48 -7.68
CA LEU A 154 10.41 -0.83 -6.45
C LEU A 154 11.93 -0.77 -6.41
N ALA A 155 12.58 -1.87 -6.78
CA ALA A 155 14.04 -1.89 -6.84
C ALA A 155 14.55 -0.78 -7.74
N LYS A 156 13.84 -0.59 -8.85
CA LYS A 156 14.08 0.52 -9.76
C LYS A 156 14.29 1.83 -9.03
N VAL A 157 13.22 2.31 -8.40
CA VAL A 157 13.21 3.61 -7.74
C VAL A 157 14.18 3.64 -6.55
N PHE A 158 14.50 2.48 -5.98
CA PHE A 158 15.41 2.46 -4.85
C PHE A 158 16.86 2.58 -5.32
N GLU A 159 17.18 1.94 -6.44
CA GLU A 159 18.53 2.01 -6.99
C GLU A 159 18.80 3.41 -7.55
N SER A 160 17.83 3.92 -8.28
CA SER A 160 17.95 5.24 -8.89
C SER A 160 17.92 6.35 -7.83
N GLY A 161 17.40 6.02 -6.66
CA GLY A 161 17.37 6.97 -5.57
C GLY A 161 16.14 7.86 -5.62
N LYS A 162 15.15 7.46 -6.41
CA LYS A 162 13.93 8.24 -6.53
C LYS A 162 13.22 8.29 -5.18
N ALA A 163 13.18 7.15 -4.50
CA ALA A 163 12.60 7.08 -3.17
C ALA A 163 13.48 7.82 -2.17
N ALA A 164 14.79 7.78 -2.42
CA ALA A 164 15.76 8.44 -1.56
C ALA A 164 15.51 9.95 -1.53
N LYS A 165 15.21 10.53 -2.69
CA LYS A 165 14.93 11.97 -2.78
C LYS A 165 13.58 12.32 -2.15
N PHE A 166 12.82 11.30 -1.80
CA PHE A 166 11.52 11.50 -1.16
C PHE A 166 11.68 11.43 0.36
N ALA A 167 12.50 10.50 0.81
CA ALA A 167 12.72 10.28 2.25
C ALA A 167 13.65 11.32 2.85
N GLY A 168 14.49 11.90 2.00
CA GLY A 168 15.56 12.74 2.50
C GLY A 168 16.82 11.91 2.66
N GLU A 169 16.96 10.93 1.77
CA GLU A 169 18.06 9.97 1.79
C GLU A 169 18.09 9.21 3.11
N ASN A 170 17.29 8.16 3.18
CA ASN A 170 17.10 7.40 4.41
C ASN A 170 16.77 8.34 5.56
N MET A 1 -4.40 30.87 -10.34
CA MET A 1 -3.03 30.39 -10.05
C MET A 1 -2.48 29.55 -11.22
N GLY A 2 -3.35 29.23 -12.17
CA GLY A 2 -2.96 28.40 -13.28
C GLY A 2 -2.97 26.93 -12.89
N SER A 3 -1.81 26.37 -12.64
CA SER A 3 -1.70 25.00 -12.17
C SER A 3 -1.95 24.95 -10.66
N SER A 4 -3.20 24.69 -10.29
CA SER A 4 -3.57 24.58 -8.90
C SER A 4 -2.96 23.31 -8.31
N HIS A 5 -3.39 22.17 -8.84
CA HIS A 5 -2.91 20.85 -8.46
C HIS A 5 -2.79 20.70 -6.94
N HIS A 6 -3.92 20.84 -6.26
CA HIS A 6 -3.98 20.61 -4.82
C HIS A 6 -5.21 19.78 -4.50
N HIS A 7 -5.07 18.83 -3.59
CA HIS A 7 -6.11 17.83 -3.39
C HIS A 7 -6.81 17.93 -2.03
N HIS A 8 -6.10 18.45 -1.02
CA HIS A 8 -6.64 18.39 0.35
C HIS A 8 -7.63 19.52 0.62
N HIS A 9 -8.19 20.09 -0.44
CA HIS A 9 -9.16 21.17 -0.30
C HIS A 9 -10.58 20.63 -0.46
N HIS A 10 -10.73 19.53 -1.20
CA HIS A 10 -12.06 18.97 -1.47
C HIS A 10 -12.35 17.78 -0.55
N SER A 11 -13.41 17.90 0.22
CA SER A 11 -13.88 16.83 1.09
C SER A 11 -15.35 17.04 1.42
N SER A 12 -16.23 16.66 0.51
CA SER A 12 -17.66 16.87 0.70
C SER A 12 -18.33 15.64 1.30
N GLY A 13 -17.62 14.52 1.31
CA GLY A 13 -18.18 13.30 1.86
C GLY A 13 -17.51 12.06 1.29
N HIS A 14 -16.97 12.21 0.09
CA HIS A 14 -16.23 11.12 -0.54
C HIS A 14 -14.78 11.19 -0.09
N MET A 15 -14.19 10.05 0.24
CA MET A 15 -12.83 10.00 0.75
C MET A 15 -11.81 10.17 -0.36
N PHE A 16 -10.55 9.87 -0.06
CA PHE A 16 -9.45 10.05 -1.00
C PHE A 16 -9.72 9.34 -2.33
N LYS A 17 -9.15 9.87 -3.40
CA LYS A 17 -9.22 9.23 -4.70
C LYS A 17 -7.84 8.72 -5.09
N TYR A 18 -7.75 7.98 -6.17
CA TYR A 18 -6.47 7.44 -6.62
C TYR A 18 -5.52 8.59 -6.95
N GLU A 19 -6.01 9.52 -7.76
CA GLU A 19 -5.22 10.68 -8.15
C GLU A 19 -5.08 11.69 -7.02
N ASP A 20 -5.79 11.46 -5.92
CA ASP A 20 -5.76 12.40 -4.81
C ASP A 20 -4.47 12.21 -4.01
N ILE A 21 -3.97 10.98 -4.01
CA ILE A 21 -2.72 10.64 -3.37
C ILE A 21 -1.57 11.29 -4.15
N PRO A 22 -0.60 11.91 -3.46
CA PRO A 22 0.54 12.59 -4.10
C PRO A 22 1.16 11.76 -5.22
N ALA A 23 1.14 12.31 -6.42
CA ALA A 23 1.55 11.58 -7.61
C ALA A 23 3.03 11.23 -7.60
N ASP A 24 3.81 11.93 -6.77
CA ASP A 24 5.24 11.65 -6.69
C ASP A 24 5.44 10.28 -6.07
N TYR A 25 4.53 9.95 -5.16
CA TYR A 25 4.59 8.72 -4.39
C TYR A 25 3.99 7.55 -5.17
N ARG A 26 3.04 7.83 -6.05
CA ARG A 26 2.39 6.77 -6.82
C ARG A 26 3.37 6.23 -7.85
N ASP A 27 4.40 7.02 -8.12
CA ASP A 27 5.49 6.63 -9.00
C ASP A 27 6.36 5.56 -8.35
N LEU A 28 6.38 5.55 -7.01
CA LEU A 28 7.20 4.63 -6.26
C LEU A 28 6.59 3.23 -6.22
N MET A 29 5.32 3.16 -5.85
CA MET A 29 4.67 1.87 -5.65
C MET A 29 4.31 1.21 -6.98
N PRO A 30 4.56 -0.12 -7.08
CA PRO A 30 4.34 -0.90 -8.31
C PRO A 30 2.88 -0.86 -8.78
N PRO A 31 2.66 -1.17 -10.08
CA PRO A 31 1.32 -1.15 -10.70
C PRO A 31 0.31 -1.99 -9.94
N GLU A 32 0.77 -3.06 -9.30
CA GLU A 32 -0.10 -3.90 -8.49
C GLU A 32 -0.75 -3.09 -7.38
N ALA A 33 0.06 -2.38 -6.61
CA ALA A 33 -0.44 -1.58 -5.49
C ALA A 33 -1.32 -0.44 -5.97
N ARG A 34 -1.14 -0.06 -7.23
CA ARG A 34 -1.92 1.00 -7.83
C ARG A 34 -3.22 0.46 -8.43
N ASP A 35 -3.16 -0.77 -8.90
CA ASP A 35 -4.32 -1.46 -9.48
C ASP A 35 -5.53 -1.41 -8.54
N PHE A 36 -5.31 -1.80 -7.30
CA PHE A 36 -6.35 -1.78 -6.28
C PHE A 36 -6.97 -0.39 -6.14
N LEU A 37 -6.20 0.62 -5.77
CA LEU A 37 -6.79 1.95 -5.55
C LEU A 37 -7.12 2.65 -6.87
N GLN A 38 -6.70 2.08 -7.99
CA GLN A 38 -7.25 2.45 -9.29
C GLN A 38 -8.70 1.96 -9.40
N ASN A 39 -8.93 0.75 -8.90
CA ASN A 39 -10.25 0.12 -8.96
C ASN A 39 -11.22 0.76 -7.97
N LEU A 40 -10.76 0.94 -6.74
CA LEU A 40 -11.55 1.60 -5.72
C LEU A 40 -11.92 3.02 -6.13
N SER A 41 -13.14 3.41 -5.79
CA SER A 41 -13.66 4.72 -6.14
C SER A 41 -13.94 5.53 -4.89
N ASP A 42 -14.87 5.07 -4.07
CA ASP A 42 -15.25 5.78 -2.85
C ASP A 42 -16.28 4.99 -2.04
N GLY A 43 -17.33 4.51 -2.70
CA GLY A 43 -18.35 3.74 -2.00
C GLY A 43 -17.81 2.40 -1.55
N ASP A 44 -16.92 1.84 -2.35
CA ASP A 44 -16.20 0.64 -1.98
C ASP A 44 -15.18 0.95 -0.91
N LYS A 45 -14.57 2.12 -1.02
CA LYS A 45 -13.56 2.59 -0.08
C LYS A 45 -14.13 2.72 1.33
N THR A 46 -15.43 2.95 1.42
CA THR A 46 -16.12 3.05 2.70
C THR A 46 -16.06 1.70 3.43
N VAL A 47 -16.15 0.62 2.66
CA VAL A 47 -16.05 -0.72 3.21
C VAL A 47 -14.65 -0.98 3.77
N LEU A 48 -13.62 -0.52 3.05
CA LEU A 48 -12.26 -0.64 3.53
C LEU A 48 -12.11 0.04 4.89
N LYS A 49 -12.66 1.24 5.00
CA LYS A 49 -12.60 2.04 6.22
C LYS A 49 -13.15 1.28 7.43
N GLU A 50 -14.27 0.61 7.22
CA GLU A 50 -14.94 -0.15 8.27
C GLU A 50 -14.13 -1.38 8.66
N VAL A 51 -13.43 -1.98 7.71
CA VAL A 51 -12.59 -3.15 7.97
C VAL A 51 -11.30 -2.74 8.68
N PHE A 52 -10.62 -1.77 8.09
CA PHE A 52 -9.42 -1.16 8.67
C PHE A 52 -9.57 -0.76 10.13
N LYS A 53 -10.63 -0.04 10.47
CA LYS A 53 -10.78 0.45 11.84
C LYS A 53 -11.16 -0.67 12.80
N ALA A 54 -11.80 -1.71 12.26
CA ALA A 54 -12.11 -2.89 13.05
C ALA A 54 -10.82 -3.65 13.38
N GLY A 55 -10.32 -4.41 12.43
CA GLY A 55 -9.18 -5.28 12.70
C GLY A 55 -9.35 -6.08 13.99
N PRO A 56 -8.27 -6.39 14.71
CA PRO A 56 -6.90 -6.17 14.25
C PRO A 56 -6.33 -7.42 13.58
N TYR A 57 -5.44 -7.21 12.63
CA TYR A 57 -4.98 -8.29 11.77
C TYR A 57 -3.49 -8.53 11.93
N LYS A 58 -3.16 -9.78 12.17
CA LYS A 58 -1.77 -10.23 12.27
C LYS A 58 -1.30 -10.59 10.87
N ASN A 59 -2.25 -10.73 9.96
CA ASN A 59 -1.99 -11.09 8.58
C ASN A 59 -3.07 -10.48 7.71
N THR A 60 -2.73 -10.16 6.47
CA THR A 60 -3.65 -9.41 5.62
C THR A 60 -4.77 -10.31 5.08
N GLU A 61 -4.58 -11.62 5.16
CA GLU A 61 -5.64 -12.54 4.78
C GLU A 61 -6.86 -12.36 5.68
N GLU A 62 -6.61 -11.88 6.90
CA GLU A 62 -7.70 -11.53 7.80
C GLU A 62 -8.50 -10.35 7.25
N SER A 63 -7.79 -9.37 6.70
CA SER A 63 -8.44 -8.21 6.10
C SER A 63 -9.18 -8.61 4.83
N ILE A 64 -8.54 -9.47 4.04
CA ILE A 64 -9.12 -9.96 2.79
C ILE A 64 -10.41 -10.71 3.08
N ALA A 65 -10.37 -11.54 4.11
CA ALA A 65 -11.54 -12.25 4.61
C ALA A 65 -12.65 -11.29 5.01
N ALA A 66 -12.31 -10.31 5.83
CA ALA A 66 -13.28 -9.33 6.30
C ALA A 66 -13.95 -8.62 5.13
N LEU A 67 -13.13 -8.26 4.15
CA LEU A 67 -13.61 -7.56 2.96
C LEU A 67 -14.47 -8.47 2.11
N LYS A 68 -14.16 -9.76 2.07
CA LYS A 68 -14.99 -10.73 1.36
C LYS A 68 -16.35 -10.87 2.03
N LYS A 69 -16.40 -10.66 3.34
CA LYS A 69 -17.65 -10.69 4.08
C LYS A 69 -18.47 -9.42 3.84
N LYS A 70 -17.78 -8.28 3.90
CA LYS A 70 -18.40 -6.98 3.65
C LYS A 70 -18.82 -6.85 2.19
N SER A 71 -17.95 -7.20 1.28
CA SER A 71 -18.25 -7.07 -0.13
C SER A 71 -17.53 -8.14 -0.94
N PRO A 72 -18.27 -9.19 -1.35
CA PRO A 72 -17.71 -10.41 -1.91
C PRO A 72 -16.65 -10.15 -2.99
N GLU A 73 -17.08 -9.46 -4.05
CA GLU A 73 -16.21 -9.18 -5.18
C GLU A 73 -15.12 -8.19 -4.81
N LEU A 74 -15.38 -7.33 -3.83
CA LEU A 74 -14.41 -6.31 -3.45
C LEU A 74 -13.22 -7.00 -2.81
N GLY A 75 -13.53 -8.01 -2.00
CA GLY A 75 -12.52 -8.80 -1.35
C GLY A 75 -11.65 -9.54 -2.32
N ALA A 76 -12.18 -9.77 -3.52
CA ALA A 76 -11.39 -10.41 -4.58
C ALA A 76 -10.33 -9.44 -5.11
N LYS A 77 -10.63 -8.14 -5.07
CA LYS A 77 -9.69 -7.12 -5.51
C LYS A 77 -8.48 -7.08 -4.59
N VAL A 78 -8.72 -7.08 -3.29
CA VAL A 78 -7.64 -7.06 -2.32
C VAL A 78 -6.93 -8.42 -2.27
N GLU A 79 -7.68 -9.47 -2.58
CA GLU A 79 -7.15 -10.82 -2.62
C GLU A 79 -6.04 -10.92 -3.66
N LYS A 80 -6.35 -10.55 -4.90
CA LYS A 80 -5.37 -10.69 -5.98
C LYS A 80 -4.15 -9.82 -5.68
N LEU A 81 -4.39 -8.71 -4.98
CA LEU A 81 -3.34 -7.75 -4.68
C LEU A 81 -2.36 -8.29 -3.64
N HIS A 82 -2.63 -9.49 -3.16
CA HIS A 82 -1.73 -10.14 -2.25
C HIS A 82 -1.21 -11.43 -2.83
N ALA A 83 -2.10 -12.24 -3.38
CA ALA A 83 -1.71 -13.51 -3.97
C ALA A 83 -0.67 -13.33 -5.07
N MET A 84 -0.88 -12.32 -5.93
CA MET A 84 0.08 -12.02 -7.01
C MET A 84 1.44 -11.65 -6.42
N VAL A 85 1.39 -10.87 -5.35
CA VAL A 85 2.58 -10.39 -4.69
C VAL A 85 3.28 -11.53 -3.94
N LYS A 86 2.48 -12.37 -3.31
CA LYS A 86 3.01 -13.50 -2.55
C LYS A 86 3.80 -14.44 -3.45
N SER A 87 3.37 -14.58 -4.70
CA SER A 87 4.07 -15.41 -5.66
C SER A 87 5.50 -14.92 -5.89
N LYS A 88 5.67 -13.61 -5.80
CA LYS A 88 6.97 -12.99 -5.95
C LYS A 88 7.75 -13.05 -4.64
N ILE A 89 7.08 -12.80 -3.53
CA ILE A 89 7.72 -12.86 -2.22
C ILE A 89 8.05 -14.30 -1.84
N ALA A 90 7.32 -15.25 -2.44
CA ALA A 90 7.60 -16.67 -2.25
C ALA A 90 8.90 -17.02 -2.96
N ALA A 91 9.20 -16.25 -3.98
CA ALA A 91 10.39 -16.41 -4.77
C ALA A 91 11.50 -15.50 -4.26
N LEU A 92 11.20 -14.80 -3.17
CA LEU A 92 12.11 -13.82 -2.59
C LEU A 92 12.90 -14.46 -1.45
N GLY A 93 14.19 -14.20 -1.42
CA GLY A 93 15.03 -14.75 -0.37
C GLY A 93 14.66 -14.21 1.00
N PRO A 94 14.93 -14.98 2.07
CA PRO A 94 14.61 -14.63 3.47
C PRO A 94 14.92 -13.16 3.80
N GLU A 95 16.06 -12.69 3.32
CA GLU A 95 16.52 -11.33 3.59
C GLU A 95 15.57 -10.32 2.99
N ALA A 96 15.23 -10.51 1.72
CA ALA A 96 14.40 -9.55 1.02
C ALA A 96 12.93 -9.78 1.36
N LYS A 97 12.58 -11.03 1.60
CA LYS A 97 11.24 -11.42 2.02
C LYS A 97 10.84 -10.67 3.29
N GLY A 98 11.74 -10.66 4.28
CA GLY A 98 11.45 -9.96 5.52
C GLY A 98 11.18 -8.49 5.30
N PHE A 99 11.94 -7.89 4.40
CA PHE A 99 11.76 -6.49 4.04
C PHE A 99 10.46 -6.29 3.26
N ALA A 100 10.18 -7.17 2.31
CA ALA A 100 8.98 -7.08 1.49
C ALA A 100 7.73 -7.12 2.37
N GLU A 101 7.68 -8.11 3.26
CA GLU A 101 6.53 -8.31 4.13
C GLU A 101 6.41 -7.15 5.13
N LYS A 102 7.46 -6.36 5.26
CA LYS A 102 7.47 -5.22 6.15
C LYS A 102 7.07 -3.94 5.40
N SER A 103 7.67 -3.74 4.23
CA SER A 103 7.41 -2.55 3.44
C SER A 103 5.96 -2.53 2.96
N ILE A 104 5.43 -3.72 2.67
CA ILE A 104 4.03 -3.87 2.29
C ILE A 104 3.12 -3.26 3.35
N GLU A 105 3.40 -3.57 4.61
CA GLU A 105 2.56 -3.11 5.71
C GLU A 105 2.70 -1.60 5.91
N ILE A 106 3.90 -1.09 5.63
CA ILE A 106 4.14 0.34 5.71
C ILE A 106 3.36 1.08 4.62
N ALA A 107 3.53 0.63 3.38
CA ALA A 107 2.87 1.25 2.25
C ALA A 107 1.36 1.04 2.29
N ARG A 108 0.96 -0.08 2.88
CA ARG A 108 -0.46 -0.34 3.12
C ARG A 108 -0.99 0.58 4.21
N GLY A 109 -0.13 0.92 5.16
CA GLY A 109 -0.53 1.80 6.25
C GLY A 109 -0.86 3.19 5.78
N ILE A 110 -0.09 3.69 4.81
CA ILE A 110 -0.32 5.00 4.23
C ILE A 110 -1.75 5.08 3.68
N LYS A 111 -2.09 4.10 2.86
CA LYS A 111 -3.42 4.05 2.28
C LYS A 111 -4.34 3.19 3.15
N ALA A 112 -4.04 3.16 4.43
CA ALA A 112 -4.97 2.67 5.42
C ALA A 112 -5.49 3.84 6.22
N ARG A 113 -4.62 4.84 6.41
CA ARG A 113 -5.00 6.08 7.08
C ARG A 113 -5.58 7.06 6.07
N TYR A 114 -5.49 6.73 4.78
CA TYR A 114 -6.31 7.39 3.78
C TYR A 114 -7.72 6.81 3.83
N TYR A 115 -7.82 5.54 4.23
CA TYR A 115 -9.09 4.84 4.28
C TYR A 115 -9.83 5.10 5.58
N THR A 116 -9.14 4.88 6.69
CA THR A 116 -9.74 4.94 8.02
C THR A 116 -10.37 6.30 8.34
N GLY A 117 -9.86 7.35 7.71
CA GLY A 117 -10.37 8.69 7.98
C GLY A 117 -9.39 9.56 8.75
N ASN A 118 -8.12 9.47 8.42
CA ASN A 118 -7.12 10.34 9.00
C ASN A 118 -5.99 10.58 8.02
N GLU A 119 -6.32 11.30 6.93
CA GLU A 119 -5.39 11.57 5.84
C GLU A 119 -4.02 12.00 6.34
N PRO A 120 -2.98 11.29 5.88
CA PRO A 120 -1.59 11.58 6.25
C PRO A 120 -1.05 12.84 5.58
N THR A 121 -0.07 13.47 6.17
CA THR A 121 0.59 14.58 5.53
C THR A 121 1.81 14.07 4.75
N LYS A 122 2.45 14.92 3.95
CA LYS A 122 3.56 14.46 3.12
C LYS A 122 4.70 13.93 4.00
N ASP A 123 4.82 14.50 5.21
CA ASP A 123 5.84 14.09 6.16
C ASP A 123 5.61 12.66 6.64
N ASP A 124 4.35 12.26 6.70
CA ASP A 124 4.00 10.91 7.11
C ASP A 124 4.46 9.91 6.06
N LEU A 125 4.16 10.20 4.80
CA LEU A 125 4.61 9.36 3.69
C LEU A 125 6.13 9.36 3.61
N LYS A 126 6.72 10.54 3.78
CA LYS A 126 8.15 10.71 3.78
C LYS A 126 8.80 9.75 4.77
N ALA A 127 8.31 9.81 6.01
CA ALA A 127 8.81 8.95 7.08
C ALA A 127 8.56 7.47 6.77
N SER A 128 7.40 7.18 6.20
CA SER A 128 7.03 5.81 5.89
C SER A 128 7.90 5.19 4.80
N VAL A 129 8.16 5.91 3.71
CA VAL A 129 8.98 5.34 2.64
C VAL A 129 10.42 5.24 3.12
N LYS A 130 10.75 6.14 4.03
CA LYS A 130 12.06 6.20 4.66
C LYS A 130 12.43 4.86 5.27
N GLU A 131 11.48 4.18 5.87
CA GLU A 131 11.78 2.90 6.50
C GLU A 131 11.99 1.80 5.48
N VAL A 132 11.24 1.81 4.38
CA VAL A 132 11.42 0.78 3.37
C VAL A 132 12.82 0.90 2.73
N LEU A 133 13.36 2.11 2.64
CA LEU A 133 14.73 2.27 2.19
C LEU A 133 15.70 1.98 3.33
N LYS A 134 15.28 2.30 4.55
CA LYS A 134 16.06 2.01 5.74
C LYS A 134 16.41 0.53 5.78
N LEU A 135 15.41 -0.26 5.45
CA LEU A 135 15.56 -1.69 5.39
C LEU A 135 16.29 -2.14 4.13
N TYR A 136 15.89 -1.62 2.96
CA TYR A 136 16.40 -2.17 1.71
C TYR A 136 17.88 -1.83 1.51
N LYS A 137 18.29 -0.66 1.99
CA LYS A 137 19.69 -0.24 1.86
C LYS A 137 20.60 -1.13 2.72
N ALA A 138 20.05 -1.62 3.82
CA ALA A 138 20.82 -2.41 4.79
C ALA A 138 20.90 -3.88 4.41
N MET A 139 20.17 -4.29 3.38
CA MET A 139 20.19 -5.69 2.97
C MET A 139 21.49 -6.03 2.25
N SER A 140 21.83 -7.30 2.22
CA SER A 140 22.98 -7.76 1.46
C SER A 140 22.75 -7.55 -0.03
N ASP A 141 23.81 -7.24 -0.78
CA ASP A 141 23.66 -6.86 -2.20
C ASP A 141 22.88 -7.91 -2.99
N ALA A 142 23.24 -9.18 -2.82
CA ALA A 142 22.59 -10.27 -3.53
C ALA A 142 21.11 -10.37 -3.15
N GLY A 143 20.79 -9.93 -1.94
CA GLY A 143 19.42 -9.91 -1.49
C GLY A 143 18.67 -8.71 -2.03
N LYS A 144 19.37 -7.59 -2.18
CA LYS A 144 18.80 -6.37 -2.73
C LYS A 144 18.47 -6.58 -4.20
N ALA A 145 19.41 -7.19 -4.92
CA ALA A 145 19.23 -7.49 -6.33
C ALA A 145 18.16 -8.56 -6.53
N ASP A 146 17.99 -9.40 -5.50
CA ASP A 146 17.01 -10.46 -5.56
C ASP A 146 15.62 -9.89 -5.31
N PHE A 147 15.59 -8.81 -4.53
CA PHE A 147 14.36 -8.06 -4.30
C PHE A 147 13.92 -7.38 -5.59
N GLY A 148 14.88 -6.97 -6.41
CA GLY A 148 14.57 -6.33 -7.66
C GLY A 148 13.93 -7.27 -8.66
N LYS A 149 14.01 -8.57 -8.38
CA LYS A 149 13.46 -9.57 -9.28
C LYS A 149 12.02 -9.89 -8.93
N GLN A 150 11.63 -9.50 -7.71
CA GLN A 150 10.28 -9.76 -7.20
C GLN A 150 9.50 -8.45 -7.10
N PHE A 151 10.20 -7.39 -6.73
CA PHE A 151 9.61 -6.05 -6.71
C PHE A 151 10.44 -5.12 -7.61
N PRO A 152 10.28 -5.25 -8.93
CA PRO A 152 11.13 -4.56 -9.91
C PRO A 152 10.95 -3.04 -9.87
N PHE A 153 9.75 -2.59 -9.52
CA PHE A 153 9.45 -1.16 -9.52
C PHE A 153 10.02 -0.46 -8.31
N LEU A 154 10.04 -1.12 -7.16
CA LEU A 154 10.62 -0.51 -5.98
C LEU A 154 12.14 -0.48 -6.11
N ALA A 155 12.72 -1.60 -6.52
CA ALA A 155 14.17 -1.67 -6.73
C ALA A 155 14.58 -0.65 -7.78
N LYS A 156 13.71 -0.46 -8.77
CA LYS A 156 13.84 0.61 -9.76
C LYS A 156 14.08 1.96 -9.08
N VAL A 157 13.02 2.49 -8.49
CA VAL A 157 13.03 3.83 -7.93
C VAL A 157 13.99 3.98 -6.75
N PHE A 158 14.27 2.87 -6.05
CA PHE A 158 15.16 2.94 -4.89
C PHE A 158 16.60 3.21 -5.34
N GLU A 159 17.07 2.42 -6.30
CA GLU A 159 18.46 2.53 -6.76
C GLU A 159 18.68 3.81 -7.54
N SER A 160 17.64 4.32 -8.19
CA SER A 160 17.73 5.56 -8.92
C SER A 160 17.70 6.76 -7.98
N GLY A 161 17.42 6.48 -6.71
CA GLY A 161 17.41 7.52 -5.69
C GLY A 161 16.15 8.36 -5.73
N LYS A 162 15.11 7.85 -6.38
CA LYS A 162 13.86 8.58 -6.51
C LYS A 162 13.13 8.56 -5.17
N ALA A 163 12.95 7.36 -4.62
CA ALA A 163 12.33 7.22 -3.31
C ALA A 163 13.19 7.85 -2.23
N ALA A 164 14.50 7.77 -2.43
CA ALA A 164 15.45 8.40 -1.53
C ALA A 164 15.25 9.90 -1.48
N LYS A 165 14.88 10.49 -2.62
CA LYS A 165 14.64 11.92 -2.70
C LYS A 165 13.34 12.28 -2.00
N PHE A 166 12.35 11.39 -2.10
CA PHE A 166 11.08 11.57 -1.41
C PHE A 166 11.31 11.56 0.10
N ALA A 167 12.11 10.60 0.56
CA ALA A 167 12.43 10.48 1.97
C ALA A 167 13.41 11.55 2.42
N GLY A 168 14.16 12.10 1.47
CA GLY A 168 15.21 13.04 1.78
C GLY A 168 16.56 12.49 1.38
N GLU A 169 17.02 11.52 2.16
CA GLU A 169 18.17 10.70 1.83
C GLU A 169 18.35 9.66 2.93
N ASN A 170 17.38 8.76 2.98
CA ASN A 170 17.23 7.77 4.06
C ASN A 170 17.71 8.33 5.40
N MET A 1 -0.04 28.59 8.29
CA MET A 1 0.96 28.11 7.32
C MET A 1 1.45 26.73 7.71
N GLY A 2 1.94 25.96 6.74
CA GLY A 2 2.41 24.63 7.02
C GLY A 2 1.27 23.64 7.22
N SER A 3 0.96 23.38 8.48
CA SER A 3 -0.11 22.45 8.81
C SER A 3 -1.45 23.19 8.89
N SER A 4 -1.80 23.87 7.80
CA SER A 4 -3.04 24.63 7.75
C SER A 4 -3.91 24.15 6.59
N HIS A 5 -4.06 22.83 6.49
CA HIS A 5 -4.89 22.24 5.44
C HIS A 5 -6.35 22.34 5.85
N HIS A 6 -7.01 23.39 5.39
CA HIS A 6 -8.37 23.70 5.80
C HIS A 6 -9.38 22.70 5.23
N HIS A 7 -9.85 21.83 6.10
CA HIS A 7 -10.96 20.94 5.76
C HIS A 7 -12.26 21.69 5.94
N HIS A 8 -12.66 22.40 4.89
CA HIS A 8 -13.80 23.32 4.97
C HIS A 8 -15.12 22.56 5.16
N HIS A 9 -15.99 23.13 6.00
CA HIS A 9 -17.32 22.57 6.28
C HIS A 9 -17.24 21.25 7.04
N HIS A 10 -18.38 20.84 7.58
CA HIS A 10 -18.47 19.59 8.32
C HIS A 10 -18.45 18.41 7.36
N SER A 11 -17.26 17.92 7.07
CA SER A 11 -17.07 16.80 6.16
C SER A 11 -17.53 17.15 4.75
N SER A 12 -16.78 18.04 4.09
CA SER A 12 -17.05 18.36 2.70
C SER A 12 -16.62 17.20 1.82
N GLY A 13 -15.56 16.53 2.25
CA GLY A 13 -15.10 15.35 1.57
C GLY A 13 -15.04 14.17 2.50
N HIS A 14 -13.86 13.97 3.11
CA HIS A 14 -13.62 12.87 4.03
C HIS A 14 -13.91 11.54 3.33
N MET A 15 -13.45 11.44 2.10
CA MET A 15 -13.67 10.24 1.29
C MET A 15 -12.42 9.89 0.52
N PHE A 16 -11.80 8.78 0.91
CA PHE A 16 -10.59 8.32 0.25
C PHE A 16 -10.88 7.85 -1.16
N LYS A 17 -10.09 8.31 -2.11
CA LYS A 17 -10.19 7.85 -3.46
C LYS A 17 -8.88 7.23 -3.94
N TYR A 18 -7.96 8.07 -4.38
CA TYR A 18 -6.69 7.64 -4.97
C TYR A 18 -6.04 8.84 -5.65
N GLU A 19 -6.87 9.59 -6.36
CA GLU A 19 -6.42 10.82 -7.00
C GLU A 19 -6.03 11.86 -5.96
N ASP A 20 -6.50 11.67 -4.73
CA ASP A 20 -6.23 12.61 -3.65
C ASP A 20 -4.96 12.25 -2.90
N ILE A 21 -4.36 11.13 -3.27
CA ILE A 21 -3.07 10.74 -2.71
C ILE A 21 -1.97 11.49 -3.46
N PRO A 22 -0.96 12.02 -2.73
CA PRO A 22 0.18 12.70 -3.35
C PRO A 22 0.74 11.91 -4.53
N ALA A 23 0.65 12.47 -5.72
CA ALA A 23 1.05 11.79 -6.94
C ALA A 23 2.54 11.47 -6.93
N ASP A 24 3.28 12.20 -6.10
CA ASP A 24 4.72 11.96 -5.97
C ASP A 24 4.96 10.59 -5.37
N TYR A 25 4.07 10.21 -4.46
CA TYR A 25 4.18 8.97 -3.72
C TYR A 25 3.60 7.80 -4.51
N ARG A 26 2.62 8.07 -5.37
CA ARG A 26 2.00 7.00 -6.16
C ARG A 26 3.01 6.50 -7.19
N ASP A 27 4.00 7.35 -7.47
CA ASP A 27 5.11 7.03 -8.35
C ASP A 27 6.01 5.97 -7.72
N LEU A 28 5.83 5.75 -6.42
CA LEU A 28 6.59 4.74 -5.68
C LEU A 28 5.74 3.51 -5.40
N MET A 29 4.48 3.55 -5.83
CA MET A 29 3.55 2.47 -5.56
C MET A 29 3.73 1.31 -6.53
N PRO A 30 3.85 0.07 -6.02
CA PRO A 30 3.94 -1.13 -6.84
C PRO A 30 2.74 -1.25 -7.80
N PRO A 31 3.01 -1.64 -9.05
CA PRO A 31 1.99 -1.67 -10.12
C PRO A 31 0.81 -2.57 -9.79
N GLU A 32 1.06 -3.59 -8.99
CA GLU A 32 -0.01 -4.49 -8.56
C GLU A 32 -0.92 -3.78 -7.57
N ALA A 33 -0.33 -3.14 -6.57
CA ALA A 33 -1.09 -2.40 -5.58
C ALA A 33 -1.83 -1.23 -6.21
N ARG A 34 -1.25 -0.67 -7.27
CA ARG A 34 -1.86 0.42 -8.00
C ARG A 34 -3.11 -0.05 -8.73
N ASP A 35 -3.05 -1.25 -9.30
CA ASP A 35 -4.18 -1.83 -10.05
C ASP A 35 -5.45 -1.83 -9.19
N PHE A 36 -5.31 -2.26 -7.95
CA PHE A 36 -6.42 -2.25 -7.00
C PHE A 36 -6.99 -0.85 -6.82
N LEU A 37 -6.19 0.11 -6.36
CA LEU A 37 -6.72 1.46 -6.12
C LEU A 37 -6.96 2.22 -7.42
N GLN A 38 -6.55 1.66 -8.54
CA GLN A 38 -7.04 2.10 -9.84
C GLN A 38 -8.50 1.69 -10.04
N ASN A 39 -8.75 0.39 -9.95
CA ASN A 39 -10.06 -0.17 -10.30
C ASN A 39 -11.07 0.01 -9.17
N LEU A 40 -10.61 -0.11 -7.94
CA LEU A 40 -11.44 0.04 -6.78
C LEU A 40 -11.98 1.48 -6.71
N SER A 41 -13.26 1.61 -6.38
CA SER A 41 -13.94 2.90 -6.47
C SER A 41 -14.56 3.31 -5.13
N ASP A 42 -15.19 4.48 -5.10
CA ASP A 42 -15.68 5.07 -3.85
C ASP A 42 -16.62 4.15 -3.07
N GLY A 43 -17.52 3.47 -3.78
CA GLY A 43 -18.47 2.58 -3.11
C GLY A 43 -17.80 1.47 -2.33
N ASP A 44 -16.67 1.01 -2.86
CA ASP A 44 -15.89 -0.03 -2.22
C ASP A 44 -14.95 0.58 -1.18
N LYS A 45 -14.46 1.78 -1.45
CA LYS A 45 -13.62 2.48 -0.49
C LYS A 45 -14.43 2.86 0.74
N THR A 46 -15.75 2.69 0.61
CA THR A 46 -16.67 2.89 1.72
C THR A 46 -16.58 1.73 2.71
N VAL A 47 -16.28 0.53 2.21
CA VAL A 47 -16.15 -0.63 3.07
C VAL A 47 -14.73 -0.75 3.62
N LEU A 48 -13.75 -0.26 2.87
CA LEU A 48 -12.37 -0.22 3.35
C LEU A 48 -12.30 0.46 4.72
N LYS A 49 -12.92 1.64 4.86
CA LYS A 49 -12.86 2.39 6.12
C LYS A 49 -13.53 1.62 7.26
N GLU A 50 -14.58 0.87 6.94
CA GLU A 50 -15.32 0.10 7.93
C GLU A 50 -14.48 -1.05 8.45
N VAL A 51 -13.74 -1.69 7.56
CA VAL A 51 -12.89 -2.82 7.94
C VAL A 51 -11.63 -2.34 8.66
N PHE A 52 -11.02 -1.29 8.13
CA PHE A 52 -9.89 -0.63 8.75
C PHE A 52 -10.19 -0.07 10.14
N LYS A 53 -11.42 0.40 10.37
CA LYS A 53 -11.76 0.87 11.71
C LYS A 53 -12.39 -0.26 12.53
N ALA A 54 -12.32 -1.45 11.98
CA ALA A 54 -12.73 -2.65 12.67
C ALA A 54 -11.48 -3.37 13.17
N GLY A 55 -10.81 -4.10 12.29
CA GLY A 55 -9.64 -4.85 12.68
C GLY A 55 -9.87 -5.70 13.93
N PRO A 56 -8.82 -5.96 14.72
CA PRO A 56 -7.44 -5.68 14.37
C PRO A 56 -6.78 -6.90 13.73
N TYR A 57 -6.14 -6.67 12.60
CA TYR A 57 -5.64 -7.74 11.77
C TYR A 57 -4.13 -7.88 11.89
N LYS A 58 -3.70 -9.04 12.34
CA LYS A 58 -2.29 -9.38 12.45
C LYS A 58 -1.70 -9.63 11.06
N ASN A 59 -2.57 -9.84 10.09
CA ASN A 59 -2.14 -10.17 8.74
C ASN A 59 -3.08 -9.54 7.71
N THR A 60 -2.74 -9.67 6.45
CA THR A 60 -3.53 -9.06 5.38
C THR A 60 -4.81 -9.85 5.13
N GLU A 61 -4.72 -11.18 5.24
CA GLU A 61 -5.82 -12.08 4.92
C GLU A 61 -7.05 -11.81 5.79
N GLU A 62 -6.83 -11.44 7.06
CA GLU A 62 -7.93 -11.11 7.95
C GLU A 62 -8.73 -9.92 7.43
N SER A 63 -8.03 -8.97 6.82
CA SER A 63 -8.68 -7.79 6.26
C SER A 63 -9.39 -8.16 4.96
N ILE A 64 -8.79 -9.09 4.22
CA ILE A 64 -9.38 -9.60 2.99
C ILE A 64 -10.70 -10.29 3.31
N ALA A 65 -10.67 -11.06 4.40
CA ALA A 65 -11.84 -11.76 4.90
C ALA A 65 -12.96 -10.79 5.28
N ALA A 66 -12.61 -9.77 6.06
CA ALA A 66 -13.58 -8.78 6.49
C ALA A 66 -14.21 -8.07 5.30
N LEU A 67 -13.40 -7.83 4.27
CA LEU A 67 -13.87 -7.25 3.02
C LEU A 67 -14.78 -8.21 2.28
N LYS A 68 -14.42 -9.50 2.27
CA LYS A 68 -15.21 -10.51 1.58
C LYS A 68 -16.61 -10.63 2.17
N LYS A 69 -16.71 -10.45 3.49
CA LYS A 69 -18.00 -10.55 4.18
C LYS A 69 -18.94 -9.44 3.76
N LYS A 70 -18.43 -8.22 3.66
CA LYS A 70 -19.22 -7.10 3.21
C LYS A 70 -19.39 -7.13 1.70
N SER A 71 -18.27 -7.16 0.99
CA SER A 71 -18.28 -7.11 -0.45
C SER A 71 -17.50 -8.29 -1.03
N PRO A 72 -18.24 -9.29 -1.53
CA PRO A 72 -17.69 -10.59 -1.94
C PRO A 72 -16.61 -10.48 -3.02
N GLU A 73 -16.97 -9.84 -4.13
CA GLU A 73 -16.07 -9.69 -5.26
C GLU A 73 -14.99 -8.65 -4.96
N LEU A 74 -15.29 -7.73 -4.05
CA LEU A 74 -14.37 -6.67 -3.71
C LEU A 74 -13.20 -7.26 -2.93
N GLY A 75 -13.55 -8.15 -2.01
CA GLY A 75 -12.55 -8.87 -1.25
C GLY A 75 -11.82 -9.89 -2.11
N ALA A 76 -12.47 -10.32 -3.19
CA ALA A 76 -11.84 -11.23 -4.14
C ALA A 76 -10.74 -10.51 -4.93
N LYS A 77 -10.98 -9.24 -5.23
CA LYS A 77 -9.99 -8.42 -5.94
C LYS A 77 -8.69 -8.32 -5.16
N VAL A 78 -8.80 -7.89 -3.91
CA VAL A 78 -7.63 -7.76 -3.04
C VAL A 78 -7.02 -9.14 -2.75
N GLU A 79 -7.87 -10.16 -2.72
CA GLU A 79 -7.42 -11.53 -2.50
C GLU A 79 -6.47 -11.98 -3.59
N LYS A 80 -6.96 -11.98 -4.83
CA LYS A 80 -6.18 -12.47 -5.96
C LYS A 80 -4.93 -11.62 -6.15
N LEU A 81 -5.07 -10.34 -5.84
CA LEU A 81 -3.95 -9.41 -5.88
C LEU A 81 -2.90 -9.78 -4.84
N HIS A 82 -3.36 -10.16 -3.68
CA HIS A 82 -2.47 -10.44 -2.56
C HIS A 82 -1.76 -11.75 -2.82
N ALA A 83 -2.46 -12.62 -3.50
CA ALA A 83 -1.94 -13.92 -3.88
C ALA A 83 -0.85 -13.79 -4.95
N MET A 84 -1.02 -12.83 -5.86
CA MET A 84 -0.01 -12.58 -6.89
C MET A 84 1.28 -12.08 -6.25
N VAL A 85 1.14 -11.06 -5.42
CA VAL A 85 2.25 -10.50 -4.70
C VAL A 85 2.88 -11.55 -3.79
N LYS A 86 2.03 -12.36 -3.18
CA LYS A 86 2.48 -13.47 -2.34
C LYS A 86 3.33 -14.44 -3.15
N SER A 87 2.91 -14.70 -4.38
CA SER A 87 3.61 -15.62 -5.27
C SER A 87 5.04 -15.13 -5.55
N LYS A 88 5.18 -13.82 -5.69
CA LYS A 88 6.48 -13.21 -5.94
C LYS A 88 7.30 -13.19 -4.66
N ILE A 89 6.71 -12.75 -3.57
CA ILE A 89 7.40 -12.74 -2.29
C ILE A 89 7.75 -14.17 -1.86
N ALA A 90 7.04 -15.12 -2.43
CA ALA A 90 7.30 -16.54 -2.20
C ALA A 90 8.56 -16.96 -2.92
N ALA A 91 8.80 -16.29 -4.04
CA ALA A 91 9.95 -16.55 -4.89
C ALA A 91 11.13 -15.70 -4.46
N LEU A 92 10.88 -14.85 -3.47
CA LEU A 92 11.89 -13.95 -2.95
C LEU A 92 12.62 -14.61 -1.80
N GLY A 93 13.94 -14.58 -1.85
CA GLY A 93 14.74 -15.20 -0.82
C GLY A 93 14.57 -14.51 0.53
N PRO A 94 14.81 -15.22 1.64
CA PRO A 94 14.60 -14.71 3.00
C PRO A 94 15.13 -13.28 3.22
N GLU A 95 16.29 -12.98 2.64
CA GLU A 95 16.91 -11.68 2.82
C GLU A 95 16.03 -10.57 2.25
N ALA A 96 15.44 -10.83 1.10
CA ALA A 96 14.64 -9.82 0.44
C ALA A 96 13.17 -9.96 0.82
N LYS A 97 12.75 -11.20 1.07
CA LYS A 97 11.38 -11.51 1.47
C LYS A 97 11.03 -10.82 2.79
N GLY A 98 11.98 -10.79 3.71
CA GLY A 98 11.75 -10.11 4.97
C GLY A 98 11.47 -8.64 4.79
N PHE A 99 12.27 -8.01 3.93
CA PHE A 99 12.11 -6.60 3.62
C PHE A 99 10.81 -6.34 2.85
N ALA A 100 10.54 -7.18 1.85
CA ALA A 100 9.38 -6.99 0.99
C ALA A 100 8.10 -6.86 1.81
N GLU A 101 7.79 -7.89 2.58
CA GLU A 101 6.53 -7.91 3.30
C GLU A 101 6.45 -6.76 4.30
N LYS A 102 7.58 -6.44 4.91
CA LYS A 102 7.64 -5.37 5.89
C LYS A 102 7.46 -4.00 5.22
N SER A 103 8.09 -3.80 4.07
CA SER A 103 7.94 -2.55 3.34
C SER A 103 6.53 -2.45 2.76
N ILE A 104 5.94 -3.59 2.40
CA ILE A 104 4.55 -3.63 1.97
C ILE A 104 3.65 -3.13 3.09
N GLU A 105 3.98 -3.49 4.33
CA GLU A 105 3.25 -3.01 5.49
C GLU A 105 3.29 -1.49 5.58
N ILE A 106 4.47 -0.93 5.34
CA ILE A 106 4.66 0.51 5.40
C ILE A 106 3.87 1.21 4.30
N ALA A 107 3.95 0.68 3.07
CA ALA A 107 3.22 1.28 1.95
C ALA A 107 1.72 1.08 2.13
N ARG A 108 1.35 -0.02 2.78
CA ARG A 108 -0.05 -0.26 3.12
C ARG A 108 -0.49 0.70 4.21
N GLY A 109 0.40 1.01 5.13
CA GLY A 109 0.06 1.85 6.27
C GLY A 109 -0.33 3.25 5.87
N ILE A 110 0.41 3.83 4.92
CA ILE A 110 0.12 5.17 4.44
C ILE A 110 -1.29 5.25 3.87
N LYS A 111 -1.60 4.30 3.01
CA LYS A 111 -2.92 4.24 2.39
C LYS A 111 -3.94 3.58 3.33
N ALA A 112 -3.47 3.03 4.44
CA ALA A 112 -4.38 2.49 5.46
C ALA A 112 -4.98 3.62 6.26
N ARG A 113 -4.16 4.61 6.56
CA ARG A 113 -4.63 5.79 7.26
C ARG A 113 -5.15 6.81 6.26
N TYR A 114 -5.28 6.36 5.01
CA TYR A 114 -6.10 7.07 4.02
C TYR A 114 -7.46 6.40 3.92
N TYR A 115 -7.50 5.05 3.96
CA TYR A 115 -8.75 4.30 3.84
C TYR A 115 -9.77 4.74 4.87
N THR A 116 -9.27 5.01 6.07
CA THR A 116 -10.10 5.32 7.22
C THR A 116 -10.77 6.69 7.12
N GLY A 117 -10.49 7.42 6.05
CA GLY A 117 -11.01 8.76 5.90
C GLY A 117 -10.06 9.78 6.51
N ASN A 118 -8.94 9.29 7.00
CA ASN A 118 -7.90 10.14 7.56
C ASN A 118 -6.92 10.53 6.45
N GLU A 119 -6.04 11.46 6.74
CA GLU A 119 -5.07 11.94 5.76
C GLU A 119 -3.72 12.23 6.41
N PRO A 120 -2.74 11.35 6.18
CA PRO A 120 -1.37 11.58 6.66
C PRO A 120 -0.75 12.78 5.99
N THR A 121 0.02 13.56 6.73
CA THR A 121 0.74 14.68 6.15
C THR A 121 1.91 14.14 5.33
N LYS A 122 2.45 14.94 4.43
CA LYS A 122 3.53 14.50 3.56
C LYS A 122 4.77 14.11 4.38
N ASP A 123 4.83 14.60 5.61
CA ASP A 123 5.92 14.24 6.52
C ASP A 123 5.82 12.76 6.90
N ASP A 124 4.59 12.30 7.14
CA ASP A 124 4.33 10.91 7.47
C ASP A 124 4.83 10.00 6.36
N LEU A 125 4.59 10.45 5.12
CA LEU A 125 5.03 9.72 3.94
C LEU A 125 6.54 9.67 3.87
N LYS A 126 7.18 10.83 4.01
CA LYS A 126 8.64 10.92 3.99
C LYS A 126 9.26 9.96 4.99
N ALA A 127 8.81 10.07 6.24
CA ALA A 127 9.33 9.24 7.32
C ALA A 127 9.13 7.75 7.03
N SER A 128 7.96 7.42 6.47
CA SER A 128 7.65 6.04 6.16
C SER A 128 8.54 5.49 5.05
N VAL A 129 8.84 6.32 4.04
CA VAL A 129 9.66 5.86 2.92
C VAL A 129 11.13 5.85 3.33
N LYS A 130 11.49 6.85 4.12
CA LYS A 130 12.80 6.93 4.74
C LYS A 130 13.11 5.66 5.52
N GLU A 131 12.12 5.13 6.21
CA GLU A 131 12.31 3.94 7.00
C GLU A 131 12.43 2.71 6.09
N VAL A 132 11.72 2.73 4.96
CA VAL A 132 11.87 1.69 3.95
C VAL A 132 13.33 1.63 3.47
N LEU A 133 13.88 2.80 3.20
CA LEU A 133 15.27 2.90 2.75
C LEU A 133 16.21 2.54 3.89
N LYS A 134 15.75 2.77 5.11
CA LYS A 134 16.51 2.41 6.30
C LYS A 134 16.74 0.92 6.30
N LEU A 135 15.69 0.19 5.96
CA LEU A 135 15.78 -1.25 5.81
C LEU A 135 16.57 -1.62 4.56
N TYR A 136 16.19 -1.06 3.40
CA TYR A 136 16.72 -1.60 2.17
C TYR A 136 18.22 -1.32 2.00
N LYS A 137 18.65 -0.14 2.45
CA LYS A 137 20.06 0.24 2.33
C LYS A 137 20.94 -0.67 3.17
N ALA A 138 20.38 -1.17 4.27
CA ALA A 138 21.13 -2.00 5.22
C ALA A 138 21.13 -3.48 4.82
N MET A 139 20.40 -3.84 3.78
CA MET A 139 20.31 -5.24 3.39
C MET A 139 21.58 -5.72 2.70
N SER A 140 21.75 -7.03 2.65
CA SER A 140 22.80 -7.66 1.85
C SER A 140 22.61 -7.29 0.38
N ASP A 141 23.71 -7.09 -0.35
CA ASP A 141 23.65 -6.66 -1.74
C ASP A 141 22.89 -7.66 -2.61
N ALA A 142 23.13 -8.95 -2.38
CA ALA A 142 22.44 -10.00 -3.11
C ALA A 142 20.95 -9.97 -2.80
N GLY A 143 20.62 -9.52 -1.60
CA GLY A 143 19.22 -9.38 -1.21
C GLY A 143 18.57 -8.23 -1.94
N LYS A 144 19.32 -7.15 -2.14
CA LYS A 144 18.83 -5.98 -2.86
C LYS A 144 18.56 -6.34 -4.31
N ALA A 145 19.52 -7.01 -4.92
CA ALA A 145 19.44 -7.42 -6.31
C ALA A 145 18.30 -8.42 -6.52
N ASP A 146 18.08 -9.28 -5.54
CA ASP A 146 17.07 -10.32 -5.68
C ASP A 146 15.68 -9.72 -5.50
N PHE A 147 15.59 -8.71 -4.65
CA PHE A 147 14.37 -7.94 -4.48
C PHE A 147 13.97 -7.28 -5.80
N GLY A 148 14.96 -7.03 -6.65
CA GLY A 148 14.72 -6.40 -7.93
C GLY A 148 14.07 -7.33 -8.94
N LYS A 149 13.92 -8.60 -8.58
CA LYS A 149 13.31 -9.57 -9.48
C LYS A 149 11.84 -9.72 -9.16
N GLN A 150 11.56 -9.94 -7.88
CA GLN A 150 10.18 -10.14 -7.40
C GLN A 150 9.47 -8.80 -7.20
N PHE A 151 10.24 -7.73 -7.08
CA PHE A 151 9.68 -6.37 -7.01
C PHE A 151 10.50 -5.40 -7.85
N PRO A 152 10.43 -5.53 -9.18
CA PRO A 152 11.19 -4.69 -10.12
C PRO A 152 10.90 -3.20 -9.96
N PHE A 153 9.62 -2.86 -9.78
CA PHE A 153 9.20 -1.47 -9.67
C PHE A 153 9.83 -0.77 -8.47
N LEU A 154 9.80 -1.43 -7.32
CA LEU A 154 10.34 -0.85 -6.10
C LEU A 154 11.85 -0.80 -6.14
N ALA A 155 12.47 -1.89 -6.59
CA ALA A 155 13.93 -1.94 -6.70
C ALA A 155 14.42 -0.81 -7.61
N LYS A 156 13.66 -0.56 -8.67
CA LYS A 156 13.91 0.56 -9.56
C LYS A 156 14.11 1.85 -8.78
N VAL A 157 13.05 2.29 -8.11
CA VAL A 157 13.04 3.56 -7.41
C VAL A 157 14.03 3.59 -6.24
N PHE A 158 14.29 2.45 -5.63
CA PHE A 158 15.20 2.43 -4.49
C PHE A 158 16.65 2.55 -4.95
N GLU A 159 17.02 1.74 -5.93
CA GLU A 159 18.39 1.73 -6.43
C GLU A 159 18.75 3.06 -7.11
N SER A 160 17.78 3.60 -7.85
CA SER A 160 18.01 4.83 -8.62
C SER A 160 17.98 6.07 -7.74
N GLY A 161 17.57 5.91 -6.48
CA GLY A 161 17.54 7.02 -5.56
C GLY A 161 16.27 7.84 -5.68
N LYS A 162 15.29 7.30 -6.41
CA LYS A 162 14.01 7.95 -6.60
C LYS A 162 13.30 8.15 -5.26
N ALA A 163 13.15 7.07 -4.52
CA ALA A 163 12.47 7.11 -3.24
C ALA A 163 13.23 7.99 -2.26
N ALA A 164 14.54 8.06 -2.44
CA ALA A 164 15.40 8.88 -1.59
C ALA A 164 15.06 10.35 -1.76
N LYS A 165 14.73 10.77 -2.97
CA LYS A 165 14.40 12.17 -3.24
C LYS A 165 13.07 12.54 -2.60
N PHE A 166 12.26 11.52 -2.32
CA PHE A 166 10.95 11.71 -1.72
C PHE A 166 11.04 11.63 -0.20
N ALA A 167 11.85 10.71 0.27
CA ALA A 167 12.01 10.47 1.71
C ALA A 167 13.06 11.38 2.33
N GLY A 168 13.72 12.18 1.51
CA GLY A 168 14.82 13.00 1.99
C GLY A 168 16.01 12.14 2.33
N GLU A 169 16.10 11.00 1.66
CA GLU A 169 17.13 10.00 1.89
C GLU A 169 16.97 9.36 3.27
N ASN A 170 17.72 8.31 3.53
CA ASN A 170 17.72 7.67 4.84
C ASN A 170 18.62 8.44 5.79
N MET A 1 -14.46 3.73 -11.42
CA MET A 1 -15.83 4.25 -11.26
C MET A 1 -16.84 3.24 -11.78
N GLY A 2 -17.97 3.14 -11.09
CA GLY A 2 -18.99 2.19 -11.47
C GLY A 2 -18.76 0.83 -10.84
N SER A 3 -18.44 0.84 -9.56
CA SER A 3 -18.15 -0.39 -8.83
C SER A 3 -19.44 -1.10 -8.42
N SER A 4 -20.05 -1.80 -9.38
CA SER A 4 -21.29 -2.54 -9.19
C SER A 4 -22.48 -1.62 -8.95
N HIS A 5 -22.41 -0.82 -7.89
CA HIS A 5 -23.49 0.07 -7.53
C HIS A 5 -23.13 1.49 -7.93
N HIS A 6 -23.83 2.01 -8.93
CA HIS A 6 -23.56 3.35 -9.42
C HIS A 6 -24.77 4.26 -9.16
N HIS A 7 -24.93 4.65 -7.91
CA HIS A 7 -26.00 5.54 -7.48
C HIS A 7 -25.42 6.60 -6.56
N HIS A 8 -26.25 7.21 -5.73
CA HIS A 8 -25.74 8.14 -4.74
C HIS A 8 -25.13 7.34 -3.59
N HIS A 9 -25.79 6.22 -3.26
CA HIS A 9 -25.22 5.18 -2.40
C HIS A 9 -24.78 5.72 -1.03
N HIS A 10 -25.42 6.81 -0.60
CA HIS A 10 -25.05 7.49 0.65
C HIS A 10 -23.59 7.92 0.61
N SER A 11 -23.32 9.01 -0.09
CA SER A 11 -21.98 9.56 -0.18
C SER A 11 -21.45 9.87 1.22
N SER A 12 -20.21 9.51 1.48
CA SER A 12 -19.62 9.66 2.80
C SER A 12 -18.94 11.01 2.97
N GLY A 13 -19.51 12.04 2.35
CA GLY A 13 -18.97 13.38 2.45
C GLY A 13 -17.73 13.57 1.60
N HIS A 14 -16.61 13.07 2.10
CA HIS A 14 -15.35 13.17 1.40
C HIS A 14 -14.69 11.80 1.32
N MET A 15 -14.18 11.46 0.14
CA MET A 15 -13.51 10.19 -0.06
C MET A 15 -12.17 10.42 -0.75
N PHE A 16 -11.18 9.64 -0.38
CA PHE A 16 -9.84 9.78 -0.94
C PHE A 16 -9.79 9.21 -2.35
N LYS A 17 -8.93 9.78 -3.18
CA LYS A 17 -8.77 9.31 -4.54
C LYS A 17 -7.31 8.96 -4.78
N TYR A 18 -7.05 8.04 -5.70
CA TYR A 18 -5.68 7.70 -6.07
C TYR A 18 -4.92 8.96 -6.47
N GLU A 19 -5.58 9.79 -7.28
CA GLU A 19 -5.02 11.05 -7.73
C GLU A 19 -4.76 12.00 -6.57
N ASP A 20 -5.51 11.87 -5.49
CA ASP A 20 -5.40 12.80 -4.37
C ASP A 20 -4.20 12.45 -3.50
N ILE A 21 -3.78 11.19 -3.59
CA ILE A 21 -2.60 10.73 -2.87
C ILE A 21 -1.35 11.33 -3.53
N PRO A 22 -0.41 11.86 -2.72
CA PRO A 22 0.86 12.40 -3.22
C PRO A 22 1.51 11.50 -4.26
N ALA A 23 1.51 11.99 -5.50
CA ALA A 23 1.93 11.18 -6.64
C ALA A 23 3.39 10.78 -6.56
N ASP A 24 4.18 11.52 -5.79
CA ASP A 24 5.60 11.22 -5.68
C ASP A 24 5.80 9.87 -5.03
N TYR A 25 4.93 9.56 -4.07
CA TYR A 25 5.00 8.31 -3.33
C TYR A 25 4.31 7.19 -4.08
N ARG A 26 3.29 7.52 -4.88
CA ARG A 26 2.60 6.49 -5.65
C ARG A 26 3.55 5.91 -6.68
N ASP A 27 4.51 6.73 -7.07
CA ASP A 27 5.60 6.32 -7.95
C ASP A 27 6.48 5.30 -7.24
N LEU A 28 6.48 5.33 -5.91
CA LEU A 28 7.27 4.43 -5.10
C LEU A 28 6.41 3.25 -4.63
N MET A 29 5.15 3.25 -5.05
CA MET A 29 4.22 2.21 -4.66
C MET A 29 4.15 1.13 -5.72
N PRO A 30 4.13 -0.15 -5.31
CA PRO A 30 4.06 -1.28 -6.22
C PRO A 30 2.79 -1.25 -7.07
N PRO A 31 2.90 -1.63 -8.36
CA PRO A 31 1.79 -1.58 -9.31
C PRO A 31 0.60 -2.42 -8.88
N GLU A 32 0.86 -3.35 -7.97
CA GLU A 32 -0.19 -4.19 -7.41
C GLU A 32 -1.19 -3.32 -6.65
N ALA A 33 -0.67 -2.54 -5.70
CA ALA A 33 -1.50 -1.67 -4.88
C ALA A 33 -2.06 -0.52 -5.70
N ARG A 34 -1.33 -0.13 -6.74
CA ARG A 34 -1.76 0.96 -7.61
C ARG A 34 -3.00 0.56 -8.40
N ASP A 35 -2.97 -0.62 -9.01
CA ASP A 35 -4.14 -1.14 -9.74
C ASP A 35 -5.38 -1.14 -8.85
N PHE A 36 -5.22 -1.64 -7.63
CA PHE A 36 -6.31 -1.66 -6.64
C PHE A 36 -6.90 -0.26 -6.46
N LEU A 37 -6.13 0.72 -6.04
CA LEU A 37 -6.70 2.06 -5.82
C LEU A 37 -6.97 2.79 -7.14
N GLN A 38 -6.59 2.20 -8.26
CA GLN A 38 -7.12 2.62 -9.55
C GLN A 38 -8.58 2.20 -9.72
N ASN A 39 -8.89 0.94 -9.39
CA ASN A 39 -10.25 0.43 -9.61
C ASN A 39 -11.21 0.80 -8.48
N LEU A 40 -10.70 1.00 -7.26
CA LEU A 40 -11.49 1.63 -6.21
C LEU A 40 -11.86 3.05 -6.62
N SER A 41 -13.12 3.42 -6.41
CA SER A 41 -13.63 4.73 -6.86
C SER A 41 -14.88 5.15 -6.10
N ASP A 42 -14.80 5.18 -4.78
CA ASP A 42 -15.91 5.65 -3.92
C ASP A 42 -17.05 4.64 -3.88
N GLY A 43 -17.67 4.50 -2.72
CA GLY A 43 -18.66 3.45 -2.54
C GLY A 43 -18.01 2.16 -2.12
N ASP A 44 -16.98 1.79 -2.86
CA ASP A 44 -16.15 0.64 -2.54
C ASP A 44 -15.17 1.00 -1.43
N LYS A 45 -14.47 2.11 -1.61
CA LYS A 45 -13.56 2.65 -0.60
C LYS A 45 -14.29 2.85 0.73
N THR A 46 -15.60 3.06 0.62
CA THR A 46 -16.45 3.29 1.77
C THR A 46 -16.49 2.07 2.67
N VAL A 47 -16.41 0.90 2.08
CA VAL A 47 -16.48 -0.34 2.83
C VAL A 47 -15.09 -0.79 3.28
N LEU A 48 -14.06 -0.33 2.55
CA LEU A 48 -12.67 -0.52 2.96
C LEU A 48 -12.45 0.02 4.38
N LYS A 49 -12.90 1.24 4.62
CA LYS A 49 -12.67 1.90 5.91
C LYS A 49 -13.40 1.19 7.03
N GLU A 50 -14.51 0.52 6.70
CA GLU A 50 -15.25 -0.25 7.67
C GLU A 50 -14.44 -1.46 8.13
N VAL A 51 -13.70 -2.05 7.20
CA VAL A 51 -12.83 -3.17 7.50
C VAL A 51 -11.60 -2.70 8.28
N PHE A 52 -10.92 -1.72 7.69
CA PHE A 52 -9.74 -1.10 8.27
C PHE A 52 -9.95 -0.56 9.68
N LYS A 53 -11.05 0.14 9.94
CA LYS A 53 -11.28 0.71 11.26
C LYS A 53 -11.78 -0.35 12.24
N ALA A 54 -11.95 -1.57 11.74
CA ALA A 54 -12.28 -2.71 12.57
C ALA A 54 -11.01 -3.53 12.83
N GLY A 55 -9.87 -2.89 12.59
CA GLY A 55 -8.60 -3.52 12.87
C GLY A 55 -8.14 -3.27 14.30
N PRO A 56 -6.84 -3.43 14.59
CA PRO A 56 -5.84 -3.87 13.62
C PRO A 56 -5.96 -5.36 13.30
N TYR A 57 -5.39 -5.76 12.18
CA TYR A 57 -5.39 -7.15 11.78
C TYR A 57 -3.98 -7.72 11.83
N LYS A 58 -3.85 -8.83 12.54
CA LYS A 58 -2.58 -9.49 12.73
C LYS A 58 -2.03 -10.05 11.41
N ASN A 59 -2.93 -10.23 10.46
CA ASN A 59 -2.60 -10.82 9.17
C ASN A 59 -3.57 -10.36 8.10
N THR A 60 -3.05 -10.11 6.91
CA THR A 60 -3.79 -9.56 5.79
C THR A 60 -4.99 -10.43 5.42
N GLU A 61 -4.89 -11.73 5.69
CA GLU A 61 -5.96 -12.68 5.39
C GLU A 61 -7.26 -12.29 6.10
N GLU A 62 -7.15 -11.74 7.30
CA GLU A 62 -8.32 -11.32 8.06
C GLU A 62 -8.95 -10.07 7.48
N SER A 63 -8.12 -9.18 6.94
CA SER A 63 -8.61 -7.97 6.29
C SER A 63 -9.41 -8.35 5.05
N ILE A 64 -8.91 -9.34 4.31
CA ILE A 64 -9.56 -9.84 3.12
C ILE A 64 -10.87 -10.52 3.48
N ALA A 65 -10.82 -11.32 4.52
CA ALA A 65 -11.99 -12.00 5.05
C ALA A 65 -13.07 -11.00 5.43
N ALA A 66 -12.67 -9.96 6.16
CA ALA A 66 -13.59 -8.90 6.55
C ALA A 66 -14.21 -8.25 5.33
N LEU A 67 -13.40 -8.09 4.29
CA LEU A 67 -13.87 -7.55 3.02
C LEU A 67 -14.80 -8.52 2.31
N LYS A 68 -14.48 -9.81 2.36
CA LYS A 68 -15.30 -10.82 1.70
C LYS A 68 -16.68 -10.95 2.36
N LYS A 69 -16.77 -10.54 3.63
CA LYS A 69 -18.04 -10.55 4.35
C LYS A 69 -18.86 -9.31 3.98
N LYS A 70 -18.17 -8.26 3.59
CA LYS A 70 -18.83 -7.01 3.21
C LYS A 70 -19.09 -6.98 1.70
N SER A 71 -18.03 -7.10 0.93
CA SER A 71 -18.12 -7.00 -0.52
C SER A 71 -17.38 -8.17 -1.15
N PRO A 72 -18.17 -9.15 -1.64
CA PRO A 72 -17.65 -10.35 -2.29
C PRO A 72 -16.59 -10.03 -3.33
N GLU A 73 -16.95 -9.13 -4.25
CA GLU A 73 -16.08 -8.72 -5.33
C GLU A 73 -14.80 -8.06 -4.83
N LEU A 74 -14.89 -7.22 -3.81
CA LEU A 74 -13.71 -6.47 -3.40
C LEU A 74 -12.71 -7.42 -2.74
N GLY A 75 -13.25 -8.33 -1.95
CA GLY A 75 -12.45 -9.35 -1.32
C GLY A 75 -11.78 -10.25 -2.33
N ALA A 76 -12.49 -10.53 -3.42
CA ALA A 76 -11.92 -11.30 -4.52
C ALA A 76 -10.78 -10.53 -5.18
N LYS A 77 -10.99 -9.23 -5.36
CA LYS A 77 -9.97 -8.35 -5.92
C LYS A 77 -8.68 -8.42 -5.10
N VAL A 78 -8.79 -8.06 -3.82
CA VAL A 78 -7.62 -8.03 -2.94
C VAL A 78 -7.02 -9.42 -2.75
N GLU A 79 -7.86 -10.44 -2.76
CA GLU A 79 -7.39 -11.81 -2.60
C GLU A 79 -6.45 -12.21 -3.73
N LYS A 80 -6.92 -12.08 -4.97
CA LYS A 80 -6.11 -12.47 -6.11
C LYS A 80 -4.90 -11.55 -6.24
N LEU A 81 -5.12 -10.30 -5.86
CA LEU A 81 -4.09 -9.26 -5.96
C LEU A 81 -2.94 -9.53 -5.01
N HIS A 82 -3.25 -9.78 -3.74
CA HIS A 82 -2.20 -9.93 -2.74
C HIS A 82 -1.52 -11.27 -2.92
N ALA A 83 -2.23 -12.17 -3.56
CA ALA A 83 -1.72 -13.49 -3.91
C ALA A 83 -0.54 -13.36 -4.87
N MET A 84 -0.67 -12.46 -5.84
CA MET A 84 0.42 -12.18 -6.77
C MET A 84 1.61 -11.61 -6.02
N VAL A 85 1.32 -10.69 -5.13
CA VAL A 85 2.30 -10.10 -4.25
C VAL A 85 3.02 -11.19 -3.45
N LYS A 86 2.24 -12.07 -2.85
CA LYS A 86 2.76 -13.17 -2.06
C LYS A 86 3.60 -14.12 -2.91
N SER A 87 3.19 -14.33 -4.16
CA SER A 87 3.92 -15.21 -5.06
C SER A 87 5.32 -14.68 -5.35
N LYS A 88 5.42 -13.37 -5.55
CA LYS A 88 6.69 -12.72 -5.78
C LYS A 88 7.54 -12.77 -4.51
N ILE A 89 6.92 -12.48 -3.37
CA ILE A 89 7.62 -12.55 -2.09
C ILE A 89 7.93 -14.01 -1.74
N ALA A 90 7.17 -14.92 -2.33
CA ALA A 90 7.39 -16.35 -2.14
C ALA A 90 8.66 -16.77 -2.86
N ALA A 91 8.90 -16.11 -3.98
CA ALA A 91 10.06 -16.37 -4.81
C ALA A 91 11.27 -15.59 -4.30
N LEU A 92 11.04 -14.82 -3.25
CA LEU A 92 12.04 -13.92 -2.71
C LEU A 92 12.80 -14.61 -1.58
N GLY A 93 14.13 -14.48 -1.59
CA GLY A 93 14.97 -15.13 -0.59
C GLY A 93 14.69 -14.64 0.81
N PRO A 94 14.99 -15.46 1.83
CA PRO A 94 14.65 -15.18 3.24
C PRO A 94 14.90 -13.75 3.69
N GLU A 95 16.03 -13.18 3.29
CA GLU A 95 16.39 -11.82 3.67
C GLU A 95 15.43 -10.84 3.02
N ALA A 96 15.29 -10.92 1.70
CA ALA A 96 14.49 -9.95 0.99
C ALA A 96 13.01 -10.18 1.22
N LYS A 97 12.65 -11.45 1.42
CA LYS A 97 11.28 -11.84 1.75
C LYS A 97 10.82 -11.24 3.07
N GLY A 98 11.62 -11.42 4.12
CA GLY A 98 11.27 -10.85 5.41
C GLY A 98 11.20 -9.34 5.35
N PHE A 99 12.07 -8.77 4.53
CA PHE A 99 12.10 -7.34 4.29
C PHE A 99 10.88 -6.86 3.53
N ALA A 100 10.57 -7.54 2.45
CA ALA A 100 9.42 -7.22 1.61
C ALA A 100 8.14 -7.10 2.43
N GLU A 101 7.89 -8.10 3.26
CA GLU A 101 6.67 -8.14 4.04
C GLU A 101 6.65 -7.06 5.11
N LYS A 102 7.84 -6.57 5.47
CA LYS A 102 7.96 -5.55 6.49
C LYS A 102 7.89 -4.14 5.87
N SER A 103 8.56 -3.97 4.75
CA SER A 103 8.56 -2.68 4.07
C SER A 103 7.20 -2.38 3.44
N ILE A 104 6.64 -3.38 2.78
CA ILE A 104 5.36 -3.23 2.11
C ILE A 104 4.21 -3.03 3.11
N GLU A 105 4.32 -3.59 4.31
CA GLU A 105 3.27 -3.41 5.31
C GLU A 105 3.20 -1.95 5.75
N ILE A 106 4.35 -1.26 5.70
CA ILE A 106 4.39 0.16 5.98
C ILE A 106 3.64 0.91 4.87
N ALA A 107 3.92 0.52 3.63
CA ALA A 107 3.26 1.12 2.47
C ALA A 107 1.76 0.89 2.52
N ARG A 108 1.38 -0.30 2.95
CA ARG A 108 -0.03 -0.65 3.11
C ARG A 108 -0.65 0.14 4.25
N GLY A 109 0.17 0.49 5.24
CA GLY A 109 -0.31 1.25 6.38
C GLY A 109 -0.58 2.70 6.05
N ILE A 110 0.18 3.24 5.11
CA ILE A 110 -0.02 4.61 4.65
C ILE A 110 -1.39 4.75 3.99
N LYS A 111 -1.66 3.85 3.06
CA LYS A 111 -2.95 3.85 2.37
C LYS A 111 -4.03 3.20 3.24
N ALA A 112 -3.63 2.60 4.35
CA ALA A 112 -4.60 2.18 5.34
C ALA A 112 -5.19 3.40 6.02
N ARG A 113 -4.37 4.42 6.17
CA ARG A 113 -4.83 5.69 6.72
C ARG A 113 -5.43 6.56 5.61
N TYR A 114 -5.37 6.09 4.39
CA TYR A 114 -6.14 6.69 3.33
C TYR A 114 -7.52 6.04 3.28
N TYR A 115 -7.59 4.75 3.61
CA TYR A 115 -8.87 4.05 3.67
C TYR A 115 -9.69 4.54 4.86
N THR A 116 -9.09 4.49 6.05
CA THR A 116 -9.78 4.76 7.30
C THR A 116 -10.34 6.17 7.39
N GLY A 117 -9.72 7.10 6.67
CA GLY A 117 -10.06 8.50 6.82
C GLY A 117 -9.02 9.25 7.64
N ASN A 118 -8.11 8.51 8.26
CA ASN A 118 -7.06 9.10 9.10
C ASN A 118 -5.87 9.53 8.24
N GLU A 119 -6.15 10.39 7.26
CA GLU A 119 -5.17 10.79 6.25
C GLU A 119 -3.83 11.20 6.85
N PRO A 120 -2.74 10.58 6.39
CA PRO A 120 -1.38 10.92 6.79
C PRO A 120 -0.93 12.23 6.13
N THR A 121 -0.19 13.05 6.85
CA THR A 121 0.34 14.26 6.28
C THR A 121 1.55 13.94 5.41
N LYS A 122 2.05 14.90 4.64
CA LYS A 122 3.13 14.62 3.71
C LYS A 122 4.38 14.14 4.46
N ASP A 123 4.58 14.69 5.65
CA ASP A 123 5.72 14.34 6.48
C ASP A 123 5.64 12.88 6.93
N ASP A 124 4.41 12.38 7.09
CA ASP A 124 4.19 10.98 7.44
C ASP A 124 4.71 10.08 6.33
N LEU A 125 4.47 10.49 5.09
CA LEU A 125 4.93 9.73 3.92
C LEU A 125 6.43 9.82 3.78
N LYS A 126 6.98 11.02 3.98
CA LYS A 126 8.42 11.21 3.94
C LYS A 126 9.10 10.26 4.92
N ALA A 127 8.52 10.15 6.10
CA ALA A 127 9.02 9.24 7.13
C ALA A 127 8.85 7.77 6.74
N SER A 128 7.73 7.44 6.13
CA SER A 128 7.44 6.05 5.77
C SER A 128 8.27 5.57 4.59
N VAL A 129 8.59 6.45 3.63
CA VAL A 129 9.43 6.04 2.52
C VAL A 129 10.85 5.92 3.03
N LYS A 130 11.11 6.71 4.07
CA LYS A 130 12.38 6.74 4.73
C LYS A 130 12.66 5.40 5.40
N GLU A 131 11.62 4.75 5.92
CA GLU A 131 11.81 3.44 6.53
C GLU A 131 11.98 2.35 5.49
N VAL A 132 11.22 2.40 4.41
CA VAL A 132 11.36 1.40 3.35
C VAL A 132 12.71 1.54 2.68
N LEU A 133 13.29 2.72 2.73
CA LEU A 133 14.66 2.93 2.29
C LEU A 133 15.65 2.58 3.38
N LYS A 134 15.31 2.90 4.63
CA LYS A 134 16.14 2.55 5.77
C LYS A 134 16.35 1.06 5.77
N LEU A 135 15.26 0.36 5.51
CA LEU A 135 15.28 -1.06 5.34
C LEU A 135 15.98 -1.47 4.04
N TYR A 136 15.56 -0.92 2.91
CA TYR A 136 16.01 -1.48 1.63
C TYR A 136 17.50 -1.20 1.39
N LYS A 137 18.00 -0.08 1.89
CA LYS A 137 19.41 0.26 1.80
C LYS A 137 20.26 -0.72 2.61
N ALA A 138 19.68 -1.27 3.67
CA ALA A 138 20.40 -2.11 4.61
C ALA A 138 20.48 -3.56 4.18
N MET A 139 19.85 -3.93 3.07
CA MET A 139 19.92 -5.32 2.62
C MET A 139 21.26 -5.60 1.96
N SER A 140 21.66 -6.86 1.89
CA SER A 140 22.86 -7.25 1.18
C SER A 140 22.69 -7.00 -0.31
N ASP A 141 23.77 -6.69 -1.02
CA ASP A 141 23.69 -6.36 -2.43
C ASP A 141 22.94 -7.44 -3.22
N ALA A 142 23.25 -8.70 -2.93
CA ALA A 142 22.62 -9.81 -3.60
C ALA A 142 21.16 -9.94 -3.16
N GLY A 143 20.90 -9.63 -1.90
CA GLY A 143 19.55 -9.72 -1.37
C GLY A 143 18.63 -8.69 -1.99
N LYS A 144 19.10 -7.45 -2.10
CA LYS A 144 18.29 -6.39 -2.66
C LYS A 144 18.19 -6.53 -4.18
N ALA A 145 19.19 -7.19 -4.77
CA ALA A 145 19.14 -7.54 -6.18
C ALA A 145 17.97 -8.48 -6.47
N ASP A 146 17.82 -9.46 -5.60
CA ASP A 146 16.80 -10.47 -5.75
C ASP A 146 15.44 -9.87 -5.44
N PHE A 147 15.44 -8.86 -4.59
CA PHE A 147 14.25 -8.06 -4.31
C PHE A 147 13.83 -7.34 -5.60
N GLY A 148 14.81 -7.05 -6.45
CA GLY A 148 14.54 -6.38 -7.70
C GLY A 148 14.01 -7.30 -8.77
N LYS A 149 13.99 -8.60 -8.48
CA LYS A 149 13.41 -9.56 -9.40
C LYS A 149 11.93 -9.73 -9.09
N GLN A 150 11.62 -9.77 -7.82
CA GLN A 150 10.25 -9.99 -7.35
C GLN A 150 9.50 -8.67 -7.29
N PHE A 151 10.22 -7.59 -7.03
CA PHE A 151 9.64 -6.26 -7.08
C PHE A 151 10.55 -5.31 -7.87
N PRO A 152 10.62 -5.50 -9.20
CA PRO A 152 11.48 -4.69 -10.07
C PRO A 152 11.07 -3.23 -10.09
N PHE A 153 9.78 -2.99 -9.84
CA PHE A 153 9.24 -1.65 -9.84
C PHE A 153 9.83 -0.83 -8.69
N LEU A 154 9.98 -1.47 -7.55
CA LEU A 154 10.47 -0.78 -6.36
C LEU A 154 11.98 -0.69 -6.36
N ALA A 155 12.65 -1.76 -6.74
CA ALA A 155 14.11 -1.75 -6.84
C ALA A 155 14.55 -0.66 -7.81
N LYS A 156 13.73 -0.47 -8.84
CA LYS A 156 13.88 0.64 -9.77
C LYS A 156 14.01 1.98 -9.05
N VAL A 157 12.89 2.48 -8.55
CA VAL A 157 12.82 3.81 -7.98
C VAL A 157 13.69 3.96 -6.73
N PHE A 158 13.93 2.87 -6.02
CA PHE A 158 14.75 2.93 -4.82
C PHE A 158 16.20 3.20 -5.17
N GLU A 159 16.70 2.49 -6.18
CA GLU A 159 18.10 2.62 -6.60
C GLU A 159 18.29 3.81 -7.53
N SER A 160 17.24 4.16 -8.25
CA SER A 160 17.31 5.27 -9.20
C SER A 160 17.38 6.60 -8.48
N GLY A 161 16.99 6.61 -7.21
CA GLY A 161 17.07 7.83 -6.41
C GLY A 161 15.71 8.50 -6.26
N LYS A 162 14.73 8.02 -7.01
CA LYS A 162 13.38 8.59 -6.97
C LYS A 162 12.84 8.60 -5.54
N ALA A 163 12.97 7.46 -4.86
CA ALA A 163 12.53 7.35 -3.47
C ALA A 163 13.49 8.05 -2.54
N ALA A 164 14.78 7.82 -2.77
CA ALA A 164 15.84 8.33 -1.90
C ALA A 164 15.78 9.86 -1.75
N LYS A 165 15.50 10.55 -2.85
CA LYS A 165 15.48 12.01 -2.84
C LYS A 165 14.12 12.52 -2.34
N PHE A 166 13.13 11.65 -2.32
CA PHE A 166 11.84 11.94 -1.72
C PHE A 166 11.93 11.80 -0.21
N ALA A 167 12.73 10.84 0.23
CA ALA A 167 12.98 10.64 1.65
C ALA A 167 13.97 11.66 2.18
N GLY A 168 14.83 12.16 1.30
CA GLY A 168 15.83 13.14 1.71
C GLY A 168 16.77 12.59 2.77
N GLU A 169 17.70 11.75 2.34
CA GLU A 169 18.59 11.08 3.28
C GLU A 169 19.87 10.58 2.62
N ASN A 170 20.10 10.97 1.38
CA ASN A 170 21.23 10.48 0.60
C ASN A 170 21.17 11.06 -0.81
N MET A 1 -29.53 15.35 11.07
CA MET A 1 -28.60 14.88 12.11
C MET A 1 -29.33 14.68 13.44
N GLY A 2 -30.35 15.51 13.68
CA GLY A 2 -31.11 15.41 14.91
C GLY A 2 -32.36 14.56 14.75
N SER A 3 -32.98 14.66 13.58
CA SER A 3 -34.21 13.92 13.31
C SER A 3 -33.88 12.48 12.94
N SER A 4 -34.13 11.57 13.88
CA SER A 4 -33.84 10.15 13.68
C SER A 4 -34.93 9.47 12.84
N HIS A 5 -35.12 9.98 11.63
CA HIS A 5 -36.03 9.36 10.66
C HIS A 5 -35.24 8.91 9.45
N HIS A 6 -33.93 9.13 9.51
CA HIS A 6 -33.04 8.80 8.42
C HIS A 6 -31.61 8.67 8.94
N HIS A 7 -30.97 7.57 8.60
CA HIS A 7 -29.60 7.31 9.06
C HIS A 7 -28.63 7.54 7.90
N HIS A 8 -27.95 8.67 7.91
CA HIS A 8 -26.97 8.98 6.88
C HIS A 8 -25.73 8.12 7.05
N HIS A 9 -25.21 7.63 5.95
CA HIS A 9 -23.99 6.84 5.98
C HIS A 9 -22.80 7.75 6.04
N HIS A 10 -22.32 7.99 7.25
CA HIS A 10 -21.22 8.93 7.49
C HIS A 10 -19.94 8.42 6.85
N SER A 11 -19.91 7.13 6.55
CA SER A 11 -18.78 6.51 5.90
C SER A 11 -18.62 7.03 4.46
N SER A 12 -19.70 7.61 3.93
CA SER A 12 -19.69 8.17 2.59
C SER A 12 -19.26 9.64 2.62
N GLY A 13 -19.11 10.19 3.82
CA GLY A 13 -18.70 11.57 3.97
C GLY A 13 -17.28 11.78 3.47
N HIS A 14 -16.33 11.11 4.10
CA HIS A 14 -14.95 11.15 3.66
C HIS A 14 -14.71 10.02 2.67
N MET A 15 -14.68 10.34 1.39
CA MET A 15 -14.45 9.34 0.36
C MET A 15 -13.02 9.39 -0.15
N PHE A 16 -12.26 8.36 0.20
CA PHE A 16 -10.89 8.18 -0.26
C PHE A 16 -10.75 8.47 -1.74
N LYS A 17 -9.78 9.29 -2.08
CA LYS A 17 -9.48 9.62 -3.46
C LYS A 17 -8.03 9.26 -3.75
N TYR A 18 -7.83 8.29 -4.63
CA TYR A 18 -6.49 7.84 -4.99
C TYR A 18 -5.75 8.93 -5.77
N GLU A 19 -6.53 9.80 -6.40
CA GLU A 19 -5.97 10.91 -7.16
C GLU A 19 -5.69 12.10 -6.24
N ASP A 20 -6.06 11.96 -4.97
CA ASP A 20 -5.80 12.99 -3.96
C ASP A 20 -4.49 12.69 -3.25
N ILE A 21 -3.97 11.49 -3.50
CA ILE A 21 -2.70 11.07 -2.92
C ILE A 21 -1.57 11.66 -3.75
N PRO A 22 -0.57 12.28 -3.09
CA PRO A 22 0.61 12.86 -3.74
C PRO A 22 1.10 12.03 -4.91
N ALA A 23 1.02 12.61 -6.11
CA ALA A 23 1.35 11.89 -7.33
C ALA A 23 2.84 11.58 -7.41
N ASP A 24 3.64 12.28 -6.61
CA ASP A 24 5.07 12.03 -6.59
C ASP A 24 5.33 10.73 -5.83
N TYR A 25 4.40 10.43 -4.92
CA TYR A 25 4.45 9.23 -4.09
C TYR A 25 3.85 8.03 -4.82
N ARG A 26 2.87 8.30 -5.69
CA ARG A 26 2.22 7.23 -6.44
C ARG A 26 3.20 6.62 -7.43
N ASP A 27 4.25 7.38 -7.72
CA ASP A 27 5.33 6.92 -8.59
C ASP A 27 6.13 5.80 -7.93
N LEU A 28 6.05 5.73 -6.60
CA LEU A 28 6.75 4.70 -5.84
C LEU A 28 5.92 3.43 -5.73
N MET A 29 4.68 3.50 -6.20
CA MET A 29 3.78 2.35 -6.12
C MET A 29 3.96 1.44 -7.32
N PRO A 30 4.19 0.15 -7.10
CA PRO A 30 4.29 -0.83 -8.17
C PRO A 30 2.91 -1.18 -8.74
N PRO A 31 2.84 -1.64 -10.00
CA PRO A 31 1.59 -1.93 -10.69
C PRO A 31 0.57 -2.68 -9.82
N GLU A 32 1.02 -3.76 -9.16
CA GLU A 32 0.15 -4.53 -8.27
C GLU A 32 -0.56 -3.62 -7.25
N ALA A 33 0.21 -2.79 -6.56
CA ALA A 33 -0.34 -1.94 -5.52
C ALA A 33 -1.24 -0.86 -6.10
N ARG A 34 -0.97 -0.47 -7.34
CA ARG A 34 -1.78 0.53 -8.02
C ARG A 34 -3.09 -0.08 -8.50
N ASP A 35 -2.99 -1.32 -8.98
CA ASP A 35 -4.15 -2.06 -9.51
C ASP A 35 -5.34 -1.94 -8.56
N PHE A 36 -5.12 -2.33 -7.31
CA PHE A 36 -6.16 -2.31 -6.30
C PHE A 36 -6.78 -0.92 -6.13
N LEU A 37 -6.02 0.08 -5.71
CA LEU A 37 -6.63 1.39 -5.44
C LEU A 37 -6.95 2.14 -6.73
N GLN A 38 -6.58 1.59 -7.87
CA GLN A 38 -7.16 2.02 -9.15
C GLN A 38 -8.59 1.47 -9.28
N ASN A 39 -8.78 0.24 -8.81
CA ASN A 39 -10.07 -0.46 -8.91
C ASN A 39 -11.15 0.23 -8.08
N LEU A 40 -10.84 0.56 -6.84
CA LEU A 40 -11.78 1.23 -5.96
C LEU A 40 -12.23 2.54 -6.57
N SER A 41 -13.53 2.81 -6.47
CA SER A 41 -14.11 3.98 -7.12
C SER A 41 -15.00 4.77 -6.17
N ASP A 42 -16.09 4.16 -5.72
CA ASP A 42 -17.06 4.89 -4.91
C ASP A 42 -17.54 4.08 -3.70
N GLY A 43 -18.62 3.32 -3.86
CA GLY A 43 -19.27 2.65 -2.75
C GLY A 43 -18.39 1.65 -2.03
N ASP A 44 -17.34 1.18 -2.69
CA ASP A 44 -16.44 0.22 -2.07
C ASP A 44 -15.51 0.91 -1.07
N LYS A 45 -15.11 2.14 -1.37
CA LYS A 45 -14.22 2.90 -0.49
C LYS A 45 -14.91 3.20 0.84
N THR A 46 -16.23 3.27 0.77
CA THR A 46 -17.06 3.49 1.93
C THR A 46 -16.88 2.36 2.95
N VAL A 47 -16.74 1.14 2.45
CA VAL A 47 -16.71 -0.03 3.31
C VAL A 47 -15.29 -0.37 3.74
N LEU A 48 -14.29 0.10 2.99
CA LEU A 48 -12.89 -0.02 3.38
C LEU A 48 -12.67 0.48 4.81
N LYS A 49 -13.14 1.69 5.10
CA LYS A 49 -12.91 2.31 6.40
C LYS A 49 -13.62 1.52 7.51
N GLU A 50 -14.68 0.81 7.15
CA GLU A 50 -15.40 -0.03 8.09
C GLU A 50 -14.54 -1.24 8.46
N VAL A 51 -13.73 -1.68 7.50
CA VAL A 51 -12.78 -2.76 7.73
C VAL A 51 -11.60 -2.25 8.56
N PHE A 52 -11.02 -1.15 8.12
CA PHE A 52 -9.92 -0.50 8.81
C PHE A 52 -10.23 -0.18 10.27
N LYS A 53 -11.43 0.31 10.56
CA LYS A 53 -11.76 0.66 11.92
C LYS A 53 -12.34 -0.53 12.67
N ALA A 54 -12.05 -1.73 12.17
CA ALA A 54 -12.39 -2.96 12.86
C ALA A 54 -11.13 -3.79 13.12
N GLY A 55 -9.98 -3.16 12.93
CA GLY A 55 -8.72 -3.82 13.18
C GLY A 55 -8.38 -3.85 14.66
N PRO A 56 -7.10 -3.98 15.04
CA PRO A 56 -5.98 -4.08 14.08
C PRO A 56 -5.86 -5.47 13.45
N TYR A 57 -5.08 -5.54 12.38
CA TYR A 57 -4.89 -6.78 11.64
C TYR A 57 -3.41 -7.12 11.56
N LYS A 58 -3.09 -8.33 12.01
CA LYS A 58 -1.71 -8.80 12.09
C LYS A 58 -1.24 -9.27 10.73
N ASN A 59 -2.17 -9.57 9.85
CA ASN A 59 -1.85 -10.19 8.59
C ASN A 59 -2.76 -9.70 7.49
N THR A 60 -2.49 -10.11 6.26
CA THR A 60 -3.27 -9.67 5.12
C THR A 60 -4.66 -10.32 5.12
N GLU A 61 -4.70 -11.61 5.48
CA GLU A 61 -5.92 -12.40 5.37
C GLU A 61 -7.07 -11.79 6.20
N GLU A 62 -6.76 -11.33 7.41
CA GLU A 62 -7.77 -10.72 8.29
C GLU A 62 -8.48 -9.57 7.59
N SER A 63 -7.73 -8.77 6.84
CA SER A 63 -8.30 -7.64 6.14
C SER A 63 -9.15 -8.10 4.96
N ILE A 64 -8.64 -9.09 4.24
CA ILE A 64 -9.34 -9.64 3.07
C ILE A 64 -10.62 -10.31 3.51
N ALA A 65 -10.56 -10.98 4.64
CA ALA A 65 -11.72 -11.64 5.24
C ALA A 65 -12.85 -10.66 5.47
N ALA A 66 -12.54 -9.57 6.14
CA ALA A 66 -13.52 -8.53 6.42
C ALA A 66 -14.13 -8.02 5.14
N LEU A 67 -13.28 -7.86 4.13
CA LEU A 67 -13.70 -7.37 2.82
C LEU A 67 -14.54 -8.41 2.09
N LYS A 68 -14.16 -9.68 2.17
CA LYS A 68 -14.93 -10.74 1.53
C LYS A 68 -16.31 -10.90 2.17
N LYS A 69 -16.40 -10.47 3.43
CA LYS A 69 -17.67 -10.47 4.14
C LYS A 69 -18.53 -9.28 3.69
N LYS A 70 -17.92 -8.10 3.73
CA LYS A 70 -18.59 -6.87 3.32
C LYS A 70 -18.88 -6.85 1.82
N SER A 71 -17.84 -6.90 1.03
CA SER A 71 -17.95 -6.81 -0.41
C SER A 71 -17.13 -7.91 -1.08
N PRO A 72 -17.76 -9.07 -1.33
CA PRO A 72 -17.08 -10.29 -1.79
C PRO A 72 -16.01 -10.03 -2.84
N GLU A 73 -16.43 -9.42 -3.95
CA GLU A 73 -15.55 -9.12 -5.08
C GLU A 73 -14.42 -8.17 -4.69
N LEU A 74 -14.65 -7.33 -3.68
CA LEU A 74 -13.64 -6.37 -3.28
C LEU A 74 -12.50 -7.13 -2.61
N GLY A 75 -12.90 -8.03 -1.72
CA GLY A 75 -11.94 -8.91 -1.08
C GLY A 75 -11.28 -9.83 -2.07
N ALA A 76 -12.02 -10.21 -3.11
CA ALA A 76 -11.47 -11.00 -4.19
C ALA A 76 -10.34 -10.25 -4.89
N LYS A 77 -10.54 -8.94 -5.06
CA LYS A 77 -9.52 -8.08 -5.62
C LYS A 77 -8.22 -8.22 -4.83
N VAL A 78 -8.32 -8.04 -3.52
CA VAL A 78 -7.17 -8.14 -2.63
C VAL A 78 -6.61 -9.56 -2.61
N GLU A 79 -7.52 -10.54 -2.57
CA GLU A 79 -7.14 -11.94 -2.49
C GLU A 79 -6.29 -12.34 -3.69
N LYS A 80 -6.79 -12.10 -4.89
CA LYS A 80 -6.06 -12.46 -6.09
C LYS A 80 -4.77 -11.67 -6.19
N LEU A 81 -4.86 -10.40 -5.84
CA LEU A 81 -3.73 -9.48 -5.92
C LEU A 81 -2.57 -9.89 -5.01
N HIS A 82 -2.87 -10.14 -3.75
CA HIS A 82 -1.80 -10.38 -2.77
C HIS A 82 -1.28 -11.79 -2.96
N ALA A 83 -2.05 -12.61 -3.64
CA ALA A 83 -1.62 -13.94 -4.00
C ALA A 83 -0.50 -13.85 -5.04
N MET A 84 -0.64 -12.90 -5.96
CA MET A 84 0.40 -12.65 -6.96
C MET A 84 1.62 -12.09 -6.27
N VAL A 85 1.40 -11.10 -5.41
CA VAL A 85 2.48 -10.48 -4.67
C VAL A 85 3.17 -11.51 -3.78
N LYS A 86 2.37 -12.44 -3.24
CA LYS A 86 2.90 -13.54 -2.45
C LYS A 86 3.77 -14.45 -3.29
N SER A 87 3.33 -14.74 -4.50
CA SER A 87 4.11 -15.59 -5.39
C SER A 87 5.48 -14.99 -5.67
N LYS A 88 5.54 -13.67 -5.63
CA LYS A 88 6.78 -12.92 -5.80
C LYS A 88 7.57 -12.87 -4.49
N ILE A 89 6.90 -12.54 -3.39
CA ILE A 89 7.54 -12.47 -2.08
C ILE A 89 8.01 -13.85 -1.60
N ALA A 90 7.28 -14.88 -2.01
CA ALA A 90 7.64 -16.26 -1.71
C ALA A 90 8.94 -16.62 -2.41
N ALA A 91 9.15 -16.01 -3.56
CA ALA A 91 10.32 -16.26 -4.37
C ALA A 91 11.55 -15.61 -3.76
N LEU A 92 11.40 -14.38 -3.28
CA LEU A 92 12.45 -13.65 -2.57
C LEU A 92 13.17 -14.52 -1.57
N GLY A 93 14.48 -14.34 -1.50
CA GLY A 93 15.25 -14.95 -0.45
C GLY A 93 14.83 -14.40 0.89
N PRO A 94 15.12 -15.13 2.00
CA PRO A 94 14.74 -14.71 3.36
C PRO A 94 14.99 -13.23 3.64
N GLU A 95 16.06 -12.69 3.07
CA GLU A 95 16.40 -11.29 3.26
C GLU A 95 15.46 -10.39 2.47
N ALA A 96 15.25 -10.72 1.20
CA ALA A 96 14.44 -9.85 0.35
C ALA A 96 12.98 -9.95 0.74
N LYS A 97 12.58 -11.15 1.13
CA LYS A 97 11.23 -11.43 1.61
C LYS A 97 10.90 -10.55 2.82
N GLY A 98 11.85 -10.44 3.74
CA GLY A 98 11.63 -9.68 4.96
C GLY A 98 11.31 -8.23 4.68
N PHE A 99 12.07 -7.63 3.77
CA PHE A 99 11.84 -6.25 3.39
C PHE A 99 10.50 -6.10 2.67
N ALA A 100 10.22 -7.03 1.75
CA ALA A 100 8.99 -6.97 0.97
C ALA A 100 7.77 -6.97 1.87
N GLU A 101 7.76 -7.85 2.86
CA GLU A 101 6.65 -7.96 3.79
C GLU A 101 6.54 -6.70 4.64
N LYS A 102 7.68 -6.20 5.10
CA LYS A 102 7.70 -5.03 5.98
C LYS A 102 7.26 -3.77 5.22
N SER A 103 7.81 -3.58 4.03
CA SER A 103 7.51 -2.40 3.23
C SER A 103 6.02 -2.33 2.90
N ILE A 104 5.44 -3.48 2.59
CA ILE A 104 4.01 -3.56 2.34
C ILE A 104 3.21 -3.23 3.59
N GLU A 105 3.66 -3.70 4.75
CA GLU A 105 3.01 -3.37 6.01
C GLU A 105 2.94 -1.86 6.20
N ILE A 106 4.07 -1.21 5.99
CA ILE A 106 4.18 0.23 6.15
C ILE A 106 3.30 0.96 5.14
N ALA A 107 3.34 0.51 3.89
CA ALA A 107 2.53 1.10 2.83
C ALA A 107 1.04 0.83 3.07
N ARG A 108 0.76 -0.28 3.73
CA ARG A 108 -0.61 -0.62 4.10
C ARG A 108 -1.20 0.42 5.04
N GLY A 109 -0.38 0.91 5.95
CA GLY A 109 -0.85 1.85 6.96
C GLY A 109 -1.16 3.22 6.39
N ILE A 110 -0.33 3.70 5.47
CA ILE A 110 -0.50 5.02 4.90
C ILE A 110 -1.83 5.12 4.15
N LYS A 111 -2.05 4.20 3.23
CA LYS A 111 -3.31 4.16 2.48
C LYS A 111 -4.35 3.36 3.24
N ALA A 112 -4.22 3.36 4.55
CA ALA A 112 -5.28 2.93 5.44
C ALA A 112 -5.79 4.13 6.22
N ARG A 113 -4.88 5.03 6.53
CA ARG A 113 -5.23 6.27 7.22
C ARG A 113 -5.79 7.29 6.22
N TYR A 114 -5.60 7.02 4.93
CA TYR A 114 -6.32 7.76 3.91
C TYR A 114 -7.76 7.24 3.81
N TYR A 115 -7.92 5.95 4.04
CA TYR A 115 -9.20 5.28 3.90
C TYR A 115 -10.14 5.53 5.07
N THR A 116 -9.57 5.61 6.27
CA THR A 116 -10.37 5.73 7.49
C THR A 116 -11.15 7.04 7.55
N GLY A 117 -10.85 7.95 6.63
CA GLY A 117 -11.47 9.26 6.65
C GLY A 117 -10.52 10.32 7.15
N ASN A 118 -9.24 9.97 7.18
CA ASN A 118 -8.20 10.88 7.63
C ASN A 118 -7.22 11.15 6.49
N GLU A 119 -6.19 11.93 6.78
CA GLU A 119 -5.17 12.25 5.79
C GLU A 119 -3.79 12.32 6.45
N PRO A 120 -2.96 11.29 6.23
CA PRO A 120 -1.55 11.35 6.64
C PRO A 120 -0.86 12.53 5.97
N THR A 121 0.05 13.17 6.68
CA THR A 121 0.73 14.33 6.14
C THR A 121 1.77 13.89 5.13
N LYS A 122 2.36 14.82 4.39
CA LYS A 122 3.38 14.45 3.44
C LYS A 122 4.59 13.88 4.19
N ASP A 123 4.78 14.36 5.40
CA ASP A 123 5.86 13.89 6.26
C ASP A 123 5.60 12.46 6.72
N ASP A 124 4.33 12.10 6.86
CA ASP A 124 3.96 10.72 7.18
C ASP A 124 4.45 9.79 6.07
N LEU A 125 4.20 10.21 4.82
CA LEU A 125 4.63 9.45 3.66
C LEU A 125 6.15 9.41 3.56
N LYS A 126 6.78 10.55 3.76
CA LYS A 126 8.23 10.63 3.71
C LYS A 126 8.86 9.71 4.75
N ALA A 127 8.25 9.67 5.93
CA ALA A 127 8.69 8.79 6.99
C ALA A 127 8.43 7.33 6.66
N SER A 128 7.26 7.03 6.11
CA SER A 128 6.91 5.66 5.76
C SER A 128 7.87 5.10 4.71
N VAL A 129 8.28 5.92 3.75
CA VAL A 129 9.19 5.45 2.72
C VAL A 129 10.62 5.47 3.27
N LYS A 130 10.84 6.35 4.25
CA LYS A 130 12.11 6.43 4.94
C LYS A 130 12.50 5.09 5.52
N GLU A 131 11.55 4.41 6.16
CA GLU A 131 11.86 3.17 6.83
C GLU A 131 12.09 2.05 5.82
N VAL A 132 11.38 2.07 4.71
CA VAL A 132 11.59 1.06 3.68
C VAL A 132 13.00 1.19 3.07
N LEU A 133 13.50 2.42 2.95
CA LEU A 133 14.89 2.62 2.54
C LEU A 133 15.83 2.25 3.67
N LYS A 134 15.40 2.50 4.91
CA LYS A 134 16.20 2.19 6.07
C LYS A 134 16.51 0.71 6.08
N LEU A 135 15.49 -0.07 5.83
CA LEU A 135 15.61 -1.50 5.72
C LEU A 135 16.32 -1.90 4.43
N TYR A 136 15.87 -1.37 3.29
CA TYR A 136 16.33 -1.90 2.02
C TYR A 136 17.80 -1.57 1.76
N LYS A 137 18.24 -0.38 2.17
CA LYS A 137 19.63 0.01 2.00
C LYS A 137 20.54 -0.88 2.84
N ALA A 138 20.01 -1.37 3.96
CA ALA A 138 20.78 -2.16 4.90
C ALA A 138 20.88 -3.62 4.49
N MET A 139 20.18 -4.02 3.43
CA MET A 139 20.23 -5.41 3.00
C MET A 139 21.52 -5.69 2.25
N SER A 140 21.94 -6.95 2.21
CA SER A 140 23.11 -7.32 1.43
C SER A 140 22.82 -7.22 -0.07
N ASP A 141 23.86 -7.00 -0.86
CA ASP A 141 23.68 -6.70 -2.30
C ASP A 141 22.87 -7.78 -3.01
N ALA A 142 23.19 -9.04 -2.76
CA ALA A 142 22.49 -10.14 -3.40
C ALA A 142 21.01 -10.15 -3.05
N GLY A 143 20.71 -9.75 -1.82
CA GLY A 143 19.33 -9.65 -1.38
C GLY A 143 18.58 -8.54 -2.08
N LYS A 144 19.25 -7.43 -2.32
CA LYS A 144 18.66 -6.31 -3.04
C LYS A 144 18.34 -6.71 -4.47
N ALA A 145 19.31 -7.36 -5.10
CA ALA A 145 19.19 -7.78 -6.49
C ALA A 145 18.08 -8.81 -6.66
N ASP A 146 17.90 -9.66 -5.65
CA ASP A 146 16.88 -10.70 -5.73
C ASP A 146 15.50 -10.08 -5.55
N PHE A 147 15.45 -9.01 -4.77
CA PHE A 147 14.22 -8.24 -4.58
C PHE A 147 13.79 -7.61 -5.90
N GLY A 148 14.77 -7.21 -6.71
CA GLY A 148 14.48 -6.53 -7.96
C GLY A 148 13.89 -7.45 -9.02
N LYS A 149 13.81 -8.74 -8.71
CA LYS A 149 13.22 -9.70 -9.64
C LYS A 149 11.74 -9.86 -9.36
N GLN A 150 11.36 -9.53 -8.14
CA GLN A 150 10.00 -9.74 -7.66
C GLN A 150 9.27 -8.42 -7.52
N PHE A 151 9.98 -7.39 -7.11
CA PHE A 151 9.45 -6.03 -7.10
C PHE A 151 10.42 -5.11 -7.82
N PRO A 152 10.50 -5.24 -9.15
CA PRO A 152 11.50 -4.55 -9.97
C PRO A 152 11.35 -3.03 -9.93
N PHE A 153 10.10 -2.58 -9.83
CA PHE A 153 9.81 -1.15 -9.81
C PHE A 153 10.36 -0.50 -8.54
N LEU A 154 10.42 -1.24 -7.46
CA LEU A 154 10.98 -0.70 -6.23
C LEU A 154 12.49 -0.70 -6.31
N ALA A 155 13.09 -1.81 -6.72
CA ALA A 155 14.54 -1.87 -6.90
C ALA A 155 14.97 -0.79 -7.90
N LYS A 156 14.08 -0.50 -8.83
CA LYS A 156 14.22 0.62 -9.75
C LYS A 156 14.34 1.95 -9.00
N VAL A 157 13.20 2.41 -8.48
CA VAL A 157 13.10 3.74 -7.89
C VAL A 157 13.96 3.89 -6.63
N PHE A 158 14.23 2.79 -5.94
CA PHE A 158 15.05 2.85 -4.72
C PHE A 158 16.51 3.12 -5.08
N GLU A 159 17.02 2.37 -6.05
CA GLU A 159 18.41 2.50 -6.46
C GLU A 159 18.60 3.72 -7.36
N SER A 160 17.53 4.15 -8.01
CA SER A 160 17.55 5.36 -8.81
C SER A 160 17.65 6.58 -7.89
N GLY A 161 17.29 6.38 -6.63
CA GLY A 161 17.39 7.45 -5.65
C GLY A 161 16.07 8.16 -5.45
N LYS A 162 15.09 7.86 -6.30
CA LYS A 162 13.80 8.53 -6.27
C LYS A 162 13.15 8.37 -4.89
N ALA A 163 13.09 7.13 -4.41
CA ALA A 163 12.48 6.84 -3.13
C ALA A 163 13.30 7.42 -1.98
N ALA A 164 14.62 7.32 -2.10
CA ALA A 164 15.53 7.85 -1.08
C ALA A 164 15.39 9.37 -0.95
N LYS A 165 15.15 10.05 -2.07
CA LYS A 165 15.02 11.50 -2.05
C LYS A 165 13.66 11.90 -1.50
N PHE A 166 12.66 11.08 -1.80
CA PHE A 166 11.33 11.25 -1.23
C PHE A 166 11.39 11.10 0.29
N ALA A 167 12.18 10.14 0.73
CA ALA A 167 12.40 9.91 2.15
C ALA A 167 13.12 11.09 2.80
N GLY A 168 14.13 11.62 2.10
CA GLY A 168 14.93 12.68 2.67
C GLY A 168 15.71 12.22 3.88
N GLU A 169 16.40 11.10 3.72
CA GLU A 169 17.14 10.51 4.82
C GLU A 169 18.60 10.30 4.45
N ASN A 170 19.03 10.98 3.40
CA ASN A 170 20.37 10.78 2.86
C ASN A 170 21.01 12.13 2.54
N MET A 1 -26.00 -13.43 -10.49
CA MET A 1 -27.34 -13.57 -9.87
C MET A 1 -28.19 -12.34 -10.14
N GLY A 2 -27.76 -11.20 -9.62
CA GLY A 2 -28.47 -9.96 -9.82
C GLY A 2 -27.90 -8.84 -8.99
N SER A 3 -28.21 -7.61 -9.34
CA SER A 3 -27.68 -6.46 -8.63
C SER A 3 -28.47 -6.19 -7.36
N SER A 4 -28.52 -7.17 -6.47
CA SER A 4 -29.20 -7.03 -5.21
C SER A 4 -28.20 -6.80 -4.09
N HIS A 5 -27.45 -5.71 -4.21
CA HIS A 5 -26.48 -5.33 -3.19
C HIS A 5 -26.71 -3.87 -2.81
N HIS A 6 -27.34 -3.65 -1.67
CA HIS A 6 -27.64 -2.30 -1.20
C HIS A 6 -26.36 -1.46 -1.10
N HIS A 7 -26.35 -0.32 -1.76
CA HIS A 7 -25.21 0.57 -1.75
C HIS A 7 -25.66 2.02 -1.85
N HIS A 8 -26.52 2.40 -0.92
CA HIS A 8 -27.06 3.75 -0.86
C HIS A 8 -25.94 4.76 -0.63
N HIS A 9 -25.68 5.57 -1.65
CA HIS A 9 -24.61 6.54 -1.61
C HIS A 9 -24.79 7.52 -0.45
N HIS A 10 -23.91 7.42 0.52
CA HIS A 10 -23.91 8.33 1.66
C HIS A 10 -22.49 8.75 1.98
N SER A 11 -21.67 8.78 0.94
CA SER A 11 -20.26 9.05 1.09
C SER A 11 -19.78 10.08 0.06
N SER A 12 -20.04 11.35 0.35
CA SER A 12 -19.57 12.43 -0.49
C SER A 12 -19.12 13.61 0.37
N GLY A 13 -18.44 13.29 1.45
CA GLY A 13 -17.97 14.34 2.35
C GLY A 13 -16.51 14.15 2.71
N HIS A 14 -16.16 12.94 3.14
CA HIS A 14 -14.79 12.65 3.57
C HIS A 14 -14.29 11.36 2.93
N MET A 15 -14.43 11.25 1.62
CA MET A 15 -13.92 10.08 0.91
C MET A 15 -12.62 10.41 0.22
N PHE A 16 -11.62 9.58 0.46
CA PHE A 16 -10.30 9.81 -0.11
C PHE A 16 -10.27 9.45 -1.59
N LYS A 17 -9.60 10.28 -2.35
CA LYS A 17 -9.46 10.04 -3.77
C LYS A 17 -8.03 9.62 -4.07
N TYR A 18 -7.89 8.62 -4.94
CA TYR A 18 -6.58 8.11 -5.31
C TYR A 18 -5.85 9.14 -6.17
N GLU A 19 -6.62 10.08 -6.70
CA GLU A 19 -6.08 11.18 -7.48
C GLU A 19 -5.82 12.38 -6.58
N ASP A 20 -6.07 12.21 -5.28
CA ASP A 20 -5.83 13.27 -4.31
C ASP A 20 -4.61 12.95 -3.47
N ILE A 21 -4.17 11.70 -3.51
CA ILE A 21 -2.96 11.28 -2.84
C ILE A 21 -1.77 11.74 -3.68
N PRO A 22 -0.74 12.34 -3.04
CA PRO A 22 0.43 12.90 -3.74
C PRO A 22 0.95 11.99 -4.84
N ALA A 23 0.88 12.48 -6.07
CA ALA A 23 1.24 11.69 -7.24
C ALA A 23 2.73 11.33 -7.23
N ASP A 24 3.53 12.12 -6.51
CA ASP A 24 4.95 11.83 -6.40
C ASP A 24 5.13 10.53 -5.64
N TYR A 25 4.23 10.34 -4.69
CA TYR A 25 4.25 9.21 -3.78
C TYR A 25 3.55 8.01 -4.40
N ARG A 26 2.63 8.28 -5.35
CA ARG A 26 1.95 7.20 -6.04
C ARG A 26 2.92 6.51 -6.99
N ASP A 27 3.98 7.22 -7.32
CA ASP A 27 5.07 6.69 -8.14
C ASP A 27 5.87 5.66 -7.35
N LEU A 28 5.73 5.72 -6.03
CA LEU A 28 6.40 4.78 -5.14
C LEU A 28 5.46 3.63 -4.78
N MET A 29 4.36 3.52 -5.50
CA MET A 29 3.39 2.46 -5.26
C MET A 29 3.56 1.34 -6.27
N PRO A 30 3.67 0.09 -5.78
CA PRO A 30 3.74 -1.08 -6.66
C PRO A 30 2.46 -1.22 -7.47
N PRO A 31 2.61 -1.54 -8.78
CA PRO A 31 1.50 -1.61 -9.74
C PRO A 31 0.33 -2.46 -9.25
N GLU A 32 0.61 -3.46 -8.43
CA GLU A 32 -0.43 -4.30 -7.84
C GLU A 32 -1.33 -3.47 -6.93
N ALA A 33 -0.71 -2.73 -6.02
CA ALA A 33 -1.44 -1.91 -5.08
C ALA A 33 -2.16 -0.77 -5.78
N ARG A 34 -1.59 -0.33 -6.90
CA ARG A 34 -2.19 0.74 -7.68
C ARG A 34 -3.49 0.26 -8.34
N ASP A 35 -3.43 -0.94 -8.92
CA ASP A 35 -4.59 -1.53 -9.60
C ASP A 35 -5.81 -1.56 -8.68
N PHE A 36 -5.57 -1.90 -7.42
CA PHE A 36 -6.62 -1.93 -6.40
C PHE A 36 -7.25 -0.54 -6.23
N LEU A 37 -6.53 0.42 -5.69
CA LEU A 37 -7.13 1.74 -5.46
C LEU A 37 -7.41 2.50 -6.75
N GLN A 38 -6.97 1.96 -7.87
CA GLN A 38 -7.47 2.36 -9.18
C GLN A 38 -8.96 2.00 -9.32
N ASN A 39 -9.30 0.74 -9.08
CA ASN A 39 -10.66 0.26 -9.33
C ASN A 39 -11.63 0.62 -8.19
N LEU A 40 -11.13 0.68 -6.96
CA LEU A 40 -11.96 1.15 -5.86
C LEU A 40 -12.52 2.54 -6.15
N SER A 41 -13.81 2.67 -5.95
CA SER A 41 -14.52 3.90 -6.23
C SER A 41 -15.26 4.36 -4.98
N ASP A 42 -15.94 5.50 -5.06
CA ASP A 42 -16.61 6.10 -3.91
C ASP A 42 -17.51 5.11 -3.19
N GLY A 43 -18.32 4.39 -3.97
CA GLY A 43 -19.22 3.41 -3.39
C GLY A 43 -18.50 2.29 -2.68
N ASP A 44 -17.50 1.71 -3.35
CA ASP A 44 -16.74 0.59 -2.79
C ASP A 44 -15.94 1.04 -1.56
N LYS A 45 -15.31 2.19 -1.67
CA LYS A 45 -14.46 2.71 -0.58
C LYS A 45 -15.28 2.96 0.68
N THR A 46 -16.60 3.04 0.53
CA THR A 46 -17.48 3.21 1.65
C THR A 46 -17.42 1.99 2.55
N VAL A 47 -17.42 0.82 1.93
CA VAL A 47 -17.44 -0.42 2.67
C VAL A 47 -16.03 -0.75 3.17
N LEU A 48 -15.01 -0.30 2.43
CA LEU A 48 -13.63 -0.34 2.90
C LEU A 48 -13.52 0.37 4.25
N LYS A 49 -14.19 1.50 4.35
CA LYS A 49 -14.16 2.31 5.57
C LYS A 49 -14.78 1.55 6.75
N GLU A 50 -15.71 0.67 6.45
CA GLU A 50 -16.35 -0.14 7.47
C GLU A 50 -15.44 -1.29 7.91
N VAL A 51 -14.55 -1.69 7.02
CA VAL A 51 -13.56 -2.72 7.32
C VAL A 51 -12.39 -2.11 8.10
N PHE A 52 -11.78 -1.10 7.48
CA PHE A 52 -10.69 -0.34 8.07
C PHE A 52 -11.00 0.25 9.44
N LYS A 53 -12.20 0.82 9.62
CA LYS A 53 -12.52 1.44 10.88
C LYS A 53 -13.06 0.43 11.89
N ALA A 54 -12.99 -0.83 11.51
CA ALA A 54 -13.23 -1.92 12.42
C ALA A 54 -11.91 -2.52 12.86
N GLY A 55 -11.30 -3.34 11.98
CA GLY A 55 -10.07 -4.03 12.34
C GLY A 55 -10.12 -4.64 13.75
N PRO A 56 -8.96 -4.78 14.41
CA PRO A 56 -7.65 -4.56 13.86
C PRO A 56 -7.06 -5.84 13.25
N TYR A 57 -6.32 -5.69 12.17
CA TYR A 57 -5.82 -6.82 11.41
C TYR A 57 -4.31 -6.95 11.53
N LYS A 58 -3.89 -8.08 12.04
CA LYS A 58 -2.48 -8.41 12.20
C LYS A 58 -1.90 -8.92 10.88
N ASN A 59 -2.78 -9.34 9.99
CA ASN A 59 -2.35 -9.95 8.75
C ASN A 59 -3.34 -9.59 7.65
N THR A 60 -2.91 -9.71 6.40
CA THR A 60 -3.71 -9.28 5.26
C THR A 60 -4.97 -10.13 5.09
N GLU A 61 -4.90 -11.40 5.49
CA GLU A 61 -6.03 -12.31 5.34
C GLU A 61 -7.26 -11.80 6.09
N GLU A 62 -7.05 -11.25 7.28
CA GLU A 62 -8.14 -10.73 8.10
C GLU A 62 -8.89 -9.62 7.38
N SER A 63 -8.16 -8.68 6.80
CA SER A 63 -8.78 -7.58 6.08
C SER A 63 -9.51 -8.09 4.83
N ILE A 64 -8.96 -9.12 4.21
CA ILE A 64 -9.58 -9.74 3.05
C ILE A 64 -10.88 -10.43 3.46
N ALA A 65 -10.83 -11.10 4.60
CA ALA A 65 -11.97 -11.78 5.18
C ALA A 65 -13.13 -10.81 5.40
N ALA A 66 -12.84 -9.71 6.07
CA ALA A 66 -13.84 -8.68 6.35
C ALA A 66 -14.47 -8.20 5.04
N LEU A 67 -13.61 -7.99 4.04
CA LEU A 67 -14.06 -7.55 2.73
C LEU A 67 -14.89 -8.62 2.04
N LYS A 68 -14.52 -9.88 2.19
CA LYS A 68 -15.29 -10.97 1.60
C LYS A 68 -16.68 -11.04 2.22
N LYS A 69 -16.79 -10.66 3.49
CA LYS A 69 -18.07 -10.64 4.19
C LYS A 69 -18.91 -9.46 3.71
N LYS A 70 -18.28 -8.30 3.62
CA LYS A 70 -18.92 -7.08 3.13
C LYS A 70 -19.27 -7.18 1.65
N SER A 71 -18.28 -7.41 0.83
CA SER A 71 -18.47 -7.45 -0.60
C SER A 71 -17.62 -8.56 -1.19
N PRO A 72 -18.28 -9.69 -1.51
CA PRO A 72 -17.64 -10.91 -2.02
C PRO A 72 -16.58 -10.62 -3.08
N GLU A 73 -16.98 -9.79 -4.04
CA GLU A 73 -16.12 -9.39 -5.15
C GLU A 73 -14.89 -8.63 -4.68
N LEU A 74 -15.03 -7.74 -3.69
CA LEU A 74 -13.92 -6.87 -3.32
C LEU A 74 -12.86 -7.68 -2.61
N GLY A 75 -13.34 -8.58 -1.75
CA GLY A 75 -12.47 -9.49 -1.05
C GLY A 75 -11.75 -10.42 -1.99
N ALA A 76 -12.41 -10.79 -3.07
CA ALA A 76 -11.78 -11.61 -4.09
C ALA A 76 -10.71 -10.81 -4.83
N LYS A 77 -10.98 -9.53 -5.06
CA LYS A 77 -10.04 -8.63 -5.69
C LYS A 77 -8.74 -8.57 -4.89
N VAL A 78 -8.84 -8.15 -3.64
CA VAL A 78 -7.68 -8.03 -2.78
C VAL A 78 -7.01 -9.38 -2.54
N GLU A 79 -7.83 -10.43 -2.47
CA GLU A 79 -7.34 -11.78 -2.28
C GLU A 79 -6.36 -12.18 -3.37
N LYS A 80 -6.86 -12.28 -4.60
CA LYS A 80 -6.06 -12.79 -5.70
C LYS A 80 -4.93 -11.84 -6.03
N LEU A 81 -5.20 -10.55 -5.84
CA LEU A 81 -4.22 -9.50 -6.08
C LEU A 81 -3.05 -9.61 -5.12
N HIS A 82 -3.34 -9.78 -3.83
CA HIS A 82 -2.30 -9.82 -2.82
C HIS A 82 -1.61 -11.17 -2.90
N ALA A 83 -2.32 -12.14 -3.45
CA ALA A 83 -1.79 -13.47 -3.67
C ALA A 83 -0.72 -13.46 -4.74
N MET A 84 -0.85 -12.53 -5.69
CA MET A 84 0.21 -12.32 -6.68
C MET A 84 1.44 -11.80 -5.97
N VAL A 85 1.20 -10.80 -5.14
CA VAL A 85 2.23 -10.21 -4.30
C VAL A 85 2.88 -11.27 -3.43
N LYS A 86 2.03 -12.11 -2.85
CA LYS A 86 2.48 -13.22 -2.01
C LYS A 86 3.29 -14.21 -2.83
N SER A 87 2.84 -14.45 -4.05
CA SER A 87 3.50 -15.38 -4.97
C SER A 87 4.95 -14.95 -5.25
N LYS A 88 5.14 -13.68 -5.59
CA LYS A 88 6.47 -13.18 -5.89
C LYS A 88 7.31 -13.05 -4.63
N ILE A 89 6.70 -12.67 -3.52
CA ILE A 89 7.41 -12.63 -2.24
C ILE A 89 7.79 -14.04 -1.79
N ALA A 90 6.98 -15.01 -2.16
CA ALA A 90 7.29 -16.43 -1.93
C ALA A 90 8.54 -16.83 -2.72
N ALA A 91 8.74 -16.17 -3.85
CA ALA A 91 9.86 -16.45 -4.74
C ALA A 91 11.08 -15.65 -4.32
N LEU A 92 10.90 -14.81 -3.31
CA LEU A 92 11.94 -13.93 -2.84
C LEU A 92 12.72 -14.61 -1.72
N GLY A 93 14.04 -14.43 -1.73
CA GLY A 93 14.88 -15.04 -0.73
C GLY A 93 14.67 -14.43 0.64
N PRO A 94 14.97 -15.16 1.72
CA PRO A 94 14.73 -14.73 3.11
C PRO A 94 15.15 -13.28 3.38
N GLU A 95 16.27 -12.88 2.79
CA GLU A 95 16.79 -11.53 2.98
C GLU A 95 15.84 -10.51 2.39
N ALA A 96 15.56 -10.67 1.11
CA ALA A 96 14.73 -9.70 0.39
C ALA A 96 13.26 -9.84 0.76
N LYS A 97 12.86 -11.08 1.04
CA LYS A 97 11.49 -11.39 1.45
C LYS A 97 11.13 -10.64 2.73
N GLY A 98 12.07 -10.54 3.66
CA GLY A 98 11.83 -9.81 4.88
C GLY A 98 11.57 -8.35 4.60
N PHE A 99 12.38 -7.76 3.73
CA PHE A 99 12.22 -6.38 3.33
C PHE A 99 10.90 -6.18 2.57
N ALA A 100 10.58 -7.10 1.68
CA ALA A 100 9.36 -7.02 0.89
C ALA A 100 8.14 -6.93 1.80
N GLU A 101 8.12 -7.73 2.85
CA GLU A 101 6.99 -7.76 3.75
C GLU A 101 7.10 -6.65 4.80
N LYS A 102 8.32 -6.17 5.02
CA LYS A 102 8.56 -5.07 5.94
C LYS A 102 8.07 -3.77 5.33
N SER A 103 8.41 -3.55 4.06
CA SER A 103 7.97 -2.36 3.36
C SER A 103 6.44 -2.34 3.25
N ILE A 104 5.84 -3.52 3.12
CA ILE A 104 4.40 -3.62 3.02
C ILE A 104 3.72 -3.26 4.34
N GLU A 105 4.22 -3.78 5.46
CA GLU A 105 3.58 -3.49 6.76
C GLU A 105 3.65 -2.00 7.08
N ILE A 106 4.68 -1.33 6.57
CA ILE A 106 4.81 0.11 6.73
C ILE A 106 3.84 0.82 5.77
N ALA A 107 3.82 0.34 4.53
CA ALA A 107 2.96 0.92 3.50
C ALA A 107 1.49 0.72 3.86
N ARG A 108 1.20 -0.37 4.56
CA ARG A 108 -0.15 -0.64 5.04
C ARG A 108 -0.64 0.50 5.91
N GLY A 109 0.16 0.88 6.91
CA GLY A 109 -0.28 1.87 7.89
C GLY A 109 -0.51 3.23 7.29
N ILE A 110 0.32 3.62 6.33
CA ILE A 110 0.21 4.93 5.70
C ILE A 110 -1.10 5.06 4.94
N LYS A 111 -1.39 4.11 4.07
CA LYS A 111 -2.60 4.18 3.26
C LYS A 111 -3.78 3.62 4.03
N ALA A 112 -3.55 2.93 5.14
CA ALA A 112 -4.64 2.57 6.04
C ALA A 112 -5.25 3.82 6.67
N ARG A 113 -4.44 4.87 6.74
CA ARG A 113 -4.92 6.15 7.22
C ARG A 113 -5.51 6.96 6.07
N TYR A 114 -5.07 6.69 4.85
CA TYR A 114 -5.69 7.32 3.69
C TYR A 114 -7.04 6.69 3.41
N TYR A 115 -7.10 5.38 3.60
CA TYR A 115 -8.30 4.59 3.30
C TYR A 115 -9.55 5.14 3.97
N THR A 116 -9.40 5.82 5.10
CA THR A 116 -10.61 6.28 5.79
C THR A 116 -10.55 7.76 6.18
N GLY A 117 -9.89 8.56 5.36
CA GLY A 117 -9.95 10.01 5.53
C GLY A 117 -9.05 10.54 6.63
N ASN A 118 -8.30 9.67 7.28
CA ASN A 118 -7.35 10.08 8.30
C ASN A 118 -6.01 10.39 7.65
N GLU A 119 -6.08 11.25 6.64
CA GLU A 119 -4.98 11.51 5.73
C GLU A 119 -3.68 11.90 6.45
N PRO A 120 -2.64 11.06 6.32
CA PRO A 120 -1.29 11.39 6.81
C PRO A 120 -0.70 12.56 6.05
N THR A 121 0.21 13.29 6.68
CA THR A 121 0.84 14.41 6.03
C THR A 121 2.06 13.93 5.23
N LYS A 122 2.69 14.79 4.45
CA LYS A 122 3.79 14.35 3.61
C LYS A 122 4.97 13.88 4.46
N ASP A 123 5.03 14.35 5.70
CA ASP A 123 6.06 13.89 6.64
C ASP A 123 5.90 12.40 6.91
N ASP A 124 4.65 11.97 7.12
CA ASP A 124 4.36 10.55 7.33
C ASP A 124 4.85 9.73 6.14
N LEU A 125 4.58 10.25 4.96
CA LEU A 125 4.94 9.58 3.72
C LEU A 125 6.45 9.54 3.53
N LYS A 126 7.10 10.69 3.70
CA LYS A 126 8.53 10.78 3.48
C LYS A 126 9.28 9.89 4.49
N ALA A 127 8.71 9.76 5.68
CA ALA A 127 9.26 8.88 6.70
C ALA A 127 9.02 7.41 6.35
N SER A 128 7.82 7.10 5.85
CA SER A 128 7.46 5.72 5.54
C SER A 128 8.36 5.12 4.46
N VAL A 129 8.78 5.95 3.51
CA VAL A 129 9.62 5.46 2.42
C VAL A 129 11.07 5.46 2.87
N LYS A 130 11.36 6.32 3.85
CA LYS A 130 12.66 6.37 4.46
C LYS A 130 13.01 5.07 5.17
N GLU A 131 12.04 4.50 5.88
CA GLU A 131 12.32 3.27 6.61
C GLU A 131 12.53 2.11 5.65
N VAL A 132 11.80 2.06 4.55
CA VAL A 132 12.00 1.00 3.58
C VAL A 132 13.39 1.14 2.95
N LEU A 133 13.91 2.36 2.89
CA LEU A 133 15.28 2.58 2.47
C LEU A 133 16.23 2.16 3.58
N LYS A 134 15.85 2.44 4.82
CA LYS A 134 16.65 2.05 5.97
C LYS A 134 16.87 0.54 5.96
N LEU A 135 15.80 -0.19 5.64
CA LEU A 135 15.87 -1.61 5.44
C LEU A 135 16.62 -1.95 4.17
N TYR A 136 16.29 -1.32 3.04
CA TYR A 136 16.84 -1.79 1.78
C TYR A 136 18.32 -1.43 1.63
N LYS A 137 18.72 -0.33 2.24
CA LYS A 137 20.13 0.03 2.28
C LYS A 137 20.88 -0.93 3.19
N ALA A 138 20.25 -1.30 4.29
CA ALA A 138 20.86 -2.21 5.25
C ALA A 138 20.49 -3.66 4.95
N MET A 139 21.01 -4.14 3.84
CA MET A 139 20.84 -5.54 3.44
C MET A 139 22.07 -6.00 2.69
N SER A 140 22.35 -7.29 2.75
CA SER A 140 23.44 -7.86 1.98
C SER A 140 23.14 -7.78 0.48
N ASP A 141 24.16 -7.46 -0.31
CA ASP A 141 23.98 -7.09 -1.72
C ASP A 141 23.13 -8.10 -2.49
N ALA A 142 23.39 -9.39 -2.24
CA ALA A 142 22.66 -10.46 -2.91
C ALA A 142 21.16 -10.40 -2.64
N GLY A 143 20.80 -9.84 -1.50
CA GLY A 143 19.39 -9.71 -1.16
C GLY A 143 18.79 -8.47 -1.80
N LYS A 144 19.61 -7.46 -2.00
CA LYS A 144 19.17 -6.22 -2.60
C LYS A 144 18.89 -6.42 -4.09
N ALA A 145 19.82 -7.07 -4.77
CA ALA A 145 19.68 -7.34 -6.20
C ALA A 145 18.58 -8.36 -6.45
N ASP A 146 18.33 -9.22 -5.46
CA ASP A 146 17.32 -10.26 -5.60
C ASP A 146 15.92 -9.66 -5.50
N PHE A 147 15.81 -8.59 -4.71
CA PHE A 147 14.56 -7.87 -4.57
C PHE A 147 14.13 -7.29 -5.92
N GLY A 148 15.10 -7.03 -6.78
CA GLY A 148 14.83 -6.44 -8.09
C GLY A 148 14.17 -7.41 -9.05
N LYS A 149 14.18 -8.70 -8.73
CA LYS A 149 13.58 -9.70 -9.59
C LYS A 149 12.11 -9.85 -9.26
N GLN A 150 11.83 -9.81 -7.96
CA GLN A 150 10.48 -10.00 -7.45
C GLN A 150 9.72 -8.68 -7.40
N PHE A 151 10.40 -7.61 -7.08
CA PHE A 151 9.80 -6.28 -7.07
C PHE A 151 10.64 -5.30 -7.89
N PRO A 152 10.63 -5.45 -9.23
CA PRO A 152 11.44 -4.63 -10.13
C PRO A 152 11.09 -3.15 -10.04
N PHE A 153 9.80 -2.85 -9.94
CA PHE A 153 9.32 -1.49 -9.91
C PHE A 153 9.86 -0.74 -8.67
N LEU A 154 9.86 -1.42 -7.53
CA LEU A 154 10.32 -0.78 -6.31
C LEU A 154 11.84 -0.70 -6.30
N ALA A 155 12.52 -1.76 -6.74
CA ALA A 155 13.97 -1.75 -6.84
C ALA A 155 14.43 -0.62 -7.76
N LYS A 156 13.63 -0.39 -8.80
CA LYS A 156 13.81 0.75 -9.68
C LYS A 156 13.93 2.06 -8.90
N VAL A 157 12.82 2.49 -8.33
CA VAL A 157 12.71 3.79 -7.70
C VAL A 157 13.64 3.92 -6.49
N PHE A 158 13.97 2.81 -5.83
CA PHE A 158 14.84 2.88 -4.67
C PHE A 158 16.26 3.22 -5.10
N GLU A 159 16.77 2.49 -6.09
CA GLU A 159 18.14 2.68 -6.54
C GLU A 159 18.29 3.96 -7.36
N SER A 160 17.24 4.29 -8.11
CA SER A 160 17.25 5.48 -8.94
C SER A 160 17.30 6.74 -8.07
N GLY A 161 16.93 6.59 -6.81
CA GLY A 161 16.96 7.71 -5.90
C GLY A 161 15.63 8.41 -5.80
N LYS A 162 14.63 7.85 -6.47
CA LYS A 162 13.29 8.43 -6.45
C LYS A 162 12.71 8.38 -5.05
N ALA A 163 12.74 7.21 -4.43
CA ALA A 163 12.27 7.06 -3.06
C ALA A 163 13.20 7.79 -2.11
N ALA A 164 14.50 7.68 -2.37
CA ALA A 164 15.51 8.34 -1.55
C ALA A 164 15.27 9.85 -1.49
N LYS A 165 14.97 10.44 -2.63
CA LYS A 165 14.77 11.89 -2.72
C LYS A 165 13.44 12.30 -2.09
N PHE A 166 12.49 11.38 -2.06
CA PHE A 166 11.21 11.62 -1.41
C PHE A 166 11.38 11.60 0.10
N ALA A 167 12.26 10.73 0.59
CA ALA A 167 12.51 10.58 2.02
C ALA A 167 13.46 11.64 2.54
N GLY A 168 14.45 11.98 1.73
CA GLY A 168 15.54 12.80 2.20
C GLY A 168 16.73 11.93 2.57
N GLU A 169 16.79 10.77 1.91
CA GLU A 169 17.78 9.74 2.18
C GLU A 169 17.57 9.09 3.55
N ASN A 170 18.31 8.02 3.79
CA ASN A 170 18.25 7.34 5.07
C ASN A 170 19.20 8.01 6.05
N MET A 1 -21.79 9.55 -31.02
CA MET A 1 -22.11 10.97 -30.76
C MET A 1 -22.79 11.12 -29.40
N GLY A 2 -22.01 11.35 -28.37
CA GLY A 2 -22.55 11.49 -27.04
C GLY A 2 -22.50 12.92 -26.56
N SER A 3 -23.48 13.72 -26.98
CA SER A 3 -23.55 15.11 -26.55
C SER A 3 -24.06 15.20 -25.12
N SER A 4 -23.21 14.88 -24.17
CA SER A 4 -23.58 14.91 -22.77
C SER A 4 -23.64 16.34 -22.26
N HIS A 5 -24.86 16.82 -22.06
CA HIS A 5 -25.07 18.16 -21.51
C HIS A 5 -25.28 18.05 -20.01
N HIS A 6 -24.76 16.97 -19.44
CA HIS A 6 -24.91 16.70 -18.02
C HIS A 6 -23.57 16.25 -17.44
N HIS A 7 -22.50 16.70 -18.06
CA HIS A 7 -21.16 16.33 -17.66
C HIS A 7 -20.67 17.21 -16.52
N HIS A 8 -20.80 16.73 -15.30
CA HIS A 8 -20.32 17.43 -14.13
C HIS A 8 -20.12 16.46 -12.98
N HIS A 9 -19.13 16.72 -12.15
CA HIS A 9 -18.81 15.83 -11.03
C HIS A 9 -18.97 16.58 -9.71
N HIS A 10 -19.04 15.84 -8.63
CA HIS A 10 -19.21 16.45 -7.31
C HIS A 10 -18.21 15.87 -6.32
N SER A 11 -17.83 16.67 -5.34
CA SER A 11 -16.96 16.22 -4.27
C SER A 11 -17.76 16.00 -3.00
N SER A 12 -17.61 14.83 -2.39
CA SER A 12 -18.32 14.50 -1.17
C SER A 12 -17.57 15.02 0.04
N GLY A 13 -16.30 15.35 -0.16
CA GLY A 13 -15.48 15.86 0.92
C GLY A 13 -14.97 14.77 1.83
N HIS A 14 -15.90 14.05 2.46
CA HIS A 14 -15.56 12.97 3.38
C HIS A 14 -15.31 11.67 2.62
N MET A 15 -14.55 11.77 1.53
CA MET A 15 -14.24 10.62 0.69
C MET A 15 -13.02 10.92 -0.17
N PHE A 16 -11.96 10.13 0.02
CA PHE A 16 -10.73 10.31 -0.73
C PHE A 16 -10.85 9.66 -2.10
N LYS A 17 -10.21 10.26 -3.10
CA LYS A 17 -10.26 9.72 -4.45
C LYS A 17 -8.85 9.41 -4.94
N TYR A 18 -8.74 8.58 -5.98
CA TYR A 18 -7.45 8.11 -6.47
C TYR A 18 -6.51 9.27 -6.79
N GLU A 19 -7.00 10.21 -7.60
CA GLU A 19 -6.20 11.36 -8.02
C GLU A 19 -6.01 12.39 -6.91
N ASP A 20 -6.57 12.12 -5.73
CA ASP A 20 -6.46 13.08 -4.63
C ASP A 20 -5.26 12.76 -3.77
N ILE A 21 -4.79 11.52 -3.87
CA ILE A 21 -3.60 11.09 -3.17
C ILE A 21 -2.37 11.68 -3.87
N PRO A 22 -1.36 12.16 -3.10
CA PRO A 22 -0.15 12.78 -3.66
C PRO A 22 0.43 11.97 -4.82
N ALA A 23 0.37 12.55 -6.01
CA ALA A 23 0.81 11.87 -7.22
C ALA A 23 2.31 11.60 -7.20
N ASP A 24 3.05 12.41 -6.44
CA ASP A 24 4.50 12.23 -6.34
C ASP A 24 4.80 10.90 -5.67
N TYR A 25 3.93 10.56 -4.72
CA TYR A 25 4.03 9.33 -3.95
C TYR A 25 3.42 8.17 -4.69
N ARG A 26 2.43 8.45 -5.55
CA ARG A 26 1.80 7.41 -6.35
C ARG A 26 2.77 6.93 -7.41
N ASP A 27 3.78 7.76 -7.66
CA ASP A 27 4.88 7.42 -8.54
C ASP A 27 5.76 6.34 -7.90
N LEU A 28 5.67 6.23 -6.57
CA LEU A 28 6.41 5.22 -5.82
C LEU A 28 5.56 3.98 -5.62
N MET A 29 4.24 4.16 -5.61
CA MET A 29 3.31 3.05 -5.46
C MET A 29 3.45 2.07 -6.61
N PRO A 30 3.69 0.79 -6.31
CA PRO A 30 3.85 -0.24 -7.33
C PRO A 30 2.55 -0.56 -8.06
N PRO A 31 2.62 -0.98 -9.33
CA PRO A 31 1.43 -1.27 -10.15
C PRO A 31 0.43 -2.15 -9.41
N GLU A 32 0.94 -3.26 -8.86
CA GLU A 32 0.15 -4.25 -8.15
C GLU A 32 -0.20 -3.76 -6.74
N ALA A 33 -0.58 -2.50 -6.66
CA ALA A 33 -1.03 -1.88 -5.43
C ALA A 33 -1.88 -0.67 -5.79
N ARG A 34 -1.46 0.05 -6.83
CA ARG A 34 -2.23 1.15 -7.37
C ARG A 34 -3.52 0.64 -8.00
N ASP A 35 -3.44 -0.58 -8.55
CA ASP A 35 -4.59 -1.22 -9.18
C ASP A 35 -5.82 -1.19 -8.28
N PHE A 36 -5.63 -1.56 -7.02
CA PHE A 36 -6.72 -1.56 -6.04
C PHE A 36 -7.35 -0.17 -5.89
N LEU A 37 -6.62 0.84 -5.47
CA LEU A 37 -7.23 2.17 -5.33
C LEU A 37 -7.51 2.83 -6.67
N GLN A 38 -7.01 2.25 -7.75
CA GLN A 38 -7.49 2.59 -9.09
C GLN A 38 -8.92 2.09 -9.26
N ASN A 39 -9.18 0.89 -8.74
CA ASN A 39 -10.50 0.27 -8.81
C ASN A 39 -11.48 0.97 -7.88
N LEU A 40 -11.09 1.07 -6.61
CA LEU A 40 -11.92 1.71 -5.60
C LEU A 40 -12.29 3.12 -6.03
N SER A 41 -13.58 3.38 -6.01
CA SER A 41 -14.11 4.59 -6.60
C SER A 41 -14.66 5.53 -5.52
N ASP A 42 -15.82 5.18 -4.97
CA ASP A 42 -16.50 6.05 -4.01
C ASP A 42 -17.11 5.25 -2.86
N GLY A 43 -18.33 4.76 -3.03
CA GLY A 43 -19.01 4.02 -1.97
C GLY A 43 -18.30 2.75 -1.60
N ASP A 44 -17.36 2.34 -2.43
CA ASP A 44 -16.54 1.16 -2.17
C ASP A 44 -15.65 1.42 -0.95
N LYS A 45 -15.16 2.65 -0.86
CA LYS A 45 -14.23 3.03 0.21
C LYS A 45 -14.98 3.23 1.52
N THR A 46 -16.29 3.23 1.44
CA THR A 46 -17.16 3.25 2.60
C THR A 46 -16.95 1.98 3.41
N VAL A 47 -16.93 0.88 2.70
CA VAL A 47 -16.89 -0.43 3.32
C VAL A 47 -15.47 -0.72 3.84
N LEU A 48 -14.47 -0.21 3.14
CA LEU A 48 -13.07 -0.30 3.57
C LEU A 48 -12.90 0.23 4.99
N LYS A 49 -13.36 1.45 5.24
CA LYS A 49 -13.15 2.11 6.52
C LYS A 49 -13.91 1.39 7.65
N GLU A 50 -14.96 0.68 7.28
CA GLU A 50 -15.73 -0.10 8.25
C GLU A 50 -14.94 -1.33 8.70
N VAL A 51 -14.12 -1.86 7.80
CA VAL A 51 -13.22 -2.96 8.14
C VAL A 51 -12.06 -2.44 8.99
N PHE A 52 -11.42 -1.42 8.45
CA PHE A 52 -10.31 -0.74 9.10
C PHE A 52 -10.62 -0.18 10.49
N LYS A 53 -11.78 0.42 10.68
CA LYS A 53 -12.09 1.02 11.98
C LYS A 53 -12.55 -0.04 12.98
N ALA A 54 -12.43 -1.29 12.57
CA ALA A 54 -12.61 -2.42 13.47
C ALA A 54 -11.25 -2.99 13.84
N GLY A 55 -10.65 -3.76 12.94
CA GLY A 55 -9.40 -4.44 13.25
C GLY A 55 -9.46 -5.21 14.56
N PRO A 56 -8.31 -5.50 15.19
CA PRO A 56 -6.99 -5.29 14.62
C PRO A 56 -6.51 -6.53 13.88
N TYR A 57 -5.88 -6.31 12.74
CA TYR A 57 -5.49 -7.40 11.87
C TYR A 57 -3.98 -7.60 11.85
N LYS A 58 -3.56 -8.72 12.41
CA LYS A 58 -2.16 -9.10 12.50
C LYS A 58 -1.60 -9.50 11.14
N ASN A 59 -2.47 -9.76 10.17
CA ASN A 59 -2.03 -10.28 8.88
C ASN A 59 -2.86 -9.73 7.73
N THR A 60 -2.24 -9.66 6.55
CA THR A 60 -2.94 -9.24 5.34
C THR A 60 -3.78 -10.40 4.79
N GLU A 61 -4.77 -10.79 5.59
CA GLU A 61 -5.71 -11.83 5.21
C GLU A 61 -6.99 -11.64 6.01
N GLU A 62 -6.82 -11.36 7.29
CA GLU A 62 -7.93 -11.04 8.18
C GLU A 62 -8.70 -9.82 7.67
N SER A 63 -7.97 -8.84 7.16
CA SER A 63 -8.57 -7.65 6.55
C SER A 63 -9.33 -8.06 5.28
N ILE A 64 -8.74 -8.98 4.53
CA ILE A 64 -9.33 -9.48 3.30
C ILE A 64 -10.62 -10.24 3.60
N ALA A 65 -10.55 -11.04 4.65
CA ALA A 65 -11.69 -11.80 5.15
C ALA A 65 -12.86 -10.88 5.48
N ALA A 66 -12.58 -9.82 6.23
CA ALA A 66 -13.59 -8.86 6.60
C ALA A 66 -14.20 -8.22 5.35
N LEU A 67 -13.33 -7.93 4.39
CA LEU A 67 -13.75 -7.36 3.12
C LEU A 67 -14.62 -8.35 2.34
N LYS A 68 -14.25 -9.62 2.34
CA LYS A 68 -15.03 -10.63 1.65
C LYS A 68 -16.45 -10.72 2.21
N LYS A 69 -16.55 -10.57 3.52
CA LYS A 69 -17.83 -10.65 4.22
C LYS A 69 -18.71 -9.46 3.88
N LYS A 70 -18.13 -8.28 3.80
CA LYS A 70 -18.87 -7.07 3.47
C LYS A 70 -19.08 -6.93 1.96
N SER A 71 -18.02 -7.07 1.20
CA SER A 71 -18.07 -6.90 -0.24
C SER A 71 -17.23 -7.98 -0.90
N PRO A 72 -17.91 -9.04 -1.39
CA PRO A 72 -17.29 -10.22 -2.00
C PRO A 72 -16.20 -9.86 -3.00
N GLU A 73 -16.58 -9.01 -3.95
CA GLU A 73 -15.69 -8.56 -5.01
C GLU A 73 -14.49 -7.79 -4.47
N LEU A 74 -14.66 -7.01 -3.41
CA LEU A 74 -13.56 -6.18 -2.96
C LEU A 74 -12.53 -7.05 -2.24
N GLY A 75 -13.05 -8.01 -1.47
CA GLY A 75 -12.19 -8.97 -0.80
C GLY A 75 -11.48 -9.86 -1.79
N ALA A 76 -12.17 -10.24 -2.85
CA ALA A 76 -11.56 -10.99 -3.93
C ALA A 76 -10.52 -10.13 -4.65
N LYS A 77 -10.86 -8.85 -4.82
CA LYS A 77 -9.98 -7.89 -5.45
C LYS A 77 -8.64 -7.82 -4.72
N VAL A 78 -8.68 -7.52 -3.43
CA VAL A 78 -7.48 -7.43 -2.63
C VAL A 78 -6.79 -8.79 -2.50
N GLU A 79 -7.58 -9.85 -2.53
CA GLU A 79 -7.04 -11.20 -2.45
C GLU A 79 -6.16 -11.51 -3.66
N LYS A 80 -6.74 -11.46 -4.85
CA LYS A 80 -6.00 -11.85 -6.05
C LYS A 80 -4.80 -10.93 -6.26
N LEU A 81 -4.98 -9.69 -5.84
CA LEU A 81 -3.94 -8.68 -5.96
C LEU A 81 -2.75 -8.97 -5.04
N HIS A 82 -3.02 -9.32 -3.80
CA HIS A 82 -1.94 -9.53 -2.84
C HIS A 82 -1.34 -10.92 -3.06
N ALA A 83 -2.12 -11.76 -3.73
CA ALA A 83 -1.66 -13.06 -4.14
C ALA A 83 -0.49 -12.95 -5.12
N MET A 84 -0.64 -12.06 -6.11
CA MET A 84 0.42 -11.78 -7.06
C MET A 84 1.64 -11.25 -6.31
N VAL A 85 1.38 -10.33 -5.40
CA VAL A 85 2.41 -9.75 -4.55
C VAL A 85 3.15 -10.83 -3.80
N LYS A 86 2.42 -11.82 -3.32
CA LYS A 86 3.01 -12.95 -2.62
C LYS A 86 3.87 -13.80 -3.55
N SER A 87 3.51 -13.88 -4.82
CA SER A 87 4.28 -14.66 -5.79
C SER A 87 5.74 -14.20 -5.80
N LYS A 88 5.94 -12.90 -5.75
CA LYS A 88 7.28 -12.32 -5.73
C LYS A 88 7.94 -12.59 -4.38
N ILE A 89 7.18 -12.41 -3.30
CA ILE A 89 7.71 -12.61 -1.96
C ILE A 89 7.96 -14.10 -1.69
N ALA A 90 7.30 -14.94 -2.45
CA ALA A 90 7.46 -16.38 -2.34
C ALA A 90 8.72 -16.82 -3.05
N ALA A 91 9.03 -16.09 -4.11
CA ALA A 91 10.22 -16.33 -4.91
C ALA A 91 11.39 -15.52 -4.37
N LEU A 92 11.13 -14.77 -3.31
CA LEU A 92 12.11 -13.87 -2.72
C LEU A 92 12.87 -14.59 -1.62
N GLY A 93 14.19 -14.46 -1.64
CA GLY A 93 15.01 -15.09 -0.62
C GLY A 93 14.80 -14.50 0.75
N PRO A 94 15.14 -15.22 1.82
CA PRO A 94 14.89 -14.80 3.21
C PRO A 94 15.33 -13.35 3.49
N GLU A 95 16.41 -12.93 2.86
CA GLU A 95 16.95 -11.59 3.08
C GLU A 95 15.96 -10.56 2.57
N ALA A 96 15.58 -10.69 1.32
CA ALA A 96 14.73 -9.70 0.68
C ALA A 96 13.27 -9.90 1.07
N LYS A 97 12.91 -11.16 1.33
CA LYS A 97 11.55 -11.52 1.75
C LYS A 97 11.14 -10.74 2.99
N GLY A 98 12.03 -10.69 3.97
CA GLY A 98 11.74 -9.99 5.20
C GLY A 98 11.46 -8.52 4.97
N PHE A 99 12.26 -7.92 4.10
CA PHE A 99 12.08 -6.52 3.73
C PHE A 99 10.77 -6.32 2.98
N ALA A 100 10.49 -7.20 2.03
CA ALA A 100 9.29 -7.09 1.21
C ALA A 100 8.03 -7.04 2.06
N GLU A 101 7.94 -7.93 3.04
CA GLU A 101 6.77 -7.99 3.88
C GLU A 101 6.73 -6.81 4.84
N LYS A 102 7.89 -6.37 5.30
CA LYS A 102 7.99 -5.24 6.19
C LYS A 102 7.56 -3.97 5.49
N SER A 103 8.13 -3.73 4.31
CA SER A 103 7.86 -2.52 3.54
C SER A 103 6.42 -2.49 3.04
N ILE A 104 5.91 -3.65 2.63
CA ILE A 104 4.54 -3.74 2.12
C ILE A 104 3.53 -3.25 3.14
N GLU A 105 3.76 -3.57 4.42
CA GLU A 105 2.83 -3.16 5.47
C GLU A 105 2.94 -1.66 5.74
N ILE A 106 4.13 -1.11 5.54
CA ILE A 106 4.35 0.31 5.78
C ILE A 106 3.71 1.15 4.67
N ALA A 107 4.10 0.85 3.43
CA ALA A 107 3.60 1.59 2.27
C ALA A 107 2.10 1.44 2.12
N ARG A 108 1.64 0.20 2.17
CA ARG A 108 0.21 -0.09 2.03
C ARG A 108 -0.55 0.34 3.28
N GLY A 109 0.18 0.63 4.34
CA GLY A 109 -0.44 1.17 5.55
C GLY A 109 -0.76 2.63 5.40
N ILE A 110 0.02 3.33 4.58
CA ILE A 110 -0.20 4.73 4.30
C ILE A 110 -1.54 4.93 3.60
N LYS A 111 -1.78 4.15 2.56
CA LYS A 111 -3.06 4.21 1.85
C LYS A 111 -4.11 3.37 2.56
N ALA A 112 -3.74 2.81 3.70
CA ALA A 112 -4.69 2.12 4.56
C ALA A 112 -5.32 3.09 5.54
N ARG A 113 -4.55 4.08 5.96
CA ARG A 113 -5.08 5.15 6.80
C ARG A 113 -5.66 6.24 5.92
N TYR A 114 -5.67 5.97 4.61
CA TYR A 114 -6.49 6.73 3.68
C TYR A 114 -7.90 6.15 3.65
N TYR A 115 -7.98 4.82 3.73
CA TYR A 115 -9.26 4.11 3.64
C TYR A 115 -10.24 4.60 4.70
N THR A 116 -9.71 4.81 5.90
CA THR A 116 -10.50 5.13 7.08
C THR A 116 -11.18 6.49 6.97
N GLY A 117 -10.83 7.25 5.95
CA GLY A 117 -11.33 8.60 5.83
C GLY A 117 -10.34 9.60 6.37
N ASN A 118 -9.19 9.10 6.79
CA ASN A 118 -8.13 9.95 7.30
C ASN A 118 -7.15 10.23 6.18
N GLU A 119 -6.23 11.14 6.42
CA GLU A 119 -5.26 11.51 5.42
C GLU A 119 -3.87 11.67 6.03
N PRO A 120 -2.95 10.76 5.71
CA PRO A 120 -1.55 10.88 6.13
C PRO A 120 -0.91 12.13 5.54
N THR A 121 -0.04 12.78 6.29
CA THR A 121 0.64 13.96 5.80
C THR A 121 1.75 13.55 4.84
N LYS A 122 2.29 14.48 4.06
CA LYS A 122 3.37 14.13 3.16
C LYS A 122 4.59 13.69 3.96
N ASP A 123 4.66 14.11 5.22
CA ASP A 123 5.73 13.69 6.12
C ASP A 123 5.55 12.24 6.53
N ASP A 124 4.29 11.84 6.70
CA ASP A 124 3.97 10.43 6.97
C ASP A 124 4.44 9.58 5.79
N LEU A 125 4.21 10.10 4.58
CA LEU A 125 4.65 9.46 3.34
C LEU A 125 6.17 9.43 3.27
N LYS A 126 6.80 10.57 3.57
CA LYS A 126 8.25 10.66 3.58
C LYS A 126 8.84 9.61 4.52
N ALA A 127 8.29 9.55 5.73
CA ALA A 127 8.74 8.59 6.72
C ALA A 127 8.54 7.15 6.25
N SER A 128 7.40 6.88 5.64
CA SER A 128 7.06 5.52 5.22
C SER A 128 8.05 4.97 4.19
N VAL A 129 8.50 5.82 3.26
CA VAL A 129 9.39 5.35 2.22
C VAL A 129 10.82 5.33 2.73
N LYS A 130 11.05 6.15 3.75
CA LYS A 130 12.32 6.28 4.40
C LYS A 130 12.67 5.01 5.17
N GLU A 131 11.73 4.53 5.97
CA GLU A 131 11.98 3.35 6.79
C GLU A 131 12.20 2.12 5.92
N VAL A 132 11.49 2.03 4.80
CA VAL A 132 11.72 0.93 3.86
C VAL A 132 13.09 1.07 3.21
N LEU A 133 13.60 2.28 3.11
CA LEU A 133 14.98 2.49 2.67
C LEU A 133 15.93 2.09 3.79
N LYS A 134 15.53 2.39 5.02
CA LYS A 134 16.31 2.04 6.19
C LYS A 134 16.53 0.54 6.21
N LEU A 135 15.46 -0.20 5.96
CA LEU A 135 15.55 -1.63 5.74
C LEU A 135 16.35 -1.96 4.49
N TYR A 136 15.98 -1.40 3.33
CA TYR A 136 16.52 -1.91 2.08
C TYR A 136 18.01 -1.60 1.94
N LYS A 137 18.43 -0.45 2.44
CA LYS A 137 19.84 -0.04 2.37
C LYS A 137 20.72 -0.97 3.19
N ALA A 138 20.13 -1.63 4.19
CA ALA A 138 20.88 -2.46 5.12
C ALA A 138 20.93 -3.93 4.70
N MET A 139 20.20 -4.28 3.64
CA MET A 139 20.18 -5.67 3.20
C MET A 139 21.48 -6.06 2.52
N SER A 140 21.77 -7.36 2.50
CA SER A 140 22.91 -7.88 1.75
C SER A 140 22.75 -7.55 0.26
N ASP A 141 23.86 -7.43 -0.45
CA ASP A 141 23.79 -7.02 -1.85
C ASP A 141 23.00 -8.03 -2.69
N ALA A 142 23.21 -9.32 -2.41
CA ALA A 142 22.47 -10.37 -3.09
C ALA A 142 20.98 -10.27 -2.78
N GLY A 143 20.67 -9.83 -1.57
CA GLY A 143 19.29 -9.64 -1.18
C GLY A 143 18.67 -8.46 -1.90
N LYS A 144 19.46 -7.41 -2.11
CA LYS A 144 19.00 -6.22 -2.81
C LYS A 144 18.71 -6.56 -4.27
N ALA A 145 19.62 -7.31 -4.88
CA ALA A 145 19.47 -7.74 -6.26
C ALA A 145 18.30 -8.69 -6.42
N ASP A 146 18.07 -9.54 -5.42
CA ASP A 146 17.03 -10.54 -5.49
C ASP A 146 15.66 -9.89 -5.31
N PHE A 147 15.64 -8.78 -4.59
CA PHE A 147 14.45 -7.97 -4.48
C PHE A 147 14.09 -7.38 -5.85
N GLY A 148 15.12 -7.13 -6.66
CA GLY A 148 14.92 -6.48 -7.95
C GLY A 148 14.21 -7.35 -8.97
N LYS A 149 14.33 -8.66 -8.83
CA LYS A 149 13.71 -9.57 -9.78
C LYS A 149 12.26 -9.85 -9.41
N GLN A 150 11.99 -9.84 -8.11
CA GLN A 150 10.65 -10.12 -7.61
C GLN A 150 9.83 -8.84 -7.54
N PHE A 151 10.43 -7.76 -7.09
CA PHE A 151 9.77 -6.46 -7.06
C PHE A 151 10.59 -5.42 -7.82
N PRO A 152 10.55 -5.48 -9.17
CA PRO A 152 11.38 -4.62 -10.03
C PRO A 152 11.05 -3.14 -9.87
N PHE A 153 9.76 -2.84 -9.78
CA PHE A 153 9.29 -1.46 -9.69
C PHE A 153 9.90 -0.75 -8.48
N LEU A 154 9.90 -1.44 -7.33
CA LEU A 154 10.40 -0.84 -6.11
C LEU A 154 11.92 -0.80 -6.11
N ALA A 155 12.55 -1.87 -6.56
CA ALA A 155 14.01 -1.90 -6.66
C ALA A 155 14.50 -0.77 -7.57
N LYS A 156 13.76 -0.57 -8.65
CA LYS A 156 13.96 0.55 -9.56
C LYS A 156 14.09 1.87 -8.79
N VAL A 157 12.99 2.28 -8.18
CA VAL A 157 12.92 3.56 -7.48
C VAL A 157 13.89 3.63 -6.30
N PHE A 158 14.20 2.49 -5.69
CA PHE A 158 15.11 2.50 -4.55
C PHE A 158 16.54 2.75 -4.99
N GLU A 159 16.99 2.00 -6.00
CA GLU A 159 18.37 2.10 -6.45
C GLU A 159 18.62 3.39 -7.20
N SER A 160 17.60 3.87 -7.91
CA SER A 160 17.71 5.11 -8.66
C SER A 160 17.77 6.31 -7.71
N GLY A 161 17.17 6.14 -6.53
CA GLY A 161 17.17 7.21 -5.55
C GLY A 161 15.88 7.99 -5.57
N LYS A 162 14.92 7.51 -6.35
CA LYS A 162 13.62 8.15 -6.48
C LYS A 162 12.88 8.15 -5.14
N ALA A 163 12.83 6.99 -4.50
CA ALA A 163 12.21 6.87 -3.18
C ALA A 163 13.08 7.56 -2.14
N ALA A 164 14.39 7.47 -2.33
CA ALA A 164 15.34 8.11 -1.45
C ALA A 164 15.10 9.62 -1.40
N LYS A 165 15.08 10.23 -2.58
CA LYS A 165 14.86 11.67 -2.72
C LYS A 165 13.58 12.10 -1.98
N PHE A 166 12.54 11.30 -2.11
CA PHE A 166 11.27 11.56 -1.45
C PHE A 166 11.44 11.70 0.07
N ALA A 167 12.20 10.78 0.65
CA ALA A 167 12.42 10.74 2.10
C ALA A 167 13.56 11.63 2.55
N GLY A 168 14.34 12.15 1.61
CA GLY A 168 15.54 12.88 1.97
C GLY A 168 16.70 11.94 2.20
N GLU A 169 16.62 10.80 1.50
CA GLU A 169 17.61 9.73 1.59
C GLU A 169 17.51 9.00 2.93
N ASN A 170 18.29 7.95 3.11
CA ASN A 170 18.28 7.20 4.36
C ASN A 170 19.23 7.86 5.37
N MET A 1 -19.29 36.31 3.70
CA MET A 1 -19.90 35.71 2.48
C MET A 1 -18.81 35.10 1.61
N GLY A 2 -19.12 33.96 1.01
CA GLY A 2 -18.17 33.30 0.14
C GLY A 2 -18.07 31.82 0.44
N SER A 3 -17.87 31.03 -0.59
CA SER A 3 -17.78 29.58 -0.43
C SER A 3 -16.42 29.06 -0.89
N SER A 4 -15.59 29.95 -1.44
CA SER A 4 -14.31 29.56 -2.01
C SER A 4 -13.21 29.50 -0.95
N HIS A 5 -13.51 28.85 0.18
CA HIS A 5 -12.52 28.70 1.24
C HIS A 5 -12.89 27.55 2.18
N HIS A 6 -13.67 26.61 1.67
CA HIS A 6 -14.08 25.45 2.46
C HIS A 6 -13.56 24.18 1.78
N HIS A 7 -12.24 24.06 1.71
CA HIS A 7 -11.64 22.91 1.06
C HIS A 7 -10.43 22.42 1.85
N HIS A 8 -10.49 21.16 2.26
CA HIS A 8 -9.34 20.45 2.84
C HIS A 8 -8.72 21.24 4.00
N HIS A 9 -9.33 21.16 5.17
CA HIS A 9 -8.79 21.83 6.36
C HIS A 9 -8.34 20.81 7.40
N HIS A 10 -9.26 20.35 8.24
CA HIS A 10 -8.91 19.35 9.25
C HIS A 10 -10.05 18.36 9.47
N SER A 11 -11.00 18.35 8.54
CA SER A 11 -12.13 17.45 8.62
C SER A 11 -12.33 16.74 7.28
N SER A 12 -11.23 16.56 6.56
CA SER A 12 -11.28 15.92 5.26
C SER A 12 -11.22 14.40 5.41
N GLY A 13 -11.23 13.69 4.28
CA GLY A 13 -11.26 12.25 4.32
C GLY A 13 -12.69 11.75 4.19
N HIS A 14 -13.45 12.39 3.33
CA HIS A 14 -14.86 12.06 3.14
C HIS A 14 -15.02 10.91 2.16
N MET A 15 -14.27 10.97 1.06
CA MET A 15 -14.33 9.94 0.04
C MET A 15 -13.00 9.85 -0.69
N PHE A 16 -12.25 8.80 -0.36
CA PHE A 16 -10.96 8.52 -0.96
C PHE A 16 -11.02 8.60 -2.48
N LYS A 17 -10.39 9.62 -3.03
CA LYS A 17 -10.33 9.83 -4.48
C LYS A 17 -8.98 9.41 -5.00
N TYR A 18 -8.46 8.32 -4.42
CA TYR A 18 -7.04 8.03 -4.44
C TYR A 18 -6.33 9.22 -3.80
N GLU A 19 -7.14 9.92 -3.00
CA GLU A 19 -6.75 11.09 -2.21
C GLU A 19 -5.84 12.06 -2.91
N ASP A 20 -5.92 12.13 -4.24
CA ASP A 20 -5.00 12.97 -5.02
C ASP A 20 -3.56 12.83 -4.50
N ILE A 21 -3.22 11.62 -4.03
CA ILE A 21 -1.94 11.35 -3.40
C ILE A 21 -0.77 11.79 -4.27
N PRO A 22 0.21 12.48 -3.65
CA PRO A 22 1.42 12.94 -4.33
C PRO A 22 1.92 11.96 -5.37
N ALA A 23 1.85 12.39 -6.63
CA ALA A 23 2.22 11.54 -7.75
C ALA A 23 3.69 11.16 -7.69
N ASP A 24 4.45 11.89 -6.88
CA ASP A 24 5.87 11.60 -6.73
C ASP A 24 6.03 10.24 -6.05
N TYR A 25 5.08 9.98 -5.15
CA TYR A 25 5.07 8.80 -4.31
C TYR A 25 4.35 7.64 -5.00
N ARG A 26 3.33 7.95 -5.79
CA ARG A 26 2.61 6.91 -6.52
C ARG A 26 3.51 6.32 -7.59
N ASP A 27 4.45 7.15 -8.05
CA ASP A 27 5.50 6.72 -8.96
C ASP A 27 6.35 5.62 -8.32
N LEU A 28 6.54 5.74 -7.00
CA LEU A 28 7.36 4.79 -6.25
C LEU A 28 6.58 3.50 -6.03
N MET A 29 5.28 3.62 -5.83
CA MET A 29 4.42 2.47 -5.57
C MET A 29 4.32 1.57 -6.79
N PRO A 30 4.46 0.26 -6.60
CA PRO A 30 4.34 -0.72 -7.68
C PRO A 30 2.89 -0.99 -8.05
N PRO A 31 2.64 -1.58 -9.23
CA PRO A 31 1.28 -1.88 -9.71
C PRO A 31 0.38 -2.49 -8.63
N GLU A 32 0.91 -3.46 -7.87
CA GLU A 32 0.13 -4.17 -6.86
C GLU A 32 -0.18 -3.30 -5.65
N ALA A 33 0.10 -2.00 -5.73
CA ALA A 33 -0.29 -1.06 -4.69
C ALA A 33 -1.10 0.09 -5.28
N ARG A 34 -0.93 0.31 -6.58
CA ARG A 34 -1.65 1.36 -7.27
C ARG A 34 -2.95 0.82 -7.86
N ASP A 35 -2.86 -0.35 -8.49
CA ASP A 35 -3.99 -0.97 -9.18
C ASP A 35 -5.22 -1.02 -8.28
N PHE A 36 -5.05 -1.53 -7.07
CA PHE A 36 -6.15 -1.61 -6.10
C PHE A 36 -6.83 -0.25 -5.90
N LEU A 37 -6.11 0.75 -5.43
CA LEU A 37 -6.75 2.04 -5.14
C LEU A 37 -7.07 2.80 -6.42
N GLN A 38 -6.61 2.29 -7.55
CA GLN A 38 -7.13 2.70 -8.85
C GLN A 38 -8.51 2.08 -9.11
N ASN A 39 -8.63 0.80 -8.77
CA ASN A 39 -9.86 0.01 -9.00
C ASN A 39 -11.01 0.53 -8.17
N LEU A 40 -10.77 0.76 -6.89
CA LEU A 40 -11.78 1.33 -6.00
C LEU A 40 -12.35 2.62 -6.59
N SER A 41 -13.67 2.70 -6.57
CA SER A 41 -14.37 3.79 -7.23
C SER A 41 -15.10 4.69 -6.22
N ASP A 42 -16.20 4.20 -5.64
CA ASP A 42 -16.96 5.02 -4.70
C ASP A 42 -17.45 4.19 -3.51
N GLY A 43 -18.56 3.50 -3.68
CA GLY A 43 -19.20 2.77 -2.59
C GLY A 43 -18.31 1.70 -1.99
N ASP A 44 -17.44 1.13 -2.82
CA ASP A 44 -16.55 0.06 -2.37
C ASP A 44 -15.43 0.60 -1.49
N LYS A 45 -15.34 1.93 -1.40
CA LYS A 45 -14.35 2.54 -0.53
C LYS A 45 -14.95 2.73 0.87
N THR A 46 -16.27 2.81 0.92
CA THR A 46 -16.99 2.94 2.18
C THR A 46 -16.74 1.71 3.06
N VAL A 47 -16.60 0.54 2.45
CA VAL A 47 -16.41 -0.69 3.19
C VAL A 47 -15.00 -0.80 3.77
N LEU A 48 -14.01 -0.24 3.06
CA LEU A 48 -12.64 -0.24 3.55
C LEU A 48 -12.54 0.26 4.99
N LYS A 49 -13.12 1.43 5.26
CA LYS A 49 -13.03 2.02 6.60
C LYS A 49 -13.73 1.13 7.63
N GLU A 50 -14.80 0.46 7.20
CA GLU A 50 -15.56 -0.43 8.07
C GLU A 50 -14.72 -1.63 8.47
N VAL A 51 -13.73 -1.95 7.65
CA VAL A 51 -12.82 -3.06 7.92
C VAL A 51 -11.59 -2.56 8.69
N PHE A 52 -11.04 -1.45 8.24
CA PHE A 52 -9.95 -0.78 8.94
C PHE A 52 -10.28 -0.48 10.39
N LYS A 53 -11.54 -0.15 10.68
CA LYS A 53 -11.92 0.14 12.07
C LYS A 53 -12.44 -1.12 12.76
N ALA A 54 -12.32 -2.26 12.08
CA ALA A 54 -12.77 -3.53 12.61
C ALA A 54 -11.59 -4.42 12.95
N GLY A 55 -10.40 -3.83 12.94
CA GLY A 55 -9.20 -4.56 13.31
C GLY A 55 -9.03 -4.67 14.82
N PRO A 56 -7.81 -4.90 15.31
CA PRO A 56 -6.61 -5.06 14.48
C PRO A 56 -6.53 -6.44 13.82
N TYR A 57 -5.67 -6.53 12.82
CA TYR A 57 -5.48 -7.76 12.07
C TYR A 57 -4.02 -8.17 12.16
N LYS A 58 -3.79 -9.45 12.41
CA LYS A 58 -2.45 -9.99 12.57
C LYS A 58 -1.80 -10.24 11.22
N ASN A 59 -2.61 -10.18 10.17
CA ASN A 59 -2.16 -10.44 8.82
C ASN A 59 -3.15 -9.85 7.81
N THR A 60 -2.73 -9.74 6.57
CA THR A 60 -3.58 -9.19 5.51
C THR A 60 -4.79 -10.10 5.27
N GLU A 61 -4.61 -11.39 5.50
CA GLU A 61 -5.66 -12.39 5.28
C GLU A 61 -6.95 -12.00 6.01
N GLU A 62 -6.81 -11.56 7.26
CA GLU A 62 -7.96 -11.11 8.05
C GLU A 62 -8.68 -9.95 7.37
N SER A 63 -7.91 -9.01 6.83
CA SER A 63 -8.47 -7.85 6.16
C SER A 63 -9.21 -8.28 4.90
N ILE A 64 -8.64 -9.24 4.18
CA ILE A 64 -9.26 -9.77 2.98
C ILE A 64 -10.56 -10.49 3.33
N ALA A 65 -10.51 -11.24 4.41
CA ALA A 65 -11.67 -11.95 4.93
C ALA A 65 -12.79 -10.99 5.30
N ALA A 66 -12.45 -9.97 6.07
CA ALA A 66 -13.40 -8.95 6.48
C ALA A 66 -14.05 -8.29 5.26
N LEU A 67 -13.24 -8.07 4.23
CA LEU A 67 -13.72 -7.49 2.98
C LEU A 67 -14.59 -8.49 2.24
N LYS A 68 -14.22 -9.76 2.23
CA LYS A 68 -15.00 -10.79 1.56
C LYS A 68 -16.39 -10.94 2.18
N LYS A 69 -16.49 -10.69 3.47
CA LYS A 69 -17.75 -10.82 4.19
C LYS A 69 -18.71 -9.68 3.82
N LYS A 70 -18.17 -8.49 3.63
CA LYS A 70 -18.98 -7.35 3.25
C LYS A 70 -19.15 -7.28 1.74
N SER A 71 -18.03 -7.26 1.03
CA SER A 71 -18.04 -7.14 -0.41
C SER A 71 -17.20 -8.27 -1.02
N PRO A 72 -17.86 -9.40 -1.32
CA PRO A 72 -17.23 -10.61 -1.84
C PRO A 72 -16.22 -10.35 -2.95
N GLU A 73 -16.71 -9.67 -3.99
CA GLU A 73 -15.92 -9.35 -5.17
C GLU A 73 -14.75 -8.43 -4.85
N LEU A 74 -14.93 -7.55 -3.87
CA LEU A 74 -13.88 -6.62 -3.53
C LEU A 74 -12.77 -7.37 -2.82
N GLY A 75 -13.20 -8.29 -1.96
CA GLY A 75 -12.30 -9.17 -1.27
C GLY A 75 -11.55 -10.07 -2.23
N ALA A 76 -12.21 -10.45 -3.32
CA ALA A 76 -11.57 -11.22 -4.38
C ALA A 76 -10.53 -10.36 -5.10
N LYS A 77 -10.78 -9.07 -5.19
CA LYS A 77 -9.86 -8.13 -5.82
C LYS A 77 -8.57 -8.01 -5.00
N VAL A 78 -8.71 -7.74 -3.72
CA VAL A 78 -7.54 -7.64 -2.84
C VAL A 78 -6.92 -9.03 -2.63
N GLU A 79 -7.72 -10.08 -2.79
CA GLU A 79 -7.24 -11.45 -2.69
C GLU A 79 -6.24 -11.77 -3.79
N LYS A 80 -6.68 -11.63 -5.03
CA LYS A 80 -5.86 -11.97 -6.17
C LYS A 80 -4.63 -11.08 -6.20
N LEU A 81 -4.84 -9.83 -5.76
CA LEU A 81 -3.79 -8.84 -5.68
C LEU A 81 -2.77 -9.22 -4.60
N HIS A 82 -3.24 -9.90 -3.57
CA HIS A 82 -2.38 -10.27 -2.46
C HIS A 82 -1.63 -11.53 -2.80
N ALA A 83 -2.32 -12.43 -3.50
CA ALA A 83 -1.71 -13.63 -4.03
C ALA A 83 -0.55 -13.29 -4.95
N MET A 84 -0.74 -12.25 -5.77
CA MET A 84 0.33 -11.73 -6.61
C MET A 84 1.55 -11.40 -5.78
N VAL A 85 1.34 -10.53 -4.80
CA VAL A 85 2.38 -10.10 -3.89
C VAL A 85 3.02 -11.29 -3.19
N LYS A 86 2.19 -12.21 -2.73
CA LYS A 86 2.66 -13.39 -2.02
C LYS A 86 3.49 -14.29 -2.93
N SER A 87 3.04 -14.49 -4.17
CA SER A 87 3.75 -15.34 -5.10
C SER A 87 5.18 -14.85 -5.34
N LYS A 88 5.33 -13.52 -5.33
CA LYS A 88 6.63 -12.90 -5.50
C LYS A 88 7.43 -12.96 -4.19
N ILE A 89 6.80 -12.63 -3.08
CA ILE A 89 7.49 -12.71 -1.78
C ILE A 89 7.79 -14.17 -1.44
N ALA A 90 7.11 -15.06 -2.13
CA ALA A 90 7.35 -16.49 -2.00
C ALA A 90 8.60 -16.89 -2.78
N ALA A 91 8.80 -16.19 -3.88
CA ALA A 91 9.96 -16.41 -4.75
C ALA A 91 11.15 -15.61 -4.25
N LEU A 92 10.93 -14.86 -3.19
CA LEU A 92 11.93 -13.98 -2.65
C LEU A 92 12.68 -14.64 -1.50
N GLY A 93 13.99 -14.46 -1.48
CA GLY A 93 14.80 -15.02 -0.41
C GLY A 93 14.48 -14.40 0.93
N PRO A 94 14.68 -15.14 2.04
CA PRO A 94 14.36 -14.70 3.41
C PRO A 94 14.68 -13.24 3.70
N GLU A 95 15.87 -12.81 3.29
CA GLU A 95 16.34 -11.46 3.59
C GLU A 95 15.55 -10.41 2.83
N ALA A 96 15.31 -10.66 1.56
CA ALA A 96 14.55 -9.71 0.74
C ALA A 96 13.06 -9.84 1.07
N LYS A 97 12.66 -11.05 1.39
CA LYS A 97 11.32 -11.40 1.82
C LYS A 97 10.85 -10.50 2.96
N GLY A 98 11.67 -10.41 4.01
CA GLY A 98 11.30 -9.63 5.18
C GLY A 98 11.05 -8.18 4.84
N PHE A 99 11.89 -7.63 3.97
CA PHE A 99 11.73 -6.26 3.54
C PHE A 99 10.48 -6.10 2.67
N ALA A 100 10.28 -7.04 1.74
CA ALA A 100 9.14 -6.99 0.84
C ALA A 100 7.83 -6.96 1.61
N GLU A 101 7.78 -7.70 2.71
CA GLU A 101 6.61 -7.72 3.55
C GLU A 101 6.42 -6.38 4.24
N LYS A 102 7.49 -5.85 4.83
CA LYS A 102 7.43 -4.58 5.56
C LYS A 102 7.13 -3.40 4.63
N SER A 103 7.80 -3.35 3.49
CA SER A 103 7.60 -2.25 2.55
C SER A 103 6.15 -2.16 2.10
N ILE A 104 5.59 -3.31 1.75
CA ILE A 104 4.18 -3.39 1.38
C ILE A 104 3.29 -2.94 2.53
N GLU A 105 3.63 -3.36 3.74
CA GLU A 105 2.85 -2.99 4.92
C GLU A 105 2.89 -1.49 5.19
N ILE A 106 4.08 -0.92 5.26
CA ILE A 106 4.25 0.49 5.58
C ILE A 106 3.55 1.39 4.55
N ALA A 107 3.71 1.05 3.28
CA ALA A 107 3.08 1.80 2.20
C ALA A 107 1.56 1.65 2.23
N ARG A 108 1.10 0.42 2.39
CA ARG A 108 -0.33 0.14 2.41
C ARG A 108 -1.00 0.71 3.65
N GLY A 109 -0.23 0.86 4.72
CA GLY A 109 -0.78 1.42 5.95
C GLY A 109 -1.10 2.89 5.81
N ILE A 110 -0.27 3.61 5.07
CA ILE A 110 -0.47 5.03 4.83
C ILE A 110 -1.82 5.30 4.16
N LYS A 111 -2.18 4.46 3.21
CA LYS A 111 -3.44 4.62 2.50
C LYS A 111 -4.52 3.74 3.11
N ALA A 112 -4.27 3.30 4.32
CA ALA A 112 -5.29 2.64 5.13
C ALA A 112 -5.83 3.62 6.15
N ARG A 113 -4.94 4.49 6.64
CA ARG A 113 -5.35 5.55 7.54
C ARG A 113 -5.87 6.74 6.73
N TYR A 114 -5.80 6.62 5.41
CA TYR A 114 -6.55 7.52 4.53
C TYR A 114 -8.00 7.04 4.45
N TYR A 115 -8.17 5.72 4.37
CA TYR A 115 -9.48 5.12 4.24
C TYR A 115 -10.31 5.28 5.50
N THR A 116 -9.64 5.29 6.65
CA THR A 116 -10.32 5.41 7.93
C THR A 116 -11.01 6.76 8.10
N GLY A 117 -10.65 7.71 7.25
CA GLY A 117 -11.18 9.05 7.34
C GLY A 117 -10.16 10.04 7.85
N ASN A 118 -8.92 9.59 7.91
CA ASN A 118 -7.82 10.44 8.37
C ASN A 118 -6.92 10.81 7.20
N GLU A 119 -6.02 11.75 7.41
CA GLU A 119 -5.09 12.15 6.36
C GLU A 119 -3.67 12.22 6.90
N PRO A 120 -2.81 11.24 6.56
CA PRO A 120 -1.39 11.32 6.87
C PRO A 120 -0.75 12.53 6.19
N THR A 121 0.14 13.23 6.87
CA THR A 121 0.76 14.40 6.29
C THR A 121 1.96 13.98 5.43
N LYS A 122 2.61 14.92 4.77
CA LYS A 122 3.71 14.57 3.87
C LYS A 122 4.87 13.94 4.65
N ASP A 123 4.95 14.27 5.94
CA ASP A 123 5.96 13.70 6.80
C ASP A 123 5.70 12.21 7.01
N ASP A 124 4.42 11.85 7.05
CA ASP A 124 4.02 10.45 7.21
C ASP A 124 4.46 9.64 6.00
N LEU A 125 4.23 10.18 4.81
CA LEU A 125 4.63 9.52 3.57
C LEU A 125 6.14 9.46 3.46
N LYS A 126 6.80 10.57 3.79
CA LYS A 126 8.23 10.65 3.78
C LYS A 126 8.83 9.61 4.73
N ALA A 127 8.24 9.49 5.91
CA ALA A 127 8.68 8.49 6.88
C ALA A 127 8.37 7.08 6.39
N SER A 128 7.19 6.90 5.82
CA SER A 128 6.78 5.62 5.27
C SER A 128 7.81 5.09 4.28
N VAL A 129 8.23 5.92 3.33
CA VAL A 129 9.16 5.49 2.32
C VAL A 129 10.58 5.46 2.89
N LYS A 130 10.78 6.29 3.91
CA LYS A 130 12.06 6.38 4.60
C LYS A 130 12.43 5.06 5.23
N GLU A 131 11.45 4.39 5.84
CA GLU A 131 11.73 3.14 6.53
C GLU A 131 11.97 2.02 5.53
N VAL A 132 11.23 2.01 4.43
CA VAL A 132 11.42 1.00 3.40
C VAL A 132 12.80 1.17 2.74
N LEU A 133 13.26 2.40 2.59
CA LEU A 133 14.61 2.66 2.14
C LEU A 133 15.61 2.30 3.22
N LYS A 134 15.22 2.54 4.46
CA LYS A 134 16.06 2.27 5.62
C LYS A 134 16.40 0.80 5.63
N LEU A 135 15.41 -0.02 5.32
CA LEU A 135 15.60 -1.43 5.14
C LEU A 135 16.36 -1.74 3.85
N TYR A 136 15.87 -1.23 2.71
CA TYR A 136 16.34 -1.74 1.43
C TYR A 136 17.79 -1.35 1.16
N LYS A 137 18.16 -0.14 1.56
CA LYS A 137 19.52 0.34 1.39
C LYS A 137 20.49 -0.43 2.27
N ALA A 138 19.99 -0.91 3.39
CA ALA A 138 20.80 -1.60 4.38
C ALA A 138 20.85 -3.11 4.14
N MET A 139 20.09 -3.59 3.15
CA MET A 139 20.08 -5.02 2.87
C MET A 139 21.34 -5.45 2.15
N SER A 140 21.62 -6.75 2.20
CA SER A 140 22.69 -7.34 1.43
C SER A 140 22.43 -7.10 -0.05
N ASP A 141 23.49 -6.73 -0.77
CA ASP A 141 23.40 -6.36 -2.19
C ASP A 141 22.78 -7.47 -3.02
N ALA A 142 23.13 -8.71 -2.72
CA ALA A 142 22.56 -9.86 -3.40
C ALA A 142 21.06 -9.96 -3.12
N GLY A 143 20.68 -9.63 -1.90
CA GLY A 143 19.28 -9.64 -1.51
C GLY A 143 18.53 -8.49 -2.17
N LYS A 144 19.22 -7.36 -2.35
CA LYS A 144 18.64 -6.22 -3.04
C LYS A 144 18.37 -6.58 -4.49
N ALA A 145 19.35 -7.21 -5.12
CA ALA A 145 19.24 -7.64 -6.50
C ALA A 145 18.17 -8.71 -6.64
N ASP A 146 18.05 -9.56 -5.62
CA ASP A 146 17.08 -10.64 -5.65
C ASP A 146 15.68 -10.06 -5.43
N PHE A 147 15.60 -9.01 -4.63
CA PHE A 147 14.37 -8.25 -4.48
C PHE A 147 13.97 -7.61 -5.80
N GLY A 148 14.97 -7.26 -6.61
CA GLY A 148 14.72 -6.64 -7.89
C GLY A 148 14.12 -7.59 -8.90
N LYS A 149 14.05 -8.86 -8.55
CA LYS A 149 13.45 -9.86 -9.41
C LYS A 149 11.95 -9.96 -9.12
N GLN A 150 11.63 -9.95 -7.84
CA GLN A 150 10.26 -10.12 -7.37
C GLN A 150 9.52 -8.79 -7.33
N PHE A 151 10.22 -7.72 -6.98
CA PHE A 151 9.65 -6.39 -6.99
C PHE A 151 10.61 -5.40 -7.65
N PRO A 152 10.70 -5.47 -9.00
CA PRO A 152 11.64 -4.66 -9.78
C PRO A 152 11.38 -3.16 -9.68
N PHE A 153 10.11 -2.79 -9.52
CA PHE A 153 9.72 -1.39 -9.47
C PHE A 153 10.35 -0.66 -8.31
N LEU A 154 10.34 -1.27 -7.13
CA LEU A 154 10.92 -0.63 -5.97
C LEU A 154 12.44 -0.63 -6.06
N ALA A 155 13.01 -1.76 -6.48
CA ALA A 155 14.46 -1.86 -6.69
C ALA A 155 14.93 -0.81 -7.70
N LYS A 156 14.05 -0.51 -8.64
CA LYS A 156 14.25 0.55 -9.61
C LYS A 156 14.38 1.92 -8.94
N VAL A 157 13.24 2.46 -8.52
CA VAL A 157 13.13 3.83 -8.06
C VAL A 157 13.95 4.09 -6.79
N PHE A 158 14.21 3.04 -6.01
CA PHE A 158 14.99 3.19 -4.79
C PHE A 158 16.45 3.48 -5.12
N GLU A 159 16.98 2.77 -6.11
CA GLU A 159 18.37 2.92 -6.51
C GLU A 159 18.56 4.14 -7.41
N SER A 160 17.49 4.52 -8.11
CA SER A 160 17.51 5.73 -8.94
C SER A 160 17.58 6.98 -8.07
N GLY A 161 17.43 6.79 -6.76
CA GLY A 161 17.57 7.88 -5.81
C GLY A 161 16.27 8.62 -5.58
N LYS A 162 15.22 8.25 -6.31
CA LYS A 162 13.96 8.97 -6.24
C LYS A 162 13.27 8.76 -4.90
N ALA A 163 13.09 7.50 -4.50
CA ALA A 163 12.46 7.19 -3.24
C ALA A 163 13.30 7.68 -2.07
N ALA A 164 14.61 7.51 -2.21
CA ALA A 164 15.55 8.04 -1.22
C ALA A 164 15.38 9.55 -1.09
N LYS A 165 15.25 10.23 -2.23
CA LYS A 165 15.06 11.69 -2.23
C LYS A 165 13.78 12.06 -1.51
N PHE A 166 12.72 11.30 -1.76
CA PHE A 166 11.44 11.51 -1.11
C PHE A 166 11.57 11.32 0.40
N ALA A 167 12.42 10.38 0.79
CA ALA A 167 12.64 10.06 2.20
C ALA A 167 13.57 11.08 2.88
N GLY A 168 14.53 11.57 2.11
CA GLY A 168 15.54 12.46 2.67
C GLY A 168 16.89 11.78 2.74
N GLU A 169 17.08 10.80 1.85
CA GLU A 169 18.29 9.99 1.76
C GLU A 169 18.41 9.09 3.00
N ASN A 170 19.40 8.22 3.01
CA ASN A 170 19.57 7.27 4.10
C ASN A 170 21.04 7.21 4.51
N MET A 1 -24.73 -5.80 8.71
CA MET A 1 -24.15 -5.99 7.36
C MET A 1 -23.00 -5.01 7.13
N GLY A 2 -23.25 -3.73 7.39
CA GLY A 2 -22.20 -2.74 7.23
C GLY A 2 -22.76 -1.35 7.01
N SER A 3 -22.74 -0.91 5.77
CA SER A 3 -23.21 0.43 5.44
C SER A 3 -24.72 0.41 5.19
N SER A 4 -25.47 0.66 6.25
CA SER A 4 -26.92 0.76 6.15
C SER A 4 -27.38 2.12 6.66
N HIS A 5 -26.50 3.10 6.52
CA HIS A 5 -26.75 4.44 7.02
C HIS A 5 -27.64 5.21 6.05
N HIS A 6 -28.92 5.32 6.42
CA HIS A 6 -29.93 5.97 5.57
C HIS A 6 -29.54 7.40 5.21
N HIS A 7 -28.99 8.12 6.18
CA HIS A 7 -28.57 9.50 5.95
C HIS A 7 -27.26 9.54 5.18
N HIS A 8 -27.36 9.56 3.86
CA HIS A 8 -26.19 9.59 3.00
C HIS A 8 -25.75 11.03 2.72
N HIS A 9 -24.95 11.58 3.63
CA HIS A 9 -24.37 12.89 3.41
C HIS A 9 -23.08 12.74 2.62
N HIS A 10 -23.22 12.51 1.33
CA HIS A 10 -22.08 12.22 0.47
C HIS A 10 -21.44 13.53 -0.01
N SER A 11 -20.40 13.96 0.67
CA SER A 11 -19.70 15.17 0.31
C SER A 11 -18.20 14.97 0.51
N SER A 12 -17.41 15.92 -0.01
CA SER A 12 -15.96 15.85 0.06
C SER A 12 -15.46 15.82 1.50
N GLY A 13 -14.65 14.81 1.82
CA GLY A 13 -14.10 14.70 3.15
C GLY A 13 -14.52 13.42 3.85
N HIS A 14 -15.45 12.69 3.24
CA HIS A 14 -15.96 11.46 3.84
C HIS A 14 -15.73 10.27 2.93
N MET A 15 -15.09 10.51 1.80
CA MET A 15 -14.79 9.45 0.84
C MET A 15 -13.62 9.86 -0.05
N PHE A 16 -12.42 9.50 0.38
CA PHE A 16 -11.19 9.91 -0.30
C PHE A 16 -11.11 9.32 -1.70
N LYS A 17 -10.34 9.96 -2.55
CA LYS A 17 -10.10 9.48 -3.89
C LYS A 17 -8.62 9.19 -4.09
N TYR A 18 -8.32 8.33 -5.05
CA TYR A 18 -6.95 8.03 -5.41
C TYR A 18 -6.28 9.26 -6.02
N GLU A 19 -7.12 10.19 -6.44
CA GLU A 19 -6.66 11.43 -7.05
C GLU A 19 -6.30 12.46 -5.99
N ASP A 20 -6.75 12.23 -4.76
CA ASP A 20 -6.50 13.18 -3.68
C ASP A 20 -5.24 12.80 -2.91
N ILE A 21 -4.68 11.65 -3.28
CA ILE A 21 -3.42 11.20 -2.72
C ILE A 21 -2.27 11.82 -3.51
N PRO A 22 -1.23 12.32 -2.81
CA PRO A 22 -0.05 12.91 -3.45
C PRO A 22 0.49 12.05 -4.59
N ALA A 23 0.40 12.59 -5.80
CA ALA A 23 0.81 11.85 -7.00
C ALA A 23 2.29 11.55 -6.99
N ASP A 24 3.07 12.33 -6.25
CA ASP A 24 4.51 12.09 -6.16
C ASP A 24 4.77 10.74 -5.52
N TYR A 25 3.91 10.42 -4.56
CA TYR A 25 4.00 9.19 -3.79
C TYR A 25 3.24 8.06 -4.48
N ARG A 26 2.34 8.42 -5.39
CA ARG A 26 1.61 7.42 -6.17
C ARG A 26 2.53 6.83 -7.23
N ASP A 27 3.53 7.62 -7.60
CA ASP A 27 4.58 7.17 -8.49
C ASP A 27 5.43 6.10 -7.82
N LEU A 28 5.45 6.15 -6.48
CA LEU A 28 6.23 5.18 -5.70
C LEU A 28 5.41 3.93 -5.41
N MET A 29 4.24 3.83 -6.03
CA MET A 29 3.39 2.67 -5.84
C MET A 29 3.66 1.64 -6.94
N PRO A 30 4.04 0.41 -6.55
CA PRO A 30 4.27 -0.67 -7.50
C PRO A 30 2.99 -1.08 -8.21
N PRO A 31 3.08 -1.56 -9.46
CA PRO A 31 1.90 -1.85 -10.29
C PRO A 31 0.80 -2.61 -9.55
N GLU A 32 1.18 -3.64 -8.81
CA GLU A 32 0.22 -4.44 -8.06
C GLU A 32 -0.58 -3.58 -7.08
N ALA A 33 0.12 -2.78 -6.29
CA ALA A 33 -0.51 -1.98 -5.24
C ALA A 33 -1.32 -0.82 -5.82
N ARG A 34 -0.81 -0.22 -6.90
CA ARG A 34 -1.49 0.92 -7.49
C ARG A 34 -2.70 0.50 -8.31
N ASP A 35 -2.64 -0.72 -8.86
CA ASP A 35 -3.79 -1.29 -9.58
C ASP A 35 -5.02 -1.32 -8.68
N PHE A 36 -4.83 -1.77 -7.45
CA PHE A 36 -5.90 -1.80 -6.46
C PHE A 36 -6.55 -0.43 -6.26
N LEU A 37 -5.81 0.59 -5.86
CA LEU A 37 -6.44 1.91 -5.67
C LEU A 37 -6.73 2.58 -7.02
N GLN A 38 -6.27 2.00 -8.11
CA GLN A 38 -6.78 2.36 -9.42
C GLN A 38 -8.23 1.85 -9.58
N ASN A 39 -8.48 0.66 -9.03
CA ASN A 39 -9.81 0.04 -9.11
C ASN A 39 -10.79 0.76 -8.20
N LEU A 40 -10.40 0.88 -6.94
CA LEU A 40 -11.23 1.51 -5.92
C LEU A 40 -11.63 2.91 -6.35
N SER A 41 -12.93 3.19 -6.23
CA SER A 41 -13.48 4.45 -6.73
C SER A 41 -14.33 5.13 -5.66
N ASP A 42 -15.58 4.71 -5.54
CA ASP A 42 -16.49 5.28 -4.54
C ASP A 42 -17.41 4.19 -4.01
N GLY A 43 -17.90 4.36 -2.80
CA GLY A 43 -18.71 3.33 -2.18
C GLY A 43 -17.86 2.27 -1.51
N ASP A 44 -16.84 1.82 -2.22
CA ASP A 44 -15.88 0.87 -1.67
C ASP A 44 -15.08 1.53 -0.57
N LYS A 45 -14.89 2.84 -0.68
CA LYS A 45 -14.20 3.60 0.33
C LYS A 45 -14.96 3.55 1.65
N THR A 46 -16.23 3.17 1.57
CA THR A 46 -17.04 2.96 2.75
C THR A 46 -16.65 1.66 3.44
N VAL A 47 -16.48 0.58 2.66
CA VAL A 47 -16.17 -0.71 3.25
C VAL A 47 -14.73 -0.74 3.75
N LEU A 48 -13.81 -0.18 2.96
CA LEU A 48 -12.42 -0.08 3.38
C LEU A 48 -12.31 0.65 4.72
N LYS A 49 -13.17 1.64 4.92
CA LYS A 49 -13.12 2.48 6.12
C LYS A 49 -13.56 1.70 7.35
N GLU A 50 -14.40 0.70 7.17
CA GLU A 50 -14.87 -0.12 8.27
C GLU A 50 -14.04 -1.40 8.44
N VAL A 51 -13.47 -1.87 7.34
CA VAL A 51 -12.64 -3.07 7.37
C VAL A 51 -11.20 -2.75 7.78
N PHE A 52 -10.76 -1.54 7.50
CA PHE A 52 -9.55 -1.00 8.10
C PHE A 52 -9.72 -0.60 9.56
N LYS A 53 -10.94 -0.27 10.00
CA LYS A 53 -11.18 -0.19 11.44
C LYS A 53 -11.27 -1.64 11.95
N ALA A 54 -11.49 -2.51 10.98
CA ALA A 54 -11.13 -3.90 11.03
C ALA A 54 -11.91 -4.78 11.98
N GLY A 55 -11.58 -4.72 13.25
CA GLY A 55 -11.89 -5.84 14.11
C GLY A 55 -11.43 -5.68 15.53
N PRO A 56 -10.11 -5.78 15.78
CA PRO A 56 -9.09 -5.88 14.74
C PRO A 56 -8.77 -7.29 14.27
N TYR A 57 -7.95 -7.36 13.22
CA TYR A 57 -7.49 -8.61 12.62
C TYR A 57 -6.09 -8.95 13.09
N LYS A 58 -5.76 -10.23 13.03
CA LYS A 58 -4.42 -10.71 13.34
C LYS A 58 -3.64 -11.02 12.05
N ASN A 59 -4.34 -11.04 10.94
CA ASN A 59 -3.72 -11.37 9.66
C ASN A 59 -4.52 -10.82 8.49
N THR A 60 -3.89 -10.72 7.31
CA THR A 60 -4.54 -10.18 6.12
C THR A 60 -5.77 -11.00 5.74
N GLU A 61 -5.69 -12.32 5.96
CA GLU A 61 -6.79 -13.24 5.66
C GLU A 61 -8.12 -12.76 6.24
N GLU A 62 -8.08 -12.19 7.44
CA GLU A 62 -9.30 -11.71 8.10
C GLU A 62 -9.86 -10.49 7.41
N SER A 63 -9.00 -9.68 6.83
CA SER A 63 -9.43 -8.49 6.11
C SER A 63 -10.09 -8.90 4.80
N ILE A 64 -9.48 -9.85 4.12
CA ILE A 64 -10.03 -10.39 2.88
C ILE A 64 -11.35 -11.10 3.17
N ALA A 65 -11.36 -11.87 4.25
CA ALA A 65 -12.57 -12.50 4.75
C ALA A 65 -13.65 -11.47 5.03
N ALA A 66 -13.27 -10.41 5.74
CA ALA A 66 -14.19 -9.34 6.07
C ALA A 66 -14.78 -8.73 4.81
N LEU A 67 -13.90 -8.51 3.84
CA LEU A 67 -14.29 -7.91 2.57
C LEU A 67 -15.16 -8.86 1.77
N LYS A 68 -14.83 -10.15 1.76
CA LYS A 68 -15.65 -11.12 1.05
C LYS A 68 -17.03 -11.25 1.71
N LYS A 69 -17.11 -10.88 2.98
CA LYS A 69 -18.38 -10.91 3.70
C LYS A 69 -19.18 -9.63 3.45
N LYS A 70 -18.47 -8.53 3.26
CA LYS A 70 -19.08 -7.23 3.05
C LYS A 70 -19.31 -6.97 1.56
N SER A 71 -18.22 -6.96 0.81
CA SER A 71 -18.26 -6.69 -0.61
C SER A 71 -17.53 -7.79 -1.36
N PRO A 72 -18.25 -8.88 -1.67
CA PRO A 72 -17.68 -10.14 -2.18
C PRO A 72 -16.63 -9.95 -3.25
N GLU A 73 -17.05 -9.32 -4.34
CA GLU A 73 -16.23 -9.12 -5.52
C GLU A 73 -15.03 -8.20 -5.21
N LEU A 74 -15.17 -7.33 -4.20
CA LEU A 74 -14.07 -6.43 -3.86
C LEU A 74 -12.99 -7.21 -3.12
N GLY A 75 -13.46 -8.12 -2.25
CA GLY A 75 -12.55 -8.97 -1.52
C GLY A 75 -11.75 -9.85 -2.45
N ALA A 76 -12.36 -10.22 -3.57
CA ALA A 76 -11.67 -10.96 -4.62
C ALA A 76 -10.55 -10.12 -5.20
N LYS A 77 -10.75 -8.80 -5.29
CA LYS A 77 -9.71 -7.90 -5.75
C LYS A 77 -8.51 -7.96 -4.81
N VAL A 78 -8.78 -7.94 -3.52
CA VAL A 78 -7.73 -7.98 -2.51
C VAL A 78 -7.09 -9.37 -2.47
N GLU A 79 -7.92 -10.40 -2.61
CA GLU A 79 -7.45 -11.77 -2.55
C GLU A 79 -6.52 -12.09 -3.71
N LYS A 80 -6.87 -11.66 -4.93
CA LYS A 80 -6.01 -11.91 -6.08
C LYS A 80 -4.71 -11.14 -5.89
N LEU A 81 -4.83 -9.91 -5.40
CA LEU A 81 -3.70 -9.03 -5.19
C LEU A 81 -2.78 -9.59 -4.12
N HIS A 82 -3.35 -10.24 -3.12
CA HIS A 82 -2.59 -10.71 -1.99
C HIS A 82 -1.78 -11.91 -2.43
N ALA A 83 -2.43 -12.74 -3.24
CA ALA A 83 -1.79 -13.90 -3.82
C ALA A 83 -0.68 -13.48 -4.78
N MET A 84 -0.92 -12.41 -5.51
CA MET A 84 0.08 -11.83 -6.42
C MET A 84 1.31 -11.38 -5.65
N VAL A 85 1.09 -10.49 -4.68
CA VAL A 85 2.16 -9.97 -3.84
C VAL A 85 2.86 -11.11 -3.11
N LYS A 86 2.06 -12.03 -2.57
CA LYS A 86 2.60 -13.19 -1.86
C LYS A 86 3.40 -14.08 -2.78
N SER A 87 2.99 -14.19 -4.04
CA SER A 87 3.71 -15.00 -5.02
C SER A 87 5.16 -14.51 -5.14
N LYS A 88 5.31 -13.21 -5.30
CA LYS A 88 6.62 -12.59 -5.40
C LYS A 88 7.37 -12.72 -4.07
N ILE A 89 6.71 -12.40 -2.98
CA ILE A 89 7.35 -12.48 -1.67
C ILE A 89 7.67 -13.93 -1.28
N ALA A 90 6.94 -14.87 -1.86
CA ALA A 90 7.22 -16.29 -1.68
C ALA A 90 8.46 -16.70 -2.45
N ALA A 91 8.67 -16.02 -3.57
CA ALA A 91 9.81 -16.29 -4.44
C ALA A 91 11.02 -15.49 -4.01
N LEU A 92 10.83 -14.69 -2.98
CA LEU A 92 11.88 -13.81 -2.49
C LEU A 92 12.63 -14.46 -1.34
N GLY A 93 13.95 -14.48 -1.42
CA GLY A 93 14.74 -15.08 -0.37
C GLY A 93 14.57 -14.38 0.96
N PRO A 94 14.75 -15.11 2.09
CA PRO A 94 14.53 -14.59 3.45
C PRO A 94 15.00 -13.15 3.67
N GLU A 95 16.18 -12.83 3.16
CA GLU A 95 16.78 -11.52 3.36
C GLU A 95 15.93 -10.44 2.71
N ALA A 96 15.48 -10.69 1.49
CA ALA A 96 14.72 -9.70 0.76
C ALA A 96 13.24 -9.81 1.12
N LYS A 97 12.81 -11.02 1.43
CA LYS A 97 11.44 -11.29 1.87
C LYS A 97 11.09 -10.47 3.11
N GLY A 98 12.00 -10.46 4.08
CA GLY A 98 11.78 -9.71 5.31
C GLY A 98 11.55 -8.25 5.04
N PHE A 99 12.33 -7.69 4.12
CA PHE A 99 12.17 -6.31 3.72
C PHE A 99 10.86 -6.11 2.94
N ALA A 100 10.61 -7.00 1.99
CA ALA A 100 9.42 -6.89 1.13
C ALA A 100 8.15 -6.84 1.97
N GLU A 101 8.05 -7.74 2.93
CA GLU A 101 6.88 -7.82 3.78
C GLU A 101 6.76 -6.57 4.64
N LYS A 102 7.89 -6.09 5.15
CA LYS A 102 7.90 -4.93 6.03
C LYS A 102 7.64 -3.64 5.26
N SER A 103 8.26 -3.50 4.09
CA SER A 103 8.07 -2.32 3.26
C SER A 103 6.62 -2.23 2.80
N ILE A 104 6.04 -3.38 2.47
CA ILE A 104 4.64 -3.48 2.13
C ILE A 104 3.78 -3.00 3.31
N GLU A 105 4.19 -3.37 4.53
CA GLU A 105 3.46 -2.96 5.73
C GLU A 105 3.54 -1.45 5.95
N ILE A 106 4.73 -0.88 5.82
CA ILE A 106 4.92 0.55 6.00
C ILE A 106 4.10 1.34 4.97
N ALA A 107 4.12 0.87 3.73
CA ALA A 107 3.36 1.50 2.68
C ALA A 107 1.87 1.25 2.90
N ARG A 108 1.55 0.06 3.35
CA ARG A 108 0.18 -0.33 3.66
C ARG A 108 -0.41 0.57 4.73
N GLY A 109 0.37 0.86 5.77
CA GLY A 109 -0.12 1.67 6.87
C GLY A 109 -0.47 3.08 6.44
N ILE A 110 0.23 3.57 5.43
CA ILE A 110 -0.01 4.92 4.91
C ILE A 110 -1.37 5.01 4.23
N LYS A 111 -1.70 4.03 3.38
CA LYS A 111 -3.00 4.02 2.74
C LYS A 111 -4.05 3.43 3.66
N ALA A 112 -3.62 2.72 4.69
CA ALA A 112 -4.54 2.26 5.72
C ALA A 112 -5.19 3.44 6.43
N ARG A 113 -4.40 4.49 6.63
CA ARG A 113 -4.91 5.70 7.26
C ARG A 113 -5.45 6.66 6.20
N TYR A 114 -5.51 6.18 4.97
CA TYR A 114 -6.34 6.82 3.94
C TYR A 114 -7.68 6.11 3.89
N TYR A 115 -7.63 4.77 3.99
CA TYR A 115 -8.82 3.95 3.91
C TYR A 115 -9.78 4.26 5.06
N THR A 116 -9.22 4.58 6.21
CA THR A 116 -10.02 4.88 7.40
C THR A 116 -10.71 6.24 7.30
N GLY A 117 -10.52 6.92 6.18
CA GLY A 117 -11.13 8.22 6.00
C GLY A 117 -10.26 9.36 6.50
N ASN A 118 -9.04 9.01 6.90
CA ASN A 118 -8.09 9.99 7.40
C ASN A 118 -7.14 10.42 6.28
N GLU A 119 -6.18 11.27 6.61
CA GLU A 119 -5.19 11.73 5.63
C GLU A 119 -3.84 11.98 6.31
N PRO A 120 -2.84 11.12 6.03
CA PRO A 120 -1.46 11.31 6.51
C PRO A 120 -0.83 12.57 5.93
N THR A 121 0.19 13.09 6.62
CA THR A 121 0.90 14.25 6.16
C THR A 121 1.94 13.84 5.13
N LYS A 122 2.57 14.80 4.46
CA LYS A 122 3.63 14.47 3.52
C LYS A 122 4.79 13.85 4.26
N ASP A 123 4.91 14.19 5.54
CA ASP A 123 5.96 13.69 6.41
C ASP A 123 5.78 12.21 6.66
N ASP A 124 4.53 11.79 6.83
CA ASP A 124 4.20 10.38 7.02
C ASP A 124 4.66 9.57 5.81
N LEU A 125 4.43 10.14 4.63
CA LEU A 125 4.84 9.50 3.38
C LEU A 125 6.36 9.48 3.24
N LYS A 126 6.99 10.62 3.55
CA LYS A 126 8.44 10.71 3.51
C LYS A 126 9.08 9.68 4.43
N ALA A 127 8.57 9.61 5.66
CA ALA A 127 9.06 8.63 6.63
C ALA A 127 8.77 7.20 6.16
N SER A 128 7.61 7.01 5.56
CA SER A 128 7.22 5.70 5.03
C SER A 128 8.27 5.16 4.07
N VAL A 129 8.69 5.98 3.11
CA VAL A 129 9.61 5.53 2.08
C VAL A 129 11.04 5.56 2.62
N LYS A 130 11.24 6.38 3.63
CA LYS A 130 12.53 6.56 4.27
C LYS A 130 12.96 5.31 5.02
N GLU A 131 12.03 4.72 5.78
CA GLU A 131 12.36 3.56 6.57
C GLU A 131 12.58 2.34 5.68
N VAL A 132 11.85 2.25 4.58
CA VAL A 132 12.06 1.15 3.63
C VAL A 132 13.45 1.25 3.01
N LEU A 133 13.96 2.46 2.84
CA LEU A 133 15.31 2.65 2.33
C LEU A 133 16.33 2.28 3.40
N LYS A 134 15.98 2.60 4.64
CA LYS A 134 16.83 2.31 5.78
C LYS A 134 17.06 0.81 5.85
N LEU A 135 15.96 0.07 5.74
CA LEU A 135 16.00 -1.36 5.71
C LEU A 135 16.64 -1.89 4.42
N TYR A 136 16.25 -1.32 3.28
CA TYR A 136 16.65 -1.88 2.00
C TYR A 136 18.14 -1.70 1.75
N LYS A 137 18.68 -0.56 2.15
CA LYS A 137 20.10 -0.29 2.00
C LYS A 137 20.93 -1.25 2.85
N ALA A 138 20.35 -1.72 3.94
CA ALA A 138 21.06 -2.57 4.88
C ALA A 138 21.10 -4.03 4.42
N MET A 139 20.39 -4.35 3.35
CA MET A 139 20.37 -5.73 2.87
C MET A 139 21.66 -6.06 2.14
N SER A 140 22.03 -7.32 2.11
CA SER A 140 23.18 -7.77 1.36
C SER A 140 22.95 -7.58 -0.14
N ASP A 141 24.01 -7.36 -0.90
CA ASP A 141 23.89 -6.99 -2.32
C ASP A 141 23.05 -8.00 -3.11
N ALA A 142 23.34 -9.28 -2.92
CA ALA A 142 22.62 -10.34 -3.62
C ALA A 142 21.12 -10.27 -3.30
N GLY A 143 20.80 -9.86 -2.08
CA GLY A 143 19.42 -9.73 -1.67
C GLY A 143 18.76 -8.52 -2.30
N LYS A 144 19.53 -7.46 -2.48
CA LYS A 144 19.04 -6.25 -3.14
C LYS A 144 18.68 -6.54 -4.58
N ALA A 145 19.57 -7.24 -5.26
CA ALA A 145 19.35 -7.61 -6.65
C ALA A 145 18.23 -8.64 -6.78
N ASP A 146 18.06 -9.44 -5.73
CA ASP A 146 17.04 -10.49 -5.76
C ASP A 146 15.67 -9.87 -5.52
N PHE A 147 15.63 -8.83 -4.68
CA PHE A 147 14.44 -8.04 -4.49
C PHE A 147 14.01 -7.39 -5.79
N GLY A 148 14.97 -7.08 -6.64
CA GLY A 148 14.69 -6.44 -7.91
C GLY A 148 14.07 -7.38 -8.93
N LYS A 149 13.97 -8.66 -8.58
CA LYS A 149 13.36 -9.63 -9.48
C LYS A 149 11.89 -9.79 -9.12
N GLN A 150 11.64 -9.85 -7.82
CA GLN A 150 10.30 -10.00 -7.30
C GLN A 150 9.56 -8.67 -7.28
N PHE A 151 10.26 -7.61 -6.91
CA PHE A 151 9.67 -6.27 -6.92
C PHE A 151 10.59 -5.28 -7.64
N PRO A 152 10.67 -5.39 -8.98
CA PRO A 152 11.57 -4.56 -9.79
C PRO A 152 11.22 -3.08 -9.76
N PHE A 153 9.93 -2.79 -9.64
CA PHE A 153 9.46 -1.40 -9.62
C PHE A 153 10.08 -0.64 -8.45
N LEU A 154 10.14 -1.29 -7.30
CA LEU A 154 10.66 -0.66 -6.11
C LEU A 154 12.19 -0.64 -6.15
N ALA A 155 12.79 -1.74 -6.57
CA ALA A 155 14.26 -1.81 -6.70
C ALA A 155 14.75 -0.74 -7.67
N LYS A 156 13.94 -0.48 -8.68
CA LYS A 156 14.14 0.63 -9.60
C LYS A 156 14.30 1.96 -8.85
N VAL A 157 13.19 2.42 -8.28
CA VAL A 157 13.11 3.73 -7.67
C VAL A 157 14.06 3.89 -6.48
N PHE A 158 14.33 2.81 -5.76
CA PHE A 158 15.21 2.90 -4.61
C PHE A 158 16.62 3.23 -5.04
N GLU A 159 17.11 2.50 -6.04
CA GLU A 159 18.48 2.67 -6.53
C GLU A 159 18.65 3.98 -7.28
N SER A 160 17.63 4.34 -8.07
CA SER A 160 17.69 5.56 -8.87
C SER A 160 17.60 6.80 -7.98
N GLY A 161 17.08 6.62 -6.78
CA GLY A 161 16.98 7.74 -5.86
C GLY A 161 15.61 8.38 -5.87
N LYS A 162 14.72 7.83 -6.68
CA LYS A 162 13.36 8.34 -6.78
C LYS A 162 12.67 8.36 -5.42
N ALA A 163 12.79 7.26 -4.69
CA ALA A 163 12.22 7.18 -3.35
C ALA A 163 13.12 7.91 -2.36
N ALA A 164 14.43 7.80 -2.58
CA ALA A 164 15.42 8.41 -1.71
C ALA A 164 15.23 9.93 -1.60
N LYS A 165 15.04 10.57 -2.74
CA LYS A 165 14.86 12.03 -2.78
C LYS A 165 13.56 12.43 -2.10
N PHE A 166 12.54 11.59 -2.23
CA PHE A 166 11.26 11.81 -1.58
C PHE A 166 11.42 11.77 -0.06
N ALA A 167 12.32 10.90 0.39
CA ALA A 167 12.58 10.73 1.81
C ALA A 167 13.49 11.83 2.35
N GLY A 168 14.24 12.45 1.46
CA GLY A 168 15.22 13.44 1.87
C GLY A 168 16.58 12.81 2.09
N GLU A 169 16.77 11.66 1.46
CA GLU A 169 17.98 10.88 1.63
C GLU A 169 19.00 11.16 0.53
N ASN A 170 19.48 10.10 -0.09
CA ASN A 170 20.59 10.16 -1.03
C ASN A 170 20.14 10.64 -2.40
N MET A 1 -18.73 2.42 12.74
CA MET A 1 -19.52 3.44 13.48
C MET A 1 -18.72 3.95 14.68
N GLY A 2 -18.51 5.25 14.72
CA GLY A 2 -17.76 5.84 15.81
C GLY A 2 -18.09 7.31 15.99
N SER A 3 -17.37 7.96 16.89
CA SER A 3 -17.59 9.36 17.17
C SER A 3 -16.74 10.24 16.26
N SER A 4 -17.27 10.54 15.09
CA SER A 4 -16.59 11.41 14.13
C SER A 4 -16.61 12.85 14.64
N HIS A 5 -17.82 13.36 14.87
CA HIS A 5 -17.99 14.73 15.35
C HIS A 5 -19.13 14.77 16.36
N HIS A 6 -20.34 14.51 15.89
CA HIS A 6 -21.52 14.50 16.73
C HIS A 6 -22.72 13.94 15.97
N HIS A 7 -22.99 14.52 14.81
CA HIS A 7 -24.14 14.10 14.00
C HIS A 7 -23.92 14.52 12.55
N HIS A 8 -24.41 13.70 11.63
CA HIS A 8 -24.29 14.00 10.21
C HIS A 8 -25.34 15.01 9.78
N HIS A 9 -24.94 16.27 9.70
CA HIS A 9 -25.86 17.34 9.33
C HIS A 9 -25.93 17.49 7.83
N HIS A 10 -24.85 17.98 7.23
CA HIS A 10 -24.84 18.23 5.80
C HIS A 10 -24.53 16.95 5.02
N SER A 11 -24.11 15.93 5.75
CA SER A 11 -23.88 14.60 5.19
C SER A 11 -22.72 14.58 4.19
N SER A 12 -21.77 15.50 4.38
CA SER A 12 -20.63 15.58 3.49
C SER A 12 -19.56 14.59 3.90
N GLY A 13 -19.66 13.38 3.36
CA GLY A 13 -18.67 12.37 3.65
C GLY A 13 -17.39 12.60 2.89
N HIS A 14 -16.33 12.95 3.60
CA HIS A 14 -15.03 13.18 2.98
C HIS A 14 -14.42 11.86 2.55
N MET A 15 -14.61 11.52 1.29
CA MET A 15 -14.09 10.30 0.73
C MET A 15 -12.74 10.56 0.09
N PHE A 16 -11.80 9.67 0.34
CA PHE A 16 -10.45 9.83 -0.18
C PHE A 16 -10.41 9.55 -1.68
N LYS A 17 -9.55 10.26 -2.38
CA LYS A 17 -9.38 10.08 -3.81
C LYS A 17 -7.95 9.68 -4.12
N TYR A 18 -7.78 8.75 -5.04
CA TYR A 18 -6.46 8.36 -5.49
C TYR A 18 -5.80 9.53 -6.22
N GLU A 19 -6.65 10.35 -6.84
CA GLU A 19 -6.19 11.55 -7.54
C GLU A 19 -5.82 12.64 -6.54
N ASP A 20 -6.33 12.51 -5.32
CA ASP A 20 -6.05 13.48 -4.27
C ASP A 20 -4.79 13.07 -3.50
N ILE A 21 -4.37 11.83 -3.70
CA ILE A 21 -3.13 11.34 -3.11
C ILE A 21 -1.94 11.88 -3.89
N PRO A 22 -0.96 12.48 -3.19
CA PRO A 22 0.25 13.03 -3.81
C PRO A 22 0.85 12.10 -4.87
N ALA A 23 0.81 12.54 -6.11
CA ALA A 23 1.23 11.73 -7.25
C ALA A 23 2.69 11.33 -7.14
N ASP A 24 3.46 12.12 -6.39
CA ASP A 24 4.89 11.83 -6.23
C ASP A 24 5.09 10.47 -5.57
N TYR A 25 4.17 10.16 -4.65
CA TYR A 25 4.20 8.93 -3.89
C TYR A 25 3.53 7.79 -4.65
N ARG A 26 2.54 8.12 -5.48
CA ARG A 26 1.84 7.10 -6.25
C ARG A 26 2.78 6.51 -7.28
N ASP A 27 3.74 7.32 -7.68
CA ASP A 27 4.82 6.92 -8.56
C ASP A 27 5.64 5.79 -7.93
N LEU A 28 5.74 5.82 -6.61
CA LEU A 28 6.53 4.86 -5.85
C LEU A 28 5.77 3.53 -5.67
N MET A 29 4.45 3.62 -5.59
CA MET A 29 3.62 2.45 -5.34
C MET A 29 3.59 1.51 -6.55
N PRO A 30 3.76 0.20 -6.31
CA PRO A 30 3.75 -0.80 -7.36
C PRO A 30 2.37 -0.98 -7.99
N PRO A 31 2.33 -1.26 -9.30
CA PRO A 31 1.08 -1.33 -10.08
C PRO A 31 -0.06 -2.07 -9.36
N GLU A 32 0.25 -3.25 -8.85
CA GLU A 32 -0.78 -4.07 -8.20
C GLU A 32 -1.43 -3.33 -7.03
N ALA A 33 -0.64 -2.58 -6.27
CA ALA A 33 -1.16 -1.87 -5.12
C ALA A 33 -1.94 -0.62 -5.55
N ARG A 34 -1.75 -0.23 -6.80
CA ARG A 34 -2.45 0.93 -7.36
C ARG A 34 -3.77 0.49 -8.00
N ASP A 35 -3.77 -0.71 -8.57
CA ASP A 35 -4.97 -1.29 -9.20
C ASP A 35 -6.19 -1.18 -8.29
N PHE A 36 -5.99 -1.50 -7.03
CA PHE A 36 -7.07 -1.49 -6.04
C PHE A 36 -7.51 -0.06 -5.68
N LEU A 37 -6.92 0.95 -6.29
CA LEU A 37 -7.42 2.32 -6.14
C LEU A 37 -7.65 2.98 -7.49
N GLN A 38 -7.08 2.41 -8.54
CA GLN A 38 -7.51 2.75 -9.89
C GLN A 38 -8.96 2.33 -10.07
N ASN A 39 -9.28 1.15 -9.54
CA ASN A 39 -10.62 0.58 -9.63
C ASN A 39 -11.61 1.25 -8.67
N LEU A 40 -11.25 1.34 -7.39
CA LEU A 40 -12.19 1.81 -6.36
C LEU A 40 -12.72 3.21 -6.65
N SER A 41 -14.00 3.37 -6.33
CA SER A 41 -14.70 4.62 -6.51
C SER A 41 -15.56 4.93 -5.29
N ASP A 42 -16.49 5.86 -5.42
CA ASP A 42 -17.40 6.19 -4.33
C ASP A 42 -18.26 4.99 -3.96
N GLY A 43 -18.68 4.92 -2.71
CA GLY A 43 -19.48 3.80 -2.26
C GLY A 43 -18.63 2.63 -1.79
N ASP A 44 -17.61 2.29 -2.58
CA ASP A 44 -16.72 1.18 -2.24
C ASP A 44 -15.79 1.60 -1.12
N LYS A 45 -15.36 2.84 -1.15
CA LYS A 45 -14.49 3.38 -0.13
C LYS A 45 -15.25 3.54 1.19
N THR A 46 -16.58 3.53 1.07
CA THR A 46 -17.46 3.64 2.22
C THR A 46 -17.36 2.40 3.11
N VAL A 47 -17.28 1.25 2.47
CA VAL A 47 -17.24 -0.01 3.19
C VAL A 47 -15.84 -0.28 3.76
N LEU A 48 -14.82 0.28 3.11
CA LEU A 48 -13.45 0.14 3.56
C LEU A 48 -13.27 0.64 4.99
N LYS A 49 -13.76 1.84 5.26
CA LYS A 49 -13.56 2.46 6.57
C LYS A 49 -14.20 1.61 7.67
N GLU A 50 -15.21 0.83 7.30
CA GLU A 50 -15.87 -0.06 8.23
C GLU A 50 -14.95 -1.20 8.63
N VAL A 51 -14.15 -1.65 7.68
CA VAL A 51 -13.18 -2.70 7.93
C VAL A 51 -12.00 -2.15 8.74
N PHE A 52 -11.40 -1.10 8.19
CA PHE A 52 -10.27 -0.40 8.78
C PHE A 52 -10.54 0.18 10.18
N LYS A 53 -11.66 0.86 10.38
CA LYS A 53 -11.91 1.49 11.68
C LYS A 53 -12.37 0.47 12.72
N ALA A 54 -12.73 -0.71 12.26
CA ALA A 54 -12.98 -1.83 13.14
C ALA A 54 -11.66 -2.46 13.57
N GLY A 55 -11.06 -3.27 12.69
CA GLY A 55 -9.85 -4.01 13.06
C GLY A 55 -9.95 -4.69 14.42
N PRO A 56 -8.81 -4.99 15.05
CA PRO A 56 -7.48 -4.86 14.48
C PRO A 56 -7.05 -6.16 13.80
N TYR A 57 -5.92 -6.12 13.11
CA TYR A 57 -5.50 -7.25 12.28
C TYR A 57 -4.06 -7.63 12.53
N LYS A 58 -3.87 -8.75 13.23
CA LYS A 58 -2.55 -9.32 13.46
C LYS A 58 -2.02 -9.93 12.18
N ASN A 59 -2.92 -10.20 11.24
CA ASN A 59 -2.56 -10.84 9.99
C ASN A 59 -3.43 -10.29 8.86
N THR A 60 -2.96 -10.42 7.63
CA THR A 60 -3.62 -9.85 6.48
C THR A 60 -4.84 -10.67 6.08
N GLU A 61 -4.81 -11.97 6.38
CA GLU A 61 -5.94 -12.87 6.08
C GLU A 61 -7.21 -12.38 6.75
N GLU A 62 -7.09 -11.97 8.01
CA GLU A 62 -8.18 -11.45 8.77
C GLU A 62 -8.77 -10.21 8.10
N SER A 63 -7.90 -9.43 7.46
CA SER A 63 -8.31 -8.21 6.78
C SER A 63 -9.03 -8.57 5.48
N ILE A 64 -8.50 -9.54 4.75
CA ILE A 64 -9.11 -9.98 3.51
C ILE A 64 -10.47 -10.59 3.79
N ALA A 65 -10.52 -11.38 4.85
CA ALA A 65 -11.76 -11.99 5.32
C ALA A 65 -12.80 -10.92 5.66
N ALA A 66 -12.36 -9.82 6.24
CA ALA A 66 -13.25 -8.73 6.60
C ALA A 66 -13.80 -8.06 5.34
N LEU A 67 -12.94 -7.94 4.34
CA LEU A 67 -13.33 -7.35 3.07
C LEU A 67 -14.22 -8.28 2.28
N LYS A 68 -13.98 -9.57 2.37
CA LYS A 68 -14.83 -10.54 1.68
C LYS A 68 -16.26 -10.52 2.21
N LYS A 69 -16.40 -10.40 3.53
CA LYS A 69 -17.73 -10.42 4.14
C LYS A 69 -18.46 -9.10 3.86
N LYS A 70 -17.71 -8.01 3.80
CA LYS A 70 -18.25 -6.70 3.49
C LYS A 70 -18.53 -6.54 2.00
N SER A 71 -17.57 -6.90 1.17
CA SER A 71 -17.75 -6.76 -0.27
C SER A 71 -16.98 -7.85 -1.00
N PRO A 72 -17.69 -8.95 -1.34
CA PRO A 72 -17.09 -10.18 -1.90
C PRO A 72 -16.00 -9.93 -2.92
N GLU A 73 -16.34 -9.18 -3.97
CA GLU A 73 -15.44 -8.87 -5.06
C GLU A 73 -14.23 -8.05 -4.60
N LEU A 74 -14.41 -7.19 -3.60
CA LEU A 74 -13.31 -6.33 -3.18
C LEU A 74 -12.30 -7.19 -2.44
N GLY A 75 -12.83 -8.06 -1.60
CA GLY A 75 -12.02 -9.03 -0.89
C GLY A 75 -11.38 -10.00 -1.84
N ALA A 76 -12.08 -10.33 -2.92
CA ALA A 76 -11.54 -11.20 -3.96
C ALA A 76 -10.41 -10.50 -4.71
N LYS A 77 -10.50 -9.18 -4.84
CA LYS A 77 -9.43 -8.41 -5.45
C LYS A 77 -8.18 -8.44 -4.57
N VAL A 78 -8.31 -8.06 -3.31
CA VAL A 78 -7.18 -8.07 -2.40
C VAL A 78 -6.72 -9.49 -2.11
N GLU A 79 -7.62 -10.44 -2.29
CA GLU A 79 -7.26 -11.86 -2.21
C GLU A 79 -6.16 -12.18 -3.21
N LYS A 80 -6.43 -11.91 -4.47
CA LYS A 80 -5.49 -12.23 -5.53
C LYS A 80 -4.30 -11.27 -5.47
N LEU A 81 -4.60 -10.05 -5.05
CA LEU A 81 -3.60 -9.00 -4.92
C LEU A 81 -2.57 -9.40 -3.88
N HIS A 82 -3.04 -9.99 -2.78
CA HIS A 82 -2.16 -10.35 -1.69
C HIS A 82 -1.36 -11.57 -2.09
N ALA A 83 -2.04 -12.47 -2.79
CA ALA A 83 -1.43 -13.69 -3.29
C ALA A 83 -0.34 -13.38 -4.32
N MET A 84 -0.63 -12.44 -5.21
CA MET A 84 0.34 -11.98 -6.20
C MET A 84 1.61 -11.49 -5.52
N VAL A 85 1.43 -10.54 -4.60
CA VAL A 85 2.52 -9.98 -3.83
C VAL A 85 3.24 -11.07 -3.05
N LYS A 86 2.46 -11.95 -2.43
CA LYS A 86 3.02 -13.06 -1.68
C LYS A 86 3.85 -13.98 -2.57
N SER A 87 3.40 -14.18 -3.81
CA SER A 87 4.09 -15.04 -4.76
C SER A 87 5.47 -14.49 -5.08
N LYS A 88 5.58 -13.17 -5.19
CA LYS A 88 6.85 -12.51 -5.44
C LYS A 88 7.74 -12.57 -4.19
N ILE A 89 7.14 -12.70 -3.03
CA ILE A 89 7.91 -12.86 -1.80
C ILE A 89 8.19 -14.34 -1.54
N ALA A 90 7.40 -15.18 -2.18
CA ALA A 90 7.61 -16.63 -2.14
C ALA A 90 8.77 -17.00 -3.04
N ALA A 91 8.87 -16.29 -4.16
CA ALA A 91 9.90 -16.52 -5.15
C ALA A 91 11.11 -15.66 -4.83
N LEU A 92 10.93 -14.78 -3.87
CA LEU A 92 12.01 -13.98 -3.33
C LEU A 92 12.65 -14.81 -2.24
N GLY A 93 13.94 -15.08 -2.35
CA GLY A 93 14.59 -15.99 -1.43
C GLY A 93 15.37 -15.36 -0.28
N PRO A 94 15.67 -14.04 -0.27
CA PRO A 94 16.59 -13.46 0.69
C PRO A 94 15.97 -12.77 1.88
N GLU A 95 16.65 -11.72 2.31
CA GLU A 95 16.10 -10.79 3.26
C GLU A 95 15.20 -9.86 2.49
N ALA A 96 15.23 -10.01 1.15
CA ALA A 96 14.42 -9.20 0.27
C ALA A 96 12.98 -9.58 0.45
N LYS A 97 12.74 -10.86 0.67
CA LYS A 97 11.41 -11.33 0.91
C LYS A 97 10.97 -10.90 2.31
N GLY A 98 11.91 -10.91 3.26
CA GLY A 98 11.61 -10.41 4.59
C GLY A 98 11.29 -8.92 4.56
N PHE A 99 12.09 -8.18 3.81
CA PHE A 99 11.89 -6.75 3.62
C PHE A 99 10.59 -6.48 2.86
N ALA A 100 10.31 -7.30 1.87
CA ALA A 100 9.07 -7.17 1.10
C ALA A 100 7.86 -7.23 2.02
N GLU A 101 7.92 -8.15 2.96
CA GLU A 101 6.88 -8.32 3.98
C GLU A 101 6.71 -7.04 4.80
N LYS A 102 7.80 -6.29 4.97
CA LYS A 102 7.79 -5.08 5.78
C LYS A 102 7.38 -3.88 4.95
N SER A 103 7.99 -3.74 3.77
CA SER A 103 7.76 -2.58 2.90
C SER A 103 6.30 -2.48 2.49
N ILE A 104 5.73 -3.60 2.05
CA ILE A 104 4.34 -3.63 1.66
C ILE A 104 3.43 -3.28 2.85
N GLU A 105 3.79 -3.80 4.02
CA GLU A 105 3.03 -3.54 5.24
C GLU A 105 3.03 -2.05 5.58
N ILE A 106 4.20 -1.42 5.50
CA ILE A 106 4.33 0.00 5.82
C ILE A 106 3.55 0.85 4.82
N ALA A 107 3.70 0.55 3.54
CA ALA A 107 2.97 1.27 2.49
C ALA A 107 1.48 1.03 2.64
N ARG A 108 1.13 -0.20 3.01
CA ARG A 108 -0.25 -0.57 3.29
C ARG A 108 -0.82 0.28 4.42
N GLY A 109 0.02 0.62 5.39
CA GLY A 109 -0.44 1.41 6.52
C GLY A 109 -0.83 2.83 6.12
N ILE A 110 -0.11 3.38 5.15
CA ILE A 110 -0.41 4.70 4.64
C ILE A 110 -1.70 4.66 3.82
N LYS A 111 -1.77 3.69 2.91
CA LYS A 111 -2.97 3.51 2.10
C LYS A 111 -4.00 2.65 2.84
N ALA A 112 -3.93 2.72 4.16
CA ALA A 112 -4.99 2.23 5.02
C ALA A 112 -5.58 3.37 5.83
N ARG A 113 -4.76 4.39 6.06
CA ARG A 113 -5.24 5.60 6.74
C ARG A 113 -5.72 6.61 5.71
N TYR A 114 -5.63 6.26 4.44
CA TYR A 114 -6.36 6.97 3.39
C TYR A 114 -7.78 6.39 3.31
N TYR A 115 -7.87 5.07 3.47
CA TYR A 115 -9.12 4.35 3.27
C TYR A 115 -10.14 4.71 4.35
N THR A 116 -9.65 5.15 5.49
CA THR A 116 -10.50 5.46 6.63
C THR A 116 -11.19 6.82 6.47
N GLY A 117 -10.86 7.53 5.40
CA GLY A 117 -11.37 8.89 5.23
C GLY A 117 -10.44 9.91 5.84
N ASN A 118 -9.28 9.44 6.26
CA ASN A 118 -8.25 10.30 6.83
C ASN A 118 -7.20 10.58 5.77
N GLU A 119 -6.34 11.56 6.01
CA GLU A 119 -5.32 11.91 5.05
C GLU A 119 -3.97 12.11 5.72
N PRO A 120 -3.02 11.20 5.48
CA PRO A 120 -1.64 11.36 5.94
C PRO A 120 -0.98 12.59 5.34
N THR A 121 -0.04 13.17 6.06
CA THR A 121 0.68 14.33 5.58
C THR A 121 1.78 13.88 4.64
N LYS A 122 2.39 14.80 3.90
CA LYS A 122 3.48 14.43 3.02
C LYS A 122 4.65 13.91 3.85
N ASP A 123 4.75 14.43 5.07
CA ASP A 123 5.76 14.00 6.03
C ASP A 123 5.52 12.54 6.43
N ASP A 124 4.25 12.15 6.54
CA ASP A 124 3.90 10.75 6.80
C ASP A 124 4.41 9.88 5.66
N LEU A 125 4.20 10.35 4.44
CA LEU A 125 4.60 9.63 3.23
C LEU A 125 6.11 9.53 3.13
N LYS A 126 6.81 10.61 3.48
CA LYS A 126 8.27 10.59 3.48
C LYS A 126 8.78 9.54 4.44
N ALA A 127 8.18 9.49 5.62
CA ALA A 127 8.56 8.53 6.64
C ALA A 127 8.32 7.10 6.18
N SER A 128 7.18 6.85 5.55
CA SER A 128 6.82 5.51 5.12
C SER A 128 7.81 4.96 4.09
N VAL A 129 8.38 5.82 3.26
CA VAL A 129 9.31 5.34 2.23
C VAL A 129 10.72 5.26 2.79
N LYS A 130 10.98 6.08 3.80
CA LYS A 130 12.30 6.20 4.38
C LYS A 130 12.59 5.05 5.33
N GLU A 131 11.54 4.45 5.88
CA GLU A 131 11.73 3.28 6.73
C GLU A 131 11.96 2.04 5.88
N VAL A 132 11.25 1.92 4.77
CA VAL A 132 11.46 0.80 3.86
C VAL A 132 12.86 0.89 3.24
N LEU A 133 13.37 2.10 3.08
CA LEU A 133 14.75 2.27 2.65
C LEU A 133 15.68 1.82 3.77
N LYS A 134 15.31 2.17 4.99
CA LYS A 134 16.06 1.80 6.17
C LYS A 134 16.26 0.28 6.22
N LEU A 135 15.19 -0.47 5.97
CA LEU A 135 15.29 -1.90 5.81
C LEU A 135 16.12 -2.26 4.57
N TYR A 136 15.85 -1.62 3.44
CA TYR A 136 16.41 -2.10 2.19
C TYR A 136 17.92 -1.83 2.07
N LYS A 137 18.39 -0.72 2.65
CA LYS A 137 19.82 -0.40 2.63
C LYS A 137 20.61 -1.45 3.40
N ALA A 138 19.99 -2.00 4.44
CA ALA A 138 20.69 -2.87 5.37
C ALA A 138 20.71 -4.34 4.93
N MET A 139 20.04 -4.67 3.84
CA MET A 139 20.01 -6.06 3.40
C MET A 139 21.34 -6.45 2.76
N SER A 140 21.63 -7.75 2.76
CA SER A 140 22.81 -8.26 2.07
C SER A 140 22.70 -7.97 0.57
N ASP A 141 23.83 -7.72 -0.08
CA ASP A 141 23.84 -7.24 -1.46
C ASP A 141 23.03 -8.14 -2.40
N ALA A 142 23.28 -9.45 -2.31
CA ALA A 142 22.57 -10.42 -3.14
C ALA A 142 21.07 -10.33 -2.91
N GLY A 143 20.70 -10.00 -1.68
CA GLY A 143 19.29 -9.85 -1.35
C GLY A 143 18.70 -8.60 -1.95
N LYS A 144 19.48 -7.53 -1.96
CA LYS A 144 19.04 -6.26 -2.53
C LYS A 144 18.82 -6.42 -4.02
N ALA A 145 19.79 -7.06 -4.67
CA ALA A 145 19.72 -7.29 -6.11
C ALA A 145 18.58 -8.23 -6.47
N ASP A 146 18.42 -9.30 -5.69
CA ASP A 146 17.39 -10.31 -5.96
C ASP A 146 16.00 -9.70 -5.82
N PHE A 147 15.88 -8.69 -4.95
CA PHE A 147 14.65 -7.92 -4.79
C PHE A 147 14.26 -7.26 -6.11
N GLY A 148 15.24 -6.99 -6.95
CA GLY A 148 14.99 -6.33 -8.21
C GLY A 148 14.24 -7.21 -9.20
N LYS A 149 14.34 -8.52 -9.02
CA LYS A 149 13.65 -9.44 -9.91
C LYS A 149 12.18 -9.54 -9.56
N GLN A 150 11.89 -9.66 -8.27
CA GLN A 150 10.53 -9.86 -7.79
C GLN A 150 9.76 -8.55 -7.69
N PHE A 151 10.38 -7.54 -7.11
CA PHE A 151 9.74 -6.24 -6.98
C PHE A 151 10.58 -5.17 -7.66
N PRO A 152 10.60 -5.15 -9.00
CA PRO A 152 11.48 -4.30 -9.80
C PRO A 152 11.14 -2.83 -9.68
N PHE A 153 9.89 -2.53 -9.39
CA PHE A 153 9.44 -1.14 -9.25
C PHE A 153 10.05 -0.50 -8.03
N LEU A 154 9.93 -1.16 -6.89
CA LEU A 154 10.52 -0.63 -5.68
C LEU A 154 12.03 -0.63 -5.79
N ALA A 155 12.59 -1.72 -6.29
CA ALA A 155 14.03 -1.81 -6.51
C ALA A 155 14.53 -0.65 -7.37
N LYS A 156 13.80 -0.41 -8.46
CA LYS A 156 14.05 0.71 -9.34
C LYS A 156 14.22 2.01 -8.57
N VAL A 157 13.12 2.44 -7.95
CA VAL A 157 13.07 3.71 -7.26
C VAL A 157 14.00 3.78 -6.06
N PHE A 158 14.38 2.63 -5.52
CA PHE A 158 15.28 2.62 -4.37
C PHE A 158 16.73 2.86 -4.82
N GLU A 159 17.13 2.19 -5.91
CA GLU A 159 18.50 2.33 -6.39
C GLU A 159 18.70 3.70 -7.02
N SER A 160 17.65 4.19 -7.66
CA SER A 160 17.67 5.50 -8.29
C SER A 160 17.40 6.59 -7.26
N GLY A 161 17.63 7.83 -7.63
CA GLY A 161 17.33 8.94 -6.76
C GLY A 161 15.85 9.27 -6.78
N LYS A 162 15.04 8.28 -6.49
CA LYS A 162 13.60 8.43 -6.49
C LYS A 162 13.07 8.40 -5.06
N ALA A 163 12.99 7.20 -4.49
CA ALA A 163 12.46 7.04 -3.15
C ALA A 163 13.38 7.65 -2.11
N ALA A 164 14.69 7.45 -2.32
CA ALA A 164 15.69 7.99 -1.42
C ALA A 164 15.60 9.52 -1.33
N LYS A 165 15.19 10.15 -2.43
CA LYS A 165 15.05 11.60 -2.49
C LYS A 165 13.70 12.05 -1.95
N PHE A 166 12.65 11.28 -2.25
CA PHE A 166 11.32 11.53 -1.69
C PHE A 166 11.39 11.48 -0.17
N ALA A 167 12.17 10.54 0.35
CA ALA A 167 12.36 10.38 1.78
C ALA A 167 13.09 11.59 2.37
N GLY A 168 13.97 12.20 1.57
CA GLY A 168 14.75 13.32 2.03
C GLY A 168 15.69 12.91 3.14
N GLU A 169 16.60 12.00 2.84
CA GLU A 169 17.49 11.45 3.85
C GLU A 169 18.83 11.03 3.26
N ASN A 170 19.06 11.35 2.01
CA ASN A 170 20.22 10.83 1.28
C ASN A 170 20.81 11.92 0.41
N MET A 1 -20.44 -6.19 20.21
CA MET A 1 -19.37 -5.87 21.18
C MET A 1 -18.03 -5.79 20.47
N GLY A 2 -17.15 -4.93 20.96
CA GLY A 2 -15.87 -4.73 20.33
C GLY A 2 -16.00 -3.91 19.05
N SER A 3 -15.87 -4.58 17.91
CA SER A 3 -16.03 -3.91 16.63
C SER A 3 -17.39 -4.27 16.03
N SER A 4 -18.40 -3.51 16.41
CA SER A 4 -19.75 -3.72 15.91
C SER A 4 -20.31 -2.44 15.30
N HIS A 5 -19.69 -1.31 15.60
CA HIS A 5 -20.18 -0.02 15.14
C HIS A 5 -19.10 1.06 15.25
N HIS A 6 -17.86 0.70 14.89
CA HIS A 6 -16.76 1.66 14.91
C HIS A 6 -16.92 2.67 13.78
N HIS A 7 -17.75 3.68 14.02
CA HIS A 7 -17.99 4.72 13.04
C HIS A 7 -18.59 5.95 13.72
N HIS A 8 -17.76 6.63 14.50
CA HIS A 8 -18.19 7.87 15.16
C HIS A 8 -18.43 8.95 14.11
N HIS A 9 -17.71 8.83 12.99
CA HIS A 9 -17.93 9.70 11.85
C HIS A 9 -17.91 8.86 10.57
N HIS A 10 -19.02 8.79 9.88
CA HIS A 10 -19.11 8.00 8.66
C HIS A 10 -19.36 8.89 7.44
N SER A 11 -19.76 10.13 7.70
CA SER A 11 -20.00 11.09 6.63
C SER A 11 -18.69 11.76 6.23
N SER A 12 -17.97 11.15 5.29
CA SER A 12 -16.69 11.67 4.86
C SER A 12 -16.88 12.81 3.88
N GLY A 13 -16.39 13.99 4.24
CA GLY A 13 -16.45 15.12 3.36
C GLY A 13 -15.18 15.28 2.55
N HIS A 14 -14.36 14.23 2.55
CA HIS A 14 -13.09 14.26 1.85
C HIS A 14 -12.67 12.84 1.44
N MET A 15 -13.54 12.17 0.71
CA MET A 15 -13.22 10.84 0.19
C MET A 15 -12.09 10.95 -0.83
N PHE A 16 -10.94 10.41 -0.47
CA PHE A 16 -9.73 10.53 -1.29
C PHE A 16 -9.92 9.85 -2.64
N LYS A 17 -9.26 10.40 -3.65
CA LYS A 17 -9.30 9.84 -4.98
C LYS A 17 -7.93 9.32 -5.37
N TYR A 18 -7.85 8.52 -6.43
CA TYR A 18 -6.58 7.98 -6.87
C TYR A 18 -5.59 9.11 -7.12
N GLU A 19 -6.02 10.10 -7.91
CA GLU A 19 -5.19 11.24 -8.26
C GLU A 19 -5.09 12.27 -7.12
N ASP A 20 -5.58 11.92 -5.93
CA ASP A 20 -5.56 12.87 -4.82
C ASP A 20 -4.41 12.56 -3.86
N ILE A 21 -3.92 11.33 -3.94
CA ILE A 21 -2.77 10.91 -3.13
C ILE A 21 -1.51 11.53 -3.71
N PRO A 22 -0.58 12.02 -2.85
CA PRO A 22 0.71 12.56 -3.27
C PRO A 22 1.32 11.79 -4.44
N ALA A 23 1.35 12.43 -5.59
CA ALA A 23 1.74 11.76 -6.83
C ALA A 23 3.21 11.42 -6.86
N ASP A 24 4.00 12.04 -5.99
CA ASP A 24 5.42 11.71 -5.91
C ASP A 24 5.56 10.31 -5.32
N TYR A 25 4.62 10.00 -4.44
CA TYR A 25 4.59 8.73 -3.74
C TYR A 25 3.94 7.65 -4.61
N ARG A 26 2.90 8.01 -5.35
CA ARG A 26 2.23 7.05 -6.21
C ARG A 26 3.18 6.62 -7.33
N ASP A 27 4.07 7.54 -7.66
CA ASP A 27 5.11 7.31 -8.65
C ASP A 27 6.16 6.33 -8.12
N LEU A 28 6.08 6.02 -6.83
CA LEU A 28 6.97 5.04 -6.22
C LEU A 28 6.27 3.68 -6.12
N MET A 29 4.96 3.68 -6.26
CA MET A 29 4.17 2.48 -6.08
C MET A 29 4.18 1.62 -7.33
N PRO A 30 4.37 0.30 -7.16
CA PRO A 30 4.42 -0.65 -8.27
C PRO A 30 3.03 -0.95 -8.84
N PRO A 31 2.96 -1.47 -10.08
CA PRO A 31 1.70 -1.79 -10.74
C PRO A 31 0.70 -2.51 -9.82
N GLU A 32 1.19 -3.54 -9.13
CA GLU A 32 0.36 -4.32 -8.19
C GLU A 32 -0.44 -3.40 -7.26
N ALA A 33 0.27 -2.58 -6.49
CA ALA A 33 -0.35 -1.75 -5.46
C ALA A 33 -1.16 -0.60 -6.06
N ARG A 34 -1.04 -0.42 -7.36
CA ARG A 34 -1.78 0.63 -8.05
C ARG A 34 -3.05 0.08 -8.67
N ASP A 35 -3.00 -1.17 -9.14
CA ASP A 35 -4.16 -1.84 -9.74
C ASP A 35 -5.38 -1.77 -8.82
N PHE A 36 -5.18 -2.10 -7.55
CA PHE A 36 -6.25 -2.06 -6.56
C PHE A 36 -6.83 -0.65 -6.42
N LEU A 37 -6.05 0.34 -6.03
CA LEU A 37 -6.60 1.69 -5.85
C LEU A 37 -6.86 2.40 -7.19
N GLN A 38 -6.47 1.78 -8.28
CA GLN A 38 -6.99 2.19 -9.59
C GLN A 38 -8.48 1.84 -9.68
N ASN A 39 -8.84 0.71 -9.08
CA ASN A 39 -10.22 0.22 -9.10
C ASN A 39 -11.11 0.95 -8.10
N LEU A 40 -10.65 1.06 -6.85
CA LEU A 40 -11.41 1.75 -5.81
C LEU A 40 -11.76 3.17 -6.25
N SER A 41 -12.99 3.57 -5.95
CA SER A 41 -13.51 4.86 -6.40
C SER A 41 -13.95 5.72 -5.23
N ASP A 42 -15.01 5.31 -4.54
CA ASP A 42 -15.55 6.10 -3.43
C ASP A 42 -16.49 5.28 -2.55
N GLY A 43 -17.49 4.64 -3.16
CA GLY A 43 -18.45 3.86 -2.42
C GLY A 43 -17.83 2.60 -1.87
N ASP A 44 -16.85 2.09 -2.60
CA ASP A 44 -16.08 0.94 -2.18
C ASP A 44 -15.14 1.31 -1.05
N LYS A 45 -14.50 2.47 -1.15
CA LYS A 45 -13.63 2.97 -0.10
C LYS A 45 -14.42 3.18 1.20
N THR A 46 -15.73 3.30 1.06
CA THR A 46 -16.62 3.49 2.20
C THR A 46 -16.66 2.23 3.06
N VAL A 47 -16.47 1.08 2.44
CA VAL A 47 -16.53 -0.18 3.14
C VAL A 47 -15.14 -0.57 3.67
N LEU A 48 -14.09 -0.17 2.96
CA LEU A 48 -12.72 -0.37 3.43
C LEU A 48 -12.53 0.21 4.83
N LYS A 49 -13.02 1.43 5.06
CA LYS A 49 -12.86 2.06 6.37
C LYS A 49 -13.51 1.23 7.47
N GLU A 50 -14.52 0.46 7.10
CA GLU A 50 -15.22 -0.38 8.04
C GLU A 50 -14.41 -1.65 8.32
N VAL A 51 -13.78 -2.18 7.28
CA VAL A 51 -12.97 -3.37 7.42
C VAL A 51 -11.69 -3.06 8.20
N PHE A 52 -11.15 -1.86 7.96
CA PHE A 52 -10.01 -1.32 8.71
C PHE A 52 -10.32 -1.00 10.15
N LYS A 53 -11.50 -0.47 10.44
CA LYS A 53 -11.82 -0.11 11.83
C LYS A 53 -12.36 -1.33 12.57
N ALA A 54 -12.12 -2.50 12.00
CA ALA A 54 -12.45 -3.75 12.63
C ALA A 54 -11.18 -4.51 12.95
N GLY A 55 -10.05 -3.82 12.83
CA GLY A 55 -8.77 -4.41 13.17
C GLY A 55 -8.47 -4.27 14.64
N PRO A 56 -7.19 -4.38 15.05
CA PRO A 56 -6.06 -4.60 14.13
C PRO A 56 -5.95 -6.04 13.67
N TYR A 57 -5.26 -6.24 12.56
CA TYR A 57 -5.09 -7.55 11.97
C TYR A 57 -3.62 -7.94 11.99
N LYS A 58 -3.37 -9.21 12.25
CA LYS A 58 -2.01 -9.74 12.33
C LYS A 58 -1.43 -9.92 10.93
N ASN A 59 -2.30 -9.84 9.93
CA ASN A 59 -1.88 -10.00 8.55
C ASN A 59 -2.90 -9.35 7.62
N THR A 60 -2.51 -9.16 6.37
CA THR A 60 -3.40 -8.57 5.37
C THR A 60 -4.58 -9.51 5.09
N GLU A 61 -4.34 -10.80 5.24
CA GLU A 61 -5.34 -11.84 4.96
C GLU A 61 -6.63 -11.60 5.75
N GLU A 62 -6.49 -11.24 7.02
CA GLU A 62 -7.64 -10.94 7.85
C GLU A 62 -8.42 -9.73 7.33
N SER A 63 -7.72 -8.79 6.75
CA SER A 63 -8.36 -7.61 6.15
C SER A 63 -9.07 -8.01 4.86
N ILE A 64 -8.50 -8.99 4.17
CA ILE A 64 -9.11 -9.55 2.96
C ILE A 64 -10.42 -10.22 3.33
N ALA A 65 -10.39 -10.93 4.45
CA ALA A 65 -11.58 -11.58 5.00
C ALA A 65 -12.64 -10.55 5.35
N ALA A 66 -12.22 -9.47 6.01
CA ALA A 66 -13.12 -8.39 6.37
C ALA A 66 -13.79 -7.81 5.14
N LEU A 67 -13.03 -7.71 4.05
CA LEU A 67 -13.55 -7.21 2.79
C LEU A 67 -14.50 -8.20 2.14
N LYS A 68 -14.15 -9.48 2.16
CA LYS A 68 -14.97 -10.49 1.53
C LYS A 68 -16.37 -10.55 2.16
N LYS A 69 -16.43 -10.31 3.47
CA LYS A 69 -17.69 -10.35 4.21
C LYS A 69 -18.56 -9.13 3.90
N LYS A 70 -17.94 -7.97 3.76
CA LYS A 70 -18.68 -6.73 3.55
C LYS A 70 -18.89 -6.42 2.09
N SER A 71 -17.91 -6.72 1.26
CA SER A 71 -18.03 -6.53 -0.18
C SER A 71 -17.27 -7.64 -0.89
N PRO A 72 -17.95 -8.77 -1.15
CA PRO A 72 -17.33 -10.01 -1.64
C PRO A 72 -16.27 -9.79 -2.72
N GLU A 73 -16.67 -9.07 -3.76
CA GLU A 73 -15.82 -8.80 -4.91
C GLU A 73 -14.55 -8.05 -4.52
N LEU A 74 -14.64 -7.14 -3.54
CA LEU A 74 -13.48 -6.35 -3.20
C LEU A 74 -12.42 -7.23 -2.56
N GLY A 75 -12.91 -8.20 -1.78
CA GLY A 75 -12.04 -9.18 -1.16
C GLY A 75 -11.32 -10.01 -2.20
N ALA A 76 -11.97 -10.24 -3.33
CA ALA A 76 -11.35 -10.94 -4.43
C ALA A 76 -10.34 -10.06 -5.14
N LYS A 77 -10.67 -8.77 -5.28
CA LYS A 77 -9.79 -7.80 -5.91
C LYS A 77 -8.49 -7.65 -5.12
N VAL A 78 -8.62 -7.60 -3.80
CA VAL A 78 -7.45 -7.48 -2.93
C VAL A 78 -6.73 -8.83 -2.80
N GLU A 79 -7.49 -9.91 -2.89
CA GLU A 79 -6.91 -11.24 -2.80
C GLU A 79 -5.96 -11.49 -3.94
N LYS A 80 -6.42 -11.26 -5.18
CA LYS A 80 -5.60 -11.52 -6.35
C LYS A 80 -4.33 -10.67 -6.29
N LEU A 81 -4.50 -9.47 -5.75
CA LEU A 81 -3.42 -8.51 -5.57
C LEU A 81 -2.41 -9.05 -4.57
N HIS A 82 -2.90 -9.52 -3.44
CA HIS A 82 -2.01 -9.87 -2.35
C HIS A 82 -1.36 -11.20 -2.62
N ALA A 83 -2.08 -12.06 -3.31
CA ALA A 83 -1.58 -13.36 -3.71
C ALA A 83 -0.41 -13.23 -4.69
N MET A 84 -0.53 -12.33 -5.67
CA MET A 84 0.59 -12.06 -6.59
C MET A 84 1.81 -11.66 -5.80
N VAL A 85 1.59 -10.67 -4.94
CA VAL A 85 2.60 -10.17 -4.03
C VAL A 85 3.23 -11.32 -3.25
N LYS A 86 2.39 -12.16 -2.67
CA LYS A 86 2.84 -13.28 -1.88
C LYS A 86 3.64 -14.28 -2.70
N SER A 87 3.19 -14.54 -3.92
CA SER A 87 3.88 -15.48 -4.81
C SER A 87 5.31 -15.01 -5.08
N LYS A 88 5.47 -13.70 -5.27
CA LYS A 88 6.76 -13.11 -5.54
C LYS A 88 7.61 -13.07 -4.28
N ILE A 89 7.01 -12.73 -3.15
CA ILE A 89 7.72 -12.73 -1.87
C ILE A 89 8.03 -14.17 -1.42
N ALA A 90 7.21 -15.11 -1.88
CA ALA A 90 7.46 -16.52 -1.66
C ALA A 90 8.74 -16.93 -2.37
N ALA A 91 8.96 -16.32 -3.53
CA ALA A 91 10.11 -16.60 -4.37
C ALA A 91 11.30 -15.75 -3.94
N LEU A 92 11.09 -14.91 -2.95
CA LEU A 92 12.10 -13.99 -2.48
C LEU A 92 12.84 -14.59 -1.30
N GLY A 93 14.17 -14.52 -1.32
CA GLY A 93 14.96 -15.09 -0.25
C GLY A 93 14.72 -14.38 1.07
N PRO A 94 14.89 -15.10 2.20
CA PRO A 94 14.63 -14.57 3.56
C PRO A 94 15.05 -13.12 3.78
N GLU A 95 16.21 -12.74 3.23
CA GLU A 95 16.73 -11.41 3.44
C GLU A 95 15.90 -10.36 2.71
N ALA A 96 15.57 -10.61 1.46
CA ALA A 96 14.78 -9.65 0.70
C ALA A 96 13.31 -9.80 1.06
N LYS A 97 12.93 -11.02 1.36
CA LYS A 97 11.57 -11.38 1.77
C LYS A 97 11.17 -10.61 3.02
N GLY A 98 12.06 -10.54 4.00
CA GLY A 98 11.79 -9.80 5.21
C GLY A 98 11.53 -8.33 4.94
N PHE A 99 12.30 -7.78 4.01
CA PHE A 99 12.13 -6.39 3.60
C PHE A 99 10.81 -6.21 2.85
N ALA A 100 10.51 -7.13 1.94
CA ALA A 100 9.29 -7.06 1.15
C ALA A 100 8.05 -7.05 2.03
N GLU A 101 8.02 -7.95 3.00
CA GLU A 101 6.91 -8.03 3.94
C GLU A 101 6.82 -6.74 4.77
N LYS A 102 7.97 -6.22 5.16
CA LYS A 102 8.02 -5.03 6.00
C LYS A 102 7.57 -3.78 5.24
N SER A 103 8.18 -3.55 4.07
CA SER A 103 7.89 -2.35 3.29
C SER A 103 6.42 -2.27 2.93
N ILE A 104 5.84 -3.41 2.58
CA ILE A 104 4.44 -3.47 2.21
C ILE A 104 3.52 -3.23 3.41
N GLU A 105 3.85 -3.80 4.56
CA GLU A 105 3.01 -3.61 5.75
C GLU A 105 3.10 -2.16 6.25
N ILE A 106 4.25 -1.52 6.00
CA ILE A 106 4.42 -0.11 6.34
C ILE A 106 3.54 0.76 5.44
N ALA A 107 3.63 0.51 4.12
CA ALA A 107 2.84 1.24 3.15
C ALA A 107 1.36 0.93 3.31
N ARG A 108 1.06 -0.30 3.70
CA ARG A 108 -0.31 -0.74 3.94
C ARG A 108 -0.98 0.15 4.98
N GLY A 109 -0.22 0.52 6.00
CA GLY A 109 -0.74 1.37 7.06
C GLY A 109 -1.05 2.77 6.55
N ILE A 110 -0.28 3.22 5.57
CA ILE A 110 -0.49 4.53 4.98
C ILE A 110 -1.85 4.62 4.31
N LYS A 111 -2.14 3.68 3.42
CA LYS A 111 -3.43 3.64 2.75
C LYS A 111 -4.51 3.12 3.69
N ALA A 112 -4.13 2.52 4.79
CA ALA A 112 -5.12 2.19 5.81
C ALA A 112 -5.67 3.47 6.43
N ARG A 113 -4.83 4.50 6.49
CA ARG A 113 -5.24 5.80 7.00
C ARG A 113 -5.82 6.64 5.87
N TYR A 114 -5.67 6.20 4.64
CA TYR A 114 -6.42 6.79 3.54
C TYR A 114 -7.81 6.18 3.50
N TYR A 115 -7.88 4.86 3.63
CA TYR A 115 -9.16 4.14 3.58
C TYR A 115 -10.11 4.59 4.68
N THR A 116 -9.55 4.89 5.84
CA THR A 116 -10.32 5.26 7.01
C THR A 116 -10.89 6.68 6.92
N GLY A 117 -10.42 7.44 5.94
CA GLY A 117 -10.84 8.83 5.81
C GLY A 117 -10.01 9.79 6.64
N ASN A 118 -8.82 9.35 7.06
CA ASN A 118 -7.93 10.20 7.86
C ASN A 118 -7.02 11.02 6.96
N GLU A 119 -6.48 10.39 5.93
CA GLU A 119 -5.62 11.04 4.95
C GLU A 119 -4.30 11.52 5.55
N PRO A 120 -3.30 10.63 5.55
CA PRO A 120 -1.92 10.96 5.95
C PRO A 120 -1.42 12.26 5.36
N THR A 121 -0.62 12.99 6.11
CA THR A 121 0.02 14.19 5.61
C THR A 121 1.25 13.78 4.78
N LYS A 122 1.80 14.71 4.00
CA LYS A 122 2.93 14.36 3.15
C LYS A 122 4.09 13.81 3.98
N ASP A 123 4.24 14.34 5.19
CA ASP A 123 5.32 13.94 6.09
C ASP A 123 5.15 12.50 6.56
N ASP A 124 3.91 12.02 6.57
CA ASP A 124 3.63 10.65 6.97
C ASP A 124 4.16 9.68 5.92
N LEU A 125 3.98 10.05 4.65
CA LEU A 125 4.47 9.25 3.53
C LEU A 125 5.98 9.34 3.43
N LYS A 126 6.51 10.54 3.65
CA LYS A 126 7.96 10.72 3.64
C LYS A 126 8.62 9.82 4.68
N ALA A 127 8.05 9.82 5.88
CA ALA A 127 8.54 9.01 6.98
C ALA A 127 8.41 7.52 6.69
N SER A 128 7.31 7.11 6.08
CA SER A 128 7.07 5.70 5.83
C SER A 128 7.97 5.14 4.73
N VAL A 129 8.35 5.96 3.75
CA VAL A 129 9.22 5.48 2.68
C VAL A 129 10.66 5.44 3.20
N LYS A 130 10.93 6.28 4.21
CA LYS A 130 12.22 6.29 4.90
C LYS A 130 12.60 4.90 5.40
N GLU A 131 11.67 4.24 6.06
CA GLU A 131 11.98 2.98 6.72
C GLU A 131 12.23 1.88 5.72
N VAL A 132 11.53 1.91 4.59
CA VAL A 132 11.76 0.90 3.56
C VAL A 132 13.14 1.08 2.95
N LEU A 133 13.66 2.30 2.96
CA LEU A 133 15.02 2.55 2.50
C LEU A 133 16.01 2.25 3.61
N LYS A 134 15.58 2.43 4.85
CA LYS A 134 16.40 2.13 6.00
C LYS A 134 16.74 0.65 6.01
N LEU A 135 15.78 -0.14 5.55
CA LEU A 135 15.93 -1.55 5.40
C LEU A 135 16.65 -1.90 4.11
N TYR A 136 16.25 -1.28 2.99
CA TYR A 136 16.74 -1.76 1.70
C TYR A 136 18.19 -1.36 1.48
N LYS A 137 18.56 -0.17 1.94
CA LYS A 137 19.94 0.29 1.84
C LYS A 137 20.82 -0.59 2.72
N ALA A 138 20.22 -1.09 3.80
CA ALA A 138 20.90 -1.98 4.73
C ALA A 138 20.50 -3.42 4.50
N MET A 139 20.98 -3.99 3.40
CA MET A 139 20.72 -5.38 3.06
C MET A 139 21.87 -5.97 2.27
N SER A 140 21.98 -7.29 2.29
CA SER A 140 22.95 -8.01 1.47
C SER A 140 22.64 -7.78 -0.02
N ASP A 141 23.69 -7.57 -0.79
CA ASP A 141 23.59 -7.19 -2.20
C ASP A 141 22.81 -8.20 -3.03
N ALA A 142 23.00 -9.49 -2.73
CA ALA A 142 22.26 -10.54 -3.43
C ALA A 142 20.76 -10.42 -3.15
N GLY A 143 20.43 -10.00 -1.93
CA GLY A 143 19.04 -9.84 -1.56
C GLY A 143 18.42 -8.63 -2.21
N LYS A 144 19.20 -7.56 -2.31
CA LYS A 144 18.73 -6.32 -2.93
C LYS A 144 18.41 -6.54 -4.40
N ALA A 145 19.31 -7.23 -5.09
CA ALA A 145 19.15 -7.49 -6.52
C ALA A 145 18.02 -8.49 -6.78
N ASP A 146 17.85 -9.44 -5.87
CA ASP A 146 16.82 -10.47 -6.04
C ASP A 146 15.45 -9.88 -5.78
N PHE A 147 15.40 -8.89 -4.90
CA PHE A 147 14.18 -8.13 -4.67
C PHE A 147 13.76 -7.43 -5.96
N GLY A 148 14.74 -7.08 -6.79
CA GLY A 148 14.47 -6.43 -8.04
C GLY A 148 13.84 -7.35 -9.07
N LYS A 149 13.85 -8.65 -8.79
CA LYS A 149 13.27 -9.62 -9.69
C LYS A 149 11.78 -9.78 -9.37
N GLN A 150 11.46 -9.63 -8.10
CA GLN A 150 10.11 -9.80 -7.61
C GLN A 150 9.36 -8.48 -7.60
N PHE A 151 10.07 -7.42 -7.23
CA PHE A 151 9.50 -6.08 -7.23
C PHE A 151 10.44 -5.11 -7.92
N PRO A 152 10.48 -5.18 -9.28
CA PRO A 152 11.39 -4.39 -10.09
C PRO A 152 11.10 -2.90 -10.06
N PHE A 153 9.84 -2.54 -9.84
CA PHE A 153 9.43 -1.15 -9.84
C PHE A 153 9.88 -0.48 -8.54
N LEU A 154 9.82 -1.23 -7.46
CA LEU A 154 10.28 -0.71 -6.17
C LEU A 154 11.80 -0.68 -6.13
N ALA A 155 12.43 -1.78 -6.55
CA ALA A 155 13.89 -1.83 -6.60
C ALA A 155 14.42 -0.70 -7.48
N LYS A 156 13.71 -0.45 -8.57
CA LYS A 156 13.95 0.70 -9.44
C LYS A 156 14.19 1.98 -8.66
N VAL A 157 13.13 2.44 -8.00
CA VAL A 157 13.14 3.72 -7.32
C VAL A 157 13.97 3.70 -6.04
N PHE A 158 14.29 2.50 -5.55
CA PHE A 158 15.11 2.39 -4.35
C PHE A 158 16.59 2.47 -4.70
N GLU A 159 16.97 1.89 -5.84
CA GLU A 159 18.35 1.97 -6.33
C GLU A 159 18.67 3.41 -6.70
N SER A 160 17.81 4.00 -7.53
CA SER A 160 17.98 5.37 -7.95
C SER A 160 17.59 6.31 -6.82
N GLY A 161 18.06 7.54 -6.87
CA GLY A 161 17.72 8.52 -5.85
C GLY A 161 16.32 9.07 -6.05
N LYS A 162 15.36 8.17 -6.17
CA LYS A 162 13.98 8.54 -6.44
C LYS A 162 13.16 8.53 -5.16
N ALA A 163 13.02 7.35 -4.57
CA ALA A 163 12.35 7.23 -3.28
C ALA A 163 13.23 7.81 -2.19
N ALA A 164 14.53 7.66 -2.37
CA ALA A 164 15.52 8.19 -1.45
C ALA A 164 15.34 9.70 -1.26
N LYS A 165 15.01 10.39 -2.34
CA LYS A 165 14.86 11.85 -2.29
C LYS A 165 13.46 12.26 -1.83
N PHE A 166 12.51 11.34 -1.96
CA PHE A 166 11.17 11.55 -1.40
C PHE A 166 11.22 11.38 0.11
N ALA A 167 12.08 10.49 0.55
CA ALA A 167 12.31 10.25 1.97
C ALA A 167 13.22 11.29 2.57
N GLY A 168 14.28 11.62 1.85
CA GLY A 168 15.32 12.46 2.41
C GLY A 168 16.51 11.62 2.84
N GLU A 169 16.38 10.32 2.62
CA GLU A 169 17.38 9.35 3.02
C GLU A 169 18.42 9.19 1.93
N ASN A 170 19.69 9.32 2.28
CA ASN A 170 20.79 9.08 1.35
C ASN A 170 20.82 10.17 0.29
N MET A 1 -16.87 -8.09 -15.33
CA MET A 1 -16.91 -7.01 -16.35
C MET A 1 -16.27 -7.49 -17.65
N GLY A 2 -17.11 -7.81 -18.63
CA GLY A 2 -16.61 -8.22 -19.94
C GLY A 2 -15.85 -7.10 -20.62
N SER A 3 -16.26 -5.87 -20.35
CA SER A 3 -15.58 -4.71 -20.86
C SER A 3 -15.25 -3.77 -19.71
N SER A 4 -14.04 -3.24 -19.70
CA SER A 4 -13.59 -2.36 -18.64
C SER A 4 -14.23 -0.98 -18.79
N HIS A 5 -15.42 -0.82 -18.23
CA HIS A 5 -16.13 0.45 -18.27
C HIS A 5 -15.52 1.43 -17.28
N HIS A 6 -15.74 2.71 -17.54
CA HIS A 6 -15.26 3.75 -16.64
C HIS A 6 -16.28 4.00 -15.55
N HIS A 7 -15.82 4.05 -14.31
CA HIS A 7 -16.70 4.24 -13.17
C HIS A 7 -17.28 5.65 -13.16
N HIS A 8 -18.53 5.74 -13.58
CA HIS A 8 -19.21 7.03 -13.65
C HIS A 8 -19.50 7.56 -12.26
N HIS A 9 -19.22 8.84 -12.05
CA HIS A 9 -19.40 9.46 -10.74
C HIS A 9 -20.86 9.90 -10.57
N HIS A 10 -21.44 9.53 -9.44
CA HIS A 10 -22.80 9.92 -9.12
C HIS A 10 -22.81 10.86 -7.93
N SER A 11 -22.39 10.35 -6.79
CA SER A 11 -22.23 11.18 -5.60
C SER A 11 -20.84 11.78 -5.56
N SER A 12 -20.71 12.98 -6.12
CA SER A 12 -19.43 13.65 -6.22
C SER A 12 -19.33 14.76 -5.17
N GLY A 13 -18.15 14.88 -4.58
CA GLY A 13 -17.93 15.89 -3.58
C GLY A 13 -16.75 15.54 -2.68
N HIS A 14 -17.04 14.94 -1.55
CA HIS A 14 -16.00 14.52 -0.63
C HIS A 14 -15.94 13.01 -0.53
N MET A 15 -15.22 12.40 -1.45
CA MET A 15 -15.10 10.96 -1.50
C MET A 15 -13.70 10.57 -1.96
N PHE A 16 -13.06 9.68 -1.20
CA PHE A 16 -11.72 9.15 -1.50
C PHE A 16 -11.60 8.80 -2.98
N LYS A 17 -11.07 9.74 -3.73
CA LYS A 17 -10.91 9.62 -5.17
C LYS A 17 -9.48 9.26 -5.49
N TYR A 18 -8.98 8.23 -4.81
CA TYR A 18 -7.56 7.94 -4.78
C TYR A 18 -6.86 9.15 -4.14
N GLU A 19 -7.68 9.88 -3.34
CA GLU A 19 -7.27 10.97 -2.47
C GLU A 19 -6.34 12.01 -3.07
N ASP A 20 -6.24 12.08 -4.40
CA ASP A 20 -5.24 12.96 -5.02
C ASP A 20 -3.87 12.73 -4.38
N ILE A 21 -3.64 11.50 -3.90
CA ILE A 21 -2.44 11.15 -3.14
C ILE A 21 -1.20 11.55 -3.92
N PRO A 22 -0.24 12.21 -3.23
CA PRO A 22 0.98 12.74 -3.84
C PRO A 22 1.52 11.88 -4.97
N ALA A 23 1.40 12.38 -6.19
CA ALA A 23 1.78 11.63 -7.38
C ALA A 23 3.26 11.28 -7.37
N ASP A 24 4.04 11.97 -6.53
CA ASP A 24 5.45 11.64 -6.42
C ASP A 24 5.61 10.26 -5.79
N TYR A 25 4.70 9.98 -4.86
CA TYR A 25 4.72 8.74 -4.09
C TYR A 25 3.93 7.64 -4.80
N ARG A 26 2.98 8.02 -5.65
CA ARG A 26 2.24 7.01 -6.40
C ARG A 26 3.15 6.39 -7.46
N ASP A 27 4.18 7.15 -7.81
CA ASP A 27 5.26 6.67 -8.66
C ASP A 27 6.06 5.57 -7.98
N LEU A 28 6.01 5.58 -6.64
CA LEU A 28 6.68 4.57 -5.83
C LEU A 28 5.84 3.30 -5.76
N MET A 29 4.54 3.46 -5.56
CA MET A 29 3.65 2.32 -5.41
C MET A 29 3.52 1.55 -6.72
N PRO A 30 3.67 0.22 -6.67
CA PRO A 30 3.60 -0.64 -7.85
C PRO A 30 2.21 -0.59 -8.50
N PRO A 31 2.16 -0.85 -9.82
CA PRO A 31 0.92 -0.80 -10.61
C PRO A 31 -0.19 -1.67 -10.02
N GLU A 32 0.22 -2.71 -9.31
CA GLU A 32 -0.72 -3.60 -8.62
C GLU A 32 -1.46 -2.83 -7.52
N ALA A 33 -0.71 -2.13 -6.67
CA ALA A 33 -1.30 -1.40 -5.56
C ALA A 33 -2.14 -0.23 -6.07
N ARG A 34 -1.74 0.31 -7.20
CA ARG A 34 -2.46 1.42 -7.82
C ARG A 34 -3.74 0.93 -8.48
N ASP A 35 -3.70 -0.29 -9.00
CA ASP A 35 -4.86 -0.94 -9.62
C ASP A 35 -6.08 -0.91 -8.70
N PHE A 36 -5.85 -1.25 -7.44
CA PHE A 36 -6.91 -1.25 -6.43
C PHE A 36 -7.57 0.14 -6.30
N LEU A 37 -6.85 1.16 -5.89
CA LEU A 37 -7.47 2.48 -5.74
C LEU A 37 -7.78 3.15 -7.07
N GLN A 38 -7.29 2.60 -8.16
CA GLN A 38 -7.78 2.97 -9.47
C GLN A 38 -9.23 2.48 -9.64
N ASN A 39 -9.51 1.29 -9.09
CA ASN A 39 -10.83 0.68 -9.20
C ASN A 39 -11.79 1.28 -8.18
N LEU A 40 -11.35 1.35 -6.94
CA LEU A 40 -12.16 1.91 -5.86
C LEU A 40 -12.60 3.33 -6.17
N SER A 41 -13.88 3.59 -5.98
CA SER A 41 -14.45 4.87 -6.33
C SER A 41 -15.30 5.42 -5.18
N ASP A 42 -16.59 5.11 -5.18
CA ASP A 42 -17.52 5.73 -4.22
C ASP A 42 -18.28 4.67 -3.42
N GLY A 43 -19.06 3.85 -4.10
CA GLY A 43 -19.92 2.88 -3.42
C GLY A 43 -19.13 1.88 -2.60
N ASP A 44 -18.06 1.34 -3.20
CA ASP A 44 -17.23 0.36 -2.51
C ASP A 44 -16.41 1.03 -1.43
N LYS A 45 -16.03 2.28 -1.69
CA LYS A 45 -15.25 3.06 -0.76
C LYS A 45 -15.92 3.13 0.61
N THR A 46 -17.24 3.18 0.57
CA THR A 46 -18.06 3.18 1.78
C THR A 46 -17.70 2.03 2.73
N VAL A 47 -17.47 0.86 2.18
CA VAL A 47 -17.31 -0.33 2.99
C VAL A 47 -15.86 -0.51 3.46
N LEU A 48 -14.92 0.07 2.72
CA LEU A 48 -13.50 0.08 3.10
C LEU A 48 -13.31 0.55 4.54
N LYS A 49 -13.87 1.71 4.86
CA LYS A 49 -13.68 2.32 6.18
C LYS A 49 -14.30 1.46 7.28
N GLU A 50 -15.22 0.60 6.90
CA GLU A 50 -15.90 -0.29 7.84
C GLU A 50 -14.99 -1.45 8.22
N VAL A 51 -14.02 -1.74 7.38
CA VAL A 51 -13.06 -2.80 7.65
C VAL A 51 -11.85 -2.23 8.36
N PHE A 52 -11.28 -1.19 7.77
CA PHE A 52 -10.15 -0.48 8.31
C PHE A 52 -10.39 0.11 9.69
N LYS A 53 -11.58 0.64 9.96
CA LYS A 53 -11.87 1.14 11.30
C LYS A 53 -12.37 0.01 12.20
N ALA A 54 -12.11 -1.22 11.77
CA ALA A 54 -12.40 -2.40 12.57
C ALA A 54 -11.11 -3.18 12.79
N GLY A 55 -9.98 -2.50 12.65
CA GLY A 55 -8.69 -3.11 12.94
C GLY A 55 -8.39 -3.09 14.43
N PRO A 56 -7.12 -3.10 14.84
CA PRO A 56 -5.96 -3.18 13.95
C PRO A 56 -5.63 -4.62 13.55
N TYR A 57 -5.06 -4.77 12.36
CA TYR A 57 -4.69 -6.09 11.85
C TYR A 57 -3.30 -6.47 12.34
N LYS A 58 -3.18 -7.69 12.80
CA LYS A 58 -1.92 -8.22 13.25
C LYS A 58 -1.19 -8.86 12.07
N ASN A 59 -1.97 -9.14 11.02
CA ASN A 59 -1.45 -9.81 9.84
C ASN A 59 -2.15 -9.28 8.59
N THR A 60 -1.59 -9.53 7.43
CA THR A 60 -2.15 -9.02 6.18
C THR A 60 -3.52 -9.64 5.89
N GLU A 61 -3.62 -10.94 6.12
CA GLU A 61 -4.82 -11.72 5.80
C GLU A 61 -6.08 -11.15 6.46
N GLU A 62 -5.95 -10.61 7.67
CA GLU A 62 -7.10 -10.07 8.39
C GLU A 62 -7.83 -9.00 7.59
N SER A 63 -7.08 -8.16 6.90
CA SER A 63 -7.68 -7.09 6.09
C SER A 63 -8.41 -7.70 4.89
N ILE A 64 -7.76 -8.67 4.25
CA ILE A 64 -8.31 -9.32 3.08
C ILE A 64 -9.58 -10.09 3.44
N ALA A 65 -9.51 -10.80 4.55
CA ALA A 65 -10.63 -11.57 5.07
C ALA A 65 -11.81 -10.69 5.44
N ALA A 66 -11.56 -9.62 6.17
CA ALA A 66 -12.62 -8.73 6.62
C ALA A 66 -13.29 -8.05 5.43
N LEU A 67 -12.48 -7.75 4.42
CA LEU A 67 -13.00 -7.13 3.20
C LEU A 67 -13.86 -8.10 2.41
N LYS A 68 -13.54 -9.39 2.46
CA LYS A 68 -14.36 -10.39 1.79
C LYS A 68 -15.73 -10.51 2.43
N LYS A 69 -15.77 -10.46 3.77
CA LYS A 69 -17.02 -10.55 4.52
C LYS A 69 -17.90 -9.32 4.25
N LYS A 70 -17.25 -8.21 3.95
CA LYS A 70 -17.95 -6.98 3.61
C LYS A 70 -18.30 -6.91 2.13
N SER A 71 -17.39 -7.28 1.26
CA SER A 71 -17.67 -7.26 -0.17
C SER A 71 -16.85 -8.31 -0.91
N PRO A 72 -17.50 -9.42 -1.31
CA PRO A 72 -16.83 -10.58 -1.91
C PRO A 72 -15.75 -10.21 -2.92
N GLU A 73 -16.19 -9.53 -3.99
CA GLU A 73 -15.32 -9.15 -5.09
C GLU A 73 -14.28 -8.14 -4.64
N LEU A 74 -14.62 -7.34 -3.64
CA LEU A 74 -13.73 -6.28 -3.19
C LEU A 74 -12.57 -6.92 -2.44
N GLY A 75 -12.93 -7.91 -1.61
CA GLY A 75 -11.95 -8.67 -0.89
C GLY A 75 -11.09 -9.50 -1.83
N ALA A 76 -11.64 -9.82 -3.00
CA ALA A 76 -10.87 -10.48 -4.04
C ALA A 76 -9.88 -9.51 -4.68
N LYS A 77 -10.26 -8.25 -4.75
CA LYS A 77 -9.40 -7.21 -5.31
C LYS A 77 -8.18 -6.97 -4.42
N VAL A 78 -8.37 -7.02 -3.12
CA VAL A 78 -7.26 -6.91 -2.19
C VAL A 78 -6.52 -8.25 -2.08
N GLU A 79 -7.27 -9.33 -2.26
CA GLU A 79 -6.71 -10.67 -2.25
C GLU A 79 -5.67 -10.83 -3.35
N LYS A 80 -6.03 -10.43 -4.58
CA LYS A 80 -5.10 -10.56 -5.69
C LYS A 80 -3.87 -9.71 -5.43
N LEU A 81 -4.09 -8.62 -4.70
CA LEU A 81 -3.04 -7.67 -4.37
C LEU A 81 -2.07 -8.21 -3.34
N HIS A 82 -2.36 -9.40 -2.82
CA HIS A 82 -1.39 -10.06 -1.96
C HIS A 82 -1.03 -11.42 -2.53
N ALA A 83 -1.95 -12.05 -3.24
CA ALA A 83 -1.70 -13.33 -3.88
C ALA A 83 -0.69 -13.22 -5.03
N MET A 84 -0.90 -12.24 -5.91
CA MET A 84 0.02 -11.99 -7.01
C MET A 84 1.38 -11.61 -6.46
N VAL A 85 1.35 -10.83 -5.40
CA VAL A 85 2.54 -10.36 -4.74
C VAL A 85 3.24 -11.52 -4.03
N LYS A 86 2.43 -12.43 -3.49
CA LYS A 86 2.96 -13.60 -2.81
C LYS A 86 3.77 -14.45 -3.77
N SER A 87 3.32 -14.58 -5.02
CA SER A 87 4.03 -15.33 -6.03
C SER A 87 5.46 -14.82 -6.17
N LYS A 88 5.59 -13.50 -6.04
CA LYS A 88 6.89 -12.84 -6.09
C LYS A 88 7.62 -13.02 -4.77
N ILE A 89 6.99 -12.66 -3.66
CA ILE A 89 7.65 -12.74 -2.35
C ILE A 89 8.02 -14.19 -2.01
N ALA A 90 7.34 -15.13 -2.62
CA ALA A 90 7.61 -16.55 -2.43
C ALA A 90 8.89 -16.92 -3.15
N ALA A 91 9.08 -16.30 -4.31
CA ALA A 91 10.25 -16.53 -5.15
C ALA A 91 11.42 -15.69 -4.64
N LEU A 92 11.15 -14.91 -3.61
CA LEU A 92 12.12 -14.00 -3.05
C LEU A 92 12.88 -14.69 -1.93
N GLY A 93 14.19 -14.52 -1.92
CA GLY A 93 15.02 -15.14 -0.91
C GLY A 93 14.74 -14.57 0.46
N PRO A 94 15.10 -15.30 1.53
CA PRO A 94 14.85 -14.89 2.91
C PRO A 94 15.26 -13.44 3.19
N GLU A 95 16.37 -13.01 2.60
CA GLU A 95 16.90 -11.68 2.81
C GLU A 95 15.93 -10.63 2.31
N ALA A 96 15.45 -10.81 1.09
CA ALA A 96 14.61 -9.80 0.46
C ALA A 96 13.14 -9.98 0.84
N LYS A 97 12.75 -11.23 1.09
CA LYS A 97 11.39 -11.54 1.51
C LYS A 97 11.00 -10.79 2.78
N GLY A 98 11.93 -10.72 3.74
CA GLY A 98 11.66 -10.02 4.97
C GLY A 98 11.31 -8.56 4.73
N PHE A 99 12.04 -7.93 3.83
CA PHE A 99 11.79 -6.55 3.46
C PHE A 99 10.50 -6.41 2.66
N ALA A 100 10.27 -7.34 1.74
CA ALA A 100 9.10 -7.28 0.87
C ALA A 100 7.80 -7.26 1.68
N GLU A 101 7.68 -8.19 2.61
CA GLU A 101 6.48 -8.30 3.43
C GLU A 101 6.29 -7.07 4.32
N LYS A 102 7.39 -6.44 4.71
CA LYS A 102 7.33 -5.32 5.62
C LYS A 102 7.16 -3.99 4.87
N SER A 103 7.82 -3.85 3.72
CA SER A 103 7.65 -2.65 2.91
C SER A 103 6.19 -2.50 2.50
N ILE A 104 5.58 -3.63 2.16
CA ILE A 104 4.16 -3.66 1.83
C ILE A 104 3.31 -3.27 3.04
N GLU A 105 3.67 -3.75 4.24
CA GLU A 105 2.89 -3.46 5.44
C GLU A 105 2.97 -1.97 5.78
N ILE A 106 4.12 -1.36 5.50
CA ILE A 106 4.30 0.06 5.75
C ILE A 106 3.52 0.90 4.73
N ALA A 107 3.73 0.60 3.45
CA ALA A 107 3.07 1.32 2.36
C ALA A 107 1.56 1.17 2.45
N ARG A 108 1.10 -0.05 2.72
CA ARG A 108 -0.33 -0.32 2.84
C ARG A 108 -0.91 0.41 4.04
N GLY A 109 -0.06 0.73 5.02
CA GLY A 109 -0.53 1.40 6.22
C GLY A 109 -0.88 2.85 5.95
N ILE A 110 -0.05 3.52 5.16
CA ILE A 110 -0.32 4.89 4.78
C ILE A 110 -1.57 4.95 3.92
N LYS A 111 -1.65 4.00 2.99
CA LYS A 111 -2.79 3.86 2.11
C LYS A 111 -3.84 2.94 2.77
N ALA A 112 -3.84 2.96 4.09
CA ALA A 112 -4.91 2.35 4.89
C ALA A 112 -5.56 3.38 5.79
N ARG A 113 -4.77 4.32 6.27
CA ARG A 113 -5.32 5.38 7.09
C ARG A 113 -5.92 6.45 6.18
N TYR A 114 -5.86 6.24 4.88
CA TYR A 114 -6.66 7.02 3.95
C TYR A 114 -8.08 6.44 3.87
N TYR A 115 -8.21 5.13 4.12
CA TYR A 115 -9.51 4.47 4.04
C TYR A 115 -10.40 4.85 5.22
N THR A 116 -9.77 5.07 6.37
CA THR A 116 -10.49 5.30 7.61
C THR A 116 -11.11 6.70 7.67
N GLY A 117 -10.72 7.56 6.73
CA GLY A 117 -11.16 8.95 6.78
C GLY A 117 -10.06 9.84 7.33
N ASN A 118 -8.93 9.22 7.63
CA ASN A 118 -7.75 9.94 8.11
C ASN A 118 -6.94 10.38 6.90
N GLU A 119 -6.05 11.34 7.07
CA GLU A 119 -5.26 11.85 5.97
C GLU A 119 -3.81 12.09 6.40
N PRO A 120 -2.91 11.12 6.11
CA PRO A 120 -1.49 11.26 6.43
C PRO A 120 -0.88 12.51 5.80
N THR A 121 -0.02 13.19 6.54
CA THR A 121 0.65 14.36 6.01
C THR A 121 1.79 13.93 5.10
N LYS A 122 2.34 14.83 4.30
CA LYS A 122 3.43 14.48 3.40
C LYS A 122 4.61 13.91 4.19
N ASP A 123 4.79 14.44 5.41
CA ASP A 123 5.88 14.02 6.28
C ASP A 123 5.69 12.58 6.75
N ASP A 124 4.43 12.14 6.79
CA ASP A 124 4.10 10.77 7.14
C ASP A 124 4.61 9.84 6.05
N LEU A 125 4.35 10.23 4.80
CA LEU A 125 4.79 9.47 3.63
C LEU A 125 6.31 9.45 3.57
N LYS A 126 6.93 10.60 3.79
CA LYS A 126 8.38 10.71 3.79
C LYS A 126 8.98 9.74 4.81
N ALA A 127 8.35 9.67 5.98
CA ALA A 127 8.76 8.76 7.03
C ALA A 127 8.55 7.30 6.63
N SER A 128 7.39 7.00 6.08
CA SER A 128 7.06 5.63 5.71
C SER A 128 7.99 5.08 4.63
N VAL A 129 8.35 5.90 3.65
CA VAL A 129 9.20 5.43 2.56
C VAL A 129 10.65 5.37 3.05
N LYS A 130 10.94 6.16 4.06
CA LYS A 130 12.24 6.19 4.68
C LYS A 130 12.55 4.88 5.39
N GLU A 131 11.54 4.31 6.06
CA GLU A 131 11.77 3.08 6.80
C GLU A 131 11.98 1.91 5.86
N VAL A 132 11.30 1.90 4.72
CA VAL A 132 11.54 0.86 3.72
C VAL A 132 12.96 1.00 3.17
N LEU A 133 13.46 2.23 3.07
CA LEU A 133 14.85 2.45 2.68
C LEU A 133 15.77 2.05 3.81
N LYS A 134 15.31 2.26 5.04
CA LYS A 134 16.10 1.93 6.21
C LYS A 134 16.45 0.46 6.17
N LEU A 135 15.47 -0.34 5.81
CA LEU A 135 15.68 -1.75 5.60
C LEU A 135 16.48 -2.02 4.34
N TYR A 136 16.11 -1.41 3.22
CA TYR A 136 16.66 -1.82 1.95
C TYR A 136 18.14 -1.43 1.82
N LYS A 137 18.51 -0.32 2.44
CA LYS A 137 19.91 0.13 2.47
C LYS A 137 20.77 -0.85 3.26
N ALA A 138 20.19 -1.41 4.32
CA ALA A 138 20.93 -2.23 5.26
C ALA A 138 20.97 -3.71 4.86
N MET A 139 20.20 -4.09 3.87
CA MET A 139 20.13 -5.50 3.47
C MET A 139 21.41 -5.96 2.79
N SER A 140 21.66 -7.27 2.83
CA SER A 140 22.78 -7.86 2.10
C SER A 140 22.72 -7.46 0.63
N ASP A 141 23.87 -7.20 0.02
CA ASP A 141 23.89 -6.71 -1.36
C ASP A 141 23.19 -7.69 -2.29
N ALA A 142 23.54 -8.96 -2.18
CA ALA A 142 22.91 -10.00 -2.98
C ALA A 142 21.42 -10.09 -2.68
N GLY A 143 21.06 -9.84 -1.44
CA GLY A 143 19.68 -9.92 -1.01
C GLY A 143 18.84 -8.76 -1.53
N LYS A 144 19.37 -7.55 -1.44
CA LYS A 144 18.62 -6.38 -1.86
C LYS A 144 18.49 -6.33 -3.38
N ALA A 145 19.46 -6.90 -4.08
CA ALA A 145 19.40 -7.01 -5.52
C ALA A 145 18.39 -8.06 -5.94
N ASP A 146 18.24 -9.09 -5.12
CA ASP A 146 17.31 -10.17 -5.41
C ASP A 146 15.88 -9.65 -5.31
N PHE A 147 15.70 -8.62 -4.50
CA PHE A 147 14.43 -7.92 -4.37
C PHE A 147 14.04 -7.29 -5.71
N GLY A 148 15.03 -7.01 -6.54
CA GLY A 148 14.77 -6.37 -7.81
C GLY A 148 14.16 -7.29 -8.85
N LYS A 149 14.18 -8.58 -8.57
CA LYS A 149 13.65 -9.56 -9.51
C LYS A 149 12.17 -9.81 -9.23
N GLN A 150 11.87 -10.03 -7.96
CA GLN A 150 10.51 -10.28 -7.52
C GLN A 150 9.73 -8.97 -7.39
N PHE A 151 10.42 -7.90 -7.04
CA PHE A 151 9.81 -6.57 -6.97
C PHE A 151 10.57 -5.57 -7.85
N PRO A 152 10.41 -5.67 -9.18
CA PRO A 152 11.16 -4.85 -10.13
C PRO A 152 10.79 -3.38 -10.07
N PHE A 153 9.51 -3.09 -9.79
CA PHE A 153 9.04 -1.71 -9.79
C PHE A 153 9.52 -0.97 -8.56
N LEU A 154 9.49 -1.63 -7.41
CA LEU A 154 9.95 -1.02 -6.17
C LEU A 154 11.47 -0.88 -6.19
N ALA A 155 12.17 -1.93 -6.62
CA ALA A 155 13.63 -1.88 -6.70
C ALA A 155 14.07 -0.75 -7.61
N LYS A 156 13.34 -0.59 -8.71
CA LYS A 156 13.52 0.53 -9.63
C LYS A 156 13.63 1.85 -8.88
N VAL A 157 12.54 2.24 -8.22
CA VAL A 157 12.46 3.52 -7.53
C VAL A 157 13.34 3.58 -6.30
N PHE A 158 13.77 2.44 -5.79
CA PHE A 158 14.65 2.43 -4.63
C PHE A 158 16.09 2.66 -5.04
N GLU A 159 16.52 2.03 -6.14
CA GLU A 159 17.89 2.17 -6.61
C GLU A 159 18.11 3.57 -7.18
N SER A 160 17.10 4.07 -7.87
CA SER A 160 17.16 5.40 -8.43
C SER A 160 16.75 6.41 -7.37
N GLY A 161 17.10 7.67 -7.58
CA GLY A 161 16.77 8.70 -6.62
C GLY A 161 15.32 9.12 -6.70
N LYS A 162 14.42 8.17 -6.52
CA LYS A 162 13.00 8.47 -6.48
C LYS A 162 12.49 8.35 -5.04
N ALA A 163 12.45 7.13 -4.53
CA ALA A 163 12.04 6.92 -3.15
C ALA A 163 13.06 7.51 -2.21
N ALA A 164 14.33 7.33 -2.54
CA ALA A 164 15.41 7.91 -1.78
C ALA A 164 15.25 9.42 -1.69
N LYS A 165 14.91 10.05 -2.80
CA LYS A 165 14.75 11.51 -2.85
C LYS A 165 13.55 11.93 -2.00
N PHE A 166 12.50 11.13 -2.05
CA PHE A 166 11.27 11.39 -1.29
C PHE A 166 11.52 11.26 0.21
N ALA A 167 12.38 10.32 0.59
CA ALA A 167 12.61 10.01 2.00
C ALA A 167 13.69 10.85 2.63
N GLY A 168 14.74 11.14 1.86
CA GLY A 168 15.93 11.75 2.42
C GLY A 168 17.09 10.78 2.37
N GLU A 169 16.95 9.78 1.49
CA GLU A 169 17.97 8.75 1.24
C GLU A 169 18.07 7.71 2.35
N ASN A 170 17.80 8.16 3.56
CA ASN A 170 17.92 7.37 4.79
C ASN A 170 19.37 7.29 5.22
N MET A 1 -10.02 2.95 -12.79
CA MET A 1 -10.20 4.29 -13.41
C MET A 1 -10.95 4.18 -14.72
N GLY A 2 -11.24 5.32 -15.32
CA GLY A 2 -11.99 5.36 -16.56
C GLY A 2 -13.27 6.13 -16.41
N SER A 3 -13.20 7.43 -16.67
CA SER A 3 -14.36 8.30 -16.52
C SER A 3 -15.48 7.87 -17.46
N SER A 4 -16.65 7.61 -16.90
CA SER A 4 -17.80 7.18 -17.67
C SER A 4 -18.69 8.38 -18.00
N HIS A 5 -18.06 9.54 -18.13
CA HIS A 5 -18.77 10.79 -18.44
C HIS A 5 -19.76 11.13 -17.32
N HIS A 6 -19.31 10.98 -16.10
CA HIS A 6 -20.11 11.33 -14.93
C HIS A 6 -19.32 12.29 -14.05
N HIS A 7 -19.93 13.41 -13.71
CA HIS A 7 -19.29 14.39 -12.85
C HIS A 7 -19.44 13.99 -11.39
N HIS A 8 -18.40 13.40 -10.84
CA HIS A 8 -18.42 12.94 -9.47
C HIS A 8 -17.18 13.46 -8.73
N HIS A 9 -17.30 14.65 -8.19
CA HIS A 9 -16.17 15.30 -7.53
C HIS A 9 -16.07 14.90 -6.06
N HIS A 10 -15.86 13.61 -5.83
CA HIS A 10 -15.71 13.05 -4.48
C HIS A 10 -16.99 13.15 -3.66
N SER A 11 -17.24 14.33 -3.08
CA SER A 11 -18.43 14.58 -2.27
C SER A 11 -18.48 13.66 -1.05
N SER A 12 -17.38 13.61 -0.32
CA SER A 12 -17.30 12.81 0.89
C SER A 12 -16.64 13.60 2.02
N GLY A 13 -15.49 14.18 1.74
CA GLY A 13 -14.79 14.97 2.74
C GLY A 13 -13.86 14.12 3.58
N HIS A 14 -14.03 12.80 3.51
CA HIS A 14 -13.19 11.89 4.28
C HIS A 14 -12.84 10.64 3.46
N MET A 15 -12.85 10.79 2.14
CA MET A 15 -12.53 9.68 1.26
C MET A 15 -11.44 10.07 0.28
N PHE A 16 -10.36 9.33 0.32
CA PHE A 16 -9.22 9.58 -0.56
C PHE A 16 -9.51 9.07 -1.96
N LYS A 17 -8.75 9.55 -2.92
CA LYS A 17 -8.78 9.01 -4.26
C LYS A 17 -7.35 8.85 -4.77
N TYR A 18 -7.15 7.98 -5.75
CA TYR A 18 -5.84 7.74 -6.33
C TYR A 18 -5.18 9.07 -6.69
N GLU A 19 -5.92 9.89 -7.44
CA GLU A 19 -5.44 11.19 -7.90
C GLU A 19 -5.15 12.15 -6.74
N ASP A 20 -5.74 11.89 -5.58
CA ASP A 20 -5.62 12.81 -4.45
C ASP A 20 -4.39 12.48 -3.61
N ILE A 21 -3.89 11.26 -3.78
CA ILE A 21 -2.67 10.85 -3.10
C ILE A 21 -1.48 11.54 -3.75
N PRO A 22 -0.59 12.15 -2.95
CA PRO A 22 0.63 12.80 -3.46
C PRO A 22 1.30 11.99 -4.56
N ALA A 23 1.29 12.54 -5.76
CA ALA A 23 1.73 11.83 -6.95
C ALA A 23 3.22 11.46 -6.88
N ASP A 24 3.97 12.14 -6.02
CA ASP A 24 5.39 11.82 -5.89
C ASP A 24 5.54 10.42 -5.32
N TYR A 25 4.58 10.08 -4.45
CA TYR A 25 4.58 8.82 -3.73
C TYR A 25 3.99 7.69 -4.56
N ARG A 26 2.95 8.00 -5.34
CA ARG A 26 2.30 6.96 -6.15
C ARG A 26 3.29 6.48 -7.20
N ASP A 27 4.14 7.41 -7.62
CA ASP A 27 5.22 7.16 -8.56
C ASP A 27 6.26 6.19 -7.99
N LEU A 28 6.22 5.98 -6.68
CA LEU A 28 7.15 5.07 -6.02
C LEU A 28 6.57 3.67 -5.94
N MET A 29 5.24 3.59 -5.76
CA MET A 29 4.57 2.32 -5.59
C MET A 29 4.56 1.52 -6.88
N PRO A 30 4.71 0.18 -6.77
CA PRO A 30 4.70 -0.71 -7.93
C PRO A 30 3.31 -0.83 -8.54
N PRO A 31 3.22 -1.05 -9.87
CA PRO A 31 1.96 -1.05 -10.62
C PRO A 31 0.84 -1.82 -9.94
N GLU A 32 1.14 -3.04 -9.51
CA GLU A 32 0.13 -3.90 -8.90
C GLU A 32 -0.48 -3.25 -7.65
N ALA A 33 0.35 -2.66 -6.81
CA ALA A 33 -0.12 -2.02 -5.58
C ALA A 33 -0.86 -0.71 -5.89
N ARG A 34 -0.83 -0.31 -7.15
CA ARG A 34 -1.52 0.88 -7.59
C ARG A 34 -2.82 0.50 -8.30
N ASP A 35 -2.81 -0.66 -8.96
CA ASP A 35 -4.00 -1.20 -9.64
C ASP A 35 -5.21 -1.20 -8.72
N PHE A 36 -5.01 -1.67 -7.49
CA PHE A 36 -6.07 -1.70 -6.50
C PHE A 36 -6.67 -0.32 -6.27
N LEU A 37 -5.88 0.69 -5.91
CA LEU A 37 -6.45 2.03 -5.67
C LEU A 37 -6.74 2.77 -6.97
N GLN A 38 -6.31 2.22 -8.09
CA GLN A 38 -6.80 2.65 -9.38
C GLN A 38 -8.26 2.20 -9.58
N ASN A 39 -8.59 1.05 -9.00
CA ASN A 39 -9.94 0.48 -9.09
C ASN A 39 -10.88 1.09 -8.04
N LEU A 40 -10.44 1.12 -6.78
CA LEU A 40 -11.24 1.69 -5.70
C LEU A 40 -11.69 3.11 -6.05
N SER A 41 -12.96 3.39 -5.80
CA SER A 41 -13.57 4.65 -6.19
C SER A 41 -14.31 5.28 -5.01
N ASP A 42 -15.43 4.69 -4.59
CA ASP A 42 -16.29 5.32 -3.60
C ASP A 42 -16.87 4.31 -2.60
N GLY A 43 -17.89 3.57 -3.04
CA GLY A 43 -18.60 2.66 -2.16
C GLY A 43 -17.72 1.55 -1.63
N ASP A 44 -16.75 1.17 -2.43
CA ASP A 44 -15.77 0.16 -2.05
C ASP A 44 -14.89 0.68 -0.91
N LYS A 45 -14.30 1.86 -1.09
CA LYS A 45 -13.48 2.47 -0.04
C LYS A 45 -14.28 2.65 1.25
N THR A 46 -15.60 2.77 1.09
CA THR A 46 -16.50 2.96 2.21
C THR A 46 -16.51 1.73 3.11
N VAL A 47 -16.21 0.59 2.54
CA VAL A 47 -16.24 -0.64 3.29
C VAL A 47 -14.83 -1.03 3.75
N LEU A 48 -13.81 -0.54 3.04
CA LEU A 48 -12.41 -0.68 3.46
C LEU A 48 -12.22 -0.14 4.89
N LYS A 49 -12.69 1.08 5.13
CA LYS A 49 -12.51 1.72 6.43
C LYS A 49 -13.26 0.98 7.54
N GLU A 50 -14.31 0.27 7.16
CA GLU A 50 -15.04 -0.57 8.10
C GLU A 50 -14.20 -1.76 8.53
N VAL A 51 -13.45 -2.31 7.59
CA VAL A 51 -12.57 -3.43 7.87
C VAL A 51 -11.37 -2.97 8.70
N PHE A 52 -10.73 -1.92 8.23
CA PHE A 52 -9.60 -1.30 8.92
C PHE A 52 -9.89 -0.92 10.36
N LYS A 53 -11.01 -0.26 10.62
CA LYS A 53 -11.27 0.19 11.98
C LYS A 53 -11.89 -0.91 12.83
N ALA A 54 -11.94 -2.12 12.26
CA ALA A 54 -12.34 -3.31 12.99
C ALA A 54 -11.10 -4.14 13.29
N GLY A 55 -9.94 -3.53 13.08
CA GLY A 55 -8.69 -4.17 13.42
C GLY A 55 -8.18 -3.71 14.77
N PRO A 56 -6.86 -3.72 15.02
CA PRO A 56 -5.85 -4.16 14.04
C PRO A 56 -5.87 -5.67 13.82
N TYR A 57 -5.42 -6.09 12.64
CA TYR A 57 -5.37 -7.49 12.30
C TYR A 57 -3.94 -8.00 12.38
N LYS A 58 -3.79 -9.21 12.88
CA LYS A 58 -2.48 -9.83 13.05
C LYS A 58 -1.97 -10.33 11.70
N ASN A 59 -2.87 -10.41 10.74
CA ASN A 59 -2.54 -10.93 9.42
C ASN A 59 -3.48 -10.36 8.38
N THR A 60 -2.97 -10.17 7.15
CA THR A 60 -3.74 -9.56 6.08
C THR A 60 -4.88 -10.46 5.61
N GLU A 61 -4.79 -11.75 5.94
CA GLU A 61 -5.83 -12.71 5.62
C GLU A 61 -7.17 -12.28 6.23
N GLU A 62 -7.13 -11.87 7.50
CA GLU A 62 -8.32 -11.43 8.21
C GLU A 62 -8.90 -10.17 7.57
N SER A 63 -8.04 -9.36 6.98
CA SER A 63 -8.47 -8.14 6.32
C SER A 63 -9.19 -8.49 5.01
N ILE A 64 -8.63 -9.46 4.28
CA ILE A 64 -9.23 -9.95 3.05
C ILE A 64 -10.55 -10.63 3.34
N ALA A 65 -10.54 -11.49 4.35
CA ALA A 65 -11.73 -12.19 4.81
C ALA A 65 -12.86 -11.22 5.13
N ALA A 66 -12.56 -10.18 5.90
CA ALA A 66 -13.55 -9.19 6.27
C ALA A 66 -14.16 -8.54 5.04
N LEU A 67 -13.30 -8.27 4.06
CA LEU A 67 -13.74 -7.64 2.81
C LEU A 67 -14.60 -8.58 1.98
N LYS A 68 -14.26 -9.86 1.99
CA LYS A 68 -15.03 -10.87 1.27
C LYS A 68 -16.45 -10.98 1.82
N LYS A 69 -16.58 -10.88 3.14
CA LYS A 69 -17.88 -11.00 3.79
C LYS A 69 -18.72 -9.74 3.57
N LYS A 70 -18.05 -8.60 3.55
CA LYS A 70 -18.69 -7.32 3.31
C LYS A 70 -19.00 -7.11 1.82
N SER A 71 -18.04 -7.40 0.97
CA SER A 71 -18.22 -7.21 -0.46
C SER A 71 -17.44 -8.29 -1.22
N PRO A 72 -18.13 -9.37 -1.63
CA PRO A 72 -17.52 -10.60 -2.13
C PRO A 72 -16.43 -10.35 -3.18
N GLU A 73 -16.85 -9.76 -4.30
CA GLU A 73 -15.96 -9.51 -5.43
C GLU A 73 -14.91 -8.46 -5.09
N LEU A 74 -15.23 -7.60 -4.14
CA LEU A 74 -14.34 -6.51 -3.77
C LEU A 74 -13.18 -7.10 -2.96
N GLY A 75 -13.52 -8.03 -2.08
CA GLY A 75 -12.54 -8.74 -1.30
C GLY A 75 -11.76 -9.71 -2.16
N ALA A 76 -12.34 -10.12 -3.26
CA ALA A 76 -11.64 -10.95 -4.23
C ALA A 76 -10.55 -10.14 -4.93
N LYS A 77 -10.81 -8.84 -5.10
CA LYS A 77 -9.82 -7.95 -5.73
C LYS A 77 -8.58 -7.84 -4.87
N VAL A 78 -8.76 -7.56 -3.58
CA VAL A 78 -7.64 -7.46 -2.66
C VAL A 78 -6.96 -8.82 -2.51
N GLU A 79 -7.74 -9.89 -2.66
CA GLU A 79 -7.21 -11.24 -2.62
C GLU A 79 -6.24 -11.48 -3.76
N LYS A 80 -6.74 -11.38 -5.00
CA LYS A 80 -5.93 -11.70 -6.18
C LYS A 80 -4.70 -10.82 -6.24
N LEU A 81 -4.88 -9.57 -5.84
CA LEU A 81 -3.80 -8.59 -5.82
C LEU A 81 -2.74 -9.00 -4.81
N HIS A 82 -3.18 -9.43 -3.64
CA HIS A 82 -2.25 -9.70 -2.56
C HIS A 82 -1.57 -11.04 -2.79
N ALA A 83 -2.32 -11.95 -3.39
CA ALA A 83 -1.84 -13.29 -3.72
C ALA A 83 -0.69 -13.24 -4.72
N MET A 84 -0.81 -12.40 -5.75
CA MET A 84 0.26 -12.23 -6.73
C MET A 84 1.52 -11.75 -6.05
N VAL A 85 1.37 -10.70 -5.26
CA VAL A 85 2.46 -10.13 -4.50
C VAL A 85 3.08 -11.16 -3.58
N LYS A 86 2.23 -11.95 -2.92
CA LYS A 86 2.70 -13.02 -2.06
C LYS A 86 3.50 -14.06 -2.84
N SER A 87 3.06 -14.35 -4.07
CA SER A 87 3.75 -15.32 -4.90
C SER A 87 5.18 -14.85 -5.24
N LYS A 88 5.30 -13.55 -5.44
CA LYS A 88 6.60 -12.94 -5.71
C LYS A 88 7.45 -12.92 -4.43
N ILE A 89 6.83 -12.55 -3.32
CA ILE A 89 7.53 -12.57 -2.03
C ILE A 89 7.82 -14.01 -1.61
N ALA A 90 7.07 -14.94 -2.16
CA ALA A 90 7.28 -16.37 -1.94
C ALA A 90 8.54 -16.83 -2.65
N ALA A 91 8.76 -16.23 -3.81
CA ALA A 91 9.91 -16.51 -4.64
C ALA A 91 11.11 -15.68 -4.19
N LEU A 92 10.88 -14.87 -3.19
CA LEU A 92 11.90 -13.96 -2.68
C LEU A 92 12.65 -14.63 -1.55
N GLY A 93 13.97 -14.48 -1.54
CA GLY A 93 14.78 -15.08 -0.52
C GLY A 93 14.54 -14.45 0.84
N PRO A 94 14.83 -15.18 1.93
CA PRO A 94 14.56 -14.73 3.32
C PRO A 94 14.92 -13.27 3.59
N GLU A 95 16.06 -12.84 3.08
CA GLU A 95 16.54 -11.48 3.32
C GLU A 95 15.64 -10.47 2.64
N ALA A 96 15.36 -10.68 1.36
CA ALA A 96 14.58 -9.72 0.62
C ALA A 96 13.10 -9.85 0.99
N LYS A 97 12.70 -11.07 1.33
CA LYS A 97 11.34 -11.36 1.77
C LYS A 97 10.98 -10.55 3.00
N GLY A 98 11.91 -10.51 3.97
CA GLY A 98 11.66 -9.79 5.21
C GLY A 98 11.38 -8.32 4.96
N PHE A 99 12.13 -7.73 4.03
CA PHE A 99 11.94 -6.34 3.67
C PHE A 99 10.68 -6.15 2.83
N ALA A 100 10.47 -7.05 1.87
CA ALA A 100 9.34 -6.94 0.94
C ALA A 100 8.02 -6.84 1.67
N GLU A 101 7.83 -7.70 2.67
CA GLU A 101 6.59 -7.70 3.42
C GLU A 101 6.49 -6.46 4.30
N LYS A 102 7.63 -5.86 4.62
CA LYS A 102 7.65 -4.63 5.41
C LYS A 102 7.32 -3.42 4.55
N SER A 103 7.84 -3.38 3.33
CA SER A 103 7.53 -2.29 2.41
C SER A 103 6.03 -2.28 2.10
N ILE A 104 5.40 -3.45 2.21
CA ILE A 104 3.96 -3.53 2.12
C ILE A 104 3.32 -3.02 3.40
N GLU A 105 3.79 -3.52 4.55
CA GLU A 105 3.21 -3.14 5.86
C GLU A 105 3.27 -1.64 6.11
N ILE A 106 4.47 -1.08 5.98
CA ILE A 106 4.69 0.33 6.30
C ILE A 106 3.88 1.24 5.39
N ALA A 107 3.90 0.95 4.09
CA ALA A 107 3.16 1.73 3.11
C ALA A 107 1.65 1.55 3.31
N ARG A 108 1.26 0.30 3.58
CA ARG A 108 -0.15 -0.03 3.79
C ARG A 108 -0.69 0.68 5.02
N GLY A 109 0.17 0.92 6.01
CA GLY A 109 -0.26 1.63 7.19
C GLY A 109 -0.60 3.08 6.91
N ILE A 110 0.15 3.68 5.99
CA ILE A 110 -0.10 5.05 5.58
C ILE A 110 -1.42 5.16 4.82
N LYS A 111 -1.60 4.30 3.84
CA LYS A 111 -2.82 4.30 3.04
C LYS A 111 -3.95 3.54 3.75
N ALA A 112 -3.68 3.02 4.93
CA ALA A 112 -4.73 2.59 5.83
C ALA A 112 -5.39 3.80 6.45
N ARG A 113 -4.63 4.87 6.56
CA ARG A 113 -5.16 6.14 7.03
C ARG A 113 -5.73 6.91 5.85
N TYR A 114 -5.52 6.41 4.65
CA TYR A 114 -6.25 6.91 3.50
C TYR A 114 -7.62 6.25 3.44
N TYR A 115 -7.66 4.94 3.72
CA TYR A 115 -8.93 4.20 3.73
C TYR A 115 -9.85 4.72 4.83
N THR A 116 -9.30 4.83 6.03
CA THR A 116 -10.07 5.16 7.23
C THR A 116 -10.64 6.59 7.20
N GLY A 117 -10.13 7.42 6.29
CA GLY A 117 -10.55 8.80 6.25
C GLY A 117 -9.62 9.73 7.04
N ASN A 118 -8.56 9.18 7.58
CA ASN A 118 -7.61 9.96 8.38
C ASN A 118 -6.41 10.37 7.52
N GLU A 119 -6.66 11.24 6.56
CA GLU A 119 -5.65 11.60 5.55
C GLU A 119 -4.33 12.04 6.18
N PRO A 120 -3.25 11.31 5.87
CA PRO A 120 -1.89 11.60 6.36
C PRO A 120 -1.28 12.85 5.73
N THR A 121 -0.24 13.38 6.35
CA THR A 121 0.50 14.50 5.81
C THR A 121 1.57 13.99 4.84
N LYS A 122 2.26 14.88 4.15
CA LYS A 122 3.34 14.47 3.29
C LYS A 122 4.48 13.90 4.15
N ASP A 123 4.55 14.40 5.38
CA ASP A 123 5.54 13.93 6.35
C ASP A 123 5.35 12.46 6.65
N ASP A 124 4.08 12.03 6.76
CA ASP A 124 3.77 10.63 7.00
C ASP A 124 4.33 9.75 5.89
N LEU A 125 4.13 10.20 4.65
CA LEU A 125 4.60 9.48 3.47
C LEU A 125 6.12 9.47 3.42
N LYS A 126 6.74 10.63 3.63
CA LYS A 126 8.19 10.73 3.66
C LYS A 126 8.76 9.77 4.69
N ALA A 127 8.16 9.76 5.87
CA ALA A 127 8.56 8.87 6.94
C ALA A 127 8.39 7.41 6.55
N SER A 128 7.27 7.07 5.92
CA SER A 128 7.01 5.69 5.54
C SER A 128 8.00 5.19 4.51
N VAL A 129 8.42 6.04 3.58
CA VAL A 129 9.36 5.62 2.55
C VAL A 129 10.76 5.57 3.15
N LYS A 130 10.97 6.37 4.18
CA LYS A 130 12.22 6.40 4.91
C LYS A 130 12.53 5.06 5.54
N GLU A 131 11.54 4.45 6.19
CA GLU A 131 11.78 3.21 6.92
C GLU A 131 12.03 2.06 5.96
N VAL A 132 11.31 2.01 4.85
CA VAL A 132 11.54 0.96 3.86
C VAL A 132 12.95 1.08 3.30
N LEU A 133 13.42 2.29 3.08
CA LEU A 133 14.76 2.49 2.55
C LEU A 133 15.83 2.32 3.62
N LYS A 134 15.44 2.56 4.87
CA LYS A 134 16.33 2.35 5.99
C LYS A 134 16.69 0.88 6.05
N LEU A 135 15.65 0.06 5.96
CA LEU A 135 15.77 -1.37 5.91
C LEU A 135 16.47 -1.83 4.63
N TYR A 136 16.09 -1.24 3.49
CA TYR A 136 16.55 -1.76 2.21
C TYR A 136 18.04 -1.47 1.99
N LYS A 137 18.48 -0.29 2.43
CA LYS A 137 19.90 0.07 2.35
C LYS A 137 20.76 -0.91 3.13
N ALA A 138 20.19 -1.44 4.21
CA ALA A 138 20.91 -2.30 5.12
C ALA A 138 20.97 -3.76 4.66
N MET A 139 20.28 -4.08 3.58
CA MET A 139 20.28 -5.46 3.09
C MET A 139 21.59 -5.74 2.35
N SER A 140 21.96 -7.02 2.28
CA SER A 140 23.13 -7.41 1.49
C SER A 140 22.86 -7.18 0.02
N ASP A 141 23.90 -6.93 -0.78
CA ASP A 141 23.71 -6.59 -2.19
C ASP A 141 22.90 -7.66 -2.92
N ALA A 142 23.19 -8.92 -2.62
CA ALA A 142 22.49 -10.03 -3.24
C ALA A 142 21.01 -10.02 -2.85
N GLY A 143 20.72 -9.53 -1.66
CA GLY A 143 19.34 -9.41 -1.21
C GLY A 143 18.64 -8.28 -1.91
N LYS A 144 19.37 -7.19 -2.15
CA LYS A 144 18.84 -6.05 -2.87
C LYS A 144 18.50 -6.46 -4.31
N ALA A 145 19.42 -7.18 -4.92
CA ALA A 145 19.26 -7.65 -6.30
C ALA A 145 18.09 -8.61 -6.42
N ASP A 146 17.90 -9.45 -5.40
CA ASP A 146 16.86 -10.47 -5.44
C ASP A 146 15.50 -9.81 -5.24
N PHE A 147 15.49 -8.73 -4.50
CA PHE A 147 14.28 -7.91 -4.37
C PHE A 147 13.91 -7.29 -5.72
N GLY A 148 14.91 -7.11 -6.58
CA GLY A 148 14.71 -6.44 -7.85
C GLY A 148 13.96 -7.27 -8.88
N LYS A 149 13.85 -8.57 -8.65
CA LYS A 149 13.17 -9.44 -9.59
C LYS A 149 11.72 -9.66 -9.21
N GLN A 150 11.47 -9.70 -7.90
CA GLN A 150 10.13 -9.92 -7.39
C GLN A 150 9.40 -8.58 -7.19
N PHE A 151 10.16 -7.53 -6.95
CA PHE A 151 9.61 -6.18 -6.91
C PHE A 151 10.43 -5.25 -7.80
N PRO A 152 10.29 -5.41 -9.12
CA PRO A 152 11.12 -4.67 -10.09
C PRO A 152 10.96 -3.16 -9.99
N PHE A 153 9.71 -2.70 -9.87
CA PHE A 153 9.43 -1.27 -9.88
C PHE A 153 10.00 -0.59 -8.64
N LEU A 154 9.97 -1.28 -7.51
CA LEU A 154 10.49 -0.70 -6.29
C LEU A 154 12.01 -0.68 -6.30
N ALA A 155 12.63 -1.76 -6.74
CA ALA A 155 14.09 -1.80 -6.87
C ALA A 155 14.56 -0.75 -7.85
N LYS A 156 13.72 -0.49 -8.85
CA LYS A 156 13.90 0.61 -9.79
C LYS A 156 14.03 1.93 -9.05
N VAL A 157 12.91 2.39 -8.48
CA VAL A 157 12.83 3.69 -7.82
C VAL A 157 13.80 3.82 -6.65
N PHE A 158 14.09 2.71 -5.98
CA PHE A 158 14.99 2.78 -4.83
C PHE A 158 16.41 3.10 -5.27
N GLU A 159 16.93 2.29 -6.18
CA GLU A 159 18.34 2.39 -6.58
C GLU A 159 18.58 3.54 -7.54
N SER A 160 17.53 4.02 -8.19
CA SER A 160 17.65 5.12 -9.13
C SER A 160 17.60 6.46 -8.41
N GLY A 161 17.51 6.40 -7.08
CA GLY A 161 17.49 7.62 -6.28
C GLY A 161 16.16 8.34 -6.34
N LYS A 162 15.13 7.63 -6.78
CA LYS A 162 13.80 8.23 -6.91
C LYS A 162 13.12 8.29 -5.54
N ALA A 163 12.89 7.13 -4.95
CA ALA A 163 12.31 7.05 -3.62
C ALA A 163 13.31 7.50 -2.59
N ALA A 164 14.57 7.16 -2.83
CA ALA A 164 15.66 7.54 -1.94
C ALA A 164 15.70 9.05 -1.70
N LYS A 165 15.41 9.83 -2.73
CA LYS A 165 15.46 11.27 -2.61
C LYS A 165 14.17 11.82 -1.99
N PHE A 166 13.10 11.06 -2.12
CA PHE A 166 11.83 11.39 -1.48
C PHE A 166 11.93 11.15 0.02
N ALA A 167 12.77 10.21 0.40
CA ALA A 167 13.02 9.93 1.81
C ALA A 167 14.11 10.83 2.36
N GLY A 168 15.09 11.12 1.51
CA GLY A 168 16.27 11.83 1.96
C GLY A 168 17.51 10.98 1.76
N GLU A 169 17.32 9.68 2.00
CA GLU A 169 18.36 8.66 1.81
C GLU A 169 19.46 8.77 2.86
N ASN A 170 20.19 7.68 3.06
CA ASN A 170 21.23 7.63 4.07
C ASN A 170 22.58 7.45 3.39
N MET A 1 -40.30 16.04 -19.90
CA MET A 1 -40.68 17.25 -19.14
C MET A 1 -40.32 17.12 -17.67
N GLY A 2 -40.04 15.89 -17.23
CA GLY A 2 -39.64 15.67 -15.85
C GLY A 2 -38.20 16.05 -15.59
N SER A 3 -37.90 17.34 -15.71
CA SER A 3 -36.56 17.84 -15.51
C SER A 3 -36.39 18.35 -14.09
N SER A 4 -35.49 17.74 -13.35
CA SER A 4 -35.19 18.17 -11.99
C SER A 4 -34.47 19.51 -12.03
N HIS A 5 -34.92 20.44 -11.18
CA HIS A 5 -34.37 21.79 -11.13
C HIS A 5 -32.95 21.76 -10.58
N HIS A 6 -32.73 20.98 -9.54
CA HIS A 6 -31.41 20.81 -8.95
C HIS A 6 -31.37 19.57 -8.06
N HIS A 7 -31.19 18.42 -8.70
CA HIS A 7 -31.14 17.16 -7.96
C HIS A 7 -29.90 16.36 -8.33
N HIS A 8 -28.85 16.53 -7.54
CA HIS A 8 -27.64 15.72 -7.67
C HIS A 8 -26.84 15.84 -6.37
N HIS A 9 -26.36 14.71 -5.87
CA HIS A 9 -25.63 14.70 -4.61
C HIS A 9 -24.17 14.34 -4.82
N HIS A 10 -23.88 13.05 -4.86
CA HIS A 10 -22.50 12.54 -4.91
C HIS A 10 -21.73 12.96 -3.66
N SER A 11 -20.50 12.46 -3.55
CA SER A 11 -19.63 12.79 -2.42
C SER A 11 -20.28 12.36 -1.10
N SER A 12 -20.83 11.16 -1.07
CA SER A 12 -21.49 10.64 0.11
C SER A 12 -20.48 10.23 1.17
N GLY A 13 -20.19 11.15 2.09
CA GLY A 13 -19.23 10.88 3.13
C GLY A 13 -17.86 11.40 2.78
N HIS A 14 -16.88 11.08 3.61
CA HIS A 14 -15.51 11.49 3.35
C HIS A 14 -14.84 10.55 2.37
N MET A 15 -15.15 10.74 1.10
CA MET A 15 -14.61 9.91 0.04
C MET A 15 -13.27 10.45 -0.45
N PHE A 16 -12.20 9.77 -0.09
CA PHE A 16 -10.86 10.19 -0.50
C PHE A 16 -10.59 9.80 -1.95
N LYS A 17 -9.82 10.62 -2.63
CA LYS A 17 -9.47 10.39 -4.02
C LYS A 17 -8.03 9.91 -4.11
N TYR A 18 -7.80 8.89 -4.93
CA TYR A 18 -6.47 8.31 -5.07
C TYR A 18 -5.50 9.31 -5.68
N GLU A 19 -6.00 10.14 -6.60
CA GLU A 19 -5.19 11.19 -7.20
C GLU A 19 -4.93 12.34 -6.22
N ASP A 20 -5.56 12.29 -5.05
CA ASP A 20 -5.34 13.32 -4.03
C ASP A 20 -4.15 12.94 -3.16
N ILE A 21 -3.69 11.71 -3.32
CA ILE A 21 -2.48 11.26 -2.66
C ILE A 21 -1.28 11.78 -3.44
N PRO A 22 -0.26 12.33 -2.74
CA PRO A 22 0.97 12.81 -3.37
C PRO A 22 1.48 11.88 -4.45
N ALA A 23 1.44 12.36 -5.69
CA ALA A 23 1.73 11.54 -6.86
C ALA A 23 3.17 11.08 -6.87
N ASP A 24 4.03 11.74 -6.10
CA ASP A 24 5.43 11.32 -6.05
C ASP A 24 5.52 9.95 -5.42
N TYR A 25 4.57 9.69 -4.51
CA TYR A 25 4.50 8.45 -3.78
C TYR A 25 3.75 7.40 -4.59
N ARG A 26 2.83 7.84 -5.44
CA ARG A 26 2.09 6.93 -6.28
C ARG A 26 3.01 6.38 -7.36
N ASP A 27 4.04 7.17 -7.65
CA ASP A 27 5.11 6.80 -8.56
C ASP A 27 6.01 5.75 -7.94
N LEU A 28 5.94 5.64 -6.61
CA LEU A 28 6.76 4.67 -5.89
C LEU A 28 6.03 3.34 -5.72
N MET A 29 4.78 3.41 -5.27
CA MET A 29 3.99 2.19 -5.06
C MET A 29 3.79 1.46 -6.37
N PRO A 30 4.01 0.14 -6.38
CA PRO A 30 3.95 -0.67 -7.60
C PRO A 30 2.52 -0.89 -8.07
N PRO A 31 2.33 -1.32 -9.34
CA PRO A 31 1.00 -1.58 -9.91
C PRO A 31 0.09 -2.35 -8.94
N GLU A 32 0.68 -3.34 -8.28
CA GLU A 32 -0.04 -4.18 -7.31
C GLU A 32 -0.83 -3.35 -6.29
N ALA A 33 -0.29 -2.20 -5.92
CA ALA A 33 -0.95 -1.35 -4.93
C ALA A 33 -1.81 -0.28 -5.59
N ARG A 34 -1.53 -0.02 -6.86
CA ARG A 34 -2.23 1.05 -7.59
C ARG A 34 -3.50 0.53 -8.24
N ASP A 35 -3.43 -0.65 -8.84
CA ASP A 35 -4.56 -1.26 -9.53
C ASP A 35 -5.81 -1.28 -8.67
N PHE A 36 -5.64 -1.60 -7.40
CA PHE A 36 -6.75 -1.59 -6.45
C PHE A 36 -7.37 -0.19 -6.33
N LEU A 37 -6.61 0.82 -5.93
CA LEU A 37 -7.20 2.17 -5.79
C LEU A 37 -7.47 2.82 -7.16
N GLN A 38 -6.95 2.24 -8.22
CA GLN A 38 -7.40 2.57 -9.56
C GLN A 38 -8.84 2.07 -9.75
N ASN A 39 -9.12 0.88 -9.22
CA ASN A 39 -10.46 0.29 -9.28
C ASN A 39 -11.44 1.06 -8.41
N LEU A 40 -11.07 1.28 -7.16
CA LEU A 40 -11.89 2.01 -6.22
C LEU A 40 -12.18 3.42 -6.72
N SER A 41 -13.39 3.88 -6.46
CA SER A 41 -13.81 5.22 -6.87
C SER A 41 -14.69 5.84 -5.79
N ASP A 42 -15.97 5.52 -5.82
CA ASP A 42 -16.90 5.99 -4.80
C ASP A 42 -17.81 4.84 -4.38
N GLY A 43 -18.40 4.95 -3.21
CA GLY A 43 -19.24 3.89 -2.70
C GLY A 43 -18.44 2.73 -2.12
N ASP A 44 -17.50 2.22 -2.89
CA ASP A 44 -16.71 1.06 -2.48
C ASP A 44 -15.79 1.41 -1.32
N LYS A 45 -15.14 2.56 -1.40
CA LYS A 45 -14.20 2.99 -0.35
C LYS A 45 -14.92 3.15 0.98
N THR A 46 -16.23 3.30 0.91
CA THR A 46 -17.06 3.44 2.10
C THR A 46 -17.02 2.16 2.94
N VAL A 47 -17.02 1.02 2.27
CA VAL A 47 -17.04 -0.25 2.97
C VAL A 47 -15.63 -0.61 3.44
N LEU A 48 -14.62 -0.11 2.73
CA LEU A 48 -13.23 -0.27 3.14
C LEU A 48 -13.00 0.23 4.56
N LYS A 49 -13.34 1.49 4.80
CA LYS A 49 -13.09 2.12 6.10
C LYS A 49 -13.82 1.41 7.25
N GLU A 50 -14.91 0.73 6.91
CA GLU A 50 -15.68 -0.03 7.89
C GLU A 50 -14.96 -1.32 8.28
N VAL A 51 -13.97 -1.70 7.50
CA VAL A 51 -13.12 -2.83 7.82
C VAL A 51 -11.91 -2.34 8.63
N PHE A 52 -11.30 -1.28 8.12
CA PHE A 52 -10.18 -0.60 8.74
C PHE A 52 -10.45 -0.14 10.17
N LYS A 53 -11.61 0.47 10.42
CA LYS A 53 -11.89 0.99 11.77
C LYS A 53 -12.45 -0.08 12.68
N ALA A 54 -12.33 -1.32 12.25
CA ALA A 54 -12.69 -2.45 13.07
C ALA A 54 -11.44 -3.24 13.46
N GLY A 55 -10.90 -4.02 12.53
CA GLY A 55 -9.77 -4.89 12.85
C GLY A 55 -9.96 -5.65 14.15
N PRO A 56 -8.88 -5.99 14.87
CA PRO A 56 -7.52 -5.85 14.39
C PRO A 56 -7.04 -7.14 13.71
N TYR A 57 -6.17 -6.99 12.73
CA TYR A 57 -5.78 -8.11 11.89
C TYR A 57 -4.29 -8.40 12.05
N LYS A 58 -4.01 -9.63 12.44
CA LYS A 58 -2.64 -10.10 12.62
C LYS A 58 -2.11 -10.67 11.31
N ASN A 59 -2.99 -10.76 10.33
CA ASN A 59 -2.63 -11.26 9.02
C ASN A 59 -3.54 -10.65 7.96
N THR A 60 -3.12 -10.72 6.71
CA THR A 60 -3.86 -10.11 5.62
C THR A 60 -5.18 -10.85 5.37
N GLU A 61 -5.18 -12.16 5.60
CA GLU A 61 -6.33 -13.00 5.34
C GLU A 61 -7.55 -12.55 6.14
N GLU A 62 -7.32 -12.13 7.39
CA GLU A 62 -8.41 -11.62 8.24
C GLU A 62 -9.10 -10.42 7.59
N SER A 63 -8.32 -9.53 7.01
CA SER A 63 -8.86 -8.34 6.38
C SER A 63 -9.59 -8.71 5.10
N ILE A 64 -9.05 -9.68 4.37
CA ILE A 64 -9.65 -10.14 3.13
C ILE A 64 -10.99 -10.82 3.44
N ALA A 65 -11.00 -11.62 4.49
CA ALA A 65 -12.21 -12.25 4.99
C ALA A 65 -13.28 -11.22 5.29
N ALA A 66 -12.89 -10.17 6.01
CA ALA A 66 -13.80 -9.08 6.34
C ALA A 66 -14.37 -8.45 5.07
N LEU A 67 -13.47 -8.22 4.11
CA LEU A 67 -13.85 -7.62 2.84
C LEU A 67 -14.73 -8.55 2.03
N LYS A 68 -14.42 -9.84 2.03
CA LYS A 68 -15.26 -10.81 1.34
C LYS A 68 -16.67 -10.84 1.91
N LYS A 69 -16.78 -10.59 3.21
CA LYS A 69 -18.08 -10.59 3.87
C LYS A 69 -18.83 -9.28 3.58
N LYS A 70 -18.12 -8.17 3.71
CA LYS A 70 -18.70 -6.85 3.45
C LYS A 70 -18.99 -6.64 1.97
N SER A 71 -18.03 -6.94 1.11
CA SER A 71 -18.21 -6.78 -0.32
C SER A 71 -17.41 -7.84 -1.07
N PRO A 72 -18.07 -8.97 -1.36
CA PRO A 72 -17.45 -10.17 -1.93
C PRO A 72 -16.37 -9.88 -2.96
N GLU A 73 -16.75 -9.13 -4.00
CA GLU A 73 -15.87 -8.84 -5.11
C GLU A 73 -14.67 -7.98 -4.70
N LEU A 74 -14.83 -7.15 -3.67
CA LEU A 74 -13.73 -6.29 -3.25
C LEU A 74 -12.67 -7.13 -2.58
N GLY A 75 -13.14 -8.11 -1.81
CA GLY A 75 -12.27 -9.07 -1.18
C GLY A 75 -11.61 -9.96 -2.21
N ALA A 76 -12.35 -10.29 -3.26
CA ALA A 76 -11.82 -11.04 -4.39
C ALA A 76 -10.68 -10.27 -5.04
N LYS A 77 -10.87 -8.96 -5.19
CA LYS A 77 -9.83 -8.07 -5.70
C LYS A 77 -8.54 -8.29 -4.94
N VAL A 78 -8.59 -7.99 -3.65
CA VAL A 78 -7.41 -7.98 -2.81
C VAL A 78 -6.85 -9.40 -2.61
N GLU A 79 -7.73 -10.40 -2.70
CA GLU A 79 -7.33 -11.79 -2.53
C GLU A 79 -6.39 -12.23 -3.66
N LYS A 80 -6.76 -11.91 -4.90
CA LYS A 80 -5.92 -12.29 -6.03
C LYS A 80 -4.72 -11.35 -6.10
N LEU A 81 -4.97 -10.10 -5.73
CA LEU A 81 -3.98 -9.02 -5.83
C LEU A 81 -2.82 -9.22 -4.85
N HIS A 82 -3.14 -9.52 -3.59
CA HIS A 82 -2.09 -9.63 -2.57
C HIS A 82 -1.31 -10.92 -2.80
N ALA A 83 -1.99 -11.87 -3.42
CA ALA A 83 -1.43 -13.16 -3.71
C ALA A 83 -0.29 -13.07 -4.71
N MET A 84 -0.40 -12.14 -5.65
CA MET A 84 0.68 -11.88 -6.60
C MET A 84 1.90 -11.40 -5.84
N VAL A 85 1.67 -10.40 -4.99
CA VAL A 85 2.69 -9.86 -4.11
C VAL A 85 3.32 -10.97 -3.29
N LYS A 86 2.46 -11.79 -2.68
CA LYS A 86 2.91 -12.89 -1.83
C LYS A 86 3.71 -13.92 -2.61
N SER A 87 3.25 -14.29 -3.80
CA SER A 87 3.94 -15.30 -4.59
C SER A 87 5.33 -14.83 -5.02
N LYS A 88 5.49 -13.53 -5.19
CA LYS A 88 6.78 -12.96 -5.52
C LYS A 88 7.66 -12.89 -4.25
N ILE A 89 7.04 -12.59 -3.12
CA ILE A 89 7.74 -12.61 -1.84
C ILE A 89 8.05 -14.06 -1.43
N ALA A 90 7.24 -14.98 -1.94
CA ALA A 90 7.46 -16.41 -1.75
C ALA A 90 8.71 -16.84 -2.51
N ALA A 91 8.95 -16.14 -3.60
CA ALA A 91 10.09 -16.41 -4.48
C ALA A 91 11.28 -15.54 -4.08
N LEU A 92 11.09 -14.73 -3.06
CA LEU A 92 12.13 -13.82 -2.60
C LEU A 92 12.90 -14.45 -1.46
N GLY A 93 14.23 -14.34 -1.51
CA GLY A 93 15.06 -14.91 -0.47
C GLY A 93 14.82 -14.26 0.87
N PRO A 94 14.89 -15.04 1.96
CA PRO A 94 14.61 -14.59 3.34
C PRO A 94 15.01 -13.15 3.65
N GLU A 95 16.19 -12.74 3.20
CA GLU A 95 16.70 -11.40 3.45
C GLU A 95 15.81 -10.35 2.79
N ALA A 96 15.58 -10.51 1.50
CA ALA A 96 14.78 -9.55 0.77
C ALA A 96 13.31 -9.75 1.07
N LYS A 97 12.96 -11.01 1.32
CA LYS A 97 11.62 -11.40 1.70
C LYS A 97 11.17 -10.68 2.97
N GLY A 98 12.04 -10.64 3.97
CA GLY A 98 11.72 -9.93 5.20
C GLY A 98 11.50 -8.46 4.95
N PHE A 99 12.33 -7.89 4.08
CA PHE A 99 12.20 -6.49 3.69
C PHE A 99 10.90 -6.25 2.93
N ALA A 100 10.61 -7.13 1.97
CA ALA A 100 9.40 -7.02 1.16
C ALA A 100 8.15 -7.01 2.03
N GLU A 101 8.11 -7.93 2.98
CA GLU A 101 6.97 -8.03 3.89
C GLU A 101 6.79 -6.75 4.69
N LYS A 102 7.89 -6.13 5.09
CA LYS A 102 7.82 -4.91 5.88
C LYS A 102 7.49 -3.71 5.00
N SER A 103 8.18 -3.61 3.86
CA SER A 103 8.01 -2.47 2.96
C SER A 103 6.58 -2.42 2.40
N ILE A 104 6.07 -3.58 2.01
CA ILE A 104 4.69 -3.68 1.53
C ILE A 104 3.72 -3.29 2.64
N GLU A 105 4.00 -3.71 3.87
CA GLU A 105 3.18 -3.35 5.02
C GLU A 105 3.25 -1.86 5.32
N ILE A 106 4.42 -1.26 5.11
CA ILE A 106 4.59 0.16 5.31
C ILE A 106 3.73 0.94 4.31
N ALA A 107 3.76 0.54 3.05
CA ALA A 107 2.94 1.17 2.04
C ALA A 107 1.47 0.94 2.35
N ARG A 108 1.15 -0.29 2.75
CA ARG A 108 -0.21 -0.65 3.13
C ARG A 108 -0.68 0.19 4.30
N GLY A 109 0.22 0.56 5.20
CA GLY A 109 -0.14 1.37 6.35
C GLY A 109 -0.51 2.79 5.94
N ILE A 110 0.23 3.34 4.98
CA ILE A 110 -0.08 4.66 4.46
C ILE A 110 -1.41 4.63 3.73
N LYS A 111 -1.57 3.66 2.84
CA LYS A 111 -2.82 3.46 2.15
C LYS A 111 -3.76 2.61 3.00
N ALA A 112 -3.69 2.85 4.30
CA ALA A 112 -4.70 2.38 5.25
C ALA A 112 -5.29 3.56 6.00
N ARG A 113 -4.46 4.56 6.23
CA ARG A 113 -4.92 5.77 6.92
C ARG A 113 -5.48 6.77 5.93
N TYR A 114 -5.41 6.44 4.64
CA TYR A 114 -6.17 7.18 3.64
C TYR A 114 -7.55 6.55 3.48
N TYR A 115 -7.62 5.23 3.69
CA TYR A 115 -8.86 4.47 3.50
C TYR A 115 -9.92 4.87 4.52
N THR A 116 -9.47 5.18 5.72
CA THR A 116 -10.37 5.47 6.82
C THR A 116 -11.05 6.84 6.70
N GLY A 117 -10.73 7.55 5.62
CA GLY A 117 -11.24 8.90 5.46
C GLY A 117 -10.32 9.94 6.05
N ASN A 118 -9.13 9.51 6.44
CA ASN A 118 -8.13 10.41 6.99
C ASN A 118 -7.04 10.66 5.96
N GLU A 119 -6.09 11.51 6.31
CA GLU A 119 -4.99 11.85 5.40
C GLU A 119 -3.68 11.99 6.14
N PRO A 120 -2.81 10.96 6.09
CA PRO A 120 -1.42 11.08 6.55
C PRO A 120 -0.72 12.20 5.78
N THR A 121 -0.01 13.08 6.48
CA THR A 121 0.60 14.22 5.82
C THR A 121 1.85 13.76 5.05
N LYS A 122 2.45 14.66 4.28
CA LYS A 122 3.59 14.28 3.46
C LYS A 122 4.73 13.74 4.33
N ASP A 123 4.84 14.30 5.53
CA ASP A 123 5.85 13.86 6.50
C ASP A 123 5.69 12.38 6.81
N ASP A 124 4.45 11.94 6.96
CA ASP A 124 4.14 10.53 7.22
C ASP A 124 4.68 9.67 6.10
N LEU A 125 4.41 10.08 4.87
CA LEU A 125 4.83 9.33 3.70
C LEU A 125 6.36 9.32 3.59
N LYS A 126 6.97 10.49 3.77
CA LYS A 126 8.43 10.61 3.74
C LYS A 126 9.07 9.65 4.74
N ALA A 127 8.58 9.70 5.97
CA ALA A 127 9.10 8.85 7.04
C ALA A 127 8.89 7.38 6.71
N SER A 128 7.74 7.06 6.17
CA SER A 128 7.40 5.69 5.83
C SER A 128 8.31 5.13 4.74
N VAL A 129 8.59 5.90 3.69
CA VAL A 129 9.38 5.38 2.59
C VAL A 129 10.85 5.33 2.99
N LYS A 130 11.23 6.25 3.87
CA LYS A 130 12.60 6.36 4.34
C LYS A 130 12.93 5.21 5.28
N GLU A 131 11.92 4.66 5.93
CA GLU A 131 12.14 3.49 6.74
C GLU A 131 12.29 2.27 5.85
N VAL A 132 11.56 2.27 4.74
CA VAL A 132 11.73 1.25 3.72
C VAL A 132 13.16 1.24 3.22
N LEU A 133 13.67 2.42 2.91
CA LEU A 133 15.02 2.57 2.41
C LEU A 133 16.02 2.28 3.51
N LYS A 134 15.59 2.47 4.75
CA LYS A 134 16.42 2.18 5.90
C LYS A 134 16.72 0.69 5.92
N LEU A 135 15.70 -0.09 5.66
CA LEU A 135 15.82 -1.52 5.55
C LEU A 135 16.59 -1.93 4.31
N TYR A 136 16.27 -1.34 3.15
CA TYR A 136 16.80 -1.88 1.92
C TYR A 136 18.30 -1.61 1.77
N LYS A 137 18.76 -0.45 2.23
CA LYS A 137 20.17 -0.11 2.12
C LYS A 137 21.02 -1.06 2.95
N ALA A 138 20.43 -1.56 4.04
CA ALA A 138 21.12 -2.42 4.97
C ALA A 138 21.16 -3.87 4.50
N MET A 139 20.47 -4.19 3.41
CA MET A 139 20.46 -5.56 2.92
C MET A 139 21.76 -5.86 2.18
N SER A 140 22.10 -7.14 2.07
CA SER A 140 23.25 -7.55 1.27
C SER A 140 23.01 -7.22 -0.21
N ASP A 141 24.07 -7.00 -0.97
CA ASP A 141 23.93 -6.58 -2.37
C ASP A 141 23.11 -7.60 -3.16
N ALA A 142 23.39 -8.89 -2.93
CA ALA A 142 22.68 -9.95 -3.62
C ALA A 142 21.20 -9.95 -3.26
N GLY A 143 20.90 -9.50 -2.05
CA GLY A 143 19.52 -9.41 -1.60
C GLY A 143 18.78 -8.27 -2.27
N LYS A 144 19.47 -7.15 -2.46
CA LYS A 144 18.89 -6.02 -3.16
C LYS A 144 18.54 -6.42 -4.59
N ALA A 145 19.48 -7.11 -5.22
CA ALA A 145 19.31 -7.59 -6.58
C ALA A 145 18.18 -8.60 -6.66
N ASP A 146 18.04 -9.41 -5.62
CA ASP A 146 17.06 -10.48 -5.61
C ASP A 146 15.67 -9.91 -5.43
N PHE A 147 15.58 -8.82 -4.66
CA PHE A 147 14.34 -8.06 -4.52
C PHE A 147 13.95 -7.45 -5.87
N GLY A 148 14.95 -7.09 -6.65
CA GLY A 148 14.71 -6.50 -7.96
C GLY A 148 14.02 -7.45 -8.92
N LYS A 149 14.14 -8.74 -8.67
CA LYS A 149 13.54 -9.73 -9.56
C LYS A 149 12.08 -9.99 -9.19
N GLN A 150 11.71 -9.64 -7.98
CA GLN A 150 10.36 -9.88 -7.49
C GLN A 150 9.55 -8.59 -7.45
N PHE A 151 10.19 -7.50 -7.10
CA PHE A 151 9.54 -6.19 -7.14
C PHE A 151 10.41 -5.20 -7.91
N PRO A 152 10.45 -5.34 -9.25
CA PRO A 152 11.30 -4.52 -10.11
C PRO A 152 10.94 -3.05 -10.06
N PHE A 153 9.67 -2.77 -9.85
CA PHE A 153 9.18 -1.40 -9.80
C PHE A 153 9.70 -0.70 -8.56
N LEU A 154 9.73 -1.40 -7.45
CA LEU A 154 10.23 -0.84 -6.20
C LEU A 154 11.75 -0.79 -6.19
N ALA A 155 12.38 -1.87 -6.63
CA ALA A 155 13.84 -1.91 -6.72
C ALA A 155 14.33 -0.77 -7.61
N LYS A 156 13.57 -0.53 -8.68
CA LYS A 156 13.76 0.62 -9.55
C LYS A 156 13.95 1.90 -8.74
N VAL A 157 12.86 2.35 -8.14
CA VAL A 157 12.82 3.64 -7.47
C VAL A 157 13.71 3.69 -6.22
N PHE A 158 13.97 2.54 -5.61
CA PHE A 158 14.84 2.53 -4.43
C PHE A 158 16.29 2.71 -4.85
N GLU A 159 16.75 1.84 -5.76
CA GLU A 159 18.13 1.85 -6.22
C GLU A 159 18.47 3.13 -6.97
N SER A 160 17.49 3.70 -7.64
CA SER A 160 17.72 4.91 -8.44
C SER A 160 17.62 6.17 -7.58
N GLY A 161 17.35 5.99 -6.29
CA GLY A 161 17.28 7.13 -5.38
C GLY A 161 16.01 7.94 -5.58
N LYS A 162 15.04 7.35 -6.26
CA LYS A 162 13.76 8.01 -6.52
C LYS A 162 12.97 8.14 -5.22
N ALA A 163 12.89 7.06 -4.47
CA ALA A 163 12.21 7.07 -3.19
C ALA A 163 13.05 7.79 -2.14
N ALA A 164 14.36 7.71 -2.30
CA ALA A 164 15.29 8.32 -1.35
C ALA A 164 15.07 9.82 -1.23
N LYS A 165 14.80 10.47 -2.34
CA LYS A 165 14.62 11.92 -2.34
C LYS A 165 13.23 12.29 -1.85
N PHE A 166 12.27 11.41 -2.10
CA PHE A 166 10.93 11.58 -1.54
C PHE A 166 10.97 11.44 -0.03
N ALA A 167 11.88 10.60 0.43
CA ALA A 167 12.09 10.38 1.86
C ALA A 167 12.68 11.63 2.51
N GLY A 168 13.36 12.42 1.71
CA GLY A 168 13.97 13.64 2.21
C GLY A 168 15.37 13.40 2.73
N GLU A 169 15.93 12.26 2.39
CA GLU A 169 17.26 11.88 2.87
C GLU A 169 18.24 11.77 1.72
N ASN A 170 19.53 11.73 2.04
CA ASN A 170 20.58 11.39 1.06
C ASN A 170 20.59 12.37 -0.10
N MET A 1 -34.50 13.14 17.53
CA MET A 1 -33.65 14.34 17.34
C MET A 1 -33.15 14.41 15.90
N GLY A 2 -34.07 14.35 14.94
CA GLY A 2 -33.68 14.42 13.55
C GLY A 2 -34.61 13.62 12.67
N SER A 3 -35.87 14.04 12.61
CA SER A 3 -36.87 13.34 11.81
C SER A 3 -36.63 13.57 10.33
N SER A 4 -36.90 12.54 9.53
CA SER A 4 -36.75 12.58 8.07
C SER A 4 -35.37 13.09 7.65
N HIS A 5 -34.35 12.63 8.35
CA HIS A 5 -32.97 13.00 8.02
C HIS A 5 -32.54 12.35 6.71
N HIS A 6 -31.78 13.07 5.91
CA HIS A 6 -31.41 12.58 4.57
C HIS A 6 -29.90 12.68 4.34
N HIS A 7 -29.39 11.74 3.56
CA HIS A 7 -27.98 11.76 3.16
C HIS A 7 -27.91 11.77 1.63
N HIS A 8 -28.73 12.62 1.03
CA HIS A 8 -28.92 12.66 -0.41
C HIS A 8 -27.76 13.37 -1.12
N HIS A 9 -26.72 13.66 -0.35
CA HIS A 9 -25.54 14.30 -0.92
C HIS A 9 -24.60 13.25 -1.51
N HIS A 10 -24.90 11.99 -1.19
CA HIS A 10 -24.12 10.83 -1.66
C HIS A 10 -22.71 10.84 -1.07
N SER A 11 -21.96 9.77 -1.34
CA SER A 11 -20.58 9.65 -0.86
C SER A 11 -20.54 9.79 0.66
N SER A 12 -21.26 8.93 1.34
CA SER A 12 -21.36 9.00 2.79
C SER A 12 -20.12 8.40 3.44
N GLY A 13 -19.56 9.11 4.42
CA GLY A 13 -18.37 8.65 5.10
C GLY A 13 -17.13 9.32 4.58
N HIS A 14 -16.18 8.51 4.12
CA HIS A 14 -14.95 9.03 3.53
C HIS A 14 -14.63 8.29 2.25
N MET A 15 -14.98 8.91 1.13
CA MET A 15 -14.75 8.32 -0.16
C MET A 15 -13.58 9.01 -0.85
N PHE A 16 -12.37 8.67 -0.42
CA PHE A 16 -11.16 9.26 -0.98
C PHE A 16 -10.97 8.78 -2.41
N LYS A 17 -10.25 9.55 -3.20
CA LYS A 17 -9.98 9.19 -4.57
C LYS A 17 -8.55 8.72 -4.71
N TYR A 18 -8.31 7.83 -5.65
CA TYR A 18 -6.97 7.27 -5.85
C TYR A 18 -5.95 8.38 -6.06
N GLU A 19 -6.29 9.34 -6.90
CA GLU A 19 -5.37 10.41 -7.24
C GLU A 19 -5.32 11.50 -6.17
N ASP A 20 -5.82 11.22 -4.97
CA ASP A 20 -5.64 12.15 -3.85
C ASP A 20 -4.30 11.85 -3.20
N ILE A 21 -3.70 10.76 -3.62
CA ILE A 21 -2.39 10.36 -3.15
C ILE A 21 -1.33 11.07 -3.99
N PRO A 22 -0.35 11.72 -3.34
CA PRO A 22 0.74 12.42 -4.02
C PRO A 22 1.30 11.62 -5.21
N ALA A 23 1.12 12.16 -6.40
CA ALA A 23 1.48 11.45 -7.63
C ALA A 23 2.96 11.13 -7.69
N ASP A 24 3.77 11.91 -6.96
CA ASP A 24 5.21 11.69 -6.95
C ASP A 24 5.53 10.34 -6.33
N TYR A 25 4.73 9.98 -5.32
CA TYR A 25 4.89 8.75 -4.57
C TYR A 25 4.24 7.58 -5.31
N ARG A 26 3.33 7.87 -6.22
CA ARG A 26 2.72 6.80 -7.03
C ARG A 26 3.74 6.30 -8.04
N ASP A 27 4.74 7.13 -8.28
CA ASP A 27 5.88 6.77 -9.12
C ASP A 27 6.80 5.82 -8.35
N LEU A 28 6.71 5.89 -7.02
CA LEU A 28 7.41 4.98 -6.12
C LEU A 28 6.61 3.69 -5.95
N MET A 29 5.31 3.86 -5.77
CA MET A 29 4.40 2.77 -5.46
C MET A 29 4.25 1.81 -6.64
N PRO A 30 4.44 0.50 -6.40
CA PRO A 30 4.42 -0.53 -7.45
C PRO A 30 3.04 -0.66 -8.10
N PRO A 31 3.03 -1.05 -9.40
CA PRO A 31 1.81 -1.22 -10.20
C PRO A 31 0.78 -2.13 -9.53
N GLU A 32 1.27 -3.04 -8.71
CA GLU A 32 0.41 -3.96 -7.97
C GLU A 32 -0.46 -3.17 -7.00
N ALA A 33 0.19 -2.42 -6.12
CA ALA A 33 -0.50 -1.60 -5.13
C ALA A 33 -1.31 -0.50 -5.81
N ARG A 34 -0.84 -0.08 -6.98
CA ARG A 34 -1.54 0.90 -7.78
C ARG A 34 -2.83 0.32 -8.34
N ASP A 35 -2.77 -0.94 -8.78
CA ASP A 35 -3.93 -1.62 -9.39
C ASP A 35 -5.16 -1.61 -8.49
N PHE A 36 -4.99 -2.08 -7.26
CA PHE A 36 -6.08 -2.15 -6.29
C PHE A 36 -6.75 -0.79 -6.05
N LEU A 37 -5.99 0.28 -5.94
CA LEU A 37 -6.61 1.59 -5.75
C LEU A 37 -6.91 2.25 -7.10
N GLN A 38 -6.34 1.74 -8.18
CA GLN A 38 -6.81 2.07 -9.51
C GLN A 38 -8.23 1.55 -9.69
N ASN A 39 -8.46 0.33 -9.22
CA ASN A 39 -9.77 -0.30 -9.27
C ASN A 39 -10.76 0.39 -8.36
N LEU A 40 -10.39 0.54 -7.09
CA LEU A 40 -11.29 1.15 -6.11
C LEU A 40 -11.73 2.53 -6.54
N SER A 41 -13.03 2.73 -6.50
CA SER A 41 -13.63 3.96 -6.99
C SER A 41 -14.81 4.38 -6.11
N ASP A 42 -15.97 3.80 -6.37
CA ASP A 42 -17.20 4.18 -5.66
C ASP A 42 -17.68 3.03 -4.78
N GLY A 43 -18.21 3.37 -3.61
CA GLY A 43 -18.75 2.35 -2.73
C GLY A 43 -17.71 1.65 -1.90
N ASP A 44 -16.61 1.26 -2.55
CA ASP A 44 -15.53 0.52 -1.89
C ASP A 44 -15.00 1.30 -0.69
N LYS A 45 -14.74 2.58 -0.90
CA LYS A 45 -14.11 3.41 0.12
C LYS A 45 -14.93 3.41 1.42
N THR A 46 -16.24 3.27 1.28
CA THR A 46 -17.15 3.29 2.42
C THR A 46 -16.97 2.06 3.30
N VAL A 47 -16.60 0.95 2.68
CA VAL A 47 -16.55 -0.31 3.37
C VAL A 47 -15.15 -0.63 3.90
N LEU A 48 -14.11 -0.10 3.24
CA LEU A 48 -12.74 -0.25 3.71
C LEU A 48 -12.58 0.28 5.14
N LYS A 49 -13.14 1.46 5.41
CA LYS A 49 -13.01 2.08 6.73
C LYS A 49 -13.67 1.23 7.81
N GLU A 50 -14.70 0.49 7.43
CA GLU A 50 -15.41 -0.38 8.36
C GLU A 50 -14.54 -1.56 8.76
N VAL A 51 -13.76 -2.07 7.82
CA VAL A 51 -12.84 -3.17 8.08
C VAL A 51 -11.65 -2.68 8.92
N PHE A 52 -11.04 -1.60 8.45
CA PHE A 52 -9.90 -0.98 9.10
C PHE A 52 -10.18 -0.47 10.51
N LYS A 53 -11.33 0.14 10.76
CA LYS A 53 -11.60 0.67 12.09
C LYS A 53 -12.05 -0.43 13.04
N ALA A 54 -12.09 -1.64 12.53
CA ALA A 54 -12.34 -2.79 13.36
C ALA A 54 -11.02 -3.46 13.72
N GLY A 55 -10.47 -4.25 12.81
CA GLY A 55 -9.28 -5.05 13.13
C GLY A 55 -9.42 -5.81 14.45
N PRO A 56 -8.30 -6.20 15.09
CA PRO A 56 -6.97 -6.09 14.51
C PRO A 56 -6.56 -7.38 13.81
N TYR A 57 -5.67 -7.25 12.84
CA TYR A 57 -5.31 -8.37 12.00
C TYR A 57 -3.84 -8.71 12.15
N LYS A 58 -3.56 -10.00 12.33
CA LYS A 58 -2.19 -10.48 12.46
C LYS A 58 -1.61 -10.79 11.08
N ASN A 59 -2.50 -10.83 10.10
CA ASN A 59 -2.11 -11.13 8.73
C ASN A 59 -3.19 -10.63 7.77
N THR A 60 -2.78 -10.29 6.56
CA THR A 60 -3.66 -9.68 5.57
C THR A 60 -4.85 -10.58 5.23
N GLU A 61 -4.71 -11.88 5.48
CA GLU A 61 -5.79 -12.83 5.22
C GLU A 61 -7.04 -12.45 6.00
N GLU A 62 -6.86 -12.02 7.24
CA GLU A 62 -7.97 -11.60 8.09
C GLU A 62 -8.66 -10.36 7.52
N SER A 63 -7.88 -9.52 6.85
CA SER A 63 -8.42 -8.32 6.23
C SER A 63 -9.18 -8.69 4.96
N ILE A 64 -8.65 -9.67 4.23
CA ILE A 64 -9.30 -10.18 3.04
C ILE A 64 -10.61 -10.85 3.42
N ALA A 65 -10.55 -11.62 4.49
CA ALA A 65 -11.73 -12.29 5.04
C ALA A 65 -12.82 -11.29 5.38
N ALA A 66 -12.44 -10.23 6.10
CA ALA A 66 -13.37 -9.19 6.49
C ALA A 66 -13.98 -8.53 5.26
N LEU A 67 -13.14 -8.28 4.26
CA LEU A 67 -13.57 -7.66 3.02
C LEU A 67 -14.46 -8.58 2.21
N LYS A 68 -14.20 -9.88 2.24
CA LYS A 68 -15.07 -10.83 1.56
C LYS A 68 -16.45 -10.86 2.21
N LYS A 69 -16.47 -10.72 3.53
CA LYS A 69 -17.71 -10.69 4.30
C LYS A 69 -18.51 -9.43 3.97
N LYS A 70 -17.84 -8.29 4.02
CA LYS A 70 -18.43 -7.01 3.69
C LYS A 70 -18.78 -6.92 2.20
N SER A 71 -17.81 -7.14 1.34
CA SER A 71 -18.03 -6.99 -0.09
C SER A 71 -17.33 -8.10 -0.85
N PRO A 72 -18.07 -9.18 -1.17
CA PRO A 72 -17.52 -10.42 -1.74
C PRO A 72 -16.44 -10.16 -2.81
N GLU A 73 -16.83 -9.45 -3.85
CA GLU A 73 -15.94 -9.12 -4.96
C GLU A 73 -14.76 -8.28 -4.51
N LEU A 74 -14.92 -7.47 -3.47
CA LEU A 74 -13.85 -6.59 -3.04
C LEU A 74 -12.76 -7.44 -2.40
N GLY A 75 -13.22 -8.42 -1.61
CA GLY A 75 -12.33 -9.37 -1.01
C GLY A 75 -11.59 -10.19 -2.04
N ALA A 76 -12.23 -10.42 -3.18
CA ALA A 76 -11.58 -11.07 -4.29
C ALA A 76 -10.54 -10.14 -4.92
N LYS A 77 -10.91 -8.87 -5.08
CA LYS A 77 -10.01 -7.86 -5.66
C LYS A 77 -8.74 -7.73 -4.84
N VAL A 78 -8.88 -7.67 -3.51
CA VAL A 78 -7.72 -7.56 -2.64
C VAL A 78 -6.94 -8.87 -2.59
N GLU A 79 -7.65 -10.00 -2.69
CA GLU A 79 -7.01 -11.30 -2.62
C GLU A 79 -6.16 -11.56 -3.85
N LYS A 80 -6.75 -11.40 -5.03
CA LYS A 80 -6.03 -11.69 -6.28
C LYS A 80 -4.78 -10.84 -6.39
N LEU A 81 -4.91 -9.60 -5.92
CA LEU A 81 -3.81 -8.65 -5.88
C LEU A 81 -2.74 -9.12 -4.92
N HIS A 82 -3.15 -9.54 -3.73
CA HIS A 82 -2.21 -9.82 -2.68
C HIS A 82 -1.55 -11.15 -2.95
N ALA A 83 -2.26 -12.02 -3.64
CA ALA A 83 -1.75 -13.31 -4.07
C ALA A 83 -0.60 -13.16 -5.04
N MET A 84 -0.70 -12.22 -5.99
CA MET A 84 0.40 -11.92 -6.91
C MET A 84 1.62 -11.49 -6.11
N VAL A 85 1.37 -10.53 -5.24
CA VAL A 85 2.36 -10.02 -4.33
C VAL A 85 3.00 -11.15 -3.54
N LYS A 86 2.15 -12.02 -3.01
CA LYS A 86 2.60 -13.17 -2.24
C LYS A 86 3.44 -14.12 -3.08
N SER A 87 3.04 -14.34 -4.32
CA SER A 87 3.78 -15.23 -5.22
C SER A 87 5.22 -14.73 -5.41
N LYS A 88 5.37 -13.42 -5.53
CA LYS A 88 6.68 -12.80 -5.71
C LYS A 88 7.46 -12.82 -4.40
N ILE A 89 6.79 -12.53 -3.30
CA ILE A 89 7.41 -12.57 -1.98
C ILE A 89 7.75 -14.01 -1.59
N ALA A 90 7.04 -14.95 -2.17
CA ALA A 90 7.29 -16.37 -1.96
C ALA A 90 8.58 -16.78 -2.63
N ALA A 91 8.79 -16.23 -3.81
CA ALA A 91 10.00 -16.46 -4.57
C ALA A 91 11.18 -15.77 -3.91
N LEU A 92 10.95 -14.51 -3.54
CA LEU A 92 11.91 -13.69 -2.82
C LEU A 92 12.66 -14.46 -1.73
N GLY A 93 13.98 -14.29 -1.72
CA GLY A 93 14.79 -14.94 -0.72
C GLY A 93 14.54 -14.40 0.67
N PRO A 94 14.90 -15.16 1.72
CA PRO A 94 14.63 -14.81 3.13
C PRO A 94 14.97 -13.37 3.48
N GLU A 95 16.10 -12.90 2.97
CA GLU A 95 16.58 -11.56 3.26
C GLU A 95 15.61 -10.52 2.73
N ALA A 96 15.30 -10.63 1.46
CA ALA A 96 14.48 -9.62 0.80
C ALA A 96 13.01 -9.79 1.16
N LYS A 97 12.63 -11.03 1.42
CA LYS A 97 11.26 -11.36 1.83
C LYS A 97 10.90 -10.59 3.10
N GLY A 98 11.84 -10.54 4.04
CA GLY A 98 11.60 -9.82 5.29
C GLY A 98 11.33 -8.36 5.04
N PHE A 99 12.10 -7.77 4.14
CA PHE A 99 11.91 -6.38 3.75
C PHE A 99 10.57 -6.19 3.04
N ALA A 100 10.27 -7.07 2.10
CA ALA A 100 9.05 -6.98 1.31
C ALA A 100 7.82 -6.99 2.21
N GLU A 101 7.76 -7.95 3.11
CA GLU A 101 6.61 -8.11 3.99
C GLU A 101 6.50 -6.96 4.98
N LYS A 102 7.62 -6.30 5.24
CA LYS A 102 7.64 -5.16 6.15
C LYS A 102 7.28 -3.87 5.41
N SER A 103 7.94 -3.64 4.28
CA SER A 103 7.75 -2.40 3.53
C SER A 103 6.32 -2.26 3.03
N ILE A 104 5.75 -3.37 2.57
CA ILE A 104 4.38 -3.37 2.09
C ILE A 104 3.41 -3.00 3.20
N GLU A 105 3.67 -3.43 4.42
CA GLU A 105 2.80 -3.09 5.54
C GLU A 105 2.93 -1.60 5.88
N ILE A 106 4.14 -1.07 5.77
CA ILE A 106 4.37 0.35 5.96
C ILE A 106 3.58 1.15 4.92
N ALA A 107 3.72 0.74 3.66
CA ALA A 107 3.04 1.40 2.56
C ALA A 107 1.54 1.13 2.61
N ARG A 108 1.17 -0.03 3.13
CA ARG A 108 -0.22 -0.42 3.28
C ARG A 108 -0.91 0.52 4.25
N GLY A 109 -0.22 0.87 5.32
CA GLY A 109 -0.80 1.73 6.34
C GLY A 109 -1.04 3.13 5.85
N ILE A 110 -0.18 3.60 4.94
CA ILE A 110 -0.30 4.94 4.40
C ILE A 110 -1.63 5.12 3.66
N LYS A 111 -2.01 4.12 2.88
CA LYS A 111 -3.27 4.18 2.16
C LYS A 111 -4.33 3.35 2.88
N ALA A 112 -4.06 3.03 4.13
CA ALA A 112 -5.05 2.46 5.02
C ALA A 112 -5.70 3.57 5.81
N ARG A 113 -4.94 4.62 6.07
CA ARG A 113 -5.49 5.81 6.69
C ARG A 113 -6.07 6.73 5.64
N TYR A 114 -5.96 6.34 4.38
CA TYR A 114 -6.75 6.95 3.33
C TYR A 114 -8.14 6.33 3.34
N TYR A 115 -8.23 5.09 3.80
CA TYR A 115 -9.51 4.39 3.92
C TYR A 115 -10.30 4.93 5.10
N THR A 116 -9.62 5.02 6.24
CA THR A 116 -10.24 5.38 7.51
C THR A 116 -10.73 6.82 7.55
N GLY A 117 -10.26 7.63 6.60
CA GLY A 117 -10.60 9.03 6.58
C GLY A 117 -9.63 9.87 7.38
N ASN A 118 -8.37 9.45 7.40
CA ASN A 118 -7.33 10.16 8.12
C ASN A 118 -6.16 10.44 7.18
N GLU A 119 -6.44 11.20 6.13
CA GLU A 119 -5.46 11.50 5.07
C GLU A 119 -4.10 11.88 5.63
N PRO A 120 -3.05 11.10 5.30
CA PRO A 120 -1.68 11.41 5.69
C PRO A 120 -1.17 12.67 5.00
N THR A 121 -0.22 13.34 5.62
CA THR A 121 0.43 14.47 4.97
C THR A 121 1.69 13.96 4.27
N LYS A 122 2.38 14.82 3.55
CA LYS A 122 3.53 14.38 2.77
C LYS A 122 4.61 13.83 3.71
N ASP A 123 4.71 14.44 4.88
CA ASP A 123 5.68 14.05 5.90
C ASP A 123 5.50 12.58 6.30
N ASP A 124 4.24 12.14 6.39
CA ASP A 124 3.94 10.76 6.75
C ASP A 124 4.53 9.83 5.71
N LEU A 125 4.35 10.19 4.44
CA LEU A 125 4.88 9.40 3.34
C LEU A 125 6.40 9.45 3.32
N LYS A 126 6.96 10.64 3.55
CA LYS A 126 8.40 10.81 3.59
C LYS A 126 9.03 9.87 4.62
N ALA A 127 8.43 9.87 5.80
CA ALA A 127 8.89 9.01 6.88
C ALA A 127 8.66 7.53 6.54
N SER A 128 7.51 7.21 5.95
CA SER A 128 7.19 5.82 5.63
C SER A 128 8.14 5.25 4.59
N VAL A 129 8.53 6.03 3.59
CA VAL A 129 9.42 5.53 2.55
C VAL A 129 10.85 5.48 3.09
N LYS A 130 11.09 6.31 4.09
CA LYS A 130 12.39 6.39 4.73
C LYS A 130 12.74 5.08 5.42
N GLU A 131 11.77 4.46 6.06
CA GLU A 131 12.03 3.22 6.79
C GLU A 131 12.24 2.07 5.81
N VAL A 132 11.56 2.08 4.67
CA VAL A 132 11.76 1.05 3.67
C VAL A 132 13.15 1.17 3.04
N LEU A 133 13.66 2.40 2.88
CA LEU A 133 15.02 2.60 2.42
C LEU A 133 16.00 2.19 3.51
N LYS A 134 15.59 2.39 4.76
CA LYS A 134 16.42 2.07 5.89
C LYS A 134 16.71 0.58 5.89
N LEU A 135 15.66 -0.20 5.66
CA LEU A 135 15.78 -1.63 5.53
C LEU A 135 16.48 -2.02 4.23
N TYR A 136 16.06 -1.41 3.12
CA TYR A 136 16.49 -1.92 1.82
C TYR A 136 17.96 -1.67 1.57
N LYS A 137 18.46 -0.53 2.03
CA LYS A 137 19.87 -0.21 1.88
C LYS A 137 20.74 -1.14 2.71
N ALA A 138 20.17 -1.64 3.80
CA ALA A 138 20.91 -2.48 4.74
C ALA A 138 20.91 -3.96 4.33
N MET A 139 20.15 -4.31 3.31
CA MET A 139 20.07 -5.69 2.87
C MET A 139 21.33 -6.09 2.11
N SER A 140 21.59 -7.40 2.04
CA SER A 140 22.69 -7.92 1.24
C SER A 140 22.48 -7.62 -0.24
N ASP A 141 23.54 -7.32 -0.97
CA ASP A 141 23.42 -6.85 -2.36
C ASP A 141 22.65 -7.85 -3.21
N ALA A 142 23.00 -9.14 -3.09
CA ALA A 142 22.34 -10.19 -3.84
C ALA A 142 20.85 -10.27 -3.50
N GLY A 143 20.54 -9.98 -2.24
CA GLY A 143 19.17 -9.95 -1.79
C GLY A 143 18.42 -8.75 -2.33
N LYS A 144 19.12 -7.63 -2.44
CA LYS A 144 18.55 -6.41 -3.00
C LYS A 144 18.27 -6.61 -4.48
N ALA A 145 19.21 -7.25 -5.17
CA ALA A 145 19.06 -7.56 -6.58
C ALA A 145 17.96 -8.61 -6.77
N ASP A 146 17.79 -9.48 -5.79
CA ASP A 146 16.76 -10.51 -5.87
C ASP A 146 15.40 -9.89 -5.61
N PHE A 147 15.37 -8.86 -4.77
CA PHE A 147 14.17 -8.07 -4.57
C PHE A 147 13.78 -7.41 -5.89
N GLY A 148 14.78 -7.10 -6.70
CA GLY A 148 14.55 -6.50 -8.00
C GLY A 148 14.02 -7.50 -9.02
N LYS A 149 13.84 -8.75 -8.60
CA LYS A 149 13.26 -9.75 -9.48
C LYS A 149 11.79 -9.92 -9.16
N GLN A 150 11.45 -9.67 -7.90
CA GLN A 150 10.10 -9.86 -7.41
C GLN A 150 9.35 -8.53 -7.41
N PHE A 151 10.02 -7.47 -6.98
CA PHE A 151 9.46 -6.13 -7.00
C PHE A 151 10.48 -5.13 -7.54
N PRO A 152 10.76 -5.21 -8.86
CA PRO A 152 11.77 -4.37 -9.50
C PRO A 152 11.38 -2.90 -9.50
N PHE A 153 10.10 -2.63 -9.32
CA PHE A 153 9.60 -1.25 -9.36
C PHE A 153 10.16 -0.45 -8.19
N LEU A 154 10.29 -1.09 -7.03
CA LEU A 154 10.85 -0.42 -5.86
C LEU A 154 12.35 -0.37 -5.98
N ALA A 155 12.97 -1.49 -6.37
CA ALA A 155 14.42 -1.55 -6.54
C ALA A 155 14.86 -0.49 -7.55
N LYS A 156 13.98 -0.24 -8.51
CA LYS A 156 14.11 0.85 -9.46
C LYS A 156 14.28 2.19 -8.74
N VAL A 157 13.19 2.69 -8.18
CA VAL A 157 13.16 4.02 -7.58
C VAL A 157 14.05 4.14 -6.35
N PHE A 158 14.26 3.05 -5.63
CA PHE A 158 15.08 3.09 -4.42
C PHE A 158 16.52 3.41 -4.78
N GLU A 159 17.08 2.60 -5.67
CA GLU A 159 18.48 2.71 -6.03
C GLU A 159 18.73 3.90 -6.95
N SER A 160 17.71 4.29 -7.71
CA SER A 160 17.79 5.49 -8.54
C SER A 160 17.94 6.72 -7.64
N GLY A 161 17.43 6.60 -6.42
CA GLY A 161 17.56 7.69 -5.46
C GLY A 161 16.28 8.46 -5.28
N LYS A 162 15.27 8.12 -6.07
CA LYS A 162 14.00 8.85 -6.03
C LYS A 162 13.34 8.71 -4.66
N ALA A 163 13.11 7.47 -4.24
CA ALA A 163 12.50 7.22 -2.94
C ALA A 163 13.38 7.73 -1.83
N ALA A 164 14.70 7.60 -2.01
CA ALA A 164 15.65 8.14 -1.06
C ALA A 164 15.43 9.64 -0.88
N LYS A 165 15.39 10.37 -1.99
CA LYS A 165 15.18 11.82 -1.95
C LYS A 165 13.86 12.18 -1.27
N PHE A 166 12.81 11.42 -1.60
CA PHE A 166 11.50 11.61 -0.98
C PHE A 166 11.60 11.40 0.53
N ALA A 167 12.46 10.47 0.92
CA ALA A 167 12.67 10.14 2.32
C ALA A 167 13.55 11.18 3.02
N GLY A 168 14.11 12.10 2.25
CA GLY A 168 15.02 13.08 2.80
C GLY A 168 16.47 12.64 2.68
N GLU A 169 16.67 11.60 1.87
CA GLU A 169 17.98 11.00 1.63
C GLU A 169 18.47 10.24 2.86
N ASN A 170 18.54 8.91 2.74
CA ASN A 170 19.02 8.07 3.81
C ASN A 170 20.48 7.73 3.61
N MET A 1 1.08 2.02 -16.05
CA MET A 1 -0.30 1.52 -16.13
C MET A 1 -1.12 2.39 -17.07
N GLY A 2 -2.20 1.84 -17.60
CA GLY A 2 -3.04 2.58 -18.52
C GLY A 2 -4.50 2.27 -18.31
N SER A 3 -5.16 1.81 -19.37
CA SER A 3 -6.58 1.46 -19.35
C SER A 3 -7.45 2.73 -19.31
N SER A 4 -7.27 3.52 -18.27
CA SER A 4 -8.00 4.79 -18.12
C SER A 4 -9.51 4.56 -18.19
N HIS A 5 -10.02 3.72 -17.30
CA HIS A 5 -11.45 3.47 -17.23
C HIS A 5 -11.97 3.85 -15.85
N HIS A 6 -12.78 4.89 -15.82
CA HIS A 6 -13.33 5.39 -14.56
C HIS A 6 -14.50 4.55 -14.12
N HIS A 7 -14.59 4.29 -12.83
CA HIS A 7 -15.68 3.53 -12.26
C HIS A 7 -16.49 4.40 -11.32
N HIS A 8 -16.99 5.51 -11.84
CA HIS A 8 -17.78 6.43 -11.03
C HIS A 8 -19.15 5.83 -10.75
N HIS A 9 -19.31 5.35 -9.53
CA HIS A 9 -20.48 4.59 -9.13
C HIS A 9 -20.43 4.45 -7.62
N HIS A 10 -21.50 4.82 -6.93
CA HIS A 10 -21.48 4.96 -5.47
C HIS A 10 -21.45 3.60 -4.74
N SER A 11 -20.52 2.77 -5.16
CA SER A 11 -20.23 1.50 -4.53
C SER A 11 -18.81 1.11 -4.92
N SER A 12 -17.96 2.13 -5.08
CA SER A 12 -16.63 1.91 -5.63
C SER A 12 -15.50 2.36 -4.70
N GLY A 13 -15.61 3.52 -4.04
CA GLY A 13 -14.52 4.00 -3.18
C GLY A 13 -14.93 5.02 -2.11
N HIS A 14 -14.37 6.22 -2.14
CA HIS A 14 -14.63 7.19 -1.08
C HIS A 14 -14.73 8.59 -1.66
N MET A 15 -14.59 9.58 -0.81
CA MET A 15 -14.54 10.95 -1.25
C MET A 15 -13.15 11.24 -1.80
N PHE A 16 -12.17 10.48 -1.29
CA PHE A 16 -10.82 10.52 -1.82
C PHE A 16 -10.67 9.48 -2.92
N LYS A 17 -9.88 9.81 -3.93
CA LYS A 17 -9.72 8.95 -5.09
C LYS A 17 -8.28 8.51 -5.21
N TYR A 18 -7.95 7.84 -6.29
CA TYR A 18 -6.57 7.48 -6.59
C TYR A 18 -5.80 8.76 -6.93
N GLU A 19 -6.49 9.63 -7.65
CA GLU A 19 -5.95 10.92 -8.08
C GLU A 19 -5.65 11.82 -6.87
N ASP A 20 -6.36 11.60 -5.77
CA ASP A 20 -6.21 12.47 -4.59
C ASP A 20 -4.96 12.11 -3.82
N ILE A 21 -4.45 10.92 -4.07
CA ILE A 21 -3.21 10.47 -3.44
C ILE A 21 -2.04 11.06 -4.20
N PRO A 22 -1.12 11.75 -3.49
CA PRO A 22 0.03 12.44 -4.09
C PRO A 22 0.70 11.62 -5.19
N ALA A 23 0.60 12.12 -6.42
CA ALA A 23 1.12 11.43 -7.60
C ALA A 23 2.61 11.15 -7.47
N ASP A 24 3.30 11.97 -6.68
CA ASP A 24 4.73 11.80 -6.49
C ASP A 24 5.02 10.45 -5.85
N TYR A 25 4.14 10.10 -4.93
CA TYR A 25 4.24 8.87 -4.16
C TYR A 25 3.71 7.67 -4.95
N ARG A 26 2.69 7.92 -5.77
CA ARG A 26 2.12 6.84 -6.59
C ARG A 26 3.14 6.39 -7.61
N ASP A 27 4.07 7.29 -7.89
CA ASP A 27 5.16 7.06 -8.82
C ASP A 27 6.21 6.10 -8.25
N LEU A 28 6.10 5.81 -6.97
CA LEU A 28 7.04 4.92 -6.30
C LEU A 28 6.47 3.51 -6.14
N MET A 29 5.20 3.43 -5.76
CA MET A 29 4.58 2.14 -5.47
C MET A 29 4.25 1.39 -6.77
N PRO A 30 4.39 0.06 -6.74
CA PRO A 30 4.27 -0.79 -7.95
C PRO A 30 2.85 -0.92 -8.45
N PRO A 31 2.68 -1.22 -9.77
CA PRO A 31 1.36 -1.31 -10.43
C PRO A 31 0.30 -2.01 -9.61
N GLU A 32 0.60 -3.17 -9.03
CA GLU A 32 -0.39 -3.93 -8.27
C GLU A 32 -0.98 -3.10 -7.13
N ALA A 33 -0.12 -2.40 -6.38
CA ALA A 33 -0.58 -1.61 -5.24
C ALA A 33 -1.36 -0.39 -5.71
N ARG A 34 -1.22 -0.07 -6.98
CA ARG A 34 -1.94 1.04 -7.59
C ARG A 34 -3.25 0.56 -8.17
N ASP A 35 -3.25 -0.69 -8.64
CA ASP A 35 -4.42 -1.31 -9.28
C ASP A 35 -5.65 -1.27 -8.36
N PHE A 36 -5.47 -1.72 -7.12
CA PHE A 36 -6.54 -1.72 -6.13
C PHE A 36 -7.18 -0.32 -5.98
N LEU A 37 -6.41 0.70 -5.66
CA LEU A 37 -6.99 2.03 -5.50
C LEU A 37 -7.24 2.70 -6.85
N GLN A 38 -6.80 2.09 -7.93
CA GLN A 38 -7.29 2.44 -9.25
C GLN A 38 -8.75 2.03 -9.41
N ASN A 39 -9.11 0.90 -8.78
CA ASN A 39 -10.48 0.40 -8.83
C ASN A 39 -11.38 1.17 -7.88
N LEU A 40 -10.99 1.24 -6.62
CA LEU A 40 -11.74 1.95 -5.60
C LEU A 40 -11.96 3.41 -6.02
N SER A 41 -13.20 3.89 -5.91
CA SER A 41 -13.53 5.21 -6.45
C SER A 41 -14.42 6.03 -5.50
N ASP A 42 -15.75 5.87 -5.58
CA ASP A 42 -16.67 6.52 -4.64
C ASP A 42 -17.72 5.52 -4.11
N GLY A 43 -17.75 5.29 -2.79
CA GLY A 43 -18.71 4.38 -2.19
C GLY A 43 -18.12 3.18 -1.45
N ASP A 44 -17.15 2.47 -2.04
CA ASP A 44 -16.67 1.20 -1.48
C ASP A 44 -15.43 1.30 -0.57
N LYS A 45 -14.83 2.47 -0.48
CA LYS A 45 -13.76 2.70 0.49
C LYS A 45 -14.41 2.99 1.83
N THR A 46 -15.70 3.30 1.76
CA THR A 46 -16.52 3.53 2.94
C THR A 46 -16.56 2.27 3.80
N VAL A 47 -16.49 1.12 3.15
CA VAL A 47 -16.56 -0.13 3.87
C VAL A 47 -15.15 -0.59 4.28
N LEU A 48 -14.12 -0.12 3.57
CA LEU A 48 -12.73 -0.32 3.99
C LEU A 48 -12.51 0.19 5.41
N LYS A 49 -12.90 1.44 5.68
CA LYS A 49 -12.70 2.04 7.00
C LYS A 49 -13.47 1.27 8.07
N GLU A 50 -14.58 0.67 7.69
CA GLU A 50 -15.36 -0.17 8.57
C GLU A 50 -14.54 -1.38 9.03
N VAL A 51 -13.81 -1.97 8.10
CA VAL A 51 -12.94 -3.11 8.40
C VAL A 51 -11.77 -2.65 9.27
N PHE A 52 -11.12 -1.58 8.84
CA PHE A 52 -10.01 -0.97 9.56
C PHE A 52 -10.33 -0.57 10.99
N LYS A 53 -11.43 0.12 11.21
CA LYS A 53 -11.73 0.62 12.54
C LYS A 53 -12.26 -0.49 13.44
N ALA A 54 -12.47 -1.65 12.87
CA ALA A 54 -12.76 -2.85 13.63
C ALA A 54 -11.46 -3.56 13.97
N GLY A 55 -10.87 -4.25 13.00
CA GLY A 55 -9.67 -5.05 13.24
C GLY A 55 -9.80 -5.95 14.46
N PRO A 56 -8.68 -6.33 15.10
CA PRO A 56 -7.34 -6.09 14.61
C PRO A 56 -6.76 -7.31 13.90
N TYR A 57 -5.82 -7.07 12.99
CA TYR A 57 -5.26 -8.14 12.18
C TYR A 57 -3.88 -8.51 12.67
N LYS A 58 -3.71 -9.79 12.97
CA LYS A 58 -2.40 -10.35 13.27
C LYS A 58 -1.77 -10.83 11.98
N ASN A 59 -2.60 -10.91 10.95
CA ASN A 59 -2.18 -11.38 9.65
C ASN A 59 -3.02 -10.67 8.59
N THR A 60 -2.46 -10.47 7.41
CA THR A 60 -3.14 -9.71 6.38
C THR A 60 -4.32 -10.50 5.80
N GLU A 61 -4.32 -11.80 6.08
CA GLU A 61 -5.43 -12.67 5.69
C GLU A 61 -6.73 -12.20 6.35
N GLU A 62 -6.61 -11.71 7.59
CA GLU A 62 -7.76 -11.18 8.31
C GLU A 62 -8.37 -9.98 7.57
N SER A 63 -7.50 -9.16 7.01
CA SER A 63 -7.95 -8.00 6.24
C SER A 63 -8.69 -8.46 4.99
N ILE A 64 -8.18 -9.50 4.34
CA ILE A 64 -8.80 -10.04 3.14
C ILE A 64 -10.15 -10.67 3.47
N ALA A 65 -10.15 -11.49 4.50
CA ALA A 65 -11.35 -12.18 4.97
C ALA A 65 -12.46 -11.20 5.32
N ALA A 66 -12.12 -10.21 6.13
CA ALA A 66 -13.09 -9.21 6.55
C ALA A 66 -13.68 -8.47 5.34
N LEU A 67 -12.84 -8.20 4.37
CA LEU A 67 -13.27 -7.53 3.16
C LEU A 67 -14.10 -8.44 2.27
N LYS A 68 -13.80 -9.74 2.27
CA LYS A 68 -14.61 -10.69 1.53
C LYS A 68 -16.00 -10.80 2.13
N LYS A 69 -16.11 -10.51 3.42
CA LYS A 69 -17.38 -10.50 4.12
C LYS A 69 -18.17 -9.22 3.79
N LYS A 70 -17.50 -8.09 3.93
CA LYS A 70 -18.07 -6.79 3.62
C LYS A 70 -18.40 -6.64 2.13
N SER A 71 -17.40 -6.75 1.28
CA SER A 71 -17.60 -6.49 -0.12
C SER A 71 -16.86 -7.51 -0.98
N PRO A 72 -17.59 -8.52 -1.47
CA PRO A 72 -17.02 -9.67 -2.18
C PRO A 72 -15.90 -9.30 -3.13
N GLU A 73 -16.24 -8.42 -4.07
CA GLU A 73 -15.32 -7.92 -5.08
C GLU A 73 -14.07 -7.29 -4.46
N LEU A 74 -14.22 -6.61 -3.32
CA LEU A 74 -13.08 -5.90 -2.77
C LEU A 74 -12.15 -6.90 -2.12
N GLY A 75 -12.76 -7.85 -1.42
CA GLY A 75 -12.01 -8.93 -0.79
C GLY A 75 -11.25 -9.75 -1.80
N ALA A 76 -11.84 -9.93 -2.98
CA ALA A 76 -11.16 -10.60 -4.07
C ALA A 76 -10.08 -9.71 -4.65
N LYS A 77 -10.33 -8.40 -4.65
CA LYS A 77 -9.38 -7.42 -5.14
C LYS A 77 -8.15 -7.36 -4.24
N VAL A 78 -8.38 -7.29 -2.93
CA VAL A 78 -7.28 -7.29 -1.97
C VAL A 78 -6.62 -8.67 -1.92
N GLU A 79 -7.40 -9.69 -2.27
CA GLU A 79 -6.89 -11.05 -2.34
C GLU A 79 -5.84 -11.18 -3.45
N LYS A 80 -6.19 -10.75 -4.67
CA LYS A 80 -5.26 -10.87 -5.78
C LYS A 80 -4.05 -9.98 -5.51
N LEU A 81 -4.34 -8.88 -4.80
CA LEU A 81 -3.33 -7.89 -4.43
C LEU A 81 -2.42 -8.44 -3.35
N HIS A 82 -2.69 -9.66 -2.94
CA HIS A 82 -1.80 -10.36 -2.05
C HIS A 82 -1.18 -11.55 -2.76
N ALA A 83 -2.01 -12.34 -3.42
CA ALA A 83 -1.54 -13.53 -4.11
C ALA A 83 -0.43 -13.22 -5.13
N MET A 84 -0.63 -12.16 -5.92
CA MET A 84 0.38 -11.77 -6.91
C MET A 84 1.65 -11.27 -6.22
N VAL A 85 1.46 -10.40 -5.24
CA VAL A 85 2.55 -9.84 -4.47
C VAL A 85 3.29 -10.94 -3.73
N LYS A 86 2.52 -11.86 -3.16
CA LYS A 86 3.04 -13.00 -2.45
C LYS A 86 3.85 -13.91 -3.36
N SER A 87 3.48 -13.95 -4.64
CA SER A 87 4.21 -14.74 -5.62
C SER A 87 5.65 -14.23 -5.75
N LYS A 88 5.79 -12.92 -5.80
CA LYS A 88 7.11 -12.30 -5.87
C LYS A 88 7.83 -12.49 -4.54
N ILE A 89 7.09 -12.38 -3.45
CA ILE A 89 7.64 -12.52 -2.12
C ILE A 89 7.89 -14.00 -1.77
N ALA A 90 7.31 -14.88 -2.57
CA ALA A 90 7.51 -16.31 -2.41
C ALA A 90 8.79 -16.72 -3.09
N ALA A 91 9.07 -16.03 -4.19
CA ALA A 91 10.24 -16.26 -4.99
C ALA A 91 11.40 -15.41 -4.48
N LEU A 92 11.12 -14.64 -3.44
CA LEU A 92 12.10 -13.74 -2.85
C LEU A 92 12.84 -14.44 -1.73
N GLY A 93 14.15 -14.21 -1.68
CA GLY A 93 14.99 -14.84 -0.67
C GLY A 93 14.53 -14.54 0.74
N PRO A 94 14.79 -15.45 1.69
CA PRO A 94 14.33 -15.33 3.09
C PRO A 94 14.50 -13.93 3.68
N GLU A 95 15.64 -13.31 3.42
CA GLU A 95 15.94 -12.00 3.99
C GLU A 95 15.28 -10.88 3.20
N ALA A 96 15.29 -10.98 1.88
CA ALA A 96 14.65 -9.98 1.05
C ALA A 96 13.13 -10.03 1.25
N LYS A 97 12.64 -11.26 1.44
CA LYS A 97 11.24 -11.52 1.78
C LYS A 97 10.81 -10.74 3.01
N GLY A 98 11.62 -10.78 4.07
CA GLY A 98 11.27 -10.08 5.30
C GLY A 98 11.05 -8.60 5.08
N PHE A 99 11.90 -8.01 4.24
CA PHE A 99 11.78 -6.61 3.89
C PHE A 99 10.51 -6.35 3.07
N ALA A 100 10.28 -7.20 2.08
CA ALA A 100 9.13 -7.05 1.19
C ALA A 100 7.82 -7.10 1.97
N GLU A 101 7.72 -8.04 2.88
CA GLU A 101 6.49 -8.24 3.65
C GLU A 101 6.20 -7.05 4.56
N LYS A 102 7.25 -6.30 4.91
CA LYS A 102 7.09 -5.15 5.78
C LYS A 102 6.91 -3.86 4.98
N SER A 103 7.69 -3.71 3.92
CA SER A 103 7.65 -2.49 3.10
C SER A 103 6.28 -2.28 2.49
N ILE A 104 5.70 -3.36 1.96
CA ILE A 104 4.36 -3.32 1.41
C ILE A 104 3.36 -2.85 2.46
N GLU A 105 3.54 -3.30 3.70
CA GLU A 105 2.62 -2.97 4.77
C GLU A 105 2.78 -1.53 5.26
N ILE A 106 4.02 -1.03 5.28
CA ILE A 106 4.26 0.36 5.65
C ILE A 106 3.58 1.30 4.65
N ALA A 107 3.80 1.03 3.38
CA ALA A 107 3.17 1.80 2.31
C ALA A 107 1.67 1.57 2.29
N ARG A 108 1.27 0.39 2.72
CA ARG A 108 -0.14 0.02 2.77
C ARG A 108 -0.85 0.79 3.88
N GLY A 109 -0.18 0.94 5.02
CA GLY A 109 -0.77 1.62 6.15
C GLY A 109 -1.07 3.08 5.87
N ILE A 110 -0.23 3.68 5.03
CA ILE A 110 -0.42 5.06 4.62
C ILE A 110 -1.74 5.23 3.86
N LYS A 111 -2.00 4.31 2.96
CA LYS A 111 -3.21 4.35 2.17
C LYS A 111 -4.30 3.53 2.84
N ALA A 112 -4.03 3.11 4.07
CA ALA A 112 -5.03 2.49 4.92
C ALA A 112 -5.61 3.52 5.86
N ARG A 113 -4.78 4.48 6.26
CA ARG A 113 -5.27 5.61 7.03
C ARG A 113 -5.83 6.65 6.08
N TYR A 114 -5.71 6.39 4.79
CA TYR A 114 -6.48 7.12 3.79
C TYR A 114 -7.93 6.64 3.83
N TYR A 115 -8.10 5.34 4.10
CA TYR A 115 -9.43 4.75 4.15
C TYR A 115 -10.20 5.22 5.37
N THR A 116 -9.52 5.15 6.52
CA THR A 116 -10.14 5.43 7.81
C THR A 116 -10.66 6.86 7.93
N GLY A 117 -10.14 7.75 7.08
CA GLY A 117 -10.53 9.15 7.15
C GLY A 117 -9.44 10.01 7.76
N ASN A 118 -8.32 9.38 8.09
CA ASN A 118 -7.20 10.09 8.70
C ASN A 118 -6.13 10.37 7.64
N GLU A 119 -6.52 11.11 6.61
CA GLU A 119 -5.67 11.35 5.44
C GLU A 119 -4.28 11.83 5.85
N PRO A 120 -3.25 11.01 5.54
CA PRO A 120 -1.86 11.26 5.97
C PRO A 120 -1.27 12.53 5.36
N THR A 121 -0.26 13.08 6.02
CA THR A 121 0.47 14.21 5.47
C THR A 121 1.60 13.74 4.57
N LYS A 122 2.31 14.67 3.98
CA LYS A 122 3.48 14.33 3.18
C LYS A 122 4.57 13.77 4.08
N ASP A 123 4.54 14.17 5.36
CA ASP A 123 5.52 13.69 6.33
C ASP A 123 5.26 12.22 6.66
N ASP A 124 4.00 11.82 6.60
CA ASP A 124 3.64 10.41 6.76
C ASP A 124 4.21 9.61 5.60
N LEU A 125 4.03 10.12 4.39
CA LEU A 125 4.49 9.45 3.18
C LEU A 125 6.01 9.35 3.13
N LYS A 126 6.69 10.46 3.40
CA LYS A 126 8.15 10.48 3.34
C LYS A 126 8.74 9.49 4.34
N ALA A 127 8.11 9.41 5.51
CA ALA A 127 8.53 8.48 6.56
C ALA A 127 8.25 7.04 6.17
N SER A 128 7.08 6.82 5.58
CA SER A 128 6.69 5.49 5.12
C SER A 128 7.73 4.92 4.18
N VAL A 129 8.17 5.71 3.21
CA VAL A 129 9.11 5.22 2.21
C VAL A 129 10.51 5.19 2.83
N LYS A 130 10.74 6.08 3.79
CA LYS A 130 11.99 6.18 4.51
C LYS A 130 12.33 4.88 5.21
N GLU A 131 11.36 4.26 5.88
CA GLU A 131 11.64 3.05 6.63
C GLU A 131 11.91 1.88 5.71
N VAL A 132 11.22 1.83 4.57
CA VAL A 132 11.49 0.78 3.60
C VAL A 132 12.88 0.98 2.98
N LEU A 133 13.38 2.19 3.03
CA LEU A 133 14.73 2.46 2.60
C LEU A 133 15.72 2.15 3.71
N LYS A 134 15.33 2.44 4.95
CA LYS A 134 16.14 2.18 6.11
C LYS A 134 16.45 0.69 6.17
N LEU A 135 15.45 -0.10 5.84
CA LEU A 135 15.61 -1.53 5.75
C LEU A 135 16.41 -1.93 4.51
N TYR A 136 16.05 -1.40 3.34
CA TYR A 136 16.63 -1.94 2.11
C TYR A 136 18.10 -1.59 1.99
N LYS A 137 18.48 -0.40 2.45
CA LYS A 137 19.88 0.04 2.38
C LYS A 137 20.77 -0.88 3.22
N ALA A 138 20.19 -1.40 4.30
CA ALA A 138 20.93 -2.24 5.23
C ALA A 138 20.85 -3.72 4.87
N MET A 139 20.13 -4.07 3.81
CA MET A 139 20.04 -5.46 3.40
C MET A 139 21.32 -5.92 2.72
N SER A 140 21.55 -7.23 2.72
CA SER A 140 22.65 -7.81 2.00
C SER A 140 22.49 -7.55 0.50
N ASP A 141 23.60 -7.43 -0.22
CA ASP A 141 23.57 -7.07 -1.64
C ASP A 141 22.76 -8.09 -2.45
N ALA A 142 22.98 -9.37 -2.19
CA ALA A 142 22.25 -10.42 -2.89
C ALA A 142 20.75 -10.33 -2.62
N GLY A 143 20.41 -9.75 -1.48
CA GLY A 143 19.01 -9.56 -1.14
C GLY A 143 18.40 -8.38 -1.89
N LYS A 144 19.22 -7.34 -2.07
CA LYS A 144 18.77 -6.15 -2.78
C LYS A 144 18.50 -6.48 -4.24
N ALA A 145 19.43 -7.21 -4.83
CA ALA A 145 19.35 -7.63 -6.22
C ALA A 145 18.18 -8.56 -6.46
N ASP A 146 17.97 -9.50 -5.54
CA ASP A 146 16.92 -10.51 -5.71
C ASP A 146 15.55 -9.88 -5.56
N PHE A 147 15.48 -8.85 -4.71
CA PHE A 147 14.27 -8.05 -4.58
C PHE A 147 13.94 -7.38 -5.90
N GLY A 148 14.96 -7.09 -6.69
CA GLY A 148 14.77 -6.44 -7.96
C GLY A 148 14.14 -7.35 -9.00
N LYS A 149 14.28 -8.65 -8.81
CA LYS A 149 13.74 -9.62 -9.74
C LYS A 149 12.27 -9.83 -9.46
N GLN A 150 11.94 -9.77 -8.19
CA GLN A 150 10.58 -10.03 -7.73
C GLN A 150 9.76 -8.74 -7.71
N PHE A 151 10.41 -7.64 -7.34
CA PHE A 151 9.76 -6.32 -7.36
C PHE A 151 10.65 -5.31 -8.09
N PRO A 152 10.62 -5.35 -9.44
CA PRO A 152 11.49 -4.51 -10.27
C PRO A 152 11.20 -3.01 -10.13
N PHE A 153 9.92 -2.67 -10.01
CA PHE A 153 9.52 -1.27 -9.98
C PHE A 153 9.98 -0.60 -8.69
N LEU A 154 9.92 -1.34 -7.59
CA LEU A 154 10.36 -0.81 -6.31
C LEU A 154 11.88 -0.77 -6.23
N ALA A 155 12.54 -1.84 -6.67
CA ALA A 155 13.99 -1.88 -6.70
C ALA A 155 14.53 -0.74 -7.55
N LYS A 156 13.81 -0.47 -8.64
CA LYS A 156 14.08 0.69 -9.48
C LYS A 156 14.21 1.96 -8.66
N VAL A 157 13.10 2.40 -8.08
CA VAL A 157 13.03 3.66 -7.38
C VAL A 157 13.93 3.69 -6.14
N PHE A 158 14.18 2.53 -5.56
CA PHE A 158 15.04 2.49 -4.37
C PHE A 158 16.50 2.69 -4.77
N GLU A 159 16.97 1.86 -5.70
CA GLU A 159 18.37 1.87 -6.13
C GLU A 159 18.73 3.16 -6.86
N SER A 160 17.77 3.72 -7.57
CA SER A 160 18.00 4.96 -8.30
C SER A 160 18.03 6.15 -7.35
N GLY A 161 17.70 5.92 -6.08
CA GLY A 161 17.65 6.99 -5.11
C GLY A 161 16.41 7.84 -5.27
N LYS A 162 15.46 7.34 -6.04
CA LYS A 162 14.23 8.06 -6.34
C LYS A 162 13.37 8.17 -5.09
N ALA A 163 13.05 7.03 -4.49
CA ALA A 163 12.26 7.00 -3.27
C ALA A 163 13.04 7.64 -2.13
N ALA A 164 14.35 7.52 -2.20
CA ALA A 164 15.24 8.10 -1.21
C ALA A 164 15.09 9.61 -1.13
N LYS A 165 14.89 10.24 -2.29
CA LYS A 165 14.72 11.68 -2.37
C LYS A 165 13.34 12.08 -1.85
N PHE A 166 12.36 11.22 -2.08
CA PHE A 166 11.03 11.41 -1.56
C PHE A 166 11.04 11.27 -0.03
N ALA A 167 11.92 10.41 0.46
CA ALA A 167 12.11 10.25 1.90
C ALA A 167 12.80 11.47 2.50
N GLY A 168 13.38 12.29 1.65
CA GLY A 168 13.99 13.52 2.09
C GLY A 168 15.44 13.36 2.47
N GLU A 169 16.15 12.44 1.81
CA GLU A 169 17.58 12.27 2.07
C GLU A 169 18.27 11.55 0.90
N ASN A 170 19.51 11.12 1.14
CA ASN A 170 20.35 10.44 0.15
C ASN A 170 20.70 11.39 -0.99
N MET A 1 -14.12 17.51 -9.72
CA MET A 1 -14.34 16.63 -8.54
C MET A 1 -15.83 16.52 -8.26
N GLY A 2 -16.32 15.31 -8.15
CA GLY A 2 -17.73 15.09 -7.90
C GLY A 2 -18.45 14.61 -9.14
N SER A 3 -18.77 13.33 -9.17
CA SER A 3 -19.50 12.76 -10.29
C SER A 3 -20.99 13.12 -10.20
N SER A 4 -21.40 13.51 -9.00
CA SER A 4 -22.72 14.09 -8.76
C SER A 4 -23.86 13.15 -9.17
N HIS A 5 -23.63 11.85 -9.07
CA HIS A 5 -24.64 10.89 -9.47
C HIS A 5 -25.49 10.46 -8.28
N HIS A 6 -24.97 10.67 -7.08
CA HIS A 6 -25.71 10.34 -5.87
C HIS A 6 -26.70 11.43 -5.55
N HIS A 7 -27.85 11.39 -6.21
CA HIS A 7 -28.91 12.36 -5.96
C HIS A 7 -29.56 12.05 -4.62
N HIS A 8 -29.39 10.81 -4.19
CA HIS A 8 -29.79 10.38 -2.86
C HIS A 8 -28.70 9.51 -2.27
N HIS A 9 -28.45 9.66 -0.98
CA HIS A 9 -27.38 8.94 -0.29
C HIS A 9 -26.01 9.33 -0.83
N HIS A 10 -25.41 10.35 -0.22
CA HIS A 10 -24.09 10.82 -0.62
C HIS A 10 -23.02 10.00 0.10
N SER A 11 -21.80 10.53 0.15
CA SER A 11 -20.70 9.88 0.83
C SER A 11 -21.01 9.69 2.31
N SER A 12 -20.97 8.43 2.76
CA SER A 12 -21.19 8.12 4.17
C SER A 12 -19.92 8.39 4.98
N GLY A 13 -19.56 9.66 5.08
CA GLY A 13 -18.36 10.05 5.77
C GLY A 13 -17.42 10.83 4.86
N HIS A 14 -16.13 10.67 5.09
CA HIS A 14 -15.13 11.36 4.27
C HIS A 14 -14.61 10.42 3.19
N MET A 15 -14.86 10.76 1.94
CA MET A 15 -14.44 9.93 0.83
C MET A 15 -13.12 10.40 0.23
N PHE A 16 -12.10 9.60 0.42
CA PHE A 16 -10.82 9.85 -0.21
C PHE A 16 -10.73 9.03 -1.50
N LYS A 17 -9.93 9.48 -2.45
CA LYS A 17 -9.76 8.74 -3.69
C LYS A 17 -8.29 8.54 -4.01
N TYR A 18 -8.02 7.73 -5.03
CA TYR A 18 -6.67 7.50 -5.52
C TYR A 18 -6.02 8.83 -5.89
N GLU A 19 -6.81 9.68 -6.53
CA GLU A 19 -6.36 10.98 -7.00
C GLU A 19 -5.97 11.90 -5.83
N ASP A 20 -6.53 11.65 -4.64
CA ASP A 20 -6.30 12.56 -3.52
C ASP A 20 -4.98 12.24 -2.84
N ILE A 21 -4.44 11.07 -3.15
CA ILE A 21 -3.17 10.64 -2.59
C ILE A 21 -2.03 11.27 -3.39
N PRO A 22 -1.07 11.93 -2.71
CA PRO A 22 0.06 12.61 -3.35
C PRO A 22 0.66 11.82 -4.49
N ALA A 23 0.55 12.35 -5.70
CA ALA A 23 0.96 11.66 -6.92
C ALA A 23 2.46 11.39 -6.93
N ASP A 24 3.23 12.15 -6.15
CA ASP A 24 4.67 11.93 -6.08
C ASP A 24 4.96 10.60 -5.41
N TYR A 25 4.13 10.28 -4.43
CA TYR A 25 4.27 9.07 -3.63
C TYR A 25 3.66 7.87 -4.36
N ARG A 26 2.66 8.11 -5.20
CA ARG A 26 2.02 7.02 -5.92
C ARG A 26 2.97 6.45 -6.96
N ASP A 27 3.95 7.26 -7.32
CA ASP A 27 5.01 6.85 -8.25
C ASP A 27 5.87 5.75 -7.63
N LEU A 28 5.82 5.66 -6.30
CA LEU A 28 6.60 4.67 -5.57
C LEU A 28 5.82 3.37 -5.41
N MET A 29 4.53 3.42 -5.69
CA MET A 29 3.67 2.26 -5.51
C MET A 29 3.53 1.50 -6.83
N PRO A 30 3.76 0.18 -6.78
CA PRO A 30 3.74 -0.66 -7.98
C PRO A 30 2.34 -0.78 -8.59
N PRO A 31 2.26 -1.02 -9.91
CA PRO A 31 0.98 -1.07 -10.64
C PRO A 31 -0.12 -1.83 -9.90
N GLU A 32 0.18 -3.01 -9.38
CA GLU A 32 -0.82 -3.82 -8.68
C GLU A 32 -1.37 -3.09 -7.45
N ALA A 33 -0.48 -2.49 -6.66
CA ALA A 33 -0.89 -1.80 -5.45
C ALA A 33 -1.77 -0.60 -5.78
N ARG A 34 -1.57 -0.04 -6.96
CA ARG A 34 -2.36 1.11 -7.39
C ARG A 34 -3.61 0.66 -8.12
N ASP A 35 -3.54 -0.50 -8.77
CA ASP A 35 -4.68 -1.05 -9.52
C ASP A 35 -5.91 -1.19 -8.62
N PHE A 36 -5.67 -1.59 -7.38
CA PHE A 36 -6.72 -1.67 -6.37
C PHE A 36 -7.39 -0.31 -6.18
N LEU A 37 -6.67 0.73 -5.81
CA LEU A 37 -7.30 2.05 -5.64
C LEU A 37 -7.64 2.71 -6.98
N GLN A 38 -7.18 2.13 -8.08
CA GLN A 38 -7.73 2.44 -9.38
C GLN A 38 -9.17 1.95 -9.49
N ASN A 39 -9.41 0.74 -8.97
CA ASN A 39 -10.72 0.12 -9.01
C ASN A 39 -11.67 0.78 -8.03
N LEU A 40 -11.22 0.88 -6.78
CA LEU A 40 -12.03 1.42 -5.70
C LEU A 40 -12.62 2.78 -6.05
N SER A 41 -13.95 2.79 -5.98
CA SER A 41 -14.77 3.95 -6.24
C SER A 41 -15.92 3.94 -5.23
N ASP A 42 -16.91 4.79 -5.42
CA ASP A 42 -18.01 4.88 -4.45
C ASP A 42 -18.69 3.53 -4.26
N GLY A 43 -19.12 3.26 -3.04
CA GLY A 43 -19.75 1.98 -2.74
C GLY A 43 -18.82 1.02 -2.05
N ASP A 44 -17.70 0.72 -2.70
CA ASP A 44 -16.74 -0.24 -2.16
C ASP A 44 -15.75 0.43 -1.24
N LYS A 45 -15.43 1.69 -1.48
CA LYS A 45 -14.49 2.40 -0.61
C LYS A 45 -15.13 2.65 0.75
N THR A 46 -16.45 2.55 0.77
CA THR A 46 -17.23 2.72 1.98
C THR A 46 -16.89 1.62 3.00
N VAL A 47 -16.66 0.42 2.49
CA VAL A 47 -16.44 -0.74 3.35
C VAL A 47 -15.01 -0.81 3.88
N LEU A 48 -14.04 -0.36 3.09
CA LEU A 48 -12.66 -0.29 3.57
C LEU A 48 -12.57 0.49 4.87
N LYS A 49 -13.30 1.62 4.92
CA LYS A 49 -13.29 2.47 6.09
C LYS A 49 -13.84 1.74 7.29
N GLU A 50 -14.74 0.81 7.02
CA GLU A 50 -15.37 0.01 8.05
C GLU A 50 -14.44 -1.11 8.50
N VAL A 51 -13.81 -1.80 7.57
CA VAL A 51 -12.98 -2.94 7.90
C VAL A 51 -11.62 -2.52 8.49
N PHE A 52 -11.07 -1.44 7.97
CA PHE A 52 -9.88 -0.81 8.53
C PHE A 52 -10.06 -0.30 9.95
N LYS A 53 -11.17 0.36 10.25
CA LYS A 53 -11.38 0.85 11.60
C LYS A 53 -11.88 -0.26 12.51
N ALA A 54 -12.37 -1.33 11.91
CA ALA A 54 -12.65 -2.55 12.64
C ALA A 54 -11.34 -3.22 13.05
N GLY A 55 -10.67 -3.90 12.11
CA GLY A 55 -9.42 -4.59 12.41
C GLY A 55 -9.50 -5.40 13.70
N PRO A 56 -8.40 -5.51 14.45
CA PRO A 56 -7.06 -5.15 14.02
C PRO A 56 -6.36 -6.34 13.38
N TYR A 57 -5.93 -6.16 12.15
CA TYR A 57 -5.44 -7.28 11.36
C TYR A 57 -3.92 -7.35 11.36
N LYS A 58 -3.42 -8.46 11.90
CA LYS A 58 -2.00 -8.77 11.93
C LYS A 58 -1.49 -9.13 10.54
N ASN A 59 -2.39 -9.42 9.63
CA ASN A 59 -2.01 -9.91 8.31
C ASN A 59 -3.01 -9.42 7.27
N THR A 60 -2.63 -9.51 6.00
CA THR A 60 -3.45 -9.02 4.91
C THR A 60 -4.66 -9.93 4.65
N GLU A 61 -4.50 -11.23 4.89
CA GLU A 61 -5.57 -12.19 4.67
C GLU A 61 -6.81 -11.84 5.49
N GLU A 62 -6.60 -11.44 6.74
CA GLU A 62 -7.68 -11.02 7.61
C GLU A 62 -8.39 -9.78 7.05
N SER A 63 -7.63 -8.92 6.39
CA SER A 63 -8.20 -7.73 5.77
C SER A 63 -9.01 -8.14 4.53
N ILE A 64 -8.48 -9.09 3.79
CA ILE A 64 -9.12 -9.62 2.59
C ILE A 64 -10.44 -10.29 2.96
N ALA A 65 -10.38 -11.10 4.00
CA ALA A 65 -11.57 -11.75 4.55
C ALA A 65 -12.65 -10.74 4.90
N ALA A 66 -12.25 -9.69 5.64
CA ALA A 66 -13.17 -8.62 6.02
C ALA A 66 -13.88 -8.05 4.81
N LEU A 67 -13.13 -7.87 3.73
CA LEU A 67 -13.69 -7.33 2.51
C LEU A 67 -14.62 -8.33 1.83
N LYS A 68 -14.24 -9.61 1.83
CA LYS A 68 -15.05 -10.63 1.17
C LYS A 68 -16.43 -10.78 1.82
N LYS A 69 -16.50 -10.57 3.13
CA LYS A 69 -17.75 -10.75 3.88
C LYS A 69 -18.73 -9.62 3.58
N LYS A 70 -18.23 -8.46 3.23
CA LYS A 70 -19.08 -7.32 2.92
C LYS A 70 -19.24 -7.16 1.41
N SER A 71 -18.13 -7.16 0.71
CA SER A 71 -18.14 -7.00 -0.73
C SER A 71 -17.33 -8.14 -1.34
N PRO A 72 -18.04 -9.23 -1.72
CA PRO A 72 -17.42 -10.47 -2.24
C PRO A 72 -16.42 -10.20 -3.36
N GLU A 73 -16.90 -9.47 -4.36
CA GLU A 73 -16.10 -9.05 -5.51
C GLU A 73 -14.87 -8.24 -5.06
N LEU A 74 -15.05 -7.41 -4.04
CA LEU A 74 -13.97 -6.51 -3.65
C LEU A 74 -12.86 -7.34 -3.03
N GLY A 75 -13.28 -8.25 -2.14
CA GLY A 75 -12.36 -9.15 -1.49
C GLY A 75 -11.67 -10.07 -2.47
N ALA A 76 -12.38 -10.43 -3.54
CA ALA A 76 -11.80 -11.24 -4.60
C ALA A 76 -10.73 -10.45 -5.34
N LYS A 77 -10.97 -9.15 -5.52
CA LYS A 77 -10.00 -8.29 -6.16
C LYS A 77 -8.71 -8.21 -5.36
N VAL A 78 -8.83 -7.90 -4.08
CA VAL A 78 -7.65 -7.79 -3.21
C VAL A 78 -7.00 -9.16 -3.00
N GLU A 79 -7.79 -10.23 -3.07
CA GLU A 79 -7.27 -11.58 -2.90
C GLU A 79 -6.27 -11.90 -4.00
N LYS A 80 -6.73 -11.84 -5.25
CA LYS A 80 -5.88 -12.20 -6.37
C LYS A 80 -4.71 -11.24 -6.46
N LEU A 81 -5.01 -9.97 -6.15
CA LEU A 81 -4.03 -8.90 -6.21
C LEU A 81 -2.91 -9.15 -5.20
N HIS A 82 -3.28 -9.66 -4.05
CA HIS A 82 -2.34 -9.85 -2.97
C HIS A 82 -1.57 -11.14 -3.19
N ALA A 83 -2.25 -12.11 -3.76
CA ALA A 83 -1.67 -13.39 -4.10
C ALA A 83 -0.54 -13.22 -5.13
N MET A 84 -0.72 -12.30 -6.07
CA MET A 84 0.32 -12.00 -7.06
C MET A 84 1.56 -11.46 -6.37
N VAL A 85 1.36 -10.42 -5.57
CA VAL A 85 2.41 -9.83 -4.76
C VAL A 85 3.05 -10.90 -3.87
N LYS A 86 2.19 -11.74 -3.34
CA LYS A 86 2.59 -12.82 -2.46
C LYS A 86 3.45 -13.84 -3.19
N SER A 87 3.09 -14.17 -4.42
CA SER A 87 3.86 -15.10 -5.24
C SER A 87 5.30 -14.60 -5.40
N LYS A 88 5.44 -13.29 -5.54
CA LYS A 88 6.75 -12.65 -5.63
C LYS A 88 7.50 -12.77 -4.31
N ILE A 89 6.81 -12.48 -3.22
CA ILE A 89 7.42 -12.56 -1.88
C ILE A 89 7.70 -14.00 -1.47
N ALA A 90 6.91 -14.93 -1.99
CA ALA A 90 7.15 -16.36 -1.77
C ALA A 90 8.44 -16.77 -2.46
N ALA A 91 8.65 -16.18 -3.63
CA ALA A 91 9.83 -16.45 -4.45
C ALA A 91 11.01 -15.59 -4.00
N LEU A 92 10.78 -14.75 -3.01
CA LEU A 92 11.79 -13.82 -2.53
C LEU A 92 12.57 -14.44 -1.38
N GLY A 93 13.89 -14.31 -1.43
CA GLY A 93 14.71 -14.87 -0.37
C GLY A 93 14.49 -14.17 0.95
N PRO A 94 14.66 -14.89 2.08
CA PRO A 94 14.47 -14.36 3.43
C PRO A 94 14.97 -12.92 3.63
N GLU A 95 16.08 -12.58 2.98
CA GLU A 95 16.67 -11.25 3.11
C GLU A 95 15.71 -10.21 2.58
N ALA A 96 15.31 -10.39 1.33
CA ALA A 96 14.47 -9.41 0.67
C ALA A 96 13.01 -9.59 1.06
N LYS A 97 12.65 -10.83 1.35
CA LYS A 97 11.31 -11.19 1.82
C LYS A 97 10.99 -10.49 3.13
N GLY A 98 11.98 -10.40 4.01
CA GLY A 98 11.80 -9.71 5.26
C GLY A 98 11.57 -8.23 5.05
N PHE A 99 12.30 -7.66 4.10
CA PHE A 99 12.14 -6.27 3.73
C PHE A 99 10.80 -6.04 3.04
N ALA A 100 10.49 -6.86 2.04
CA ALA A 100 9.28 -6.70 1.24
C ALA A 100 8.03 -6.62 2.10
N GLU A 101 7.87 -7.59 3.00
CA GLU A 101 6.67 -7.67 3.81
C GLU A 101 6.62 -6.55 4.84
N LYS A 102 7.78 -6.07 5.26
CA LYS A 102 7.85 -5.01 6.25
C LYS A 102 7.70 -3.64 5.59
N SER A 103 8.32 -3.46 4.43
CA SER A 103 8.20 -2.21 3.69
C SER A 103 6.77 -1.99 3.23
N ILE A 104 6.17 -3.04 2.68
CA ILE A 104 4.77 -3.00 2.29
C ILE A 104 3.88 -2.78 3.51
N GLU A 105 4.31 -3.29 4.66
CA GLU A 105 3.61 -3.06 5.91
C GLU A 105 3.60 -1.56 6.24
N ILE A 106 4.76 -0.92 6.13
CA ILE A 106 4.87 0.51 6.37
C ILE A 106 4.04 1.30 5.36
N ALA A 107 4.17 0.92 4.09
CA ALA A 107 3.44 1.58 3.02
C ALA A 107 1.94 1.36 3.17
N ARG A 108 1.57 0.18 3.64
CA ARG A 108 0.18 -0.15 3.91
C ARG A 108 -0.39 0.76 4.98
N GLY A 109 0.39 1.03 6.01
CA GLY A 109 -0.08 1.86 7.10
C GLY A 109 -0.43 3.25 6.63
N ILE A 110 0.31 3.74 5.65
CA ILE A 110 0.08 5.07 5.10
C ILE A 110 -1.29 5.17 4.42
N LYS A 111 -1.67 4.15 3.66
CA LYS A 111 -2.97 4.19 3.00
C LYS A 111 -4.03 3.50 3.85
N ALA A 112 -3.61 2.82 4.91
CA ALA A 112 -4.54 2.31 5.90
C ALA A 112 -5.16 3.45 6.67
N ARG A 113 -4.37 4.48 6.94
CA ARG A 113 -4.86 5.68 7.59
C ARG A 113 -5.45 6.63 6.57
N TYR A 114 -5.47 6.19 5.31
CA TYR A 114 -6.32 6.83 4.32
C TYR A 114 -7.68 6.14 4.31
N TYR A 115 -7.65 4.80 4.33
CA TYR A 115 -8.86 3.99 4.27
C TYR A 115 -9.80 4.29 5.44
N THR A 116 -9.22 4.59 6.58
CA THR A 116 -10.00 4.84 7.79
C THR A 116 -10.74 6.18 7.73
N GLY A 117 -10.54 6.93 6.66
CA GLY A 117 -11.19 8.23 6.52
C GLY A 117 -10.33 9.35 7.05
N ASN A 118 -9.02 9.20 6.92
CA ASN A 118 -8.07 10.20 7.40
C ASN A 118 -7.06 10.50 6.31
N GLU A 119 -6.18 11.45 6.55
CA GLU A 119 -5.17 11.83 5.58
C GLU A 119 -3.83 12.15 6.23
N PRO A 120 -2.83 11.25 6.09
CA PRO A 120 -1.46 11.50 6.56
C PRO A 120 -0.86 12.73 5.90
N THR A 121 0.17 13.28 6.52
CA THR A 121 0.88 14.40 5.95
C THR A 121 1.96 13.88 5.00
N LYS A 122 2.50 14.75 4.16
CA LYS A 122 3.57 14.32 3.26
C LYS A 122 4.78 13.86 4.08
N ASP A 123 4.86 14.35 5.31
CA ASP A 123 5.94 13.98 6.22
C ASP A 123 5.75 12.55 6.72
N ASP A 124 4.51 12.12 6.86
CA ASP A 124 4.22 10.74 7.20
C ASP A 124 4.71 9.82 6.07
N LEU A 125 4.48 10.27 4.84
CA LEU A 125 4.92 9.55 3.66
C LEU A 125 6.44 9.53 3.59
N LYS A 126 7.07 10.66 3.92
CA LYS A 126 8.53 10.73 4.00
C LYS A 126 9.06 9.66 4.94
N ALA A 127 8.50 9.63 6.15
CA ALA A 127 8.91 8.68 7.16
C ALA A 127 8.70 7.24 6.69
N SER A 128 7.55 7.00 6.07
CA SER A 128 7.22 5.69 5.55
C SER A 128 8.28 5.17 4.58
N VAL A 129 8.67 6.00 3.63
CA VAL A 129 9.59 5.56 2.59
C VAL A 129 11.03 5.59 3.12
N LYS A 130 11.25 6.45 4.11
CA LYS A 130 12.55 6.60 4.73
C LYS A 130 12.95 5.34 5.48
N GLU A 131 12.00 4.74 6.20
CA GLU A 131 12.31 3.54 6.97
C GLU A 131 12.55 2.35 6.06
N VAL A 132 11.81 2.26 4.95
CA VAL A 132 12.03 1.19 3.99
C VAL A 132 13.42 1.31 3.35
N LEU A 133 13.89 2.54 3.18
CA LEU A 133 15.24 2.76 2.66
C LEU A 133 16.26 2.41 3.71
N LYS A 134 15.92 2.68 4.98
CA LYS A 134 16.81 2.42 6.08
C LYS A 134 17.11 0.92 6.13
N LEU A 135 16.07 0.14 5.93
CA LEU A 135 16.21 -1.30 5.83
C LEU A 135 16.90 -1.69 4.53
N TYR A 136 16.45 -1.13 3.41
CA TYR A 136 16.89 -1.65 2.13
C TYR A 136 18.36 -1.35 1.86
N LYS A 137 18.80 -0.16 2.27
CA LYS A 137 20.20 0.23 2.11
C LYS A 137 21.13 -0.72 2.87
N ALA A 138 20.64 -1.23 4.00
CA ALA A 138 21.46 -2.03 4.90
C ALA A 138 21.45 -3.52 4.53
N MET A 139 20.61 -3.92 3.58
CA MET A 139 20.49 -5.33 3.24
C MET A 139 21.70 -5.82 2.45
N SER A 140 21.91 -7.12 2.45
CA SER A 140 22.93 -7.75 1.62
C SER A 140 22.68 -7.45 0.14
N ASP A 141 23.76 -7.29 -0.62
CA ASP A 141 23.67 -6.88 -2.03
C ASP A 141 22.92 -7.91 -2.88
N ALA A 142 23.23 -9.19 -2.67
CA ALA A 142 22.54 -10.26 -3.39
C ALA A 142 21.05 -10.25 -3.07
N GLY A 143 20.72 -9.78 -1.86
CA GLY A 143 19.34 -9.66 -1.46
C GLY A 143 18.65 -8.50 -2.16
N LYS A 144 19.41 -7.41 -2.36
CA LYS A 144 18.89 -6.25 -3.06
C LYS A 144 18.55 -6.61 -4.50
N ALA A 145 19.47 -7.33 -5.14
CA ALA A 145 19.30 -7.75 -6.52
C ALA A 145 18.18 -8.78 -6.65
N ASP A 146 18.01 -9.61 -5.63
CA ASP A 146 16.98 -10.64 -5.66
C ASP A 146 15.62 -10.00 -5.46
N PHE A 147 15.60 -8.92 -4.67
CA PHE A 147 14.41 -8.11 -4.51
C PHE A 147 13.98 -7.54 -5.85
N GLY A 148 14.96 -7.24 -6.69
CA GLY A 148 14.68 -6.68 -8.00
C GLY A 148 14.12 -7.70 -8.97
N LYS A 149 14.15 -8.97 -8.61
CA LYS A 149 13.58 -10.02 -9.45
C LYS A 149 12.09 -10.19 -9.14
N GLN A 150 11.74 -9.90 -7.90
CA GLN A 150 10.37 -10.10 -7.43
C GLN A 150 9.61 -8.78 -7.40
N PHE A 151 10.29 -7.71 -7.03
CA PHE A 151 9.70 -6.38 -7.06
C PHE A 151 10.61 -5.42 -7.83
N PRO A 152 10.67 -5.58 -9.17
CA PRO A 152 11.54 -4.77 -10.03
C PRO A 152 11.18 -3.30 -9.99
N PHE A 153 9.89 -3.00 -9.91
CA PHE A 153 9.41 -1.63 -9.88
C PHE A 153 9.91 -0.92 -8.61
N LEU A 154 9.87 -1.63 -7.49
CA LEU A 154 10.35 -1.06 -6.24
C LEU A 154 11.87 -0.96 -6.25
N ALA A 155 12.53 -2.02 -6.70
CA ALA A 155 14.00 -2.00 -6.81
C ALA A 155 14.44 -0.84 -7.70
N LYS A 156 13.69 -0.63 -8.78
CA LYS A 156 13.86 0.52 -9.66
C LYS A 156 13.99 1.81 -8.87
N VAL A 157 12.87 2.23 -8.28
CA VAL A 157 12.80 3.52 -7.61
C VAL A 157 13.76 3.61 -6.41
N PHE A 158 14.10 2.48 -5.81
CA PHE A 158 15.01 2.51 -4.67
C PHE A 158 16.43 2.77 -5.14
N GLU A 159 16.82 2.12 -6.23
CA GLU A 159 18.18 2.27 -6.74
C GLU A 159 18.34 3.56 -7.52
N SER A 160 17.27 3.98 -8.17
CA SER A 160 17.26 5.21 -8.95
C SER A 160 17.35 6.44 -8.04
N GLY A 161 17.18 6.24 -6.74
CA GLY A 161 17.19 7.34 -5.81
C GLY A 161 15.87 8.06 -5.79
N LYS A 162 14.86 7.42 -6.36
CA LYS A 162 13.53 8.00 -6.48
C LYS A 162 12.88 8.10 -5.11
N ALA A 163 12.70 6.95 -4.45
CA ALA A 163 12.13 6.93 -3.11
C ALA A 163 13.06 7.64 -2.15
N ALA A 164 14.35 7.53 -2.42
CA ALA A 164 15.37 8.19 -1.61
C ALA A 164 15.17 9.70 -1.60
N LYS A 165 14.92 10.27 -2.78
CA LYS A 165 14.74 11.70 -2.91
C LYS A 165 13.46 12.14 -2.21
N PHE A 166 12.42 11.34 -2.36
CA PHE A 166 11.15 11.58 -1.69
C PHE A 166 11.34 11.60 -0.17
N ALA A 167 12.17 10.70 0.32
CA ALA A 167 12.45 10.61 1.75
C ALA A 167 13.34 11.75 2.22
N GLY A 168 14.04 12.36 1.28
CA GLY A 168 15.05 13.35 1.63
C GLY A 168 16.35 12.67 1.97
N GLU A 169 16.40 11.37 1.68
CA GLU A 169 17.53 10.52 2.02
C GLU A 169 17.74 10.37 3.52
N ASN A 170 18.58 9.43 3.88
CA ASN A 170 18.84 9.10 5.26
C ASN A 170 20.23 9.56 5.65
N MET A 1 -27.80 4.53 6.84
CA MET A 1 -27.51 4.48 5.39
C MET A 1 -28.66 3.84 4.63
N GLY A 2 -29.88 4.30 4.93
CA GLY A 2 -31.05 3.74 4.28
C GLY A 2 -31.34 2.33 4.76
N SER A 3 -32.22 1.63 4.05
CA SER A 3 -32.56 0.27 4.40
C SER A 3 -32.92 -0.55 3.15
N SER A 4 -34.12 -0.38 2.64
CA SER A 4 -34.56 -1.12 1.47
C SER A 4 -34.98 -0.18 0.34
N HIS A 5 -35.73 0.87 0.69
CA HIS A 5 -36.25 1.79 -0.31
C HIS A 5 -35.14 2.59 -0.97
N HIS A 6 -34.49 3.46 -0.19
CA HIS A 6 -33.41 4.28 -0.70
C HIS A 6 -32.18 4.15 0.16
N HIS A 7 -31.12 3.61 -0.41
CA HIS A 7 -29.84 3.48 0.29
C HIS A 7 -28.68 3.60 -0.69
N HIS A 8 -28.84 4.45 -1.69
CA HIS A 8 -27.77 4.71 -2.64
C HIS A 8 -26.81 5.75 -2.07
N HIS A 9 -25.73 6.04 -2.80
CA HIS A 9 -24.69 6.96 -2.32
C HIS A 9 -24.12 6.46 -1.01
N HIS A 10 -23.76 5.19 -0.98
CA HIS A 10 -23.26 4.55 0.25
C HIS A 10 -21.81 4.95 0.52
N SER A 11 -21.61 6.24 0.68
CA SER A 11 -20.32 6.81 1.03
C SER A 11 -20.54 8.15 1.73
N SER A 12 -19.81 8.40 2.81
CA SER A 12 -20.03 9.58 3.64
C SER A 12 -20.11 10.86 2.82
N GLY A 13 -19.05 11.14 2.07
CA GLY A 13 -19.01 12.32 1.23
C GLY A 13 -17.60 12.79 0.99
N HIS A 14 -16.84 12.91 2.07
CA HIS A 14 -15.45 13.28 1.99
C HIS A 14 -14.62 12.05 1.65
N MET A 15 -14.78 11.58 0.42
CA MET A 15 -14.07 10.41 -0.04
C MET A 15 -12.72 10.80 -0.61
N PHE A 16 -11.70 10.08 -0.23
CA PHE A 16 -10.35 10.39 -0.70
C PHE A 16 -10.16 9.91 -2.13
N LYS A 17 -9.38 10.64 -2.89
CA LYS A 17 -9.08 10.26 -4.26
C LYS A 17 -7.58 10.12 -4.42
N TYR A 18 -7.20 9.33 -5.41
CA TYR A 18 -5.80 9.02 -5.64
C TYR A 18 -5.16 10.11 -6.46
N GLU A 19 -5.99 11.08 -6.79
CA GLU A 19 -5.54 12.32 -7.39
C GLU A 19 -5.08 13.26 -6.28
N ASP A 20 -5.53 13.00 -5.06
CA ASP A 20 -5.25 13.88 -3.94
C ASP A 20 -4.05 13.38 -3.15
N ILE A 21 -3.68 12.13 -3.42
CA ILE A 21 -2.51 11.54 -2.81
C ILE A 21 -1.27 12.06 -3.52
N PRO A 22 -0.26 12.53 -2.78
CA PRO A 22 0.99 13.03 -3.34
C PRO A 22 1.49 12.16 -4.49
N ALA A 23 1.37 12.70 -5.70
CA ALA A 23 1.69 11.95 -6.91
C ALA A 23 3.16 11.59 -6.97
N ASP A 24 4.00 12.32 -6.23
CA ASP A 24 5.42 12.04 -6.20
C ASP A 24 5.66 10.68 -5.59
N TYR A 25 4.74 10.31 -4.70
CA TYR A 25 4.78 9.04 -3.99
C TYR A 25 3.99 7.98 -4.75
N ARG A 26 2.98 8.41 -5.51
CA ARG A 26 2.18 7.46 -6.29
C ARG A 26 3.04 6.87 -7.40
N ASP A 27 4.07 7.62 -7.77
CA ASP A 27 5.08 7.14 -8.71
C ASP A 27 5.83 5.94 -8.14
N LEU A 28 5.95 5.91 -6.82
CA LEU A 28 6.69 4.85 -6.14
C LEU A 28 5.82 3.61 -5.99
N MET A 29 4.51 3.77 -6.18
CA MET A 29 3.57 2.66 -6.06
C MET A 29 3.73 1.70 -7.22
N PRO A 30 3.84 0.39 -6.94
CA PRO A 30 3.92 -0.64 -7.98
C PRO A 30 2.64 -0.69 -8.82
N PRO A 31 2.76 -0.59 -10.15
CA PRO A 31 1.62 -0.50 -11.08
C PRO A 31 0.44 -1.39 -10.73
N GLU A 32 0.70 -2.67 -10.46
CA GLU A 32 -0.37 -3.63 -10.20
C GLU A 32 -0.95 -3.47 -8.80
N ALA A 33 -0.18 -2.90 -7.89
CA ALA A 33 -0.69 -2.58 -6.56
C ALA A 33 -1.55 -1.34 -6.63
N ARG A 34 -1.27 -0.51 -7.62
CA ARG A 34 -2.08 0.66 -7.92
C ARG A 34 -3.41 0.22 -8.53
N ASP A 35 -3.38 -0.91 -9.23
CA ASP A 35 -4.57 -1.46 -9.90
C ASP A 35 -5.75 -1.52 -8.93
N PHE A 36 -5.53 -2.15 -7.78
CA PHE A 36 -6.55 -2.25 -6.74
C PHE A 36 -7.12 -0.88 -6.36
N LEU A 37 -6.31 0.02 -5.85
CA LEU A 37 -6.83 1.33 -5.44
C LEU A 37 -7.26 2.18 -6.64
N GLN A 38 -6.78 1.89 -7.83
CA GLN A 38 -7.38 2.48 -9.02
C GLN A 38 -8.84 2.00 -9.21
N ASN A 39 -9.10 0.77 -8.77
CA ASN A 39 -10.43 0.17 -8.87
C ASN A 39 -11.44 0.86 -7.95
N LEU A 40 -11.06 1.08 -6.69
CA LEU A 40 -11.96 1.71 -5.72
C LEU A 40 -12.36 3.10 -6.17
N SER A 41 -13.63 3.42 -5.93
CA SER A 41 -14.21 4.67 -6.41
C SER A 41 -14.78 5.50 -5.26
N ASP A 42 -15.86 5.03 -4.64
CA ASP A 42 -16.53 5.80 -3.60
C ASP A 42 -17.22 4.91 -2.58
N GLY A 43 -18.30 4.24 -2.99
CA GLY A 43 -19.07 3.43 -2.07
C GLY A 43 -18.30 2.23 -1.56
N ASP A 44 -17.36 1.77 -2.38
CA ASP A 44 -16.51 0.65 -2.02
C ASP A 44 -15.47 1.06 -0.98
N LYS A 45 -14.99 2.29 -1.08
CA LYS A 45 -14.02 2.82 -0.13
C LYS A 45 -14.63 2.92 1.26
N THR A 46 -15.93 3.15 1.31
CA THR A 46 -16.67 3.22 2.56
C THR A 46 -16.48 1.95 3.39
N VAL A 47 -16.55 0.81 2.73
CA VAL A 47 -16.53 -0.45 3.44
C VAL A 47 -15.09 -0.81 3.83
N LEU A 48 -14.11 -0.35 3.04
CA LEU A 48 -12.71 -0.42 3.44
C LEU A 48 -12.52 0.27 4.79
N LYS A 49 -13.10 1.45 4.91
CA LYS A 49 -13.03 2.26 6.13
C LYS A 49 -13.59 1.46 7.32
N GLU A 50 -14.53 0.57 7.03
CA GLU A 50 -15.13 -0.27 8.04
C GLU A 50 -14.23 -1.46 8.39
N VAL A 51 -13.50 -1.96 7.39
CA VAL A 51 -12.56 -3.07 7.61
C VAL A 51 -11.34 -2.59 8.42
N PHE A 52 -10.76 -1.49 7.98
CA PHE A 52 -9.65 -0.84 8.66
C PHE A 52 -9.97 -0.46 10.09
N LYS A 53 -11.24 -0.26 10.41
CA LYS A 53 -11.61 0.02 11.80
C LYS A 53 -12.16 -1.22 12.49
N ALA A 54 -11.94 -2.38 11.87
CA ALA A 54 -12.37 -3.65 12.44
C ALA A 54 -11.18 -4.57 12.65
N GLY A 55 -9.99 -3.98 12.77
CA GLY A 55 -8.80 -4.75 13.08
C GLY A 55 -8.66 -4.97 14.57
N PRO A 56 -7.42 -5.09 15.10
CA PRO A 56 -6.19 -5.07 14.30
C PRO A 56 -5.93 -6.41 13.62
N TYR A 57 -5.06 -6.39 12.63
CA TYR A 57 -4.72 -7.59 11.88
C TYR A 57 -3.24 -7.90 12.02
N LYS A 58 -2.96 -9.16 12.27
CA LYS A 58 -1.60 -9.64 12.44
C LYS A 58 -1.05 -10.10 11.10
N ASN A 59 -1.92 -10.12 10.09
CA ASN A 59 -1.55 -10.56 8.77
C ASN A 59 -2.49 -9.94 7.74
N THR A 60 -1.97 -9.73 6.54
CA THR A 60 -2.71 -9.08 5.47
C THR A 60 -3.97 -9.89 5.09
N GLU A 61 -3.90 -11.20 5.32
CA GLU A 61 -4.99 -12.11 4.97
C GLU A 61 -6.24 -11.83 5.78
N GLU A 62 -6.08 -11.41 7.02
CA GLU A 62 -7.22 -11.08 7.87
C GLU A 62 -8.00 -9.91 7.30
N SER A 63 -7.30 -8.97 6.69
CA SER A 63 -7.94 -7.83 6.04
C SER A 63 -8.68 -8.30 4.80
N ILE A 64 -8.10 -9.29 4.12
CA ILE A 64 -8.72 -9.87 2.94
C ILE A 64 -10.00 -10.61 3.32
N ALA A 65 -9.91 -11.35 4.41
CA ALA A 65 -11.05 -12.07 4.96
C ALA A 65 -12.18 -11.12 5.32
N ALA A 66 -11.86 -10.08 6.07
CA ALA A 66 -12.84 -9.09 6.46
C ALA A 66 -13.48 -8.44 5.25
N LEU A 67 -12.66 -8.17 4.23
CA LEU A 67 -13.13 -7.58 2.99
C LEU A 67 -14.02 -8.53 2.22
N LYS A 68 -13.70 -9.82 2.23
CA LYS A 68 -14.53 -10.82 1.57
C LYS A 68 -15.92 -10.85 2.20
N LYS A 69 -15.97 -10.71 3.52
CA LYS A 69 -17.24 -10.71 4.25
C LYS A 69 -18.02 -9.43 3.94
N LYS A 70 -17.36 -8.30 4.09
CA LYS A 70 -17.97 -6.99 3.85
C LYS A 70 -18.34 -6.77 2.39
N SER A 71 -17.46 -7.13 1.48
CA SER A 71 -17.73 -6.97 0.06
C SER A 71 -17.01 -8.04 -0.75
N PRO A 72 -17.75 -9.12 -1.10
CA PRO A 72 -17.18 -10.32 -1.72
C PRO A 72 -16.13 -10.01 -2.77
N GLU A 73 -16.54 -9.22 -3.75
CA GLU A 73 -15.71 -8.85 -4.88
C GLU A 73 -14.47 -8.07 -4.45
N LEU A 74 -14.57 -7.26 -3.40
CA LEU A 74 -13.43 -6.44 -3.00
C LEU A 74 -12.38 -7.34 -2.37
N GLY A 75 -12.86 -8.28 -1.58
CA GLY A 75 -12.00 -9.28 -0.98
C GLY A 75 -11.34 -10.14 -2.02
N ALA A 76 -12.06 -10.40 -3.11
CA ALA A 76 -11.49 -11.13 -4.24
C ALA A 76 -10.45 -10.27 -4.96
N LYS A 77 -10.76 -8.99 -5.12
CA LYS A 77 -9.85 -8.02 -5.73
C LYS A 77 -8.52 -8.00 -4.99
N VAL A 78 -8.58 -7.80 -3.67
CA VAL A 78 -7.39 -7.75 -2.85
C VAL A 78 -6.72 -9.11 -2.74
N GLU A 79 -7.53 -10.16 -2.79
CA GLU A 79 -7.01 -11.54 -2.71
C GLU A 79 -6.09 -11.82 -3.88
N LYS A 80 -6.62 -11.69 -5.09
CA LYS A 80 -5.86 -12.01 -6.29
C LYS A 80 -4.64 -11.11 -6.39
N LEU A 81 -4.82 -9.85 -6.01
CA LEU A 81 -3.76 -8.86 -6.06
C LEU A 81 -2.65 -9.25 -5.08
N HIS A 82 -3.05 -9.75 -3.93
CA HIS A 82 -2.10 -10.08 -2.87
C HIS A 82 -1.44 -11.39 -3.18
N ALA A 83 -2.16 -12.24 -3.89
CA ALA A 83 -1.66 -13.51 -4.36
C ALA A 83 -0.50 -13.32 -5.34
N MET A 84 -0.61 -12.33 -6.20
CA MET A 84 0.46 -12.01 -7.15
C MET A 84 1.68 -11.54 -6.37
N VAL A 85 1.44 -10.64 -5.43
CA VAL A 85 2.46 -10.13 -4.53
C VAL A 85 3.11 -11.29 -3.78
N LYS A 86 2.28 -12.22 -3.32
CA LYS A 86 2.76 -13.41 -2.64
C LYS A 86 3.61 -14.27 -3.58
N SER A 87 3.20 -14.37 -4.84
CA SER A 87 3.97 -15.13 -5.82
C SER A 87 5.40 -14.58 -5.91
N LYS A 88 5.53 -13.27 -5.71
CA LYS A 88 6.83 -12.60 -5.74
C LYS A 88 7.56 -12.81 -4.41
N ILE A 89 6.87 -12.56 -3.31
CA ILE A 89 7.50 -12.66 -1.99
C ILE A 89 7.81 -14.11 -1.62
N ALA A 90 7.07 -15.03 -2.20
CA ALA A 90 7.32 -16.46 -2.02
C ALA A 90 8.61 -16.84 -2.72
N ALA A 91 8.83 -16.21 -3.86
CA ALA A 91 10.00 -16.44 -4.68
C ALA A 91 11.15 -15.53 -4.26
N LEU A 92 10.90 -14.76 -3.21
CA LEU A 92 11.88 -13.83 -2.69
C LEU A 92 12.69 -14.50 -1.58
N GLY A 93 14.00 -14.34 -1.63
CA GLY A 93 14.85 -14.93 -0.62
C GLY A 93 14.58 -14.35 0.76
N PRO A 94 14.86 -15.13 1.82
CA PRO A 94 14.60 -14.72 3.21
C PRO A 94 15.00 -13.27 3.52
N GLU A 95 16.11 -12.84 2.94
CA GLU A 95 16.64 -11.50 3.17
C GLU A 95 15.65 -10.46 2.68
N ALA A 96 15.28 -10.57 1.42
CA ALA A 96 14.43 -9.57 0.80
C ALA A 96 12.97 -9.79 1.18
N LYS A 97 12.63 -11.04 1.44
CA LYS A 97 11.29 -11.41 1.89
C LYS A 97 10.91 -10.60 3.13
N GLY A 98 11.84 -10.51 4.08
CA GLY A 98 11.60 -9.76 5.29
C GLY A 98 11.29 -8.30 5.01
N PHE A 99 12.03 -7.72 4.09
CA PHE A 99 11.82 -6.34 3.70
C PHE A 99 10.48 -6.19 2.98
N ALA A 100 10.18 -7.11 2.08
CA ALA A 100 8.96 -7.05 1.29
C ALA A 100 7.71 -7.07 2.18
N GLU A 101 7.72 -7.98 3.15
CA GLU A 101 6.57 -8.13 4.04
C GLU A 101 6.38 -6.88 4.91
N LYS A 102 7.45 -6.13 5.10
CA LYS A 102 7.40 -4.91 5.89
C LYS A 102 7.00 -3.71 5.03
N SER A 103 7.66 -3.56 3.88
CA SER A 103 7.43 -2.42 3.02
C SER A 103 5.98 -2.39 2.52
N ILE A 104 5.44 -3.57 2.20
CA ILE A 104 4.06 -3.69 1.79
C ILE A 104 3.11 -3.20 2.89
N GLU A 105 3.37 -3.60 4.13
CA GLU A 105 2.53 -3.20 5.25
C GLU A 105 2.72 -1.73 5.61
N ILE A 106 3.95 -1.25 5.49
CA ILE A 106 4.24 0.16 5.70
C ILE A 106 3.47 1.03 4.70
N ALA A 107 3.61 0.70 3.43
CA ALA A 107 2.92 1.43 2.38
C ALA A 107 1.41 1.22 2.48
N ARG A 108 1.01 0.02 2.90
CA ARG A 108 -0.40 -0.31 3.10
C ARG A 108 -1.03 0.61 4.13
N GLY A 109 -0.31 0.86 5.22
CA GLY A 109 -0.85 1.66 6.31
C GLY A 109 -1.14 3.08 5.87
N ILE A 110 -0.34 3.58 4.94
CA ILE A 110 -0.51 4.92 4.43
C ILE A 110 -1.87 5.07 3.75
N LYS A 111 -2.19 4.13 2.87
CA LYS A 111 -3.47 4.16 2.16
C LYS A 111 -4.51 3.31 2.88
N ALA A 112 -4.26 3.08 4.16
CA ALA A 112 -5.27 2.51 5.04
C ALA A 112 -5.81 3.60 5.94
N ARG A 113 -4.93 4.52 6.32
CA ARG A 113 -5.36 5.67 7.09
C ARG A 113 -5.98 6.71 6.17
N TYR A 114 -5.74 6.59 4.88
CA TYR A 114 -6.51 7.34 3.90
C TYR A 114 -7.97 6.87 3.95
N TYR A 115 -8.14 5.58 4.18
CA TYR A 115 -9.48 4.99 4.25
C TYR A 115 -10.19 5.31 5.55
N THR A 116 -9.47 5.17 6.66
CA THR A 116 -10.04 5.36 8.00
C THR A 116 -10.59 6.76 8.21
N GLY A 117 -10.12 7.72 7.42
CA GLY A 117 -10.50 9.10 7.61
C GLY A 117 -9.40 9.91 8.26
N ASN A 118 -8.16 9.50 8.02
CA ASN A 118 -7.00 10.18 8.57
C ASN A 118 -5.97 10.40 7.46
N GLU A 119 -6.31 11.28 6.53
CA GLU A 119 -5.48 11.55 5.36
C GLU A 119 -4.06 11.98 5.75
N PRO A 120 -3.06 11.11 5.48
CA PRO A 120 -1.65 11.37 5.78
C PRO A 120 -1.14 12.71 5.27
N THR A 121 -0.19 13.27 5.99
CA THR A 121 0.50 14.46 5.53
C THR A 121 1.70 14.05 4.69
N LYS A 122 2.34 14.97 3.98
CA LYS A 122 3.45 14.61 3.11
C LYS A 122 4.57 13.96 3.92
N ASP A 123 4.77 14.49 5.13
CA ASP A 123 5.84 14.04 6.02
C ASP A 123 5.63 12.60 6.43
N ASP A 124 4.37 12.18 6.54
CA ASP A 124 4.04 10.81 6.92
C ASP A 124 4.55 9.84 5.85
N LEU A 125 4.31 10.21 4.59
CA LEU A 125 4.78 9.42 3.46
C LEU A 125 6.29 9.46 3.36
N LYS A 126 6.86 10.65 3.52
CA LYS A 126 8.31 10.81 3.47
C LYS A 126 8.98 9.88 4.47
N ALA A 127 8.43 9.87 5.68
CA ALA A 127 8.93 9.01 6.75
C ALA A 127 8.72 7.53 6.41
N SER A 128 7.55 7.19 5.87
CA SER A 128 7.23 5.81 5.58
C SER A 128 8.15 5.23 4.51
N VAL A 129 8.49 6.01 3.47
CA VAL A 129 9.33 5.50 2.41
C VAL A 129 10.78 5.46 2.89
N LYS A 130 11.09 6.34 3.82
CA LYS A 130 12.40 6.41 4.43
C LYS A 130 12.72 5.12 5.17
N GLU A 131 11.72 4.55 5.82
CA GLU A 131 11.92 3.38 6.63
C GLU A 131 12.06 2.12 5.76
N VAL A 132 11.35 2.06 4.64
CA VAL A 132 11.56 0.98 3.68
C VAL A 132 12.99 1.04 3.14
N LEU A 133 13.51 2.25 2.98
CA LEU A 133 14.90 2.42 2.56
C LEU A 133 15.84 2.06 3.70
N LYS A 134 15.41 2.34 4.92
CA LYS A 134 16.20 2.04 6.10
C LYS A 134 16.46 0.55 6.17
N LEU A 135 15.42 -0.22 5.87
CA LEU A 135 15.53 -1.65 5.79
C LEU A 135 16.27 -2.08 4.53
N TYR A 136 15.93 -1.49 3.39
CA TYR A 136 16.45 -1.98 2.13
C TYR A 136 17.93 -1.66 1.94
N LYS A 137 18.38 -0.55 2.51
CA LYS A 137 19.79 -0.18 2.47
C LYS A 137 20.64 -1.17 3.26
N ALA A 138 20.07 -1.65 4.36
CA ALA A 138 20.81 -2.49 5.30
C ALA A 138 20.79 -3.97 4.92
N MET A 139 20.06 -4.33 3.88
CA MET A 139 20.01 -5.72 3.45
C MET A 139 21.30 -6.10 2.73
N SER A 140 21.62 -7.38 2.75
CA SER A 140 22.78 -7.89 2.02
C SER A 140 22.60 -7.70 0.52
N ASP A 141 23.66 -7.33 -0.19
CA ASP A 141 23.55 -6.93 -1.59
C ASP A 141 22.83 -7.96 -2.44
N ALA A 142 23.19 -9.22 -2.27
CA ALA A 142 22.57 -10.31 -3.03
C ALA A 142 21.06 -10.37 -2.77
N GLY A 143 20.68 -10.00 -1.56
CA GLY A 143 19.27 -9.99 -1.21
C GLY A 143 18.56 -8.79 -1.83
N LYS A 144 19.28 -7.69 -1.94
CA LYS A 144 18.73 -6.46 -2.52
C LYS A 144 18.47 -6.66 -4.01
N ALA A 145 19.44 -7.26 -4.69
CA ALA A 145 19.34 -7.56 -6.11
C ALA A 145 18.14 -8.45 -6.41
N ASP A 146 17.96 -9.43 -5.55
CA ASP A 146 16.94 -10.45 -5.74
C ASP A 146 15.55 -9.85 -5.52
N PHE A 147 15.50 -8.80 -4.71
CA PHE A 147 14.28 -8.03 -4.54
C PHE A 147 13.88 -7.38 -5.85
N GLY A 148 14.88 -7.05 -6.66
CA GLY A 148 14.63 -6.44 -7.95
C GLY A 148 14.09 -7.40 -8.99
N LYS A 149 14.03 -8.67 -8.62
CA LYS A 149 13.52 -9.69 -9.52
C LYS A 149 12.04 -9.93 -9.25
N GLN A 150 11.69 -9.87 -7.97
CA GLN A 150 10.33 -10.12 -7.52
C GLN A 150 9.54 -8.82 -7.47
N PHE A 151 10.20 -7.73 -7.14
CA PHE A 151 9.58 -6.41 -7.17
C PHE A 151 10.48 -5.40 -7.86
N PRO A 152 10.61 -5.52 -9.20
CA PRO A 152 11.48 -4.65 -10.00
C PRO A 152 11.04 -3.20 -9.95
N PHE A 153 9.74 -3.00 -9.78
CA PHE A 153 9.15 -1.68 -9.76
C PHE A 153 9.65 -0.88 -8.57
N LEU A 154 9.79 -1.54 -7.43
CA LEU A 154 10.25 -0.88 -6.22
C LEU A 154 11.77 -0.76 -6.22
N ALA A 155 12.45 -1.81 -6.66
CA ALA A 155 13.91 -1.79 -6.76
C ALA A 155 14.36 -0.68 -7.70
N LYS A 156 13.52 -0.40 -8.69
CA LYS A 156 13.72 0.72 -9.59
C LYS A 156 13.91 2.03 -8.82
N VAL A 157 12.82 2.47 -8.20
CA VAL A 157 12.78 3.75 -7.51
C VAL A 157 13.81 3.85 -6.37
N PHE A 158 14.13 2.73 -5.74
CA PHE A 158 15.03 2.76 -4.59
C PHE A 158 16.46 3.01 -5.03
N GLU A 159 16.91 2.28 -6.05
CA GLU A 159 18.30 2.37 -6.51
C GLU A 159 18.54 3.65 -7.28
N SER A 160 17.53 4.15 -7.97
CA SER A 160 17.65 5.40 -8.72
C SER A 160 17.69 6.59 -7.76
N GLY A 161 17.29 6.36 -6.53
CA GLY A 161 17.34 7.40 -5.52
C GLY A 161 16.05 8.17 -5.41
N LYS A 162 15.06 7.79 -6.19
CA LYS A 162 13.78 8.49 -6.20
C LYS A 162 13.12 8.42 -4.83
N ALA A 163 13.11 7.24 -4.23
CA ALA A 163 12.57 7.07 -2.90
C ALA A 163 13.42 7.82 -1.88
N ALA A 164 14.74 7.75 -2.09
CA ALA A 164 15.70 8.40 -1.21
C ALA A 164 15.45 9.91 -1.13
N LYS A 165 15.13 10.51 -2.27
CA LYS A 165 14.90 11.94 -2.35
C LYS A 165 13.54 12.31 -1.76
N PHE A 166 12.55 11.45 -1.95
CA PHE A 166 11.25 11.64 -1.34
C PHE A 166 11.36 11.49 0.17
N ALA A 167 12.23 10.57 0.59
CA ALA A 167 12.47 10.34 2.00
C ALA A 167 13.25 11.49 2.63
N GLY A 168 14.14 12.08 1.83
CA GLY A 168 14.95 13.19 2.29
C GLY A 168 16.25 12.75 2.93
N GLU A 169 16.73 11.58 2.54
CA GLU A 169 17.94 11.02 3.15
C GLU A 169 19.15 11.13 2.23
N ASN A 170 19.63 9.98 1.78
CA ASN A 170 20.86 9.89 0.99
C ASN A 170 20.73 10.67 -0.32
N MET A 1 -20.39 20.48 5.02
CA MET A 1 -19.66 21.71 5.39
C MET A 1 -19.27 21.69 6.86
N GLY A 2 -18.36 22.57 7.24
CA GLY A 2 -17.90 22.62 8.62
C GLY A 2 -16.40 22.46 8.73
N SER A 3 -15.80 21.81 7.74
CA SER A 3 -14.37 21.57 7.75
C SER A 3 -13.67 22.38 6.66
N SER A 4 -14.23 23.54 6.33
CA SER A 4 -13.64 24.41 5.32
C SER A 4 -12.31 24.95 5.83
N HIS A 5 -12.31 25.44 7.06
CA HIS A 5 -11.08 25.89 7.70
C HIS A 5 -10.53 24.75 8.55
N HIS A 6 -9.22 24.53 8.47
CA HIS A 6 -8.58 23.43 9.19
C HIS A 6 -9.13 22.09 8.71
N HIS A 7 -8.48 21.52 7.70
CA HIS A 7 -8.91 20.27 7.07
C HIS A 7 -9.23 19.20 8.12
N HIS A 8 -10.49 18.79 8.14
CA HIS A 8 -10.94 17.78 9.08
C HIS A 8 -11.83 16.77 8.35
N HIS A 9 -11.24 15.62 8.04
CA HIS A 9 -11.90 14.60 7.22
C HIS A 9 -13.20 14.12 7.85
N HIS A 10 -13.18 13.89 9.16
CA HIS A 10 -14.35 13.35 9.86
C HIS A 10 -15.36 14.45 10.17
N SER A 11 -15.95 15.02 9.12
CA SER A 11 -16.94 16.08 9.29
C SER A 11 -18.12 15.84 8.35
N SER A 12 -17.86 15.97 7.06
CA SER A 12 -18.88 15.77 6.05
C SER A 12 -18.42 14.70 5.06
N GLY A 13 -19.18 14.51 3.98
CA GLY A 13 -18.82 13.53 2.97
C GLY A 13 -17.55 13.90 2.23
N HIS A 14 -16.45 13.31 2.64
CA HIS A 14 -15.16 13.54 2.00
C HIS A 14 -14.49 12.22 1.69
N MET A 15 -14.87 11.61 0.59
CA MET A 15 -14.36 10.31 0.23
C MET A 15 -12.94 10.40 -0.32
N PHE A 16 -12.08 9.55 0.24
CA PHE A 16 -10.68 9.49 -0.17
C PHE A 16 -10.55 9.07 -1.64
N LYS A 17 -9.80 9.85 -2.40
CA LYS A 17 -9.62 9.60 -3.82
C LYS A 17 -8.15 9.28 -4.10
N TYR A 18 -7.91 8.41 -5.07
CA TYR A 18 -6.55 8.02 -5.42
C TYR A 18 -5.86 9.15 -6.19
N GLU A 19 -6.66 9.90 -6.94
CA GLU A 19 -6.16 11.06 -7.67
C GLU A 19 -5.93 12.23 -6.72
N ASP A 20 -6.31 12.04 -5.47
CA ASP A 20 -6.13 13.07 -4.44
C ASP A 20 -4.84 12.83 -3.67
N ILE A 21 -4.32 11.61 -3.80
CA ILE A 21 -3.04 11.27 -3.19
C ILE A 21 -1.93 11.99 -3.93
N PRO A 22 -0.94 12.54 -3.20
CA PRO A 22 0.22 13.19 -3.78
C PRO A 22 0.78 12.40 -4.97
N ALA A 23 0.73 13.02 -6.15
CA ALA A 23 1.08 12.34 -7.38
C ALA A 23 2.57 11.99 -7.44
N ASP A 24 3.37 12.62 -6.58
CA ASP A 24 4.79 12.34 -6.54
C ASP A 24 5.03 10.99 -5.86
N TYR A 25 4.13 10.68 -4.93
CA TYR A 25 4.20 9.45 -4.15
C TYR A 25 3.59 8.28 -4.92
N ARG A 26 2.63 8.58 -5.79
CA ARG A 26 2.00 7.54 -6.60
C ARG A 26 2.97 7.02 -7.65
N ASP A 27 4.01 7.81 -7.88
CA ASP A 27 5.09 7.45 -8.79
C ASP A 27 5.95 6.35 -8.19
N LEU A 28 5.93 6.23 -6.87
CA LEU A 28 6.73 5.23 -6.16
C LEU A 28 5.97 3.92 -6.01
N MET A 29 4.68 3.96 -6.29
CA MET A 29 3.83 2.79 -6.11
C MET A 29 4.06 1.78 -7.24
N PRO A 30 4.41 0.54 -6.89
CA PRO A 30 4.62 -0.53 -7.87
C PRO A 30 3.30 -0.99 -8.49
N PRO A 31 3.35 -1.51 -9.74
CA PRO A 31 2.16 -1.88 -10.51
C PRO A 31 1.11 -2.66 -9.70
N GLU A 32 1.53 -3.74 -9.08
CA GLU A 32 0.64 -4.58 -8.29
C GLU A 32 -0.02 -3.79 -7.15
N ALA A 33 0.74 -2.91 -6.52
CA ALA A 33 0.22 -2.11 -5.42
C ALA A 33 -0.68 -1.00 -5.93
N ARG A 34 -0.43 -0.55 -7.16
CA ARG A 34 -1.27 0.46 -7.78
C ARG A 34 -2.60 -0.13 -8.19
N ASP A 35 -2.55 -1.31 -8.81
CA ASP A 35 -3.72 -1.95 -9.41
C ASP A 35 -4.91 -1.93 -8.46
N PHE A 36 -4.66 -2.28 -7.20
CA PHE A 36 -5.69 -2.26 -6.18
C PHE A 36 -6.28 -0.86 -5.99
N LEU A 37 -5.53 0.12 -5.50
CA LEU A 37 -6.11 1.46 -5.29
C LEU A 37 -6.41 2.20 -6.59
N GLN A 38 -5.94 1.69 -7.70
CA GLN A 38 -6.44 2.09 -9.01
C GLN A 38 -7.89 1.64 -9.17
N ASN A 39 -8.17 0.42 -8.70
CA ASN A 39 -9.50 -0.18 -8.80
C ASN A 39 -10.47 0.43 -7.79
N LEU A 40 -10.05 0.54 -6.53
CA LEU A 40 -10.90 1.08 -5.49
C LEU A 40 -11.35 2.49 -5.80
N SER A 41 -12.61 2.77 -5.48
CA SER A 41 -13.20 4.07 -5.69
C SER A 41 -14.08 4.41 -4.50
N ASP A 42 -14.87 5.48 -4.63
CA ASP A 42 -15.81 5.86 -3.58
C ASP A 42 -16.82 4.73 -3.38
N GLY A 43 -17.34 4.61 -2.16
CA GLY A 43 -18.21 3.51 -1.83
C GLY A 43 -17.42 2.30 -1.37
N ASP A 44 -16.46 1.89 -2.18
CA ASP A 44 -15.58 0.77 -1.84
C ASP A 44 -14.71 1.15 -0.65
N LYS A 45 -14.17 2.36 -0.71
CA LYS A 45 -13.31 2.87 0.34
C LYS A 45 -14.14 3.22 1.58
N THR A 46 -15.45 3.24 1.41
CA THR A 46 -16.36 3.47 2.51
C THR A 46 -16.48 2.19 3.34
N VAL A 47 -16.60 1.07 2.65
CA VAL A 47 -16.75 -0.21 3.29
C VAL A 47 -15.38 -0.73 3.79
N LEU A 48 -14.32 -0.34 3.08
CA LEU A 48 -12.96 -0.60 3.54
C LEU A 48 -12.73 0.00 4.92
N LYS A 49 -13.23 1.21 5.12
CA LYS A 49 -13.09 1.91 6.38
C LYS A 49 -13.61 1.07 7.54
N GLU A 50 -14.74 0.42 7.32
CA GLU A 50 -15.40 -0.37 8.35
C GLU A 50 -14.61 -1.64 8.68
N VAL A 51 -13.68 -2.00 7.80
CA VAL A 51 -12.80 -3.13 8.04
C VAL A 51 -11.57 -2.65 8.81
N PHE A 52 -10.94 -1.62 8.28
CA PHE A 52 -9.78 -0.97 8.85
C PHE A 52 -9.97 -0.41 10.27
N LYS A 53 -11.02 0.36 10.52
CA LYS A 53 -11.18 0.93 11.87
C LYS A 53 -11.92 -0.03 12.80
N ALA A 54 -11.96 -1.28 12.40
CA ALA A 54 -12.42 -2.36 13.27
C ALA A 54 -11.23 -3.22 13.67
N GLY A 55 -10.80 -4.11 12.78
CA GLY A 55 -9.73 -5.04 13.11
C GLY A 55 -9.90 -5.69 14.48
N PRO A 56 -8.80 -6.07 15.14
CA PRO A 56 -7.45 -6.03 14.57
C PRO A 56 -7.13 -7.34 13.85
N TYR A 57 -6.34 -7.25 12.80
CA TYR A 57 -6.03 -8.38 11.96
C TYR A 57 -4.54 -8.68 11.99
N LYS A 58 -4.18 -9.82 12.55
CA LYS A 58 -2.80 -10.27 12.62
C LYS A 58 -2.30 -10.75 11.24
N ASN A 59 -3.21 -10.80 10.28
CA ASN A 59 -2.86 -11.26 8.94
C ASN A 59 -3.77 -10.59 7.92
N THR A 60 -3.34 -10.60 6.65
CA THR A 60 -4.09 -9.97 5.58
C THR A 60 -5.34 -10.78 5.23
N GLU A 61 -5.28 -12.08 5.46
CA GLU A 61 -6.39 -12.97 5.16
C GLU A 61 -7.65 -12.58 5.93
N GLU A 62 -7.47 -12.21 7.19
CA GLU A 62 -8.59 -11.74 8.02
C GLU A 62 -9.19 -10.46 7.45
N SER A 63 -8.35 -9.61 6.88
CA SER A 63 -8.81 -8.38 6.27
C SER A 63 -9.59 -8.69 4.99
N ILE A 64 -9.08 -9.65 4.23
CA ILE A 64 -9.74 -10.10 3.01
C ILE A 64 -11.07 -10.75 3.34
N ALA A 65 -11.07 -11.56 4.38
CA ALA A 65 -12.27 -12.20 4.90
C ALA A 65 -13.33 -11.18 5.25
N ALA A 66 -12.93 -10.14 5.97
CA ALA A 66 -13.84 -9.07 6.35
C ALA A 66 -14.43 -8.42 5.11
N LEU A 67 -13.58 -8.22 4.12
CA LEU A 67 -13.99 -7.60 2.86
C LEU A 67 -14.88 -8.53 2.06
N LYS A 68 -14.62 -9.84 2.10
CA LYS A 68 -15.47 -10.80 1.42
C LYS A 68 -16.87 -10.83 2.03
N LYS A 69 -16.95 -10.54 3.32
CA LYS A 69 -18.23 -10.47 4.01
C LYS A 69 -18.96 -9.17 3.65
N LYS A 70 -18.22 -8.07 3.65
CA LYS A 70 -18.74 -6.77 3.28
C LYS A 70 -19.07 -6.71 1.78
N SER A 71 -18.10 -7.00 0.95
CA SER A 71 -18.28 -6.94 -0.49
C SER A 71 -17.52 -8.08 -1.17
N PRO A 72 -18.22 -9.19 -1.44
CA PRO A 72 -17.61 -10.45 -1.93
C PRO A 72 -16.51 -10.24 -2.97
N GLU A 73 -16.89 -9.61 -4.08
CA GLU A 73 -15.99 -9.39 -5.20
C GLU A 73 -14.86 -8.41 -4.86
N LEU A 74 -15.08 -7.58 -3.83
CA LEU A 74 -14.05 -6.64 -3.44
C LEU A 74 -12.96 -7.42 -2.73
N GLY A 75 -13.41 -8.36 -1.90
CA GLY A 75 -12.51 -9.28 -1.23
C GLY A 75 -11.78 -10.16 -2.22
N ALA A 76 -12.47 -10.49 -3.30
CA ALA A 76 -11.84 -11.22 -4.39
C ALA A 76 -10.76 -10.37 -5.05
N LYS A 77 -11.06 -9.09 -5.20
CA LYS A 77 -10.13 -8.12 -5.75
C LYS A 77 -8.82 -8.10 -4.95
N VAL A 78 -8.93 -7.84 -3.66
CA VAL A 78 -7.75 -7.78 -2.79
C VAL A 78 -7.06 -9.14 -2.72
N GLU A 79 -7.85 -10.20 -2.75
CA GLU A 79 -7.31 -11.55 -2.67
C GLU A 79 -6.33 -11.82 -3.80
N LYS A 80 -6.81 -11.81 -5.03
CA LYS A 80 -5.98 -12.19 -6.17
C LYS A 80 -4.81 -11.22 -6.34
N LEU A 81 -5.05 -9.97 -5.99
CA LEU A 81 -4.05 -8.92 -6.09
C LEU A 81 -2.92 -9.19 -5.09
N HIS A 82 -3.29 -9.49 -3.86
CA HIS A 82 -2.30 -9.67 -2.80
C HIS A 82 -1.61 -11.01 -2.99
N ALA A 83 -2.31 -11.90 -3.66
CA ALA A 83 -1.81 -13.24 -3.96
C ALA A 83 -0.65 -13.20 -4.95
N MET A 84 -0.72 -12.29 -5.93
CA MET A 84 0.37 -12.12 -6.89
C MET A 84 1.59 -11.60 -6.16
N VAL A 85 1.37 -10.54 -5.40
CA VAL A 85 2.38 -9.95 -4.55
C VAL A 85 2.97 -11.01 -3.62
N LYS A 86 2.09 -11.84 -3.06
CA LYS A 86 2.48 -12.93 -2.20
C LYS A 86 3.37 -13.92 -2.95
N SER A 87 3.04 -14.20 -4.21
CA SER A 87 3.85 -15.08 -5.04
C SER A 87 5.25 -14.50 -5.26
N LYS A 88 5.33 -13.19 -5.45
CA LYS A 88 6.62 -12.52 -5.63
C LYS A 88 7.44 -12.59 -4.35
N ILE A 89 6.80 -12.34 -3.22
CA ILE A 89 7.48 -12.41 -1.92
C ILE A 89 7.76 -13.87 -1.54
N ALA A 90 7.00 -14.78 -2.10
CA ALA A 90 7.25 -16.22 -1.93
C ALA A 90 8.51 -16.62 -2.69
N ALA A 91 8.76 -15.90 -3.77
CA ALA A 91 9.91 -16.15 -4.62
C ALA A 91 11.09 -15.29 -4.20
N LEU A 92 10.90 -14.53 -3.13
CA LEU A 92 11.93 -13.64 -2.62
C LEU A 92 12.71 -14.31 -1.50
N GLY A 93 14.03 -14.23 -1.59
CA GLY A 93 14.88 -14.83 -0.58
C GLY A 93 14.68 -14.19 0.79
N PRO A 94 14.91 -14.96 1.87
CA PRO A 94 14.68 -14.52 3.25
C PRO A 94 15.13 -13.09 3.54
N GLU A 95 16.30 -12.71 3.02
CA GLU A 95 16.86 -11.39 3.25
C GLU A 95 15.93 -10.32 2.71
N ALA A 96 15.55 -10.50 1.46
CA ALA A 96 14.76 -9.48 0.77
C ALA A 96 13.29 -9.62 1.14
N LYS A 97 12.87 -10.85 1.42
CA LYS A 97 11.51 -11.12 1.85
C LYS A 97 11.21 -10.36 3.14
N GLY A 98 12.14 -10.39 4.08
CA GLY A 98 11.94 -9.67 5.32
C GLY A 98 11.68 -8.20 5.09
N PHE A 99 12.43 -7.62 4.15
CA PHE A 99 12.23 -6.25 3.74
C PHE A 99 10.89 -6.06 3.04
N ALA A 100 10.61 -6.92 2.07
CA ALA A 100 9.37 -6.83 1.29
C ALA A 100 8.15 -6.83 2.18
N GLU A 101 8.13 -7.73 3.14
CA GLU A 101 7.02 -7.85 4.06
C GLU A 101 6.93 -6.62 4.96
N LYS A 102 8.08 -6.18 5.47
CA LYS A 102 8.13 -5.02 6.35
C LYS A 102 7.73 -3.74 5.63
N SER A 103 8.24 -3.56 4.42
CA SER A 103 7.96 -2.36 3.65
C SER A 103 6.47 -2.26 3.33
N ILE A 104 5.86 -3.39 2.97
CA ILE A 104 4.43 -3.43 2.70
C ILE A 104 3.64 -3.11 3.96
N GLU A 105 4.09 -3.62 5.11
CA GLU A 105 3.43 -3.32 6.39
C GLU A 105 3.30 -1.82 6.58
N ILE A 106 4.37 -1.09 6.28
CA ILE A 106 4.40 0.35 6.42
C ILE A 106 3.49 1.01 5.38
N ALA A 107 3.59 0.54 4.14
CA ALA A 107 2.80 1.09 3.04
C ALA A 107 1.31 0.79 3.20
N ARG A 108 1.01 -0.26 3.97
CA ARG A 108 -0.37 -0.57 4.31
C ARG A 108 -0.96 0.56 5.14
N GLY A 109 -0.23 0.95 6.18
CA GLY A 109 -0.76 1.90 7.15
C GLY A 109 -1.02 3.28 6.56
N ILE A 110 -0.18 3.68 5.62
CA ILE A 110 -0.32 5.00 5.01
C ILE A 110 -1.65 5.12 4.27
N LYS A 111 -1.95 4.13 3.44
CA LYS A 111 -3.18 4.15 2.66
C LYS A 111 -4.28 3.37 3.38
N ALA A 112 -4.01 2.94 4.60
CA ALA A 112 -5.04 2.43 5.48
C ALA A 112 -5.68 3.58 6.22
N ARG A 113 -4.89 4.62 6.47
CA ARG A 113 -5.40 5.83 7.08
C ARG A 113 -6.02 6.70 6.00
N TYR A 114 -5.85 6.32 4.75
CA TYR A 114 -6.62 6.93 3.69
C TYR A 114 -8.01 6.29 3.65
N TYR A 115 -8.09 5.05 4.13
CA TYR A 115 -9.37 4.35 4.21
C TYR A 115 -10.15 4.80 5.45
N THR A 116 -9.48 4.80 6.60
CA THR A 116 -10.11 5.07 7.88
C THR A 116 -10.66 6.50 7.96
N GLY A 117 -10.11 7.39 7.14
CA GLY A 117 -10.50 8.78 7.18
C GLY A 117 -9.51 9.64 7.95
N ASN A 118 -8.35 9.07 8.26
CA ASN A 118 -7.31 9.80 8.97
C ASN A 118 -6.12 10.05 8.04
N GLU A 119 -6.36 10.88 7.03
CA GLU A 119 -5.40 11.10 5.94
C GLU A 119 -4.03 11.52 6.47
N PRO A 120 -2.99 10.76 6.10
CA PRO A 120 -1.60 11.06 6.50
C PRO A 120 -1.06 12.31 5.81
N THR A 121 -0.09 12.95 6.43
CA THR A 121 0.55 14.11 5.83
C THR A 121 1.64 13.66 4.87
N LYS A 122 2.24 14.59 4.14
CA LYS A 122 3.32 14.24 3.24
C LYS A 122 4.52 13.72 4.05
N ASP A 123 4.63 14.19 5.28
CA ASP A 123 5.73 13.78 6.14
C ASP A 123 5.53 12.35 6.62
N ASP A 124 4.27 11.93 6.73
CA ASP A 124 3.95 10.52 6.97
C ASP A 124 4.47 9.68 5.82
N LEU A 125 4.23 10.17 4.61
CA LEU A 125 4.65 9.48 3.39
C LEU A 125 6.18 9.42 3.31
N LYS A 126 6.85 10.53 3.58
CA LYS A 126 8.30 10.56 3.58
C LYS A 126 8.85 9.54 4.57
N ALA A 127 8.21 9.47 5.73
CA ALA A 127 8.59 8.53 6.77
C ALA A 127 8.38 7.09 6.30
N SER A 128 7.25 6.83 5.64
CA SER A 128 6.96 5.48 5.18
C SER A 128 7.97 4.99 4.16
N VAL A 129 8.48 5.89 3.32
CA VAL A 129 9.39 5.47 2.26
C VAL A 129 10.83 5.45 2.77
N LYS A 130 11.10 6.28 3.76
CA LYS A 130 12.45 6.37 4.32
C LYS A 130 12.78 5.12 5.13
N GLU A 131 11.78 4.50 5.72
CA GLU A 131 12.04 3.30 6.50
C GLU A 131 12.23 2.11 5.58
N VAL A 132 11.51 2.05 4.48
CA VAL A 132 11.72 0.99 3.51
C VAL A 132 13.10 1.14 2.87
N LEU A 133 13.59 2.37 2.81
CA LEU A 133 14.95 2.60 2.35
C LEU A 133 15.94 2.18 3.44
N LYS A 134 15.58 2.46 4.69
CA LYS A 134 16.39 2.08 5.83
C LYS A 134 16.57 0.57 5.83
N LEU A 135 15.45 -0.14 5.68
CA LEU A 135 15.47 -1.57 5.54
C LEU A 135 16.23 -2.01 4.29
N TYR A 136 15.98 -1.39 3.13
CA TYR A 136 16.57 -1.93 1.91
C TYR A 136 18.07 -1.66 1.83
N LYS A 137 18.51 -0.54 2.39
CA LYS A 137 19.93 -0.21 2.40
C LYS A 137 20.72 -1.24 3.22
N ALA A 138 20.08 -1.72 4.28
CA ALA A 138 20.73 -2.63 5.22
C ALA A 138 20.79 -4.07 4.70
N MET A 139 20.08 -4.37 3.62
CA MET A 139 20.08 -5.73 3.12
C MET A 139 21.41 -6.06 2.47
N SER A 140 21.80 -7.32 2.50
CA SER A 140 22.98 -7.77 1.79
C SER A 140 22.79 -7.57 0.29
N ASP A 141 23.88 -7.34 -0.44
CA ASP A 141 23.78 -7.01 -1.87
C ASP A 141 23.00 -8.06 -2.65
N ALA A 142 23.28 -9.33 -2.35
CA ALA A 142 22.61 -10.45 -3.01
C ALA A 142 21.10 -10.43 -2.75
N GLY A 143 20.72 -9.81 -1.64
CA GLY A 143 19.30 -9.68 -1.32
C GLY A 143 18.67 -8.54 -2.07
N LYS A 144 19.42 -7.46 -2.25
CA LYS A 144 18.93 -6.28 -2.95
C LYS A 144 18.59 -6.63 -4.40
N ALA A 145 19.51 -7.34 -5.05
CA ALA A 145 19.34 -7.73 -6.43
C ALA A 145 18.18 -8.70 -6.60
N ASP A 146 17.98 -9.56 -5.61
CA ASP A 146 16.95 -10.58 -5.70
C ASP A 146 15.57 -9.95 -5.51
N PHE A 147 15.52 -8.91 -4.69
CA PHE A 147 14.31 -8.10 -4.55
C PHE A 147 13.92 -7.49 -5.89
N GLY A 148 14.92 -7.18 -6.70
CA GLY A 148 14.69 -6.59 -8.00
C GLY A 148 13.99 -7.54 -8.96
N LYS A 149 14.02 -8.83 -8.67
CA LYS A 149 13.40 -9.81 -9.53
C LYS A 149 11.92 -9.92 -9.21
N GLN A 150 11.59 -9.64 -7.97
CA GLN A 150 10.24 -9.81 -7.48
C GLN A 150 9.46 -8.50 -7.54
N PHE A 151 10.12 -7.40 -7.17
CA PHE A 151 9.53 -6.08 -7.24
C PHE A 151 10.48 -5.12 -7.94
N PRO A 152 10.60 -5.24 -9.28
CA PRO A 152 11.56 -4.48 -10.08
C PRO A 152 11.29 -2.98 -10.02
N PHE A 153 10.02 -2.61 -9.96
CA PHE A 153 9.64 -1.20 -9.93
C PHE A 153 10.16 -0.53 -8.66
N LEU A 154 10.19 -1.27 -7.57
CA LEU A 154 10.69 -0.73 -6.32
C LEU A 154 12.20 -0.70 -6.31
N ALA A 155 12.82 -1.81 -6.70
CA ALA A 155 14.28 -1.88 -6.78
C ALA A 155 14.79 -0.79 -7.71
N LYS A 156 13.99 -0.50 -8.73
CA LYS A 156 14.21 0.62 -9.62
C LYS A 156 14.42 1.92 -8.86
N VAL A 157 13.32 2.43 -8.30
CA VAL A 157 13.29 3.76 -7.69
C VAL A 157 14.06 3.82 -6.36
N PHE A 158 14.38 2.66 -5.80
CA PHE A 158 15.19 2.63 -4.58
C PHE A 158 16.67 2.81 -4.93
N GLU A 159 17.11 2.10 -5.96
CA GLU A 159 18.50 2.20 -6.43
C GLU A 159 18.75 3.58 -7.02
N SER A 160 17.80 4.06 -7.80
CA SER A 160 17.85 5.39 -8.35
C SER A 160 17.49 6.39 -7.25
N GLY A 161 17.93 7.63 -7.40
CA GLY A 161 17.67 8.62 -6.37
C GLY A 161 16.27 9.18 -6.43
N LYS A 162 15.28 8.30 -6.52
CA LYS A 162 13.90 8.73 -6.63
C LYS A 162 13.21 8.63 -5.27
N ALA A 163 13.05 7.40 -4.78
CA ALA A 163 12.44 7.19 -3.47
C ALA A 163 13.31 7.79 -2.39
N ALA A 164 14.61 7.65 -2.57
CA ALA A 164 15.58 8.22 -1.66
C ALA A 164 15.36 9.73 -1.52
N LYS A 165 15.15 10.40 -2.66
CA LYS A 165 14.94 11.84 -2.66
C LYS A 165 13.62 12.19 -1.98
N PHE A 166 12.61 11.37 -2.22
CA PHE A 166 11.30 11.54 -1.61
C PHE A 166 11.42 11.52 -0.08
N ALA A 167 12.24 10.60 0.41
CA ALA A 167 12.47 10.46 1.85
C ALA A 167 13.30 11.61 2.40
N GLY A 168 14.13 12.18 1.56
CA GLY A 168 15.04 13.22 2.00
C GLY A 168 16.48 12.74 1.98
N GLU A 169 16.63 11.43 1.78
CA GLU A 169 17.94 10.76 1.72
C GLU A 169 18.66 10.77 3.05
N ASN A 170 19.41 9.71 3.28
CA ASN A 170 20.17 9.53 4.51
C ASN A 170 21.64 9.49 4.20
N MET A 1 -5.05 18.32 28.52
CA MET A 1 -5.82 18.65 27.31
C MET A 1 -7.13 19.33 27.68
N GLY A 2 -7.74 20.00 26.71
CA GLY A 2 -8.99 20.67 26.95
C GLY A 2 -10.13 20.04 26.18
N SER A 3 -11.35 20.33 26.59
CA SER A 3 -12.53 19.79 25.93
C SER A 3 -12.83 20.56 24.65
N SER A 4 -12.88 19.84 23.54
CA SER A 4 -13.11 20.44 22.24
C SER A 4 -14.58 20.77 22.04
N HIS A 5 -14.90 22.05 22.02
CA HIS A 5 -16.25 22.52 21.73
C HIS A 5 -16.41 22.69 20.22
N HIS A 6 -15.28 22.86 19.55
CA HIS A 6 -15.24 22.96 18.10
C HIS A 6 -14.65 21.66 17.53
N HIS A 7 -15.51 20.82 16.97
CA HIS A 7 -15.09 19.52 16.48
C HIS A 7 -14.82 19.55 14.98
N HIS A 8 -13.63 19.99 14.59
CA HIS A 8 -13.24 19.98 13.19
C HIS A 8 -11.72 19.98 13.08
N HIS A 9 -11.13 18.86 13.43
CA HIS A 9 -9.68 18.72 13.41
C HIS A 9 -9.18 18.28 12.04
N HIS A 10 -9.79 17.25 11.47
CA HIS A 10 -9.33 16.72 10.19
C HIS A 10 -10.49 16.36 9.28
N SER A 11 -11.35 15.45 9.71
CA SER A 11 -12.43 14.98 8.87
C SER A 11 -13.75 14.92 9.62
N SER A 12 -14.75 15.61 9.10
CA SER A 12 -16.09 15.53 9.63
C SER A 12 -16.85 14.39 8.95
N GLY A 13 -16.52 14.14 7.70
CA GLY A 13 -17.13 13.05 6.97
C GLY A 13 -16.86 13.10 5.48
N HIS A 14 -15.66 13.53 5.10
CA HIS A 14 -15.29 13.55 3.69
C HIS A 14 -14.70 12.20 3.29
N MET A 15 -14.84 11.84 2.02
CA MET A 15 -14.40 10.53 1.58
C MET A 15 -13.15 10.62 0.71
N PHE A 16 -12.24 9.68 0.95
CA PHE A 16 -10.95 9.62 0.28
C PHE A 16 -11.08 9.57 -1.24
N LYS A 17 -10.43 10.52 -1.90
CA LYS A 17 -10.39 10.57 -3.35
C LYS A 17 -9.03 10.10 -3.85
N TYR A 18 -9.06 9.26 -4.87
CA TYR A 18 -7.88 8.52 -5.33
C TYR A 18 -6.79 9.44 -5.87
N GLU A 19 -7.17 10.48 -6.59
CA GLU A 19 -6.19 11.36 -7.20
C GLU A 19 -5.93 12.57 -6.29
N ASP A 20 -6.28 12.43 -5.02
CA ASP A 20 -5.99 13.44 -4.02
C ASP A 20 -4.74 13.03 -3.25
N ILE A 21 -4.18 11.89 -3.64
CA ILE A 21 -2.92 11.41 -3.09
C ILE A 21 -1.76 12.11 -3.80
N PRO A 22 -0.79 12.63 -3.03
CA PRO A 22 0.40 13.29 -3.59
C PRO A 22 1.01 12.52 -4.75
N ALA A 23 0.96 13.12 -5.93
CA ALA A 23 1.37 12.46 -7.15
C ALA A 23 2.87 12.16 -7.16
N ASP A 24 3.62 12.89 -6.34
CA ASP A 24 5.06 12.64 -6.23
C ASP A 24 5.30 11.27 -5.64
N TYR A 25 4.42 10.90 -4.72
CA TYR A 25 4.48 9.63 -4.03
C TYR A 25 3.87 8.52 -4.88
N ARG A 26 2.84 8.87 -5.65
CA ARG A 26 2.16 7.89 -6.48
C ARG A 26 3.11 7.35 -7.54
N ASP A 27 4.11 8.16 -7.86
CA ASP A 27 5.16 7.78 -8.79
C ASP A 27 5.98 6.60 -8.24
N LEU A 28 6.01 6.49 -6.92
CA LEU A 28 6.80 5.45 -6.26
C LEU A 28 5.94 4.22 -5.97
N MET A 29 4.63 4.41 -5.96
CA MET A 29 3.69 3.36 -5.58
C MET A 29 3.72 2.20 -6.56
N PRO A 30 3.82 0.95 -6.05
CA PRO A 30 3.78 -0.25 -6.88
C PRO A 30 2.45 -0.36 -7.63
N PRO A 31 2.53 -0.75 -8.92
CA PRO A 31 1.34 -0.87 -9.80
C PRO A 31 0.24 -1.73 -9.19
N GLU A 32 0.64 -2.72 -8.39
CA GLU A 32 -0.31 -3.59 -7.71
C GLU A 32 -1.18 -2.79 -6.74
N ALA A 33 -0.54 -1.98 -5.92
CA ALA A 33 -1.24 -1.17 -4.93
C ALA A 33 -2.08 -0.09 -5.61
N ARG A 34 -1.69 0.27 -6.82
CA ARG A 34 -2.39 1.29 -7.58
C ARG A 34 -3.66 0.73 -8.22
N ASP A 35 -3.55 -0.46 -8.81
CA ASP A 35 -4.66 -1.09 -9.53
C ASP A 35 -5.93 -1.14 -8.69
N PHE A 36 -5.81 -1.62 -7.46
CA PHE A 36 -6.93 -1.68 -6.53
C PHE A 36 -7.58 -0.31 -6.32
N LEU A 37 -6.84 0.68 -5.87
CA LEU A 37 -7.44 2.00 -5.63
C LEU A 37 -7.75 2.71 -6.95
N GLN A 38 -7.22 2.21 -8.05
CA GLN A 38 -7.66 2.65 -9.38
C GLN A 38 -9.13 2.26 -9.62
N ASN A 39 -9.46 1.00 -9.36
CA ASN A 39 -10.80 0.50 -9.65
C ASN A 39 -11.76 0.74 -8.50
N LEU A 40 -11.25 0.74 -7.28
CA LEU A 40 -12.04 0.92 -6.12
C LEU A 40 -12.60 2.35 -6.08
N SER A 41 -13.90 2.44 -5.84
CA SER A 41 -14.62 3.71 -5.92
C SER A 41 -15.23 4.05 -4.56
N ASP A 42 -15.70 5.28 -4.41
CA ASP A 42 -16.12 5.80 -3.09
C ASP A 42 -17.14 4.93 -2.39
N GLY A 43 -18.15 4.46 -3.13
CA GLY A 43 -19.16 3.60 -2.54
C GLY A 43 -18.56 2.36 -1.92
N ASP A 44 -17.54 1.82 -2.57
CA ASP A 44 -16.84 0.66 -2.06
C ASP A 44 -15.84 1.06 -0.97
N LYS A 45 -15.17 2.20 -1.17
CA LYS A 45 -14.25 2.74 -0.16
C LYS A 45 -14.96 2.87 1.18
N THR A 46 -16.27 3.07 1.13
CA THR A 46 -17.10 3.25 2.30
C THR A 46 -17.01 2.04 3.23
N VAL A 47 -16.92 0.86 2.64
CA VAL A 47 -16.95 -0.37 3.41
C VAL A 47 -15.54 -0.76 3.85
N LEU A 48 -14.53 -0.31 3.10
CA LEU A 48 -13.13 -0.49 3.48
C LEU A 48 -12.87 -0.07 4.91
N LYS A 49 -13.29 1.15 5.26
CA LYS A 49 -13.02 1.69 6.59
C LYS A 49 -13.77 0.92 7.67
N GLU A 50 -14.83 0.21 7.31
CA GLU A 50 -15.55 -0.61 8.25
C GLU A 50 -14.71 -1.83 8.64
N VAL A 51 -13.85 -2.24 7.72
CA VAL A 51 -12.91 -3.33 7.98
C VAL A 51 -11.72 -2.82 8.79
N PHE A 52 -11.13 -1.74 8.30
CA PHE A 52 -10.01 -1.08 8.93
C PHE A 52 -10.26 -0.54 10.33
N LYS A 53 -11.39 0.14 10.55
CA LYS A 53 -11.64 0.72 11.88
C LYS A 53 -12.01 -0.36 12.87
N ALA A 54 -12.45 -1.50 12.37
CA ALA A 54 -12.67 -2.67 13.18
C ALA A 54 -11.34 -3.29 13.57
N GLY A 55 -10.72 -4.01 12.64
CA GLY A 55 -9.48 -4.72 12.94
C GLY A 55 -9.58 -5.54 14.21
N PRO A 56 -8.44 -5.88 14.84
CA PRO A 56 -7.11 -5.68 14.27
C PRO A 56 -6.61 -6.94 13.57
N TYR A 57 -6.00 -6.75 12.43
CA TYR A 57 -5.59 -7.86 11.59
C TYR A 57 -4.08 -7.93 11.50
N LYS A 58 -3.54 -8.95 12.17
CA LYS A 58 -2.12 -9.26 12.12
C LYS A 58 -1.70 -9.71 10.74
N ASN A 59 -2.67 -9.93 9.87
CA ASN A 59 -2.43 -10.49 8.55
C ASN A 59 -3.27 -9.73 7.54
N THR A 60 -2.94 -9.86 6.27
CA THR A 60 -3.71 -9.21 5.22
C THR A 60 -4.90 -10.07 4.82
N GLU A 61 -4.71 -11.39 4.89
CA GLU A 61 -5.78 -12.34 4.55
C GLU A 61 -7.03 -12.11 5.39
N GLU A 62 -6.85 -11.70 6.64
CA GLU A 62 -7.98 -11.41 7.51
C GLU A 62 -8.73 -10.17 7.05
N SER A 63 -8.01 -9.17 6.57
CA SER A 63 -8.62 -7.98 5.99
C SER A 63 -9.35 -8.36 4.72
N ILE A 64 -8.73 -9.25 3.95
CA ILE A 64 -9.31 -9.77 2.71
C ILE A 64 -10.61 -10.51 3.02
N ALA A 65 -10.56 -11.33 4.07
CA ALA A 65 -11.70 -12.08 4.55
C ALA A 65 -12.84 -11.15 4.97
N ALA A 66 -12.51 -10.14 5.76
CA ALA A 66 -13.50 -9.18 6.21
C ALA A 66 -14.14 -8.48 5.01
N LEU A 67 -13.30 -8.17 4.02
CA LEU A 67 -13.74 -7.52 2.80
C LEU A 67 -14.64 -8.45 1.99
N LYS A 68 -14.33 -9.73 1.96
CA LYS A 68 -15.17 -10.68 1.24
C LYS A 68 -16.57 -10.75 1.84
N LYS A 69 -16.66 -10.69 3.15
CA LYS A 69 -17.95 -10.74 3.83
C LYS A 69 -18.73 -9.45 3.62
N LYS A 70 -18.05 -8.32 3.75
CA LYS A 70 -18.65 -7.00 3.52
C LYS A 70 -18.96 -6.79 2.04
N SER A 71 -18.02 -7.05 1.17
CA SER A 71 -18.21 -6.86 -0.26
C SER A 71 -17.47 -7.92 -1.05
N PRO A 72 -18.20 -8.98 -1.45
CA PRO A 72 -17.61 -10.19 -2.05
C PRO A 72 -16.51 -9.88 -3.07
N GLU A 73 -16.89 -9.08 -4.07
CA GLU A 73 -15.99 -8.70 -5.15
C GLU A 73 -14.76 -7.96 -4.66
N LEU A 74 -14.88 -7.14 -3.62
CA LEU A 74 -13.74 -6.34 -3.19
C LEU A 74 -12.70 -7.26 -2.58
N GLY A 75 -13.21 -8.23 -1.80
CA GLY A 75 -12.36 -9.23 -1.20
C GLY A 75 -11.68 -10.09 -2.24
N ALA A 76 -12.41 -10.41 -3.30
CA ALA A 76 -11.85 -11.17 -4.42
C ALA A 76 -10.74 -10.38 -5.09
N LYS A 77 -10.95 -9.06 -5.23
CA LYS A 77 -9.96 -8.17 -5.82
C LYS A 77 -8.70 -8.15 -4.97
N VAL A 78 -8.85 -7.77 -3.71
CA VAL A 78 -7.71 -7.64 -2.80
C VAL A 78 -7.01 -9.00 -2.59
N GLU A 79 -7.78 -10.08 -2.70
CA GLU A 79 -7.22 -11.41 -2.54
C GLU A 79 -6.26 -11.74 -3.67
N LYS A 80 -6.75 -11.68 -4.90
CA LYS A 80 -5.94 -12.06 -6.05
C LYS A 80 -4.76 -11.11 -6.18
N LEU A 81 -5.00 -9.87 -5.78
CA LEU A 81 -3.99 -8.83 -5.79
C LEU A 81 -2.90 -9.12 -4.77
N HIS A 82 -3.30 -9.66 -3.62
CA HIS A 82 -2.35 -9.95 -2.56
C HIS A 82 -1.64 -11.24 -2.87
N ALA A 83 -2.36 -12.13 -3.54
CA ALA A 83 -1.83 -13.40 -3.99
C ALA A 83 -0.66 -13.19 -4.95
N MET A 84 -0.81 -12.26 -5.89
CA MET A 84 0.27 -11.91 -6.80
C MET A 84 1.48 -11.44 -6.02
N VAL A 85 1.25 -10.42 -5.19
CA VAL A 85 2.28 -9.85 -4.35
C VAL A 85 3.00 -10.94 -3.55
N LYS A 86 2.22 -11.82 -2.95
CA LYS A 86 2.75 -12.91 -2.16
C LYS A 86 3.54 -13.89 -3.01
N SER A 87 3.11 -14.11 -4.25
CA SER A 87 3.81 -15.02 -5.15
C SER A 87 5.28 -14.60 -5.31
N LYS A 88 5.50 -13.31 -5.42
CA LYS A 88 6.85 -12.77 -5.52
C LYS A 88 7.57 -12.93 -4.19
N ILE A 89 6.90 -12.60 -3.10
CA ILE A 89 7.51 -12.70 -1.78
C ILE A 89 7.75 -14.17 -1.40
N ALA A 90 6.96 -15.05 -1.99
CA ALA A 90 7.14 -16.49 -1.84
C ALA A 90 8.41 -16.94 -2.56
N ALA A 91 8.70 -16.25 -3.66
CA ALA A 91 9.86 -16.52 -4.48
C ALA A 91 11.07 -15.74 -3.97
N LEU A 92 10.85 -14.95 -2.94
CA LEU A 92 11.88 -14.08 -2.40
C LEU A 92 12.61 -14.78 -1.25
N GLY A 93 13.92 -14.63 -1.22
CA GLY A 93 14.71 -15.25 -0.16
C GLY A 93 14.40 -14.66 1.19
N PRO A 94 14.52 -15.46 2.28
CA PRO A 94 14.21 -15.04 3.66
C PRO A 94 14.60 -13.61 4.01
N GLU A 95 15.79 -13.18 3.58
CA GLU A 95 16.28 -11.85 3.89
C GLU A 95 15.49 -10.79 3.15
N ALA A 96 15.36 -10.96 1.83
CA ALA A 96 14.65 -9.98 1.03
C ALA A 96 13.16 -10.04 1.32
N LYS A 97 12.71 -11.26 1.60
CA LYS A 97 11.34 -11.53 2.02
C LYS A 97 10.99 -10.73 3.28
N GLY A 98 11.91 -10.74 4.25
CA GLY A 98 11.67 -10.01 5.49
C GLY A 98 11.48 -8.53 5.23
N PHE A 99 12.31 -7.98 4.37
CA PHE A 99 12.18 -6.59 3.95
C PHE A 99 10.84 -6.37 3.25
N ALA A 100 10.52 -7.25 2.30
CA ALA A 100 9.29 -7.12 1.54
C ALA A 100 8.07 -7.12 2.45
N GLU A 101 7.93 -8.15 3.26
CA GLU A 101 6.74 -8.31 4.09
C GLU A 101 6.62 -7.17 5.10
N LYS A 102 7.75 -6.56 5.44
CA LYS A 102 7.75 -5.47 6.39
C LYS A 102 7.49 -4.13 5.70
N SER A 103 8.09 -3.93 4.53
CA SER A 103 7.91 -2.70 3.78
C SER A 103 6.47 -2.57 3.27
N ILE A 104 5.89 -3.70 2.83
CA ILE A 104 4.51 -3.72 2.38
C ILE A 104 3.59 -3.25 3.51
N GLU A 105 3.90 -3.68 4.74
CA GLU A 105 3.11 -3.30 5.91
C GLU A 105 3.18 -1.80 6.14
N ILE A 106 4.34 -1.20 5.84
CA ILE A 106 4.52 0.24 6.03
C ILE A 106 3.63 1.02 5.08
N ALA A 107 3.65 0.66 3.81
CA ALA A 107 2.81 1.33 2.82
C ALA A 107 1.36 1.00 3.08
N ARG A 108 1.12 -0.23 3.52
CA ARG A 108 -0.21 -0.69 3.91
C ARG A 108 -0.79 0.20 4.99
N GLY A 109 0.04 0.60 5.94
CA GLY A 109 -0.42 1.44 7.04
C GLY A 109 -0.78 2.84 6.58
N ILE A 110 -0.01 3.35 5.63
CA ILE A 110 -0.26 4.68 5.08
C ILE A 110 -1.58 4.68 4.29
N LYS A 111 -1.71 3.70 3.41
CA LYS A 111 -2.92 3.55 2.61
C LYS A 111 -4.02 2.85 3.40
N ALA A 112 -3.76 2.55 4.66
CA ALA A 112 -4.83 2.17 5.58
C ALA A 112 -5.44 3.42 6.17
N ARG A 113 -4.65 4.48 6.21
CA ARG A 113 -5.12 5.78 6.63
C ARG A 113 -5.71 6.52 5.44
N TYR A 114 -5.66 5.91 4.27
CA TYR A 114 -6.46 6.38 3.15
C TYR A 114 -7.81 5.67 3.14
N TYR A 115 -7.88 4.51 3.78
CA TYR A 115 -9.14 3.80 3.91
C TYR A 115 -9.94 4.31 5.11
N THR A 116 -9.25 4.49 6.23
CA THR A 116 -9.89 4.90 7.47
C THR A 116 -10.38 6.34 7.46
N GLY A 117 -9.82 7.14 6.56
CA GLY A 117 -10.14 8.57 6.53
C GLY A 117 -9.09 9.42 7.23
N ASN A 118 -8.04 8.77 7.73
CA ASN A 118 -6.98 9.47 8.46
C ASN A 118 -5.86 9.87 7.51
N GLU A 119 -6.21 10.62 6.49
CA GLU A 119 -5.28 11.04 5.42
C GLU A 119 -3.93 11.49 5.98
N PRO A 120 -2.84 10.84 5.53
CA PRO A 120 -1.49 11.18 5.95
C PRO A 120 -0.97 12.46 5.30
N THR A 121 -0.02 13.12 5.94
CA THR A 121 0.63 14.27 5.34
C THR A 121 1.91 13.81 4.63
N LYS A 122 2.63 14.72 3.98
CA LYS A 122 3.80 14.29 3.22
C LYS A 122 4.85 13.69 4.14
N ASP A 123 4.91 14.17 5.39
CA ASP A 123 5.88 13.67 6.36
C ASP A 123 5.66 12.19 6.64
N ASP A 124 4.39 11.78 6.68
CA ASP A 124 4.05 10.36 6.86
C ASP A 124 4.54 9.55 5.67
N LEU A 125 4.31 10.08 4.48
CA LEU A 125 4.70 9.41 3.25
C LEU A 125 6.22 9.35 3.13
N LYS A 126 6.88 10.44 3.47
CA LYS A 126 8.34 10.47 3.46
C LYS A 126 8.89 9.45 4.42
N ALA A 127 8.27 9.34 5.59
CA ALA A 127 8.67 8.37 6.58
C ALA A 127 8.46 6.93 6.08
N SER A 128 7.35 6.72 5.39
CA SER A 128 7.02 5.38 4.91
C SER A 128 8.00 4.88 3.86
N VAL A 129 8.55 5.76 3.03
CA VAL A 129 9.48 5.33 2.00
C VAL A 129 10.88 5.27 2.58
N LYS A 130 11.09 6.07 3.62
CA LYS A 130 12.36 6.19 4.30
C LYS A 130 12.79 4.87 4.90
N GLU A 131 11.86 4.20 5.58
CA GLU A 131 12.20 2.96 6.27
C GLU A 131 12.41 1.82 5.29
N VAL A 132 11.68 1.79 4.19
CA VAL A 132 11.87 0.73 3.21
C VAL A 132 13.27 0.80 2.60
N LEU A 133 13.81 2.00 2.43
CA LEU A 133 15.19 2.12 1.98
C LEU A 133 16.15 1.85 3.13
N LYS A 134 15.71 2.15 4.35
CA LYS A 134 16.53 1.91 5.52
C LYS A 134 16.80 0.41 5.64
N LEU A 135 15.78 -0.37 5.32
CA LEU A 135 15.91 -1.80 5.26
C LEU A 135 16.62 -2.26 4.00
N TYR A 136 16.23 -1.73 2.84
CA TYR A 136 16.68 -2.29 1.58
C TYR A 136 18.15 -1.96 1.30
N LYS A 137 18.57 -0.74 1.64
CA LYS A 137 19.95 -0.34 1.45
C LYS A 137 20.86 -1.14 2.37
N ALA A 138 20.34 -1.43 3.56
CA ALA A 138 21.08 -2.11 4.61
C ALA A 138 21.24 -3.61 4.35
N MET A 139 20.67 -4.11 3.25
CA MET A 139 20.90 -5.50 2.90
C MET A 139 22.27 -5.62 2.25
N SER A 140 22.92 -6.77 2.34
CA SER A 140 24.28 -6.93 1.81
C SER A 140 24.33 -6.51 0.33
N ASP A 141 23.89 -7.37 -0.57
CA ASP A 141 23.81 -7.02 -1.99
C ASP A 141 23.03 -8.06 -2.76
N ALA A 142 23.34 -9.33 -2.54
CA ALA A 142 22.67 -10.42 -3.23
C ALA A 142 21.18 -10.40 -2.95
N GLY A 143 20.84 -10.01 -1.73
CA GLY A 143 19.44 -9.95 -1.32
C GLY A 143 18.71 -8.76 -1.89
N LYS A 144 19.36 -7.61 -1.91
CA LYS A 144 18.70 -6.40 -2.41
C LYS A 144 18.50 -6.48 -3.92
N ALA A 145 19.46 -7.08 -4.62
CA ALA A 145 19.36 -7.27 -6.06
C ALA A 145 18.34 -8.36 -6.38
N ASP A 146 18.09 -9.24 -5.42
CA ASP A 146 17.14 -10.32 -5.61
C ASP A 146 15.72 -9.79 -5.42
N PHE A 147 15.60 -8.80 -4.56
CA PHE A 147 14.34 -8.08 -4.37
C PHE A 147 13.95 -7.40 -5.68
N GLY A 148 14.95 -7.05 -6.48
CA GLY A 148 14.70 -6.38 -7.74
C GLY A 148 14.02 -7.27 -8.77
N LYS A 149 14.05 -8.57 -8.55
CA LYS A 149 13.41 -9.50 -9.45
C LYS A 149 11.94 -9.66 -9.08
N GLN A 150 11.70 -9.71 -7.78
CA GLN A 150 10.36 -9.87 -7.24
C GLN A 150 9.58 -8.56 -7.28
N PHE A 151 10.23 -7.47 -6.90
CA PHE A 151 9.61 -6.15 -6.96
C PHE A 151 10.51 -5.18 -7.71
N PRO A 152 10.52 -5.28 -9.05
CA PRO A 152 11.44 -4.55 -9.91
C PRO A 152 11.24 -3.03 -9.86
N PHE A 153 9.99 -2.61 -9.75
CA PHE A 153 9.66 -1.19 -9.79
C PHE A 153 10.31 -0.44 -8.63
N LEU A 154 10.30 -1.04 -7.45
CA LEU A 154 10.86 -0.39 -6.28
C LEU A 154 12.38 -0.41 -6.32
N ALA A 155 12.96 -1.56 -6.66
CA ALA A 155 14.40 -1.69 -6.76
C ALA A 155 14.94 -0.72 -7.82
N LYS A 156 14.13 -0.50 -8.85
CA LYS A 156 14.37 0.55 -9.83
C LYS A 156 14.60 1.90 -9.15
N VAL A 157 13.51 2.45 -8.62
CA VAL A 157 13.49 3.80 -8.09
C VAL A 157 14.41 3.98 -6.88
N PHE A 158 14.57 2.93 -6.08
CA PHE A 158 15.39 3.04 -4.85
C PHE A 158 16.84 3.34 -5.20
N GLU A 159 17.26 2.88 -6.37
CA GLU A 159 18.65 3.03 -6.79
C GLU A 159 18.85 4.32 -7.58
N SER A 160 17.76 4.95 -7.98
CA SER A 160 17.84 6.19 -8.75
C SER A 160 17.18 7.33 -7.96
N GLY A 161 17.51 7.43 -6.68
CA GLY A 161 16.92 8.44 -5.84
C GLY A 161 15.46 8.17 -5.57
N LYS A 162 14.59 8.85 -6.33
CA LYS A 162 13.15 8.66 -6.26
C LYS A 162 12.61 8.67 -4.83
N ALA A 163 12.45 7.47 -4.26
CA ALA A 163 11.93 7.33 -2.92
C ALA A 163 12.87 7.96 -1.91
N ALA A 164 14.16 7.82 -2.15
CA ALA A 164 15.17 8.45 -1.32
C ALA A 164 15.05 9.96 -1.42
N LYS A 165 14.88 10.46 -2.64
CA LYS A 165 14.73 11.90 -2.86
C LYS A 165 13.43 12.41 -2.22
N PHE A 166 12.41 11.57 -2.28
CA PHE A 166 11.12 11.84 -1.66
C PHE A 166 11.27 11.99 -0.14
N ALA A 167 12.12 11.16 0.43
CA ALA A 167 12.37 11.17 1.87
C ALA A 167 13.57 12.05 2.22
N GLY A 168 14.11 12.75 1.25
CA GLY A 168 15.31 13.53 1.49
C GLY A 168 16.52 12.76 1.05
N GLU A 169 16.77 11.66 1.75
CA GLU A 169 17.77 10.67 1.38
C GLU A 169 17.75 9.57 2.44
N ASN A 170 18.70 8.66 2.38
CA ASN A 170 18.74 7.55 3.32
C ASN A 170 20.16 7.36 3.85
#